data_4NM8
#
_entry.id   4NM8
#
_cell.length_a   241.491
_cell.length_b   142.355
_cell.length_c   170.725
_cell.angle_alpha   90.00
_cell.angle_beta   133.46
_cell.angle_gamma   90.00
#
_symmetry.space_group_name_H-M   'C 1 2 1'
#
loop_
_entity.id
_entity.type
_entity.pdbx_description
1 polymer 'Hemagglutinin HA1 Chain'
2 polymer 'Hemagglutinin HA2 Chain'
3 polymer 'Antibody CR8043, Light Chain'
4 polymer 'Antibody CR8043, Heavy Chain'
5 branched 2-acetamido-2-deoxy-beta-D-glucopyranose-(1-4)-2-acetamido-2-deoxy-beta-D-glucopyranose
6 non-polymer 2-acetamido-2-deoxy-beta-D-glucopyranose
#
loop_
_entity_poly.entity_id
_entity_poly.type
_entity_poly.pdbx_seq_one_letter_code
_entity_poly.pdbx_strand_id
1 'polypeptide(L)'
;ADPGATLCLGHHAVPNGTLVKTITDDQIEVTNATELVQSSSTGKICNNPHRILDGIDCTLIDALLGDPHCDVFQNETWDL
FVERSKAFSNCYPYDVPDYASLRSLVASSGTLEFITEGFTWTGVTQNGGSNACKRGPGSGFFSRLNWLTKSGSTYPVLNV
TMPNNDNFDKLYIWGVHHPSTNQEQTSLYVQASGRVTVSTRRSQQTIIPNIGSRPWVRGLSSRISIYWTIVKPGDVLVIN
SNGNLIAPRGYFKMRTGKSSIMRSDAPIDTCISECITPNGSIPNDKPFQNVNKITYGACPKYVKQNTLKLATGMRNVPEK
QTR
;
A,C,E
2 'polypeptide(L)'
;GLFGAIAGFIENGWEGMIDGWYGFRHQNSEGTGQAADLKSTQAAIDQINGKLNRVIEKTNEKFHQIEKEFSEVEGRIQDL
EKYVEDTKIDLWSYNAELLVALENQHTIDLTDSEMNKLFEKTGRQLRENAEDMGNGCFKIYHKCDNACIESIRNGTYDHD
VYRDEALNNRFQIKGV
;
B,D,F
3 'polypeptide(L)'
;DIQMTQSPDSLAVSLGERATINCKSSQSVFSSSTNKNYLAWYQQKPGQPPKVLIYWSSTRESGVPDRFSASGSGTDFTLT
ISSLQAADVAVYYCHQYYTAPWTFGQGTKVEIKRTVAAPSVFIFPPSDEQLKSGTASVVCLLNNFYPREAKVQWKVDNAL
QSGNSQESVTEQDSKDSTYSLSSTLTLSKADYEKHKVYACEVTHQGLSSPVTKSFNRGEC
;
L,M,N
4 'polypeptide(L)'
;QVQLVQSGAEVKKPGASVKLSCKASGYTFTAYSMHWVRQAPGQSLEWLGWINTAIGNTQYSQKFQDRVTITRDTSARTSY
MELSSLRSGDTAVYFCARGASWDARGWSGYWGKGTLVTVSSASTKGPSVFPLAPSSKSTSGGTAALGCLVKDYFPEPVTV
SWNSGALTSGVHTFPAVLQSSGLYSLSSVVTVPSSSLGTQTYICNVNHKPSNTKVDKRVEPKSCHHHHHH
;
H,I,J
#
loop_
_chem_comp.id
_chem_comp.type
_chem_comp.name
_chem_comp.formula
NAG D-saccharide, beta linking 2-acetamido-2-deoxy-beta-D-glucopyranose 'C8 H15 N O6'
#
# COMPACT_ATOMS: atom_id res chain seq x y z
N PRO A 3 44.43 -5.79 -29.84
CA PRO A 3 43.52 -6.83 -30.30
C PRO A 3 42.72 -7.44 -29.16
N GLY A 4 41.44 -7.10 -29.09
CA GLY A 4 40.53 -7.59 -28.07
C GLY A 4 39.10 -7.40 -28.52
N ALA A 5 38.17 -7.21 -27.60
CA ALA A 5 36.77 -7.06 -27.97
C ALA A 5 36.00 -6.20 -26.97
N THR A 6 34.78 -5.84 -27.33
CA THR A 6 33.89 -5.09 -26.45
C THR A 6 32.52 -5.72 -26.37
N LEU A 7 31.93 -5.77 -25.18
CA LEU A 7 30.61 -6.35 -25.00
C LEU A 7 29.70 -5.42 -24.19
N CYS A 8 28.65 -4.89 -24.80
CA CYS A 8 27.78 -3.94 -24.09
C CYS A 8 26.46 -4.54 -23.70
N LEU A 9 26.05 -4.23 -22.48
CA LEU A 9 24.75 -4.60 -21.97
C LEU A 9 23.84 -3.39 -22.12
N GLY A 10 22.56 -3.63 -22.42
CA GLY A 10 21.60 -2.56 -22.56
C GLY A 10 20.18 -3.05 -22.42
N HIS A 11 19.22 -2.16 -22.64
CA HIS A 11 17.82 -2.53 -22.52
C HIS A 11 17.08 -1.84 -23.65
N HIS A 12 15.88 -2.29 -24.01
CA HIS A 12 15.20 -1.65 -25.13
C HIS A 12 14.56 -0.33 -24.76
N ALA A 13 14.11 0.36 -25.79
CA ALA A 13 13.37 1.59 -25.64
C ALA A 13 12.51 1.77 -26.87
N VAL A 14 11.58 2.72 -26.80
CA VAL A 14 10.75 3.01 -27.95
C VAL A 14 10.73 4.49 -28.27
N PRO A 15 10.37 4.83 -29.51
CA PRO A 15 10.44 6.23 -29.92
C PRO A 15 9.57 7.11 -29.07
N ASN A 16 8.40 6.60 -28.71
CA ASN A 16 7.62 7.25 -27.70
C ASN A 16 6.83 6.24 -26.90
N GLY A 17 6.92 6.35 -25.58
CA GLY A 17 6.28 5.39 -24.71
C GLY A 17 4.99 5.91 -24.15
N THR A 18 4.79 5.69 -22.85
CA THR A 18 3.57 6.10 -22.20
C THR A 18 3.81 6.58 -20.78
N LEU A 19 3.07 7.62 -20.36
CA LEU A 19 3.29 8.26 -19.08
C LEU A 19 2.49 7.50 -18.03
N VAL A 20 3.11 7.19 -16.90
CA VAL A 20 2.40 6.58 -15.77
C VAL A 20 2.76 7.33 -14.49
N LYS A 21 2.05 7.05 -13.41
CA LYS A 21 2.31 7.72 -12.14
C LYS A 21 3.02 6.75 -11.19
N THR A 22 3.90 7.27 -10.34
CA THR A 22 4.57 6.42 -9.35
C THR A 22 4.45 7.08 -7.99
N ILE A 23 5.17 6.55 -7.00
CA ILE A 23 5.21 7.18 -5.69
C ILE A 23 5.92 8.52 -5.77
N THR A 24 6.94 8.59 -6.60
CA THR A 24 7.80 9.75 -6.65
C THR A 24 7.39 10.72 -7.75
N ASP A 25 6.92 10.21 -8.88
CA ASP A 25 6.77 11.04 -10.06
C ASP A 25 5.29 11.07 -10.47
N ASP A 26 4.78 12.27 -10.72
CA ASP A 26 3.43 12.43 -11.22
C ASP A 26 3.37 11.87 -12.64
N GLN A 27 4.48 12.00 -13.37
CA GLN A 27 4.54 11.57 -14.76
C GLN A 27 5.94 11.08 -15.14
N ILE A 28 6.03 9.81 -15.52
CA ILE A 28 7.30 9.26 -15.97
C ILE A 28 7.11 8.26 -17.14
N GLU A 29 8.01 8.26 -18.13
CA GLU A 29 7.77 7.47 -19.35
C GLU A 29 8.30 6.04 -19.20
N VAL A 30 7.43 5.06 -19.45
CA VAL A 30 7.83 3.65 -19.51
C VAL A 30 7.58 3.09 -20.91
N THR A 31 8.07 1.88 -21.19
CA THR A 31 7.97 1.33 -22.55
C THR A 31 6.56 0.91 -22.93
N ASN A 32 5.74 0.61 -21.95
CA ASN A 32 4.40 0.09 -22.22
C ASN A 32 3.63 0.24 -20.93
N ALA A 33 2.32 0.35 -21.04
CA ALA A 33 1.48 0.38 -19.86
C ALA A 33 0.11 -0.10 -20.26
N THR A 34 -0.75 -0.36 -19.29
CA THR A 34 -2.08 -0.81 -19.63
C THR A 34 -3.14 -0.07 -18.81
N GLU A 35 -4.31 0.13 -19.39
CA GLU A 35 -5.31 0.98 -18.76
C GLU A 35 -6.04 0.12 -17.74
N LEU A 36 -6.24 0.64 -16.53
CA LEU A 36 -6.94 -0.13 -15.49
C LEU A 36 -8.35 0.36 -15.21
N VAL A 37 -8.74 1.44 -15.86
CA VAL A 37 -10.08 2.00 -15.67
C VAL A 37 -10.94 1.79 -16.91
N GLN A 38 -12.02 1.05 -16.74
CA GLN A 38 -12.99 0.90 -17.82
C GLN A 38 -13.75 2.21 -17.87
N SER A 39 -13.64 2.89 -18.99
CA SER A 39 -14.19 4.23 -19.14
C SER A 39 -15.23 4.37 -20.25
N SER A 40 -15.48 3.26 -20.95
CA SER A 40 -16.46 3.27 -22.04
C SER A 40 -17.50 2.17 -21.86
N SER A 41 -18.65 2.36 -22.48
CA SER A 41 -19.69 1.35 -22.54
C SER A 41 -20.20 1.29 -23.96
N THR A 42 -20.70 0.13 -24.38
CA THR A 42 -21.39 0.05 -25.65
C THR A 42 -22.67 0.91 -25.68
N GLY A 43 -23.28 1.12 -24.52
CA GLY A 43 -24.52 1.87 -24.42
C GLY A 43 -25.73 0.97 -24.49
N LYS A 44 -25.49 -0.33 -24.50
CA LYS A 44 -26.55 -1.33 -24.55
C LYS A 44 -26.46 -2.35 -23.43
N ILE A 45 -27.61 -2.74 -22.89
CA ILE A 45 -27.67 -3.82 -21.92
C ILE A 45 -27.71 -5.19 -22.60
N CYS A 46 -26.72 -6.04 -22.28
CA CYS A 46 -26.67 -7.40 -22.80
C CYS A 46 -27.66 -8.32 -22.10
N ASN A 47 -28.38 -9.10 -22.90
CA ASN A 47 -29.42 -9.98 -22.38
C ASN A 47 -28.91 -11.30 -21.83
N ASN A 48 -27.59 -11.47 -21.87
CA ASN A 48 -26.91 -12.61 -21.25
C ASN A 48 -25.70 -12.14 -20.47
N PRO A 49 -25.34 -12.89 -19.42
CA PRO A 49 -26.00 -14.15 -19.07
C PRO A 49 -27.20 -13.92 -18.17
N HIS A 50 -27.39 -12.68 -17.72
CA HIS A 50 -28.44 -12.44 -16.76
C HIS A 50 -29.73 -12.35 -17.51
N ARG A 51 -30.80 -12.83 -16.89
CA ARG A 51 -32.11 -12.74 -17.47
C ARG A 51 -32.66 -11.33 -17.22
N ILE A 52 -32.83 -10.57 -18.30
CA ILE A 52 -33.27 -9.18 -18.29
C ILE A 52 -34.75 -9.05 -18.61
N LEU A 53 -35.47 -8.27 -17.81
CA LEU A 53 -36.85 -7.97 -18.10
C LEU A 53 -36.99 -6.47 -18.31
N ASP A 54 -37.35 -6.09 -19.53
CA ASP A 54 -37.52 -4.69 -19.86
C ASP A 54 -38.91 -4.31 -19.37
N GLY A 55 -38.98 -3.36 -18.45
CA GLY A 55 -40.25 -2.97 -17.85
C GLY A 55 -41.14 -2.20 -18.78
N ILE A 56 -40.55 -1.67 -19.84
CA ILE A 56 -41.26 -0.90 -20.83
C ILE A 56 -42.12 0.22 -20.23
N ASP A 57 -43.43 0.06 -20.39
CA ASP A 57 -44.38 1.04 -19.92
C ASP A 57 -44.72 0.85 -18.46
N CYS A 58 -44.04 -0.11 -17.82
CA CYS A 58 -44.43 -0.47 -16.47
C CYS A 58 -43.29 -0.27 -15.48
N THR A 59 -43.63 0.27 -14.31
CA THR A 59 -42.74 0.21 -13.16
C THR A 59 -42.94 -1.17 -12.59
N LEU A 60 -42.01 -1.59 -11.75
CA LEU A 60 -42.15 -2.89 -11.12
C LEU A 60 -43.37 -2.90 -10.22
N ILE A 61 -43.62 -1.77 -9.55
CA ILE A 61 -44.77 -1.66 -8.67
C ILE A 61 -46.11 -1.73 -9.43
N ASP A 62 -46.20 -1.10 -10.60
CA ASP A 62 -47.42 -1.22 -11.42
C ASP A 62 -47.68 -2.65 -11.88
N ALA A 63 -46.61 -3.38 -12.16
CA ALA A 63 -46.70 -4.79 -12.51
C ALA A 63 -47.16 -5.62 -11.31
N LEU A 64 -46.60 -5.29 -10.14
CA LEU A 64 -46.93 -5.98 -8.90
C LEU A 64 -48.44 -5.87 -8.61
N LEU A 65 -48.96 -4.64 -8.60
CA LEU A 65 -50.36 -4.41 -8.25
C LEU A 65 -51.28 -4.94 -9.34
N GLY A 66 -50.79 -4.90 -10.57
CA GLY A 66 -51.53 -5.41 -11.70
C GLY A 66 -52.31 -4.32 -12.44
N ASP A 67 -51.73 -3.13 -12.54
CA ASP A 67 -52.21 -2.11 -13.48
C ASP A 67 -52.38 -2.82 -14.82
N PRO A 68 -53.57 -2.70 -15.44
CA PRO A 68 -53.93 -3.48 -16.62
C PRO A 68 -52.96 -3.45 -17.80
N HIS A 69 -52.37 -2.31 -18.16
CA HIS A 69 -51.47 -2.30 -19.31
C HIS A 69 -50.13 -2.97 -18.97
N CYS A 70 -49.97 -3.30 -17.70
CA CYS A 70 -48.83 -4.03 -17.18
C CYS A 70 -49.09 -5.49 -16.86
N ASP A 71 -50.31 -5.98 -17.09
CA ASP A 71 -50.65 -7.33 -16.68
C ASP A 71 -49.95 -8.41 -17.49
N VAL A 72 -49.33 -8.00 -18.58
CA VAL A 72 -48.41 -8.82 -19.36
C VAL A 72 -47.25 -9.44 -18.56
N PHE A 73 -46.85 -8.73 -17.51
CA PHE A 73 -45.74 -9.09 -16.64
C PHE A 73 -46.11 -10.05 -15.52
N GLN A 74 -47.35 -10.53 -15.51
CA GLN A 74 -47.80 -11.46 -14.47
C GLN A 74 -46.98 -12.73 -14.28
N ASN A 75 -46.62 -12.99 -13.03
CA ASN A 75 -45.89 -14.19 -12.63
C ASN A 75 -44.50 -14.27 -13.23
N GLU A 76 -43.99 -13.13 -13.70
CA GLU A 76 -42.70 -13.09 -14.38
C GLU A 76 -41.56 -13.12 -13.39
N THR A 77 -40.38 -13.44 -13.89
CA THR A 77 -39.17 -13.46 -13.07
C THR A 77 -38.05 -12.74 -13.78
N TRP A 78 -37.03 -12.38 -13.02
CA TRP A 78 -35.90 -11.65 -13.57
C TRP A 78 -34.70 -11.78 -12.64
N ASP A 79 -33.51 -11.64 -13.20
CA ASP A 79 -32.34 -11.31 -12.39
C ASP A 79 -32.26 -9.79 -12.29
N LEU A 80 -32.45 -9.11 -13.41
CA LEU A 80 -32.48 -7.66 -13.41
C LEU A 80 -33.71 -7.11 -14.11
N PHE A 81 -34.51 -6.38 -13.33
CA PHE A 81 -35.66 -5.68 -13.84
C PHE A 81 -35.24 -4.28 -14.26
N VAL A 82 -35.61 -3.90 -15.47
CA VAL A 82 -35.25 -2.60 -16.02
C VAL A 82 -36.43 -1.62 -16.11
N GLU A 83 -36.40 -0.57 -15.30
CA GLU A 83 -37.46 0.43 -15.38
C GLU A 83 -37.10 1.54 -16.37
N ARG A 84 -38.03 1.87 -17.25
CA ARG A 84 -37.80 2.86 -18.28
C ARG A 84 -38.40 4.18 -17.83
N SER A 85 -37.78 5.28 -18.22
CA SER A 85 -38.28 6.59 -17.83
C SER A 85 -39.66 6.88 -18.42
N LYS A 86 -40.02 6.16 -19.49
CA LYS A 86 -41.31 6.39 -20.11
C LYS A 86 -42.44 5.63 -19.40
N ALA A 87 -42.13 4.91 -18.34
CA ALA A 87 -43.15 4.14 -17.64
C ALA A 87 -44.21 5.09 -17.12
N PHE A 88 -45.45 4.61 -17.05
CA PHE A 88 -46.54 5.42 -16.52
C PHE A 88 -47.56 4.54 -15.81
N SER A 89 -48.28 5.13 -14.88
CA SER A 89 -49.40 4.46 -14.24
C SER A 89 -50.68 4.79 -14.99
N ASN A 90 -51.60 3.84 -15.02
CA ASN A 90 -52.89 4.04 -15.69
C ASN A 90 -54.04 3.34 -15.00
N CYS A 91 -54.06 3.43 -13.68
CA CYS A 91 -55.08 2.77 -12.90
C CYS A 91 -55.48 3.76 -11.82
N TYR A 92 -55.99 3.29 -10.70
CA TYR A 92 -56.50 4.20 -9.67
C TYR A 92 -55.29 4.97 -9.11
N PRO A 93 -55.44 6.29 -8.90
CA PRO A 93 -54.26 6.99 -8.40
C PRO A 93 -53.93 6.58 -6.98
N TYR A 94 -52.66 6.31 -6.71
CA TYR A 94 -52.28 5.66 -5.47
C TYR A 94 -50.93 6.18 -4.99
N ASP A 95 -50.66 5.97 -3.71
CA ASP A 95 -49.31 6.12 -3.19
C ASP A 95 -48.98 4.91 -2.32
N VAL A 96 -47.70 4.71 -2.06
CA VAL A 96 -47.21 3.62 -1.22
C VAL A 96 -46.32 4.21 -0.15
N PRO A 97 -46.80 4.28 1.09
CA PRO A 97 -45.88 4.66 2.17
C PRO A 97 -44.67 3.72 2.16
N ASP A 98 -43.47 4.30 2.25
CA ASP A 98 -42.24 3.54 2.13
C ASP A 98 -42.24 2.81 0.79
N TYR A 99 -42.70 3.52 -0.24
CA TYR A 99 -42.66 3.06 -1.62
C TYR A 99 -41.29 2.47 -1.96
N ALA A 100 -40.23 3.17 -1.55
CA ALA A 100 -38.88 2.78 -1.92
C ALA A 100 -38.53 1.40 -1.41
N SER A 101 -39.00 1.08 -0.20
CA SER A 101 -38.72 -0.21 0.43
C SER A 101 -39.45 -1.37 -0.24
N LEU A 102 -40.72 -1.13 -0.59
CA LEU A 102 -41.51 -2.14 -1.26
C LEU A 102 -40.90 -2.47 -2.60
N ARG A 103 -40.53 -1.42 -3.32
CA ARG A 103 -39.88 -1.58 -4.60
C ARG A 103 -38.62 -2.40 -4.42
N SER A 104 -37.86 -2.05 -3.40
CA SER A 104 -36.61 -2.73 -3.10
C SER A 104 -36.85 -4.20 -2.76
N LEU A 105 -37.80 -4.49 -1.87
CA LEU A 105 -37.95 -5.86 -1.38
C LEU A 105 -38.56 -6.79 -2.43
N VAL A 106 -39.44 -6.25 -3.28
CA VAL A 106 -39.97 -7.02 -4.41
C VAL A 106 -38.92 -7.27 -5.48
N ALA A 107 -38.12 -6.25 -5.76
CA ALA A 107 -37.09 -6.35 -6.78
C ALA A 107 -36.10 -7.41 -6.38
N SER A 108 -35.78 -7.42 -5.09
CA SER A 108 -34.81 -8.34 -4.52
C SER A 108 -35.40 -9.73 -4.53
N SER A 109 -36.71 -9.81 -4.30
CA SER A 109 -37.38 -11.09 -4.35
C SER A 109 -37.30 -11.71 -5.75
N GLY A 110 -37.43 -10.88 -6.78
CA GLY A 110 -37.11 -11.32 -8.12
C GLY A 110 -38.18 -12.10 -8.86
N THR A 111 -39.41 -12.07 -8.37
CA THR A 111 -40.51 -12.77 -9.05
C THR A 111 -41.83 -12.09 -8.75
N LEU A 112 -42.75 -12.20 -9.68
CA LEU A 112 -44.13 -11.79 -9.46
C LEU A 112 -45.10 -12.98 -9.37
N GLU A 113 -44.58 -14.17 -9.07
CA GLU A 113 -45.44 -15.35 -8.93
C GLU A 113 -46.54 -15.09 -7.93
N PHE A 114 -47.78 -15.29 -8.34
CA PHE A 114 -48.90 -14.94 -7.49
C PHE A 114 -49.84 -16.12 -7.36
N ILE A 115 -50.34 -16.32 -6.14
CA ILE A 115 -51.20 -17.44 -5.85
C ILE A 115 -52.47 -16.91 -5.26
N THR A 116 -53.56 -17.15 -5.96
CA THR A 116 -54.85 -16.70 -5.49
C THR A 116 -55.22 -17.60 -4.31
N GLU A 117 -55.80 -17.01 -3.28
CA GLU A 117 -56.35 -17.77 -2.16
C GLU A 117 -57.85 -17.51 -2.05
N GLY A 118 -58.59 -18.46 -1.49
CA GLY A 118 -60.03 -18.33 -1.45
C GLY A 118 -60.50 -17.56 -0.24
N PHE A 119 -60.17 -16.26 -0.20
CA PHE A 119 -60.71 -15.38 0.81
C PHE A 119 -62.23 -15.35 0.70
N THR A 120 -62.91 -15.27 1.84
CA THR A 120 -64.35 -15.09 1.88
C THR A 120 -64.68 -13.69 2.40
N TRP A 121 -65.47 -12.94 1.65
CA TRP A 121 -65.78 -11.56 2.04
C TRP A 121 -67.27 -11.35 2.26
N THR A 122 -67.70 -11.61 3.49
CA THR A 122 -69.10 -11.67 3.83
C THR A 122 -69.79 -10.34 4.06
N GLY A 123 -70.88 -10.13 3.35
CA GLY A 123 -71.80 -9.03 3.56
C GLY A 123 -71.29 -7.81 2.83
N VAL A 124 -70.35 -8.04 1.91
CA VAL A 124 -69.88 -6.98 1.03
C VAL A 124 -69.92 -7.38 -0.44
N THR A 125 -69.93 -6.38 -1.31
CA THR A 125 -69.82 -6.56 -2.74
C THR A 125 -68.34 -6.58 -3.13
N GLN A 126 -67.94 -7.54 -3.97
CA GLN A 126 -66.53 -7.65 -4.37
C GLN A 126 -66.27 -7.09 -5.77
N ASN A 127 -64.99 -6.99 -6.13
CA ASN A 127 -64.54 -6.73 -7.50
C ASN A 127 -64.90 -5.33 -8.01
N GLY A 128 -64.84 -4.34 -7.13
CA GLY A 128 -65.14 -2.98 -7.54
C GLY A 128 -64.17 -2.48 -8.59
N GLY A 129 -64.65 -1.58 -9.45
CA GLY A 129 -63.84 -1.01 -10.50
C GLY A 129 -64.15 0.45 -10.74
N SER A 130 -63.41 1.04 -11.67
CA SER A 130 -63.43 2.48 -11.89
C SER A 130 -63.07 2.78 -13.34
N ASN A 131 -63.62 3.86 -13.88
CA ASN A 131 -63.24 4.29 -15.20
C ASN A 131 -61.85 4.96 -15.25
N ALA A 132 -61.20 5.11 -14.09
CA ALA A 132 -59.80 5.54 -14.02
C ALA A 132 -58.83 4.40 -14.34
N CYS A 133 -59.34 3.17 -14.34
CA CYS A 133 -58.52 1.97 -14.55
C CYS A 133 -59.21 0.98 -15.50
N LYS A 134 -59.38 1.39 -16.75
CA LYS A 134 -60.07 0.55 -17.73
C LYS A 134 -59.28 -0.69 -18.09
N ARG A 135 -59.99 -1.79 -18.26
CA ARG A 135 -59.35 -3.03 -18.67
C ARG A 135 -60.13 -3.45 -19.90
N GLY A 136 -59.54 -3.27 -21.06
CA GLY A 136 -60.33 -3.39 -22.28
C GLY A 136 -61.34 -2.27 -22.23
N PRO A 137 -62.57 -2.51 -22.72
CA PRO A 137 -63.51 -1.38 -22.81
C PRO A 137 -64.20 -0.97 -21.50
N GLY A 138 -64.35 -1.89 -20.55
CA GLY A 138 -65.05 -1.58 -19.32
C GLY A 138 -64.23 -1.13 -18.13
N SER A 139 -64.90 -0.68 -17.08
CA SER A 139 -64.26 -0.41 -15.81
C SER A 139 -63.55 -1.66 -15.32
N GLY A 140 -62.47 -1.46 -14.58
CA GLY A 140 -61.70 -2.57 -14.05
C GLY A 140 -60.88 -2.06 -12.88
N PHE A 141 -59.87 -2.83 -12.50
CA PHE A 141 -59.05 -2.51 -11.33
C PHE A 141 -57.74 -3.27 -11.44
N PHE A 142 -56.81 -2.96 -10.54
CA PHE A 142 -55.57 -3.72 -10.44
C PHE A 142 -55.97 -5.18 -10.32
N SER A 143 -55.24 -6.05 -11.02
CA SER A 143 -55.57 -7.47 -11.09
C SER A 143 -55.35 -8.19 -9.77
N ARG A 144 -54.46 -7.66 -8.94
CA ARG A 144 -54.07 -8.35 -7.73
C ARG A 144 -54.80 -7.87 -6.48
N LEU A 145 -55.70 -6.91 -6.64
CA LEU A 145 -56.42 -6.32 -5.52
C LEU A 145 -57.94 -6.45 -5.71
N ASN A 146 -58.69 -6.36 -4.62
CA ASN A 146 -60.12 -6.67 -4.63
C ASN A 146 -60.80 -5.55 -3.85
N TRP A 147 -61.43 -4.63 -4.58
CA TRP A 147 -62.06 -3.46 -3.98
C TRP A 147 -63.44 -3.83 -3.42
N LEU A 148 -63.56 -3.89 -2.09
CA LEU A 148 -64.81 -4.29 -1.43
C LEU A 148 -65.71 -3.09 -1.07
N THR A 149 -67.01 -3.22 -1.33
CA THR A 149 -67.99 -2.21 -0.91
C THR A 149 -69.22 -2.83 -0.24
N LYS A 150 -70.17 -2.00 0.20
CA LYS A 150 -71.36 -2.48 0.89
C LYS A 150 -72.19 -3.44 0.04
N SER A 151 -72.95 -4.29 0.72
CA SER A 151 -73.97 -5.12 0.08
C SER A 151 -75.33 -4.78 0.69
N GLY A 152 -76.29 -4.44 -0.17
CA GLY A 152 -77.53 -3.85 0.28
C GLY A 152 -77.29 -2.50 0.95
N SER A 153 -77.66 -2.38 2.22
CA SER A 153 -77.52 -1.10 2.91
C SER A 153 -76.51 -1.18 4.06
N THR A 154 -75.67 -2.21 4.07
CA THR A 154 -74.72 -2.41 5.17
C THR A 154 -73.34 -2.88 4.71
N TYR A 155 -72.34 -2.61 5.55
CA TYR A 155 -71.00 -3.11 5.37
C TYR A 155 -70.59 -3.59 6.75
N PRO A 156 -70.54 -4.92 6.94
CA PRO A 156 -70.27 -5.51 8.26
C PRO A 156 -68.81 -5.40 8.66
N VAL A 157 -68.51 -5.79 9.89
CA VAL A 157 -67.12 -5.89 10.32
C VAL A 157 -66.54 -7.12 9.64
N LEU A 158 -65.60 -6.93 8.73
CA LEU A 158 -64.88 -8.05 8.15
C LEU A 158 -63.83 -8.57 9.12
N ASN A 159 -63.71 -9.89 9.17
CA ASN A 159 -62.78 -10.52 10.09
C ASN A 159 -62.44 -11.85 9.48
N VAL A 160 -61.33 -11.90 8.74
CA VAL A 160 -61.00 -13.10 8.01
C VAL A 160 -59.57 -13.50 8.28
N THR A 161 -59.31 -14.79 8.16
CA THR A 161 -57.99 -15.32 8.41
C THR A 161 -57.50 -16.24 7.31
N MET A 162 -56.18 -16.29 7.17
CA MET A 162 -55.53 -17.11 6.17
C MET A 162 -54.22 -17.60 6.75
N PRO A 163 -54.15 -18.88 7.11
CA PRO A 163 -52.93 -19.43 7.70
C PRO A 163 -51.86 -19.67 6.64
N ASN A 164 -50.60 -19.52 7.02
CA ASN A 164 -49.49 -19.94 6.17
C ASN A 164 -49.04 -21.33 6.57
N ASN A 165 -49.47 -22.33 5.81
CA ASN A 165 -49.10 -23.72 6.10
C ASN A 165 -48.06 -24.22 5.11
N ASP A 166 -47.46 -23.28 4.40
CA ASP A 166 -46.38 -23.55 3.48
C ASP A 166 -45.07 -23.33 4.19
N ASN A 167 -43.96 -23.63 3.53
CA ASN A 167 -42.64 -23.45 4.12
C ASN A 167 -41.81 -22.31 3.51
N PHE A 168 -42.48 -21.34 2.90
CA PHE A 168 -41.85 -20.08 2.45
C PHE A 168 -42.64 -18.88 2.97
N ASP A 169 -42.01 -17.71 2.89
CA ASP A 169 -42.68 -16.48 3.26
C ASP A 169 -43.66 -16.04 2.16
N LYS A 170 -44.81 -15.54 2.59
CA LYS A 170 -45.84 -15.03 1.69
C LYS A 170 -45.85 -13.51 1.77
N LEU A 171 -45.91 -12.85 0.61
CA LEU A 171 -46.10 -11.42 0.58
C LEU A 171 -47.55 -11.10 0.20
N TYR A 172 -48.27 -10.45 1.11
CA TYR A 172 -49.62 -9.97 0.85
C TYR A 172 -49.63 -8.47 0.54
N ILE A 173 -50.23 -8.09 -0.58
CA ILE A 173 -50.42 -6.66 -0.86
C ILE A 173 -51.88 -6.25 -0.72
N TRP A 174 -52.14 -5.17 0.03
CA TRP A 174 -53.49 -4.71 0.31
C TRP A 174 -53.47 -3.19 0.37
N GLY A 175 -54.64 -2.58 0.57
CA GLY A 175 -54.73 -1.14 0.50
C GLY A 175 -55.82 -0.48 1.30
N VAL A 176 -55.80 0.84 1.30
CA VAL A 176 -56.78 1.62 2.02
C VAL A 176 -57.23 2.75 1.11
N HIS A 177 -58.54 2.88 0.96
CA HIS A 177 -59.12 3.92 0.14
C HIS A 177 -59.37 5.20 0.94
N HIS A 178 -58.93 6.33 0.40
CA HIS A 178 -59.30 7.62 0.98
C HIS A 178 -60.26 8.34 0.06
N PRO A 179 -61.56 8.34 0.41
CA PRO A 179 -62.57 9.04 -0.39
C PRO A 179 -62.40 10.56 -0.30
N SER A 180 -62.85 11.28 -1.31
CA SER A 180 -62.72 12.73 -1.34
C SER A 180 -63.83 13.45 -0.56
N THR A 181 -64.99 12.80 -0.36
CA THR A 181 -66.11 13.42 0.36
C THR A 181 -66.77 12.44 1.34
N ASN A 182 -67.49 12.99 2.31
CA ASN A 182 -68.26 12.18 3.26
C ASN A 182 -69.39 11.39 2.59
N GLN A 183 -70.00 11.97 1.57
CA GLN A 183 -71.05 11.30 0.80
C GLN A 183 -70.50 10.02 0.17
N GLU A 184 -69.30 10.14 -0.38
CA GLU A 184 -68.59 9.01 -0.99
C GLU A 184 -68.29 7.94 0.06
N GLN A 185 -67.76 8.37 1.20
CA GLN A 185 -67.40 7.45 2.26
C GLN A 185 -68.59 6.57 2.66
N THR A 186 -69.74 7.21 2.84
CA THR A 186 -70.92 6.52 3.36
C THR A 186 -71.65 5.74 2.26
N SER A 187 -71.54 6.23 1.03
CA SER A 187 -72.17 5.59 -0.12
C SER A 187 -71.53 4.23 -0.33
N LEU A 188 -70.21 4.17 -0.15
CA LEU A 188 -69.45 2.95 -0.39
C LEU A 188 -69.49 2.01 0.81
N TYR A 189 -69.36 2.57 2.01
CA TYR A 189 -68.97 1.81 3.19
C TYR A 189 -69.96 1.95 4.33
N VAL A 190 -70.99 2.77 4.14
CA VAL A 190 -72.01 2.97 5.15
C VAL A 190 -71.45 3.66 6.38
N GLN A 191 -70.41 3.08 6.99
CA GLN A 191 -69.75 3.71 8.13
C GLN A 191 -69.22 5.12 7.79
N ALA A 192 -69.32 6.04 8.74
CA ALA A 192 -68.86 7.42 8.51
C ALA A 192 -67.34 7.48 8.48
N SER A 193 -66.73 6.52 9.17
CA SER A 193 -65.29 6.39 9.19
C SER A 193 -64.98 4.90 9.19
N GLY A 194 -64.07 4.48 8.32
CA GLY A 194 -63.71 3.08 8.23
C GLY A 194 -62.45 2.83 9.04
N ARG A 195 -61.93 1.61 8.94
CA ARG A 195 -60.70 1.26 9.62
C ARG A 195 -60.22 -0.05 9.02
N VAL A 196 -58.91 -0.19 8.83
CA VAL A 196 -58.34 -1.47 8.41
C VAL A 196 -57.20 -1.91 9.34
N THR A 197 -57.32 -3.12 9.86
CA THR A 197 -56.28 -3.68 10.71
C THR A 197 -55.87 -5.04 10.16
N VAL A 198 -54.59 -5.17 9.83
CA VAL A 198 -54.02 -6.41 9.34
C VAL A 198 -52.86 -6.76 10.24
N SER A 199 -52.82 -8.01 10.68
CA SER A 199 -51.81 -8.41 11.65
C SER A 199 -51.30 -9.84 11.49
N THR A 200 -50.13 -10.10 12.07
CA THR A 200 -49.60 -11.44 12.25
C THR A 200 -49.42 -11.72 13.74
N ARG A 201 -48.71 -12.80 14.08
CA ARG A 201 -48.59 -13.18 15.48
C ARG A 201 -47.65 -12.26 16.27
N ARG A 202 -46.81 -11.50 15.56
CA ARG A 202 -45.91 -10.57 16.21
C ARG A 202 -45.88 -9.18 15.56
N SER A 203 -46.82 -8.91 14.66
CA SER A 203 -46.90 -7.60 14.02
C SER A 203 -48.34 -7.15 13.80
N GLN A 204 -48.52 -5.84 13.67
CA GLN A 204 -49.83 -5.29 13.36
C GLN A 204 -49.72 -3.91 12.72
N GLN A 205 -50.65 -3.64 11.81
CA GLN A 205 -50.76 -2.34 11.17
C GLN A 205 -52.24 -1.96 11.15
N THR A 206 -52.56 -0.81 11.70
CA THR A 206 -53.92 -0.32 11.59
C THR A 206 -53.93 1.02 10.88
N ILE A 207 -54.77 1.14 9.86
CA ILE A 207 -54.86 2.38 9.09
C ILE A 207 -56.28 2.93 9.11
N ILE A 208 -56.39 4.22 9.44
CA ILE A 208 -57.68 4.90 9.43
C ILE A 208 -57.67 5.78 8.18
N PRO A 209 -58.66 5.60 7.29
CA PRO A 209 -58.68 6.44 6.09
C PRO A 209 -58.93 7.90 6.45
N ASN A 210 -58.49 8.83 5.60
CA ASN A 210 -58.71 10.25 5.85
C ASN A 210 -59.47 10.85 4.68
N ILE A 211 -60.69 11.32 4.94
CA ILE A 211 -61.53 11.82 3.88
C ILE A 211 -61.12 13.25 3.50
N GLY A 212 -61.07 13.53 2.21
CA GLY A 212 -60.85 14.87 1.69
C GLY A 212 -60.24 14.84 0.30
N SER A 213 -60.22 15.98 -0.37
CA SER A 213 -59.63 16.03 -1.72
C SER A 213 -58.11 16.12 -1.74
N ARG A 214 -57.54 15.38 -2.69
CA ARG A 214 -56.17 15.54 -3.14
C ARG A 214 -56.29 16.06 -4.57
N PRO A 215 -55.17 16.41 -5.22
CA PRO A 215 -55.33 16.88 -6.60
C PRO A 215 -55.96 15.85 -7.52
N TRP A 216 -56.85 16.35 -8.37
CA TRP A 216 -57.54 15.56 -9.38
C TRP A 216 -56.53 14.83 -10.29
N VAL A 217 -56.60 13.49 -10.31
CA VAL A 217 -55.80 12.63 -11.20
C VAL A 217 -56.67 11.58 -11.89
N ARG A 218 -56.67 11.55 -13.23
CA ARG A 218 -57.54 10.63 -13.97
C ARG A 218 -58.97 10.58 -13.40
N GLY A 219 -59.56 11.77 -13.20
CA GLY A 219 -60.94 11.89 -12.79
C GLY A 219 -61.23 11.81 -11.30
N LEU A 220 -60.19 11.59 -10.50
CA LEU A 220 -60.39 11.25 -9.10
C LEU A 220 -59.64 12.17 -8.13
N SER A 221 -60.31 12.55 -7.05
CA SER A 221 -59.67 13.31 -6.00
C SER A 221 -59.31 12.34 -4.90
N SER A 222 -59.90 11.16 -4.99
CA SER A 222 -59.62 10.08 -4.07
C SER A 222 -58.28 9.40 -4.39
N ARG A 223 -57.84 8.54 -3.49
CA ARG A 223 -56.57 7.82 -3.58
C ARG A 223 -56.68 6.43 -2.96
N ILE A 224 -55.75 5.55 -3.34
CA ILE A 224 -55.59 4.29 -2.62
C ILE A 224 -54.18 4.31 -2.00
N SER A 225 -54.06 3.90 -0.75
CA SER A 225 -52.73 3.72 -0.17
C SER A 225 -52.38 2.23 -0.05
N ILE A 226 -51.17 1.85 -0.48
CA ILE A 226 -50.77 0.45 -0.51
C ILE A 226 -49.85 0.12 0.65
N TYR A 227 -50.13 -1.01 1.31
CA TYR A 227 -49.32 -1.47 2.41
C TYR A 227 -48.98 -2.94 2.11
N TRP A 228 -48.01 -3.52 2.82
CA TRP A 228 -47.68 -4.92 2.55
C TRP A 228 -47.54 -5.60 3.89
N THR A 229 -47.69 -6.92 3.91
CA THR A 229 -47.53 -7.68 5.13
C THR A 229 -46.94 -8.99 4.69
N ILE A 230 -45.87 -9.38 5.38
CA ILE A 230 -45.23 -10.66 5.18
C ILE A 230 -45.64 -11.66 6.24
N VAL A 231 -45.94 -12.87 5.82
CA VAL A 231 -46.40 -13.90 6.74
C VAL A 231 -45.43 -15.06 6.60
N LYS A 232 -44.79 -15.43 7.71
CA LYS A 232 -43.82 -16.52 7.69
C LYS A 232 -44.50 -17.87 7.85
N PRO A 233 -43.80 -18.97 7.48
CA PRO A 233 -44.39 -20.30 7.68
C PRO A 233 -44.86 -20.52 9.11
N GLY A 234 -46.05 -21.08 9.27
CA GLY A 234 -46.60 -21.31 10.59
C GLY A 234 -47.28 -20.10 11.21
N ASP A 235 -47.14 -18.94 10.58
CA ASP A 235 -47.84 -17.75 11.03
C ASP A 235 -49.14 -17.66 10.25
N VAL A 236 -49.87 -16.57 10.48
CA VAL A 236 -51.20 -16.45 9.93
C VAL A 236 -51.54 -14.97 9.72
N LEU A 237 -52.33 -14.68 8.70
CA LEU A 237 -52.79 -13.33 8.43
C LEU A 237 -54.21 -13.19 8.94
N VAL A 238 -54.48 -12.07 9.60
CA VAL A 238 -55.84 -11.68 9.92
C VAL A 238 -56.11 -10.29 9.39
N ILE A 239 -57.25 -10.13 8.74
CA ILE A 239 -57.66 -8.85 8.21
C ILE A 239 -58.98 -8.45 8.83
N ASN A 240 -59.03 -7.28 9.44
CA ASN A 240 -60.22 -6.83 10.12
C ASN A 240 -60.51 -5.40 9.71
N SER A 241 -61.67 -5.19 9.09
CA SER A 241 -62.06 -3.87 8.60
C SER A 241 -63.57 -3.67 8.65
N ASN A 242 -64.00 -2.45 8.97
CA ASN A 242 -65.42 -2.08 8.85
C ASN A 242 -65.60 -0.98 7.82
N GLY A 243 -64.72 -0.97 6.82
CA GLY A 243 -64.87 -0.13 5.66
C GLY A 243 -63.52 0.29 5.09
N ASN A 244 -63.50 0.60 3.80
CA ASN A 244 -62.35 1.21 3.13
C ASN A 244 -61.19 0.25 2.84
N LEU A 245 -61.39 -1.04 3.12
CA LEU A 245 -60.36 -2.03 2.84
C LEU A 245 -60.23 -2.33 1.35
N ILE A 246 -59.02 -2.22 0.82
CA ILE A 246 -58.74 -2.73 -0.52
C ILE A 246 -58.02 -4.06 -0.33
N ALA A 247 -58.76 -5.14 -0.55
CA ALA A 247 -58.31 -6.46 -0.14
C ALA A 247 -57.36 -7.12 -1.12
N PRO A 248 -56.45 -7.98 -0.61
CA PRO A 248 -55.64 -8.88 -1.43
C PRO A 248 -56.49 -10.02 -1.99
N ARG A 249 -56.04 -10.57 -3.11
CA ARG A 249 -56.66 -11.73 -3.72
C ARG A 249 -55.86 -13.00 -3.45
N GLY A 250 -54.71 -12.83 -2.82
CA GLY A 250 -53.76 -13.91 -2.65
C GLY A 250 -52.39 -13.35 -2.31
N TYR A 251 -51.33 -14.10 -2.57
CA TYR A 251 -50.01 -13.65 -2.12
C TYR A 251 -48.96 -13.84 -3.20
N PHE A 252 -47.89 -13.07 -3.08
CA PHE A 252 -46.70 -13.25 -3.90
C PHE A 252 -45.72 -14.15 -3.18
N LYS A 253 -45.14 -15.10 -3.90
CA LYS A 253 -44.15 -15.99 -3.31
C LYS A 253 -42.82 -15.26 -3.19
N MET A 254 -42.23 -15.28 -1.99
CA MET A 254 -40.98 -14.58 -1.77
C MET A 254 -39.76 -15.47 -1.88
N ARG A 255 -38.80 -15.01 -2.67
CA ARG A 255 -37.58 -15.74 -2.88
C ARG A 255 -36.46 -14.86 -2.37
N THR A 256 -35.32 -15.44 -2.11
CA THR A 256 -34.13 -14.65 -1.86
C THR A 256 -33.18 -15.03 -2.96
N GLY A 257 -32.29 -14.12 -3.30
CA GLY A 257 -31.38 -14.42 -4.38
C GLY A 257 -30.72 -13.21 -4.98
N LYS A 258 -30.34 -13.31 -6.24
CA LYS A 258 -29.46 -12.31 -6.80
C LYS A 258 -30.20 -11.24 -7.57
N SER A 259 -31.53 -11.23 -7.45
CA SER A 259 -32.32 -10.31 -8.27
C SER A 259 -32.20 -8.87 -7.79
N SER A 260 -32.35 -7.94 -8.73
CA SER A 260 -32.36 -6.52 -8.40
C SER A 260 -33.13 -5.74 -9.45
N ILE A 261 -33.04 -4.42 -9.38
CA ILE A 261 -33.76 -3.55 -10.30
C ILE A 261 -32.86 -2.39 -10.69
N MET A 262 -33.06 -1.84 -11.88
CA MET A 262 -32.23 -0.74 -12.32
C MET A 262 -33.02 0.23 -13.18
N ARG A 263 -32.71 1.51 -13.04
CA ARG A 263 -33.27 2.52 -13.91
C ARG A 263 -32.26 2.79 -15.01
N SER A 264 -32.71 2.67 -16.25
CA SER A 264 -31.86 2.87 -17.41
C SER A 264 -32.70 3.14 -18.61
N ASP A 265 -32.20 3.98 -19.51
CA ASP A 265 -32.85 4.07 -20.80
C ASP A 265 -32.06 3.40 -21.93
N ALA A 266 -31.04 2.64 -21.58
CA ALA A 266 -30.25 1.96 -22.59
C ALA A 266 -31.11 0.85 -23.20
N PRO A 267 -31.06 0.70 -24.53
CA PRO A 267 -31.76 -0.40 -25.21
C PRO A 267 -31.11 -1.72 -24.80
N ILE A 268 -31.89 -2.78 -24.78
CA ILE A 268 -31.35 -4.11 -24.58
C ILE A 268 -30.79 -4.56 -25.91
N ASP A 269 -29.93 -5.55 -25.86
CA ASP A 269 -29.44 -6.17 -27.08
C ASP A 269 -28.99 -7.58 -26.80
N THR A 270 -28.66 -8.31 -27.87
CA THR A 270 -28.37 -9.71 -27.76
C THR A 270 -26.83 -9.87 -27.78
N CYS A 271 -26.30 -10.16 -26.60
CA CYS A 271 -24.86 -10.17 -26.38
C CYS A 271 -24.64 -10.66 -24.97
N ILE A 272 -23.39 -10.84 -24.59
CA ILE A 272 -23.09 -11.45 -23.31
C ILE A 272 -22.19 -10.50 -22.51
N SER A 273 -22.60 -10.16 -21.30
CA SER A 273 -21.74 -9.40 -20.40
C SER A 273 -22.12 -9.57 -18.93
N GLU A 274 -21.14 -9.85 -18.08
CA GLU A 274 -21.44 -10.01 -16.66
C GLU A 274 -21.77 -8.69 -16.00
N CYS A 275 -21.21 -7.61 -16.50
CA CYS A 275 -21.40 -6.35 -15.79
C CYS A 275 -22.33 -5.40 -16.53
N ILE A 276 -23.36 -4.95 -15.84
CA ILE A 276 -24.37 -4.06 -16.39
C ILE A 276 -24.45 -2.74 -15.61
N THR A 277 -24.46 -1.61 -16.31
CA THR A 277 -24.67 -0.30 -15.68
C THR A 277 -25.86 0.39 -16.36
N PRO A 278 -26.40 1.45 -15.76
CA PRO A 278 -27.51 2.11 -16.44
C PRO A 278 -27.13 2.67 -17.80
N ASN A 279 -25.86 2.95 -18.00
CA ASN A 279 -25.42 3.45 -19.28
C ASN A 279 -25.35 2.34 -20.33
N GLY A 280 -25.47 1.08 -19.91
CA GLY A 280 -25.18 -0.04 -20.80
C GLY A 280 -24.21 -1.04 -20.19
N SER A 281 -24.02 -2.19 -20.84
CA SER A 281 -23.02 -3.14 -20.35
C SER A 281 -21.61 -2.64 -20.48
N ILE A 282 -20.75 -3.11 -19.59
CA ILE A 282 -19.32 -2.85 -19.72
C ILE A 282 -18.54 -4.13 -19.47
N PRO A 283 -17.37 -4.25 -20.13
CA PRO A 283 -16.41 -5.31 -19.86
C PRO A 283 -15.98 -5.29 -18.41
N ASN A 284 -15.64 -6.44 -17.85
CA ASN A 284 -15.18 -6.50 -16.46
C ASN A 284 -13.78 -7.07 -16.36
N ASP A 285 -12.99 -6.91 -17.42
CA ASP A 285 -11.59 -7.30 -17.40
C ASP A 285 -10.68 -6.41 -16.57
N LYS A 286 -11.02 -5.14 -16.48
CA LYS A 286 -10.25 -4.20 -15.67
C LYS A 286 -10.77 -4.14 -14.25
N PRO A 287 -9.90 -3.80 -13.29
CA PRO A 287 -10.32 -3.81 -11.89
C PRO A 287 -11.19 -2.61 -11.54
N PHE A 288 -11.10 -1.53 -12.32
CA PHE A 288 -11.87 -0.30 -12.05
C PHE A 288 -12.63 0.19 -13.26
N GLN A 289 -13.60 1.05 -12.97
CA GLN A 289 -14.42 1.66 -14.00
C GLN A 289 -14.89 3.04 -13.57
N ASN A 290 -15.16 3.89 -14.56
CA ASN A 290 -15.64 5.23 -14.28
C ASN A 290 -16.94 5.46 -15.00
N VAL A 291 -17.66 4.38 -15.28
CA VAL A 291 -18.89 4.51 -16.02
C VAL A 291 -20.07 4.94 -15.13
N ASN A 292 -20.34 4.23 -14.04
CA ASN A 292 -21.45 4.60 -13.16
C ASN A 292 -21.29 3.94 -11.80
N LYS A 293 -21.58 4.66 -10.72
CA LYS A 293 -21.57 4.06 -9.39
C LYS A 293 -22.69 3.04 -9.22
N ILE A 294 -23.72 3.12 -10.06
CA ILE A 294 -24.79 2.11 -10.06
C ILE A 294 -24.36 0.94 -10.95
N THR A 295 -24.26 -0.26 -10.38
CA THR A 295 -23.91 -1.44 -11.18
C THR A 295 -24.60 -2.72 -10.75
N TYR A 296 -24.60 -3.71 -11.64
CA TYR A 296 -25.17 -5.02 -11.35
C TYR A 296 -24.35 -6.12 -11.96
N GLY A 297 -23.98 -7.10 -11.15
CA GLY A 297 -23.28 -8.27 -11.65
C GLY A 297 -21.82 -8.27 -11.25
N ALA A 298 -21.00 -8.99 -11.98
CA ALA A 298 -19.57 -9.02 -11.68
C ALA A 298 -18.87 -7.83 -12.30
N CYS A 299 -18.66 -6.79 -11.51
CA CYS A 299 -18.32 -5.48 -12.06
C CYS A 299 -17.05 -4.94 -11.48
N PRO A 300 -16.28 -4.21 -12.29
CA PRO A 300 -15.19 -3.44 -11.69
C PRO A 300 -15.72 -2.46 -10.64
N LYS A 301 -14.87 -2.04 -9.70
CA LYS A 301 -15.26 -1.08 -8.68
C LYS A 301 -15.22 0.33 -9.23
N TYR A 302 -16.22 1.12 -8.88
CA TYR A 302 -16.33 2.49 -9.36
C TYR A 302 -15.32 3.38 -8.66
N VAL A 303 -14.60 4.15 -9.46
CA VAL A 303 -13.67 5.15 -8.96
C VAL A 303 -13.90 6.46 -9.68
N LYS A 304 -13.34 7.53 -9.15
CA LYS A 304 -13.57 8.85 -9.70
C LYS A 304 -12.69 9.06 -10.92
N GLN A 305 -11.53 8.40 -10.94
CA GLN A 305 -10.57 8.62 -12.02
C GLN A 305 -11.11 8.06 -13.33
N ASN A 306 -10.82 8.74 -14.43
CA ASN A 306 -11.23 8.29 -15.76
C ASN A 306 -10.18 7.49 -16.51
N THR A 307 -8.97 7.50 -15.95
CA THR A 307 -7.84 6.73 -16.44
C THR A 307 -6.86 6.45 -15.32
N LEU A 308 -6.30 5.25 -15.32
CA LEU A 308 -5.20 4.89 -14.44
C LEU A 308 -4.26 3.95 -15.15
N LYS A 309 -3.01 4.35 -15.32
CA LYS A 309 -2.11 3.55 -16.12
C LYS A 309 -1.21 2.71 -15.23
N LEU A 310 -1.20 1.41 -15.50
CA LEU A 310 -0.31 0.45 -14.88
C LEU A 310 0.93 0.17 -15.74
N ALA A 311 2.12 0.53 -15.27
CA ALA A 311 3.32 0.23 -16.05
C ALA A 311 3.42 -1.27 -16.32
N THR A 312 3.76 -1.62 -17.56
CA THR A 312 3.99 -3.00 -17.95
C THR A 312 5.31 -3.09 -18.70
N GLY A 313 6.20 -2.16 -18.40
CA GLY A 313 7.50 -2.11 -19.05
C GLY A 313 8.47 -1.28 -18.24
N MET A 314 9.73 -1.29 -18.67
CA MET A 314 10.77 -0.57 -17.97
C MET A 314 10.68 0.92 -18.31
N ARG A 315 11.49 1.74 -17.64
CA ARG A 315 11.66 3.13 -18.05
C ARG A 315 12.01 3.30 -19.55
N ASN A 316 11.36 4.24 -20.24
CA ASN A 316 11.68 4.49 -21.66
C ASN A 316 12.62 5.65 -21.89
N VAL A 317 13.84 5.40 -22.35
CA VAL A 317 14.81 6.46 -22.47
C VAL A 317 15.34 6.44 -23.92
N PRO A 318 14.67 7.21 -24.82
CA PRO A 318 14.79 7.11 -26.28
C PRO A 318 16.14 7.50 -26.99
N GLU A 319 16.94 8.41 -26.45
CA GLU A 319 18.20 8.91 -27.06
C GLU A 319 17.94 9.84 -28.24
N LYS A 320 18.99 10.53 -28.71
CA LYS A 320 18.98 11.55 -29.77
C LYS A 320 17.62 11.94 -30.37
N GLY B 1 16.22 4.60 -11.43
CA GLY B 1 15.78 3.52 -10.58
C GLY B 1 16.72 3.29 -9.42
N LEU B 2 16.35 2.42 -8.50
CA LEU B 2 17.11 2.21 -7.27
C LEU B 2 18.50 1.65 -7.55
N PHE B 3 18.62 0.92 -8.66
CA PHE B 3 19.83 0.18 -8.97
C PHE B 3 20.75 0.99 -9.86
N GLY B 4 20.21 2.01 -10.51
CA GLY B 4 21.06 2.94 -11.24
C GLY B 4 21.55 2.42 -12.56
N ALA B 5 20.91 1.38 -13.09
CA ALA B 5 21.32 0.85 -14.38
C ALA B 5 20.53 1.50 -15.51
N ILE B 6 19.22 1.24 -15.56
CA ILE B 6 18.38 1.84 -16.59
C ILE B 6 18.27 3.31 -16.21
N ALA B 7 18.49 4.20 -17.17
CA ALA B 7 18.56 5.65 -16.92
C ALA B 7 19.64 6.01 -15.90
N GLY B 8 20.73 5.25 -15.94
CA GLY B 8 21.84 5.43 -15.01
C GLY B 8 23.14 5.16 -15.75
N PHE B 9 23.90 4.15 -15.32
CA PHE B 9 25.14 3.81 -16.02
C PHE B 9 24.96 3.29 -17.45
N ILE B 10 23.80 2.69 -17.73
CA ILE B 10 23.38 2.48 -19.11
C ILE B 10 22.80 3.83 -19.50
N GLU B 11 23.47 4.50 -20.43
CA GLU B 11 23.14 5.89 -20.73
C GLU B 11 21.78 6.05 -21.40
N ASN B 12 21.41 5.08 -22.22
CA ASN B 12 20.09 5.13 -22.83
C ASN B 12 19.67 3.75 -23.29
N GLY B 13 18.40 3.63 -23.64
CA GLY B 13 17.92 2.38 -24.17
C GLY B 13 18.21 2.25 -25.64
N TRP B 14 17.97 1.05 -26.14
CA TRP B 14 18.27 0.74 -27.52
C TRP B 14 16.93 0.58 -28.18
N GLU B 15 16.53 1.55 -28.99
CA GLU B 15 15.31 1.40 -29.76
C GLU B 15 15.40 0.22 -30.74
N GLY B 16 16.63 -0.16 -31.08
CA GLY B 16 16.92 -1.22 -32.03
C GLY B 16 16.94 -2.63 -31.47
N MET B 17 16.74 -2.76 -30.17
CA MET B 17 16.69 -4.08 -29.58
C MET B 17 15.23 -4.54 -29.60
N ILE B 18 14.77 -5.12 -30.69
CA ILE B 18 13.33 -5.37 -30.82
C ILE B 18 12.86 -6.81 -30.59
N ASP B 19 13.78 -7.70 -30.23
CA ASP B 19 13.39 -9.09 -29.99
C ASP B 19 13.75 -9.54 -28.57
N GLY B 20 13.88 -8.58 -27.68
CA GLY B 20 14.18 -8.83 -26.29
C GLY B 20 14.15 -7.51 -25.53
N TRP B 21 14.19 -7.57 -24.20
CA TRP B 21 14.18 -6.35 -23.39
C TRP B 21 15.58 -5.97 -23.00
N TYR B 22 16.42 -6.98 -22.84
CA TYR B 22 17.78 -6.77 -22.42
C TYR B 22 18.64 -7.58 -23.36
N GLY B 23 19.88 -7.18 -23.57
CA GLY B 23 20.74 -7.94 -24.46
C GLY B 23 22.15 -7.43 -24.60
N PHE B 24 22.82 -7.87 -25.65
CA PHE B 24 24.25 -7.65 -25.76
C PHE B 24 24.49 -7.02 -27.10
N ARG B 25 25.44 -6.10 -27.12
CA ARG B 25 25.96 -5.66 -28.37
C ARG B 25 27.47 -5.86 -28.31
N HIS B 26 28.11 -6.26 -29.41
CA HIS B 26 29.54 -6.55 -29.32
C HIS B 26 30.33 -6.03 -30.51
N GLN B 27 31.62 -5.86 -30.31
CA GLN B 27 32.57 -5.66 -31.41
C GLN B 27 33.78 -6.56 -31.20
N ASN B 28 34.15 -7.32 -32.23
CA ASN B 28 35.35 -8.17 -32.17
C ASN B 28 36.06 -8.27 -33.51
N SER B 29 36.96 -9.23 -33.65
CA SER B 29 37.72 -9.31 -34.88
C SER B 29 36.86 -9.73 -36.09
N GLU B 30 35.67 -10.26 -35.85
CA GLU B 30 34.83 -10.70 -36.97
C GLU B 30 33.72 -9.70 -37.25
N GLY B 31 33.70 -8.61 -36.49
CA GLY B 31 32.75 -7.53 -36.73
C GLY B 31 31.94 -7.25 -35.47
N THR B 32 30.66 -6.92 -35.65
CA THR B 32 29.76 -6.57 -34.54
C THR B 32 28.43 -7.31 -34.65
N GLY B 33 27.67 -7.33 -33.57
CA GLY B 33 26.36 -7.98 -33.56
C GLY B 33 25.50 -7.67 -32.34
N GLN B 34 24.28 -8.21 -32.33
CA GLN B 34 23.35 -7.99 -31.24
C GLN B 34 22.60 -9.26 -30.95
N ALA B 35 22.30 -9.48 -29.68
CA ALA B 35 21.48 -10.62 -29.28
C ALA B 35 20.67 -10.29 -28.03
N ALA B 36 19.40 -10.67 -28.04
CA ALA B 36 18.60 -10.56 -26.83
C ALA B 36 19.14 -11.51 -25.78
N ASP B 37 19.07 -11.11 -24.51
CA ASP B 37 19.30 -12.01 -23.39
C ASP B 37 17.99 -12.57 -22.97
N LEU B 38 17.91 -13.88 -23.11
CA LEU B 38 16.67 -14.58 -22.98
C LEU B 38 16.11 -14.73 -21.58
N LYS B 39 17.02 -15.04 -20.67
CA LYS B 39 16.67 -15.32 -19.28
C LYS B 39 16.16 -14.10 -18.52
N SER B 40 16.87 -13.00 -18.67
CA SER B 40 16.50 -11.74 -18.01
C SER B 40 15.26 -11.08 -18.57
N THR B 41 15.14 -11.10 -19.90
CA THR B 41 13.97 -10.57 -20.56
C THR B 41 12.77 -11.34 -20.01
N GLN B 42 12.91 -12.66 -19.91
CA GLN B 42 11.82 -13.51 -19.49
C GLN B 42 11.58 -13.33 -17.99
N ALA B 43 12.64 -13.02 -17.24
CA ALA B 43 12.53 -12.80 -15.80
C ALA B 43 11.73 -11.54 -15.52
N ALA B 44 11.99 -10.50 -16.30
CA ALA B 44 11.27 -9.25 -16.17
C ALA B 44 9.82 -9.43 -16.60
N ILE B 45 9.63 -10.08 -17.73
CA ILE B 45 8.31 -10.31 -18.29
C ILE B 45 7.40 -11.11 -17.37
N ASP B 46 7.95 -12.13 -16.72
CA ASP B 46 7.10 -12.98 -15.90
C ASP B 46 6.60 -12.26 -14.68
N GLN B 47 7.45 -11.44 -14.08
CA GLN B 47 7.03 -10.67 -12.92
C GLN B 47 5.96 -9.65 -13.28
N ILE B 48 6.11 -9.02 -14.43
CA ILE B 48 5.13 -8.01 -14.81
C ILE B 48 3.81 -8.68 -15.17
N ASN B 49 3.87 -9.84 -15.79
CA ASN B 49 2.63 -10.54 -16.07
C ASN B 49 2.06 -11.08 -14.78
N GLY B 50 2.94 -11.49 -13.87
CA GLY B 50 2.45 -11.99 -12.60
C GLY B 50 1.71 -10.95 -11.79
N LYS B 51 2.29 -9.75 -11.67
CA LYS B 51 1.71 -8.66 -10.89
C LYS B 51 0.39 -8.32 -11.57
N LEU B 52 0.43 -8.19 -12.88
CA LEU B 52 -0.72 -7.76 -13.64
C LEU B 52 -1.89 -8.70 -13.43
N ASN B 53 -1.63 -10.01 -13.46
CA ASN B 53 -2.69 -10.99 -13.30
C ASN B 53 -3.26 -10.92 -11.90
N ARG B 54 -2.40 -10.57 -10.94
CA ARG B 54 -2.86 -10.36 -9.57
C ARG B 54 -3.76 -9.14 -9.52
N VAL B 55 -3.41 -8.12 -10.30
CA VAL B 55 -4.17 -6.87 -10.29
C VAL B 55 -5.50 -7.05 -11.00
N ILE B 56 -5.52 -7.86 -12.05
CA ILE B 56 -6.73 -7.95 -12.85
C ILE B 56 -7.52 -9.18 -12.42
N GLU B 57 -7.00 -9.86 -11.40
CA GLU B 57 -7.69 -10.99 -10.79
C GLU B 57 -8.98 -10.57 -10.08
N LYS B 58 -10.03 -11.37 -10.22
CA LYS B 58 -11.17 -11.39 -9.31
C LYS B 58 -11.81 -10.03 -9.01
N THR B 59 -12.57 -9.45 -9.93
CA THR B 59 -13.49 -8.39 -9.51
C THR B 59 -14.52 -8.98 -8.52
N ASN B 60 -15.01 -8.16 -7.60
CA ASN B 60 -16.15 -8.51 -6.75
C ASN B 60 -17.48 -8.61 -7.52
N GLU B 61 -18.35 -9.53 -7.10
CA GLU B 61 -19.69 -9.62 -7.67
C GLU B 61 -20.70 -9.09 -6.67
N LYS B 62 -21.44 -8.07 -7.08
CA LYS B 62 -22.48 -7.51 -6.23
C LYS B 62 -23.81 -7.47 -6.98
N PHE B 63 -24.90 -7.62 -6.22
CA PHE B 63 -26.24 -7.71 -6.79
C PHE B 63 -27.12 -6.60 -6.25
N HIS B 64 -28.07 -6.92 -5.38
CA HIS B 64 -28.91 -5.87 -4.84
C HIS B 64 -28.12 -5.06 -3.82
N GLN B 65 -28.13 -3.75 -4.04
CA GLN B 65 -27.38 -2.80 -3.24
C GLN B 65 -28.33 -1.72 -2.76
N ILE B 66 -27.85 -0.49 -2.75
CA ILE B 66 -28.68 0.63 -2.39
C ILE B 66 -28.94 1.54 -3.58
N GLU B 67 -29.98 2.37 -3.47
CA GLU B 67 -30.20 3.39 -4.50
C GLU B 67 -29.09 4.42 -4.36
N LYS B 68 -28.68 4.99 -5.48
CA LYS B 68 -27.56 5.92 -5.50
C LYS B 68 -27.94 7.20 -6.23
N GLU B 69 -29.13 7.20 -6.84
CA GLU B 69 -29.69 8.43 -7.37
C GLU B 69 -31.09 8.60 -6.83
N PHE B 70 -31.52 9.85 -6.67
CA PHE B 70 -32.78 10.12 -6.00
C PHE B 70 -33.49 11.25 -6.73
N SER B 71 -34.79 11.12 -6.88
CA SER B 71 -35.57 12.08 -7.64
C SER B 71 -36.28 13.07 -6.72
N GLU B 72 -36.24 12.80 -5.42
CA GLU B 72 -36.87 13.68 -4.44
C GLU B 72 -35.91 13.94 -3.29
N VAL B 73 -35.99 15.14 -2.72
CA VAL B 73 -35.31 15.46 -1.46
C VAL B 73 -36.01 14.67 -0.36
N GLU B 74 -35.24 14.01 0.51
CA GLU B 74 -35.83 13.22 1.59
C GLU B 74 -35.18 13.49 2.94
N GLY B 75 -33.99 14.07 2.94
CA GLY B 75 -33.33 14.36 4.20
C GLY B 75 -32.49 13.25 4.76
N ARG B 76 -32.69 12.96 6.04
CA ARG B 76 -31.72 12.25 6.85
C ARG B 76 -31.30 10.92 6.23
N ILE B 77 -32.26 10.12 5.76
CA ILE B 77 -31.91 8.79 5.23
C ILE B 77 -31.18 8.90 3.89
N GLN B 78 -31.64 9.81 3.03
CA GLN B 78 -30.93 10.05 1.79
C GLN B 78 -29.53 10.61 1.99
N ASP B 79 -29.36 11.54 2.93
CA ASP B 79 -28.06 12.10 3.26
C ASP B 79 -27.12 10.95 3.59
N LEU B 80 -27.60 10.03 4.42
CA LEU B 80 -26.78 8.90 4.83
C LEU B 80 -26.44 7.96 3.67
N GLU B 81 -27.42 7.61 2.83
CA GLU B 81 -27.13 6.80 1.66
C GLU B 81 -26.09 7.44 0.75
N LYS B 82 -26.19 8.75 0.57
CA LYS B 82 -25.29 9.44 -0.33
C LYS B 82 -23.91 9.54 0.30
N TYR B 83 -23.86 9.72 1.61
CA TYR B 83 -22.59 9.82 2.31
C TYR B 83 -21.83 8.51 2.32
N VAL B 84 -22.55 7.41 2.50
CA VAL B 84 -21.92 6.10 2.52
C VAL B 84 -21.29 5.80 1.18
N GLU B 85 -22.04 6.08 0.12
CA GLU B 85 -21.57 5.84 -1.23
C GLU B 85 -20.43 6.73 -1.61
N ASP B 86 -20.56 8.01 -1.26
CA ASP B 86 -19.53 8.97 -1.58
C ASP B 86 -18.24 8.56 -0.88
N THR B 87 -18.39 8.10 0.35
CA THR B 87 -17.28 7.67 1.17
C THR B 87 -16.61 6.45 0.58
N LYS B 88 -17.43 5.48 0.19
CA LYS B 88 -16.96 4.26 -0.41
C LYS B 88 -16.15 4.61 -1.64
N ILE B 89 -16.67 5.50 -2.48
CA ILE B 89 -16.01 5.83 -3.72
C ILE B 89 -14.66 6.50 -3.45
N ASP B 90 -14.61 7.40 -2.47
CA ASP B 90 -13.36 8.09 -2.19
C ASP B 90 -12.34 7.10 -1.64
N LEU B 91 -12.78 6.17 -0.81
CA LEU B 91 -11.84 5.13 -0.35
C LEU B 91 -11.29 4.24 -1.44
N TRP B 92 -12.16 3.77 -2.31
CA TRP B 92 -11.71 2.94 -3.42
C TRP B 92 -10.84 3.73 -4.37
N SER B 93 -11.18 5.00 -4.54
CA SER B 93 -10.44 5.85 -5.44
C SER B 93 -9.04 6.00 -4.91
N TYR B 94 -8.94 6.15 -3.59
CA TYR B 94 -7.64 6.21 -2.96
C TYR B 94 -6.88 4.91 -3.14
N ASN B 95 -7.54 3.78 -2.93
CA ASN B 95 -6.88 2.48 -3.07
C ASN B 95 -6.35 2.31 -4.49
N ALA B 96 -7.14 2.75 -5.46
CA ALA B 96 -6.76 2.56 -6.86
C ALA B 96 -5.51 3.39 -7.16
N GLU B 97 -5.52 4.64 -6.72
CA GLU B 97 -4.39 5.54 -6.93
C GLU B 97 -3.15 4.95 -6.29
N LEU B 98 -3.28 4.47 -5.06
CA LEU B 98 -2.14 3.95 -4.33
C LEU B 98 -1.62 2.68 -4.93
N LEU B 99 -2.51 1.81 -5.39
CA LEU B 99 -2.09 0.54 -5.93
C LEU B 99 -1.19 0.75 -7.15
N VAL B 100 -1.61 1.58 -8.08
CA VAL B 100 -0.83 1.81 -9.30
C VAL B 100 0.46 2.59 -9.03
N ALA B 101 0.40 3.52 -8.09
CA ALA B 101 1.61 4.24 -7.69
C ALA B 101 2.65 3.28 -7.17
N LEU B 102 2.22 2.35 -6.32
CA LEU B 102 3.13 1.38 -5.72
C LEU B 102 3.63 0.39 -6.77
N GLU B 103 2.72 -0.12 -7.60
CA GLU B 103 3.11 -1.08 -8.62
C GLU B 103 4.10 -0.47 -9.58
N ASN B 104 3.87 0.77 -10.01
CA ASN B 104 4.71 1.35 -11.01
C ASN B 104 6.11 1.63 -10.49
N GLN B 105 6.19 2.09 -9.26
CA GLN B 105 7.50 2.27 -8.64
C GLN B 105 8.17 0.92 -8.63
N HIS B 106 7.41 -0.11 -8.25
CA HIS B 106 7.96 -1.44 -8.16
C HIS B 106 8.28 -2.01 -9.53
N THR B 107 7.47 -1.68 -10.53
CA THR B 107 7.73 -2.15 -11.88
C THR B 107 8.99 -1.54 -12.45
N ILE B 108 9.20 -0.26 -12.19
CA ILE B 108 10.41 0.41 -12.63
C ILE B 108 11.70 -0.09 -11.97
N ASP B 109 11.65 -0.28 -10.65
CA ASP B 109 12.80 -0.77 -9.90
C ASP B 109 13.15 -2.22 -10.21
N LEU B 110 12.15 -3.05 -10.51
CA LEU B 110 12.44 -4.46 -10.76
C LEU B 110 13.08 -4.60 -12.13
N THR B 111 12.67 -3.76 -13.07
CA THR B 111 13.28 -3.76 -14.40
C THR B 111 14.71 -3.23 -14.38
N ASP B 112 14.94 -2.18 -13.60
CA ASP B 112 16.28 -1.67 -13.33
C ASP B 112 17.13 -2.78 -12.72
N SER B 113 16.55 -3.48 -11.75
CA SER B 113 17.23 -4.60 -11.10
C SER B 113 17.64 -5.70 -12.07
N GLU B 114 16.76 -6.11 -12.97
CA GLU B 114 17.13 -7.17 -13.89
C GLU B 114 18.30 -6.76 -14.76
N MET B 115 18.31 -5.51 -15.18
CA MET B 115 19.44 -4.97 -15.93
C MET B 115 20.69 -5.07 -15.09
N ASN B 116 20.58 -4.65 -13.84
CA ASN B 116 21.74 -4.67 -12.98
C ASN B 116 22.17 -6.11 -12.72
N LYS B 117 21.20 -7.00 -12.58
CA LYS B 117 21.51 -8.40 -12.31
C LYS B 117 22.17 -9.08 -13.50
N LEU B 118 21.69 -8.75 -14.69
CA LEU B 118 22.28 -9.27 -15.94
C LEU B 118 23.71 -8.80 -16.11
N PHE B 119 23.90 -7.51 -15.85
CA PHE B 119 25.20 -6.87 -15.90
C PHE B 119 26.18 -7.55 -14.93
N GLU B 120 25.74 -7.82 -13.71
CA GLU B 120 26.58 -8.42 -12.68
C GLU B 120 26.99 -9.83 -13.08
N LYS B 121 26.07 -10.56 -13.73
CA LYS B 121 26.35 -11.94 -14.12
C LYS B 121 27.44 -11.94 -15.17
N THR B 122 27.34 -10.99 -16.09
CA THR B 122 28.31 -10.86 -17.18
C THR B 122 29.68 -10.58 -16.61
N GLY B 123 29.77 -9.62 -15.70
CA GLY B 123 31.02 -9.33 -15.01
C GLY B 123 31.64 -10.56 -14.37
N ARG B 124 30.81 -11.34 -13.69
CA ARG B 124 31.26 -12.52 -12.98
C ARG B 124 31.78 -13.64 -13.85
N GLN B 125 31.19 -13.82 -15.03
CA GLN B 125 31.70 -14.82 -15.94
C GLN B 125 33.09 -14.42 -16.39
N LEU B 126 33.24 -13.12 -16.65
CA LEU B 126 34.48 -12.61 -17.22
C LEU B 126 35.66 -12.60 -16.26
N ARG B 127 35.40 -12.64 -14.95
CA ARG B 127 36.48 -12.71 -13.96
C ARG B 127 37.47 -11.59 -14.25
N GLU B 128 38.74 -11.95 -14.42
CA GLU B 128 39.81 -10.98 -14.67
C GLU B 128 40.08 -10.75 -16.15
N ASN B 129 39.21 -11.20 -17.03
CA ASN B 129 39.52 -11.13 -18.45
C ASN B 129 38.95 -9.88 -19.13
N ALA B 130 38.21 -9.08 -18.38
CA ALA B 130 37.56 -7.90 -18.93
C ALA B 130 37.49 -6.79 -17.88
N GLU B 131 37.23 -5.55 -18.31
CA GLU B 131 36.96 -4.50 -17.33
C GLU B 131 35.70 -3.73 -17.69
N ASP B 132 34.96 -3.36 -16.67
CA ASP B 132 33.76 -2.54 -16.79
C ASP B 132 34.22 -1.15 -17.18
N MET B 133 33.80 -0.69 -18.35
CA MET B 133 34.18 0.62 -18.82
C MET B 133 33.30 1.67 -18.16
N GLY B 134 32.30 1.21 -17.41
CA GLY B 134 31.48 2.12 -16.61
C GLY B 134 30.21 2.61 -17.27
N ASN B 135 29.98 2.18 -18.51
CA ASN B 135 28.81 2.63 -19.24
C ASN B 135 28.01 1.44 -19.71
N GLY B 136 28.16 0.34 -18.99
CA GLY B 136 27.47 -0.89 -19.31
C GLY B 136 28.18 -1.71 -20.36
N CYS B 137 29.41 -1.33 -20.68
CA CYS B 137 30.18 -2.07 -21.67
C CYS B 137 31.38 -2.70 -20.98
N PHE B 138 31.74 -3.89 -21.40
CA PHE B 138 32.97 -4.50 -20.95
C PHE B 138 34.04 -4.48 -22.04
N LYS B 139 35.24 -4.03 -21.66
CA LYS B 139 36.43 -4.23 -22.48
C LYS B 139 37.05 -5.59 -22.24
N ILE B 140 37.09 -6.41 -23.28
CA ILE B 140 37.63 -7.77 -23.21
C ILE B 140 39.06 -7.80 -23.72
N TYR B 141 39.99 -8.28 -22.90
CA TYR B 141 41.39 -8.09 -23.21
C TYR B 141 42.00 -9.28 -23.92
N HIS B 142 41.22 -9.89 -24.81
CA HIS B 142 41.73 -10.98 -25.61
C HIS B 142 40.98 -11.10 -26.93
N LYS B 143 41.59 -11.77 -27.91
CA LYS B 143 40.87 -12.06 -29.15
C LYS B 143 39.65 -12.89 -28.81
N CYS B 144 38.49 -12.47 -29.29
CA CYS B 144 37.25 -13.09 -28.88
C CYS B 144 36.27 -13.13 -30.02
N ASP B 145 36.33 -14.21 -30.79
CA ASP B 145 35.48 -14.32 -31.96
C ASP B 145 34.02 -14.60 -31.62
N ASN B 146 33.21 -14.80 -32.66
CA ASN B 146 31.76 -14.89 -32.52
C ASN B 146 31.35 -16.04 -31.62
N ALA B 147 32.07 -17.14 -31.72
CA ALA B 147 31.77 -18.30 -30.88
C ALA B 147 32.11 -17.98 -29.43
N CYS B 148 33.17 -17.19 -29.21
CA CYS B 148 33.53 -16.75 -27.87
C CYS B 148 32.51 -15.81 -27.22
N ILE B 149 32.06 -14.82 -27.97
CA ILE B 149 31.01 -13.94 -27.49
C ILE B 149 29.76 -14.72 -27.16
N GLU B 150 29.41 -15.65 -28.04
CA GLU B 150 28.22 -16.44 -27.87
C GLU B 150 28.40 -17.32 -26.63
N SER B 151 29.65 -17.74 -26.40
CA SER B 151 29.96 -18.52 -25.20
C SER B 151 29.68 -17.69 -23.96
N ILE B 152 29.95 -16.39 -24.04
CA ILE B 152 29.58 -15.50 -22.94
C ILE B 152 28.07 -15.38 -22.81
N ARG B 153 27.41 -15.13 -23.94
CA ARG B 153 25.96 -14.95 -23.92
C ARG B 153 25.22 -16.18 -23.46
N ASN B 154 25.73 -17.37 -23.77
CA ASN B 154 24.99 -18.56 -23.38
C ASN B 154 25.50 -19.18 -22.08
N GLY B 155 26.47 -18.51 -21.46
CA GLY B 155 26.84 -18.85 -20.10
C GLY B 155 27.84 -19.98 -19.97
N THR B 156 28.58 -20.23 -21.04
CA THR B 156 29.53 -21.34 -21.02
C THR B 156 30.96 -20.85 -21.20
N TYR B 157 31.14 -19.54 -21.18
CA TYR B 157 32.46 -18.94 -21.33
C TYR B 157 33.39 -19.51 -20.25
N ASP B 158 34.58 -19.92 -20.68
CA ASP B 158 35.56 -20.52 -19.78
C ASP B 158 36.70 -19.52 -19.59
N HIS B 159 36.66 -18.77 -18.49
CA HIS B 159 37.58 -17.66 -18.30
C HIS B 159 39.05 -18.09 -18.30
N ASP B 160 39.29 -19.32 -17.86
CA ASP B 160 40.65 -19.82 -17.73
C ASP B 160 41.37 -19.96 -19.06
N VAL B 161 40.60 -20.22 -20.11
CA VAL B 161 41.13 -20.41 -21.44
C VAL B 161 41.83 -19.16 -21.93
N TYR B 162 41.31 -18.00 -21.52
CA TYR B 162 41.77 -16.74 -22.09
C TYR B 162 42.59 -15.94 -21.10
N ARG B 163 42.69 -16.44 -19.87
CA ARG B 163 43.24 -15.63 -18.78
C ARG B 163 44.67 -15.20 -19.05
N ASP B 164 45.50 -16.13 -19.53
CA ASP B 164 46.89 -15.79 -19.79
C ASP B 164 46.97 -14.70 -20.82
N GLU B 165 46.23 -14.87 -21.92
CA GLU B 165 46.21 -13.86 -22.95
C GLU B 165 45.72 -12.51 -22.44
N ALA B 166 44.63 -12.55 -21.68
CA ALA B 166 43.96 -11.34 -21.20
C ALA B 166 44.74 -10.54 -20.16
N LEU B 167 45.28 -11.23 -19.17
CA LEU B 167 46.03 -10.57 -18.11
C LEU B 167 47.25 -9.88 -18.70
N ASN B 168 47.88 -10.55 -19.65
CA ASN B 168 49.02 -9.99 -20.34
C ASN B 168 48.62 -8.68 -21.02
N ASN B 169 47.46 -8.66 -21.67
CA ASN B 169 46.99 -7.43 -22.30
C ASN B 169 46.61 -6.34 -21.28
N ARG B 170 46.09 -6.72 -20.11
CA ARG B 170 45.62 -5.73 -19.15
C ARG B 170 46.79 -5.06 -18.44
N PHE B 171 47.79 -5.84 -18.07
CA PHE B 171 48.74 -5.38 -17.06
C PHE B 171 50.12 -5.20 -17.63
N GLN B 172 50.28 -5.63 -18.88
CA GLN B 172 51.58 -5.59 -19.52
C GLN B 172 51.43 -5.10 -20.96
N PRO C 3 47.98 -24.72 -2.05
CA PRO C 3 48.15 -23.46 -2.78
C PRO C 3 47.20 -22.34 -2.32
N GLY C 4 45.92 -22.64 -2.06
CA GLY C 4 44.99 -21.62 -1.59
C GLY C 4 43.74 -22.16 -0.90
N ALA C 5 42.63 -21.45 -0.99
CA ALA C 5 41.38 -21.86 -0.31
C ALA C 5 40.14 -21.37 -1.05
N THR C 6 38.96 -21.84 -0.64
CA THR C 6 37.67 -21.40 -1.21
C THR C 6 36.70 -21.05 -0.07
N LEU C 7 35.95 -19.97 -0.26
CA LEU C 7 34.98 -19.49 0.72
C LEU C 7 33.61 -19.19 0.13
N CYS C 8 32.57 -19.92 0.52
CA CYS C 8 31.24 -19.73 -0.07
C CYS C 8 30.29 -19.02 0.87
N LEU C 9 29.53 -18.09 0.30
CA LEU C 9 28.48 -17.44 1.04
C LEU C 9 27.19 -18.14 0.64
N GLY C 10 26.27 -18.27 1.58
CA GLY C 10 25.00 -18.91 1.28
C GLY C 10 23.96 -18.53 2.31
N HIS C 11 22.79 -19.15 2.19
CA HIS C 11 21.69 -18.84 3.09
C HIS C 11 21.00 -20.15 3.40
N HIS C 12 20.24 -20.21 4.48
CA HIS C 12 19.63 -21.48 4.80
C HIS C 12 18.42 -21.73 3.91
N ALA C 13 17.92 -22.95 3.97
CA ALA C 13 16.71 -23.33 3.31
C ALA C 13 16.11 -24.52 4.03
N VAL C 14 14.86 -24.85 3.76
CA VAL C 14 14.29 -26.03 4.39
C VAL C 14 13.60 -26.94 3.35
N PRO C 15 13.42 -28.23 3.70
CA PRO C 15 12.88 -29.25 2.79
C PRO C 15 11.47 -28.91 2.33
N ASN C 16 10.69 -28.33 3.22
CA ASN C 16 9.43 -27.74 2.80
C ASN C 16 9.02 -26.51 3.55
N GLY C 17 8.67 -25.49 2.78
CA GLY C 17 8.32 -24.21 3.35
C GLY C 17 6.84 -23.97 3.38
N THR C 18 6.48 -22.74 3.02
CA THR C 18 5.10 -22.32 3.04
C THR C 18 4.84 -21.38 1.88
N LEU C 19 3.67 -21.49 1.28
CA LEU C 19 3.36 -20.74 0.08
C LEU C 19 2.83 -19.41 0.58
N VAL C 20 3.31 -18.30 0.03
CA VAL C 20 2.74 -17.01 0.38
C VAL C 20 2.46 -16.24 -0.89
N LYS C 21 1.73 -15.13 -0.76
CA LYS C 21 1.41 -14.31 -1.90
C LYS C 21 2.28 -13.07 -1.85
N THR C 22 2.67 -12.56 -3.02
CA THR C 22 3.46 -11.33 -3.07
C THR C 22 2.86 -10.34 -4.06
N ILE C 23 3.57 -9.25 -4.37
CA ILE C 23 3.10 -8.33 -5.40
C ILE C 23 3.13 -9.00 -6.75
N THR C 24 4.16 -9.82 -6.95
CA THR C 24 4.43 -10.40 -8.25
C THR C 24 3.84 -11.81 -8.36
N ASP C 25 3.86 -12.58 -7.28
CA ASP C 25 3.59 -14.01 -7.37
C ASP C 25 2.35 -14.39 -6.55
N ASP C 26 1.46 -15.16 -7.16
CA ASP C 26 0.31 -15.69 -6.46
C ASP C 26 0.74 -16.72 -5.42
N GLN C 27 1.83 -17.44 -5.73
CA GLN C 27 2.32 -18.48 -4.84
C GLN C 27 3.84 -18.59 -4.97
N ILE C 28 4.55 -18.34 -3.88
CA ILE C 28 6.00 -18.48 -3.89
C ILE C 28 6.51 -19.05 -2.55
N GLU C 29 7.52 -19.92 -2.56
CA GLU C 29 7.90 -20.62 -1.33
C GLU C 29 8.93 -19.85 -0.51
N VAL C 30 8.62 -19.62 0.77
CA VAL C 30 9.58 -19.05 1.72
C VAL C 30 9.88 -20.05 2.84
N THR C 31 10.89 -19.76 3.66
CA THR C 31 11.34 -20.69 4.70
C THR C 31 10.34 -20.81 5.86
N ASN C 32 9.53 -19.78 6.04
CA ASN C 32 8.62 -19.70 7.18
C ASN C 32 7.56 -18.65 6.91
N ALA C 33 6.40 -18.82 7.53
CA ALA C 33 5.35 -17.82 7.45
C ALA C 33 4.46 -17.94 8.66
N THR C 34 3.59 -16.96 8.83
CA THR C 34 2.66 -16.96 9.95
C THR C 34 1.24 -16.58 9.54
N GLU C 35 0.24 -17.13 10.22
CA GLU C 35 -1.14 -16.96 9.80
C GLU C 35 -1.58 -15.60 10.34
N LEU C 36 -2.22 -14.78 9.50
CA LEU C 36 -2.68 -13.47 9.96
C LEU C 36 -4.17 -13.42 10.17
N VAL C 37 -4.82 -14.52 9.82
CA VAL C 37 -6.27 -14.64 9.97
C VAL C 37 -6.65 -15.62 11.08
N GLN C 38 -7.33 -15.11 12.10
CA GLN C 38 -7.87 -15.98 13.12
C GLN C 38 -9.06 -16.66 12.49
N SER C 39 -8.99 -17.98 12.38
CA SER C 39 -10.01 -18.74 11.67
C SER C 39 -10.74 -19.79 12.50
N SER C 40 -10.38 -19.92 13.77
CA SER C 40 -11.01 -20.90 14.66
C SER C 40 -11.53 -20.27 15.95
N SER C 41 -12.49 -20.95 16.57
CA SER C 41 -12.97 -20.55 17.90
C SER C 41 -13.09 -21.79 18.77
N THR C 42 -12.95 -21.61 20.09
CA THR C 42 -13.26 -22.71 21.02
C THR C 42 -14.72 -23.13 20.97
N GLY C 43 -15.58 -22.18 20.60
CA GLY C 43 -17.02 -22.42 20.54
C GLY C 43 -17.65 -22.02 21.86
N LYS C 44 -16.84 -21.45 22.74
CA LYS C 44 -17.32 -21.02 24.03
C LYS C 44 -17.00 -19.56 24.30
N ILE C 45 -17.95 -18.89 24.93
CA ILE C 45 -17.75 -17.52 25.38
C ILE C 45 -17.05 -17.49 26.74
N CYS C 46 -15.90 -16.83 26.79
CA CYS C 46 -15.15 -16.66 28.03
C CYS C 46 -15.81 -15.60 28.90
N ASN C 47 -15.96 -15.91 30.18
CA ASN C 47 -16.63 -15.02 31.11
C ASN C 47 -15.79 -13.89 31.71
N ASN C 48 -14.53 -13.80 31.28
CA ASN C 48 -13.65 -12.67 31.61
C ASN C 48 -12.90 -12.18 30.39
N PRO C 49 -12.55 -10.88 30.37
CA PRO C 49 -12.73 -9.93 31.47
C PRO C 49 -14.09 -9.27 31.43
N HIS C 50 -14.85 -9.54 30.37
CA HIS C 50 -16.11 -8.87 30.20
C HIS C 50 -17.18 -9.56 31.05
N ARG C 51 -18.11 -8.77 31.57
CA ARG C 51 -19.22 -9.29 32.32
C ARG C 51 -20.30 -9.83 31.41
N ILE C 52 -20.48 -11.14 31.43
CA ILE C 52 -21.43 -11.80 30.56
C ILE C 52 -22.69 -12.11 31.33
N LEU C 53 -23.83 -11.79 30.75
CA LEU C 53 -25.12 -12.15 31.31
C LEU C 53 -25.82 -13.07 30.33
N ASP C 54 -26.02 -14.31 30.72
CA ASP C 54 -26.70 -15.25 29.84
C ASP C 54 -28.19 -14.97 30.02
N GLY C 55 -28.86 -14.60 28.93
CA GLY C 55 -30.26 -14.24 29.02
C GLY C 55 -31.10 -15.47 29.23
N ILE C 56 -30.49 -16.61 28.91
CA ILE C 56 -31.13 -17.90 29.01
C ILE C 56 -32.49 -17.89 28.32
N ASP C 57 -33.54 -18.03 29.11
CA ASP C 57 -34.90 -18.10 28.60
C ASP C 57 -35.53 -16.74 28.31
N CYS C 58 -34.77 -15.67 28.46
CA CYS C 58 -35.31 -14.32 28.36
C CYS C 58 -34.66 -13.52 27.25
N THR C 59 -35.46 -12.77 26.51
CA THR C 59 -34.93 -11.73 25.67
C THR C 59 -34.66 -10.57 26.60
N LEU C 60 -33.86 -9.62 26.16
CA LEU C 60 -33.57 -8.45 26.97
C LEU C 60 -34.81 -7.61 27.22
N ILE C 61 -35.67 -7.53 26.21
CA ILE C 61 -36.91 -6.79 26.32
C ILE C 61 -37.85 -7.44 27.32
N ASP C 62 -37.90 -8.77 27.35
CA ASP C 62 -38.70 -9.49 28.34
C ASP C 62 -38.21 -9.26 29.75
N ALA C 63 -36.91 -9.11 29.92
CA ALA C 63 -36.35 -8.77 31.21
C ALA C 63 -36.73 -7.34 31.61
N LEU C 64 -36.65 -6.44 30.63
CA LEU C 64 -36.99 -5.03 30.80
C LEU C 64 -38.43 -4.83 31.28
N LEU C 65 -39.40 -5.41 30.56
CA LEU C 65 -40.81 -5.21 30.86
C LEU C 65 -41.17 -5.90 32.17
N GLY C 66 -40.49 -7.01 32.43
CA GLY C 66 -40.67 -7.79 33.64
C GLY C 66 -41.64 -8.94 33.47
N ASP C 67 -41.61 -9.59 32.29
CA ASP C 67 -42.23 -10.91 32.09
C ASP C 67 -41.77 -11.77 33.26
N PRO C 68 -42.71 -12.40 33.97
CA PRO C 68 -42.41 -13.11 35.22
C PRO C 68 -41.25 -14.12 35.21
N HIS C 69 -41.11 -14.96 34.19
CA HIS C 69 -40.03 -15.95 34.21
C HIS C 69 -38.65 -15.35 34.00
N CYS C 70 -38.65 -14.06 33.67
CA CYS C 70 -37.45 -13.25 33.52
C CYS C 70 -37.20 -12.32 34.69
N ASP C 71 -38.06 -12.36 35.71
CA ASP C 71 -37.94 -11.39 36.79
C ASP C 71 -36.71 -11.59 37.66
N VAL C 72 -36.06 -12.74 37.48
CA VAL C 72 -34.74 -13.02 38.03
C VAL C 72 -33.66 -11.98 37.67
N PHE C 73 -33.84 -11.39 36.49
CA PHE C 73 -32.92 -10.44 35.89
C PHE C 73 -33.10 -8.99 36.34
N GLN C 74 -33.99 -8.76 37.29
CA GLN C 74 -34.24 -7.42 37.83
C GLN C 74 -32.97 -6.74 38.34
N ASN C 75 -32.78 -5.50 37.90
CA ASN C 75 -31.64 -4.69 38.33
C ASN C 75 -30.28 -5.22 37.89
N GLU C 76 -30.27 -6.10 36.90
CA GLU C 76 -29.04 -6.71 36.46
C GLU C 76 -28.24 -5.77 35.58
N THR C 77 -26.95 -6.07 35.45
CA THR C 77 -26.04 -5.32 34.60
C THR C 77 -25.21 -6.24 33.74
N TRP C 78 -24.62 -5.70 32.69
CA TRP C 78 -23.82 -6.50 31.79
C TRP C 78 -22.90 -5.60 30.99
N ASP C 79 -21.77 -6.14 30.54
CA ASP C 79 -21.03 -5.57 29.43
C ASP C 79 -21.60 -6.16 28.15
N LEU C 80 -21.81 -7.47 28.16
CA LEU C 80 -22.43 -8.16 27.04
C LEU C 80 -23.59 -9.03 27.49
N PHE C 81 -24.77 -8.71 26.99
CA PHE C 81 -25.97 -9.49 27.21
C PHE C 81 -26.07 -10.52 26.11
N VAL C 82 -26.28 -11.78 26.49
CA VAL C 82 -26.37 -12.87 25.53
C VAL C 82 -27.80 -13.40 25.40
N GLU C 83 -28.42 -13.18 24.24
CA GLU C 83 -29.75 -13.70 24.00
C GLU C 83 -29.67 -15.09 23.38
N ARG C 84 -30.44 -16.03 23.91
CA ARG C 84 -30.41 -17.41 23.44
C ARG C 84 -31.57 -17.61 22.51
N SER C 85 -31.39 -18.47 21.52
CA SER C 85 -32.44 -18.73 20.56
C SER C 85 -33.63 -19.37 21.24
N LYS C 86 -33.40 -19.98 22.41
CA LYS C 86 -34.48 -20.63 23.13
C LYS C 86 -35.32 -19.67 23.97
N ALA C 87 -34.99 -18.38 23.93
CA ALA C 87 -35.73 -17.41 24.73
C ALA C 87 -37.18 -17.45 24.28
N PHE C 88 -38.09 -17.18 25.21
CA PHE C 88 -39.52 -17.12 24.85
C PHE C 88 -40.21 -16.09 25.73
N SER C 89 -41.32 -15.56 25.23
CA SER C 89 -42.18 -14.67 26.00
C SER C 89 -43.22 -15.51 26.67
N ASN C 90 -43.63 -15.09 27.86
CA ASN C 90 -44.67 -15.82 28.57
C ASN C 90 -45.57 -14.87 29.33
N CYS C 91 -45.94 -13.78 28.68
CA CYS C 91 -46.75 -12.80 29.35
C CYS C 91 -47.79 -12.32 28.33
N TYR C 92 -48.33 -11.12 28.51
CA TYR C 92 -49.40 -10.64 27.63
C TYR C 92 -48.77 -10.45 26.26
N PRO C 93 -49.48 -10.86 25.20
CA PRO C 93 -48.84 -10.71 23.88
C PRO C 93 -48.69 -9.26 23.46
N TYR C 94 -47.52 -8.91 22.95
CA TYR C 94 -47.18 -7.51 22.77
C TYR C 94 -46.34 -7.31 21.53
N ASP C 95 -46.30 -6.08 21.05
CA ASP C 95 -45.31 -5.67 20.09
C ASP C 95 -44.70 -4.34 20.50
N VAL C 96 -43.54 -4.02 19.94
CA VAL C 96 -42.87 -2.75 20.23
C VAL C 96 -42.55 -2.06 18.91
N PRO C 97 -43.29 -1.00 18.56
CA PRO C 97 -42.86 -0.20 17.40
C PRO C 97 -41.42 0.25 17.61
N ASP C 98 -40.59 0.10 16.58
CA ASP C 98 -39.15 0.38 16.68
C ASP C 98 -38.56 -0.48 17.81
N TYR C 99 -38.99 -1.73 17.88
CA TYR C 99 -38.43 -2.74 18.79
C TYR C 99 -36.90 -2.73 18.75
N ALA C 100 -36.36 -2.68 17.55
CA ALA C 100 -34.92 -2.80 17.35
C ALA C 100 -34.15 -1.66 18.03
N SER C 101 -34.72 -0.47 18.02
CA SER C 101 -34.08 0.70 18.62
C SER C 101 -34.10 0.62 20.13
N LEU C 102 -35.22 0.18 20.69
CA LEU C 102 -35.34 0.02 22.14
C LEU C 102 -34.36 -1.03 22.66
N ARG C 103 -34.31 -2.16 21.95
CA ARG C 103 -33.40 -3.25 22.28
C ARG C 103 -31.98 -2.69 22.25
N SER C 104 -31.69 -1.91 21.23
CA SER C 104 -30.36 -1.33 21.08
C SER C 104 -30.04 -0.38 22.23
N LEU C 105 -30.98 0.51 22.57
CA LEU C 105 -30.68 1.56 23.55
C LEU C 105 -30.60 1.03 24.98
N VAL C 106 -31.38 0.00 25.31
CA VAL C 106 -31.25 -0.66 26.62
C VAL C 106 -29.92 -1.42 26.73
N ALA C 107 -29.58 -2.13 25.67
CA ALA C 107 -28.36 -2.93 25.63
C ALA C 107 -27.14 -2.04 25.80
N SER C 108 -27.19 -0.88 25.16
CA SER C 108 -26.11 0.09 25.16
C SER C 108 -26.00 0.74 26.53
N SER C 109 -27.15 0.96 27.16
CA SER C 109 -27.20 1.51 28.50
C SER C 109 -26.52 0.55 29.48
N GLY C 110 -26.74 -0.74 29.29
CA GLY C 110 -25.99 -1.76 29.98
C GLY C 110 -26.48 -2.10 31.38
N THR C 111 -27.69 -1.69 31.71
CA THR C 111 -28.25 -1.99 33.02
C THR C 111 -29.77 -2.04 32.95
N LEU C 112 -30.36 -2.85 33.83
CA LEU C 112 -31.79 -2.85 34.04
C LEU C 112 -32.21 -2.26 35.39
N GLU C 113 -31.33 -1.46 36.01
CA GLU C 113 -31.66 -0.82 37.29
C GLU C 113 -32.95 -0.03 37.15
N PHE C 114 -33.89 -0.31 38.04
CA PHE C 114 -35.22 0.28 37.91
C PHE C 114 -35.58 0.95 39.23
N ILE C 115 -36.21 2.11 39.12
CA ILE C 115 -36.54 2.89 40.28
C ILE C 115 -38.02 3.15 40.25
N THR C 116 -38.70 2.62 41.24
CA THR C 116 -40.13 2.80 41.36
C THR C 116 -40.39 4.24 41.77
N GLU C 117 -41.41 4.86 41.20
CA GLU C 117 -41.84 6.19 41.65
C GLU C 117 -43.29 6.13 42.14
N GLY C 118 -43.66 7.04 43.03
CA GLY C 118 -44.98 6.98 43.62
C GLY C 118 -46.03 7.69 42.79
N PHE C 119 -46.31 7.15 41.61
CA PHE C 119 -47.41 7.66 40.81
C PHE C 119 -48.71 7.52 41.57
N THR C 120 -49.60 8.50 41.41
CA THR C 120 -50.93 8.42 41.97
C THR C 120 -51.93 8.29 40.83
N TRP C 121 -52.77 7.27 40.91
CA TRP C 121 -53.72 7.00 39.85
C TRP C 121 -55.13 7.07 40.40
N THR C 122 -55.68 8.28 40.41
CA THR C 122 -56.94 8.53 41.10
C THR C 122 -58.11 8.06 40.25
N GLY C 123 -58.95 7.23 40.84
CA GLY C 123 -60.22 6.85 40.25
C GLY C 123 -60.07 5.69 39.27
N VAL C 124 -58.94 4.99 39.33
CA VAL C 124 -58.80 3.77 38.54
C VAL C 124 -58.34 2.60 39.38
N THR C 125 -58.58 1.40 38.87
CA THR C 125 -58.08 0.20 39.49
C THR C 125 -56.68 -0.09 38.97
N GLN C 126 -55.77 -0.40 39.88
CA GLN C 126 -54.38 -0.67 39.52
C GLN C 126 -54.07 -2.17 39.51
N ASN C 127 -52.88 -2.50 38.99
CA ASN C 127 -52.31 -3.84 39.12
C ASN C 127 -53.09 -4.90 38.38
N GLY C 128 -53.61 -4.55 37.21
CA GLY C 128 -54.35 -5.51 36.43
C GLY C 128 -53.47 -6.67 36.01
N GLY C 129 -54.09 -7.84 35.86
CA GLY C 129 -53.37 -9.03 35.45
C GLY C 129 -54.21 -9.88 34.54
N SER C 130 -53.62 -10.99 34.09
CA SER C 130 -54.21 -11.81 33.05
C SER C 130 -53.72 -13.23 33.26
N ASN C 131 -54.54 -14.22 32.94
CA ASN C 131 -54.08 -15.60 32.99
C ASN C 131 -53.15 -15.97 31.84
N ALA C 132 -52.93 -15.02 30.92
CA ALA C 132 -51.91 -15.17 29.89
C ALA C 132 -50.53 -14.88 30.47
N CYS C 133 -50.50 -14.27 31.65
CA CYS C 133 -49.24 -13.88 32.26
C CYS C 133 -49.23 -14.21 33.74
N LYS C 134 -49.28 -15.50 34.05
CA LYS C 134 -49.33 -15.94 35.45
C LYS C 134 -48.03 -15.68 36.17
N ARG C 135 -48.17 -15.30 37.43
CA ARG C 135 -47.06 -15.05 38.34
C ARG C 135 -47.36 -15.92 39.54
N GLY C 136 -46.63 -17.02 39.66
CA GLY C 136 -46.99 -18.06 40.60
C GLY C 136 -48.30 -18.63 40.12
N PRO C 137 -49.20 -19.02 41.05
CA PRO C 137 -50.41 -19.71 40.58
C PRO C 137 -51.51 -18.83 39.97
N GLY C 138 -51.55 -17.56 40.38
CA GLY C 138 -52.59 -16.67 39.93
C GLY C 138 -52.21 -15.83 38.73
N SER C 139 -53.20 -15.13 38.18
CA SER C 139 -52.97 -14.13 37.15
C SER C 139 -51.98 -13.08 37.65
N GLY C 140 -51.23 -12.51 36.71
CA GLY C 140 -50.25 -11.50 37.04
C GLY C 140 -49.93 -10.69 35.80
N PHE C 141 -48.82 -9.96 35.82
CA PHE C 141 -48.50 -9.06 34.72
C PHE C 141 -47.00 -8.76 34.80
N PHE C 142 -46.50 -8.09 33.76
CA PHE C 142 -45.11 -7.61 33.76
C PHE C 142 -44.86 -6.85 35.04
N SER C 143 -43.69 -7.06 35.64
CA SER C 143 -43.37 -6.47 36.93
C SER C 143 -43.16 -4.97 36.86
N ARG C 144 -42.79 -4.45 35.69
CA ARG C 144 -42.42 -3.04 35.59
C ARG C 144 -43.58 -2.17 35.08
N LEU C 145 -44.72 -2.80 34.80
CA LEU C 145 -45.85 -2.10 34.23
C LEU C 145 -47.10 -2.27 35.10
N ASN C 146 -48.05 -1.34 34.94
CA ASN C 146 -49.19 -1.24 35.82
C ASN C 146 -50.44 -1.08 34.95
N TRP C 147 -51.20 -2.16 34.84
CA TRP C 147 -52.38 -2.19 33.97
C TRP C 147 -53.55 -1.52 34.70
N LEU C 148 -53.92 -0.33 34.27
CA LEU C 148 -54.99 0.43 34.93
C LEU C 148 -56.35 0.18 34.26
N THR C 149 -57.38 -0.03 35.09
CA THR C 149 -58.75 -0.16 34.59
C THR C 149 -59.75 0.68 35.36
N LYS C 150 -61.03 0.64 34.97
CA LYS C 150 -62.07 1.44 35.62
C LYS C 150 -62.21 1.11 37.11
N SER C 151 -62.71 2.06 37.88
CA SER C 151 -63.11 1.84 39.26
C SER C 151 -64.60 2.15 39.45
N GLY C 152 -65.35 1.20 39.99
CA GLY C 152 -66.80 1.31 39.97
C GLY C 152 -67.30 1.33 38.55
N SER C 153 -68.00 2.41 38.17
CA SER C 153 -68.58 2.50 36.84
C SER C 153 -67.94 3.61 36.00
N THR C 154 -66.76 4.09 36.41
CA THR C 154 -66.11 5.19 35.70
C THR C 154 -64.60 4.99 35.58
N TYR C 155 -64.02 5.65 34.58
CA TYR C 155 -62.57 5.71 34.38
C TYR C 155 -62.30 7.17 34.06
N PRO C 156 -61.72 7.92 35.01
CA PRO C 156 -61.53 9.35 34.80
C PRO C 156 -60.42 9.68 33.83
N VAL C 157 -60.30 10.95 33.49
CA VAL C 157 -59.18 11.41 32.70
C VAL C 157 -57.99 11.40 33.64
N LEU C 158 -57.02 10.53 33.37
CA LEU C 158 -55.77 10.55 34.12
C LEU C 158 -54.89 11.67 33.62
N ASN C 159 -54.25 12.36 34.55
CA ASN C 159 -53.39 13.49 34.23
C ASN C 159 -52.38 13.59 35.34
N VAL C 160 -51.22 13.00 35.13
CA VAL C 160 -50.21 12.93 36.18
C VAL C 160 -48.86 13.38 35.67
N THR C 161 -48.06 13.89 36.59
CA THR C 161 -46.75 14.39 36.25
C THR C 161 -45.68 13.87 37.21
N MET C 162 -44.46 13.79 36.69
CA MET C 162 -43.33 13.31 37.46
C MET C 162 -42.11 14.09 37.01
N PRO C 163 -41.63 15.00 37.86
CA PRO C 163 -40.48 15.80 37.45
C PRO C 163 -39.20 14.99 37.56
N ASN C 164 -38.24 15.27 36.68
CA ASN C 164 -36.89 14.70 36.82
C ASN C 164 -36.01 15.72 37.53
N ASN C 165 -35.79 15.48 38.82
CA ASN C 165 -34.96 16.36 39.62
C ASN C 165 -33.62 15.70 39.88
N ASP C 166 -33.35 14.66 39.11
CA ASP C 166 -32.06 14.00 39.19
C ASP C 166 -31.18 14.60 38.12
N ASN C 167 -29.92 14.20 38.12
CA ASN C 167 -28.96 14.69 37.15
C ASN C 167 -28.52 13.64 36.13
N PHE C 168 -29.37 12.63 35.93
CA PHE C 168 -29.22 11.64 34.86
C PHE C 168 -30.52 11.51 34.05
N ASP C 169 -30.43 10.91 32.88
CA ASP C 169 -31.62 10.66 32.09
C ASP C 169 -32.41 9.48 32.66
N LYS C 170 -33.73 9.61 32.64
CA LYS C 170 -34.63 8.56 33.10
C LYS C 170 -35.29 7.92 31.89
N LEU C 171 -35.35 6.60 31.87
CA LEU C 171 -36.11 5.89 30.85
C LEU C 171 -37.41 5.37 31.44
N TYR C 172 -38.52 5.87 30.90
CA TYR C 172 -39.84 5.40 31.24
C TYR C 172 -40.38 4.42 30.19
N ILE C 173 -40.81 3.25 30.63
CA ILE C 173 -41.46 2.31 29.73
C ILE C 173 -42.96 2.24 30.01
N TRP C 174 -43.76 2.38 28.96
CA TRP C 174 -45.21 2.39 29.14
C TRP C 174 -45.87 1.74 27.92
N GLY C 175 -47.20 1.63 27.96
CA GLY C 175 -47.91 0.91 26.93
C GLY C 175 -49.35 1.29 26.66
N VAL C 176 -49.90 0.68 25.62
CA VAL C 176 -51.26 0.92 25.22
C VAL C 176 -51.89 -0.43 24.93
N HIS C 177 -53.06 -0.65 25.53
CA HIS C 177 -53.77 -1.89 25.34
C HIS C 177 -54.67 -1.78 24.13
N HIS C 178 -54.62 -2.77 23.26
CA HIS C 178 -55.59 -2.84 22.18
C HIS C 178 -56.55 -3.99 22.40
N PRO C 179 -57.77 -3.70 22.87
CA PRO C 179 -58.78 -4.74 23.08
C PRO C 179 -59.28 -5.31 21.77
N SER C 180 -59.74 -6.55 21.78
CA SER C 180 -60.22 -7.21 20.58
C SER C 180 -61.66 -6.87 20.22
N THR C 181 -62.45 -6.45 21.21
CA THR C 181 -63.85 -6.12 20.96
C THR C 181 -64.28 -4.85 21.67
N ASN C 182 -65.35 -4.26 21.18
CA ASN C 182 -65.95 -3.09 21.79
C ASN C 182 -66.51 -3.37 23.19
N GLN C 183 -67.04 -4.58 23.39
CA GLN C 183 -67.54 -4.99 24.70
C GLN C 183 -66.41 -4.93 25.73
N GLU C 184 -65.26 -5.44 25.34
CA GLU C 184 -64.05 -5.42 26.14
C GLU C 184 -63.56 -4.00 26.43
N GLN C 185 -63.53 -3.18 25.38
CA GLN C 185 -63.06 -1.80 25.46
C GLN C 185 -63.82 -1.05 26.54
N THR C 186 -65.14 -1.18 26.52
CA THR C 186 -66.02 -0.42 27.39
C THR C 186 -66.05 -1.03 28.78
N SER C 187 -65.89 -2.34 28.84
CA SER C 187 -65.88 -3.08 30.09
C SER C 187 -64.71 -2.64 30.95
N LEU C 188 -63.57 -2.41 30.32
CA LEU C 188 -62.34 -2.05 31.03
C LEU C 188 -62.28 -0.56 31.33
N TYR C 189 -62.68 0.24 30.36
CA TYR C 189 -62.33 1.65 30.29
C TYR C 189 -63.53 2.59 30.21
N VAL C 190 -64.74 2.02 30.12
CA VAL C 190 -65.99 2.80 30.05
C VAL C 190 -66.08 3.57 28.74
N GLN C 191 -65.09 4.41 28.45
CA GLN C 191 -65.05 5.14 27.19
C GLN C 191 -65.06 4.17 26.01
N ALA C 192 -65.75 4.56 24.94
CA ALA C 192 -65.88 3.75 23.74
C ALA C 192 -64.57 3.74 22.97
N SER C 193 -63.79 4.78 23.18
CA SER C 193 -62.48 4.90 22.58
C SER C 193 -61.57 5.56 23.61
N GLY C 194 -60.40 4.96 23.82
CA GLY C 194 -59.46 5.49 24.79
C GLY C 194 -58.43 6.37 24.08
N ARG C 195 -57.45 6.80 24.85
CA ARG C 195 -56.37 7.61 24.32
C ARG C 195 -55.25 7.64 25.35
N VAL C 196 -54.00 7.58 24.88
CA VAL C 196 -52.86 7.74 25.76
C VAL C 196 -51.93 8.80 25.22
N THR C 197 -51.62 9.80 26.04
CA THR C 197 -50.71 10.83 25.62
C THR C 197 -49.59 10.98 26.64
N VAL C 198 -48.36 10.79 26.19
CA VAL C 198 -47.21 10.97 27.06
C VAL C 198 -46.27 11.97 26.42
N SER C 199 -45.84 12.95 27.19
CA SER C 199 -45.03 14.00 26.60
C SER C 199 -43.98 14.52 27.57
N THR C 200 -42.94 15.17 27.02
CA THR C 200 -42.01 15.95 27.81
C THR C 200 -42.03 17.40 27.31
N ARG C 201 -41.07 18.19 27.76
CA ARG C 201 -41.04 19.62 27.43
C ARG C 201 -40.63 19.80 25.97
N ARG C 202 -40.04 18.76 25.40
CA ARG C 202 -39.64 18.82 24.00
C ARG C 202 -40.02 17.60 23.14
N SER C 203 -40.89 16.74 23.68
CA SER C 203 -41.39 15.58 22.95
C SER C 203 -42.85 15.28 23.30
N GLN C 204 -43.56 14.61 22.40
CA GLN C 204 -44.92 14.17 22.70
C GLN C 204 -45.32 12.99 21.83
N GLN C 205 -46.11 12.09 22.42
CA GLN C 205 -46.65 10.94 21.71
C GLN C 205 -48.12 10.76 22.09
N THR C 206 -49.02 10.73 21.12
CA THR C 206 -50.39 10.40 21.48
C THR C 206 -50.76 9.15 20.69
N ILE C 207 -51.27 8.15 21.41
CA ILE C 207 -51.64 6.89 20.78
C ILE C 207 -53.12 6.56 21.00
N ILE C 208 -53.82 6.26 19.91
CA ILE C 208 -55.21 5.84 19.99
C ILE C 208 -55.24 4.34 19.76
N PRO C 209 -55.81 3.60 20.72
CA PRO C 209 -55.89 2.15 20.59
C PRO C 209 -56.79 1.77 19.42
N ASN C 210 -56.57 0.57 18.87
CA ASN C 210 -57.35 0.06 17.76
C ASN C 210 -58.05 -1.24 18.09
N ILE C 211 -59.37 -1.23 18.12
CA ILE C 211 -60.12 -2.41 18.52
C ILE C 211 -60.20 -3.37 17.34
N GLY C 212 -60.00 -4.65 17.60
CA GLY C 212 -60.19 -5.68 16.60
C GLY C 212 -59.35 -6.90 16.94
N SER C 213 -59.59 -8.03 16.27
CA SER C 213 -58.80 -9.21 16.54
C SER C 213 -57.45 -9.21 15.84
N ARG C 214 -56.45 -9.69 16.58
CA ARG C 214 -55.16 -10.08 16.01
C ARG C 214 -55.12 -11.59 16.19
N PRO C 215 -54.08 -12.25 15.64
CA PRO C 215 -54.08 -13.70 15.85
C PRO C 215 -54.04 -14.06 17.34
N TRP C 216 -54.81 -15.07 17.69
CA TRP C 216 -54.91 -15.62 19.04
C TRP C 216 -53.49 -16.00 19.50
N VAL C 217 -53.04 -15.39 20.61
CA VAL C 217 -51.76 -15.70 21.26
C VAL C 217 -51.93 -15.88 22.77
N ARG C 218 -51.54 -17.04 23.30
CA ARG C 218 -51.73 -17.37 24.71
C ARG C 218 -53.13 -16.98 25.18
N GLY C 219 -54.14 -17.41 24.42
CA GLY C 219 -55.52 -17.22 24.82
C GLY C 219 -56.09 -15.87 24.43
N LEU C 220 -55.27 -15.01 23.83
CA LEU C 220 -55.66 -13.62 23.65
C LEU C 220 -55.56 -13.17 22.20
N SER C 221 -56.56 -12.44 21.75
CA SER C 221 -56.57 -11.85 20.42
C SER C 221 -56.15 -10.39 20.57
N SER C 222 -56.17 -9.92 21.81
CA SER C 222 -55.75 -8.57 22.15
C SER C 222 -54.22 -8.46 22.16
N ARG C 223 -53.73 -7.23 22.26
CA ARG C 223 -52.29 -6.94 22.24
C ARG C 223 -51.96 -5.75 23.14
N ILE C 224 -50.69 -5.67 23.54
CA ILE C 224 -50.17 -4.45 24.16
C ILE C 224 -49.08 -3.87 23.26
N SER C 225 -49.08 -2.56 23.01
CA SER C 225 -47.95 -1.95 22.31
C SER C 225 -47.06 -1.17 23.28
N ILE C 226 -45.75 -1.38 23.19
CA ILE C 226 -44.80 -0.76 24.11
C ILE C 226 -44.09 0.43 23.47
N TYR C 227 -44.00 1.54 24.20
CA TYR C 227 -43.33 2.74 23.74
C TYR C 227 -42.35 3.17 24.83
N TRP C 228 -41.41 4.08 24.54
CA TRP C 228 -40.49 4.48 25.60
C TRP C 228 -40.40 5.98 25.53
N THR C 229 -40.02 6.61 26.64
CA THR C 229 -39.84 8.05 26.66
C THR C 229 -38.69 8.31 27.60
N ILE C 230 -37.73 9.10 27.14
CA ILE C 230 -36.61 9.54 27.95
C ILE C 230 -36.80 10.98 28.45
N VAL C 231 -36.51 11.21 29.72
CA VAL C 231 -36.71 12.51 30.31
C VAL C 231 -35.35 12.92 30.86
N LYS C 232 -34.82 14.04 30.38
CA LYS C 232 -33.51 14.51 30.82
C LYS C 232 -33.65 15.33 32.09
N PRO C 233 -32.52 15.54 32.82
CA PRO C 233 -32.56 16.38 34.03
C PRO C 233 -33.20 17.73 33.76
N GLY C 234 -34.07 18.16 34.67
CA GLY C 234 -34.74 19.42 34.51
C GLY C 234 -35.98 19.35 33.63
N ASP C 235 -36.18 18.20 32.96
CA ASP C 235 -37.39 18.01 32.19
C ASP C 235 -38.40 17.32 33.08
N VAL C 236 -39.55 16.96 32.52
CA VAL C 236 -40.66 16.44 33.30
C VAL C 236 -41.50 15.53 32.40
N LEU C 237 -42.09 14.50 32.99
CA LEU C 237 -42.97 13.61 32.26
C LEU C 237 -44.39 14.01 32.60
N VAL C 238 -45.26 14.08 31.59
CA VAL C 238 -46.68 14.20 31.85
C VAL C 238 -47.41 13.08 31.12
N ILE C 239 -48.32 12.42 31.84
CA ILE C 239 -49.12 11.35 31.28
C ILE C 239 -50.59 11.68 31.36
N ASN C 240 -51.28 11.63 30.21
CA ASN C 240 -52.69 11.98 30.15
C ASN C 240 -53.46 10.94 29.35
N SER C 241 -54.42 10.29 30.00
CA SER C 241 -55.21 9.25 29.35
C SER C 241 -56.63 9.17 29.89
N ASN C 242 -57.58 8.86 29.01
CA ASN C 242 -58.94 8.55 29.44
C ASN C 242 -59.29 7.12 29.05
N GLY C 243 -58.28 6.26 29.00
CA GLY C 243 -58.46 4.83 28.84
C GLY C 243 -57.33 4.14 28.10
N ASN C 244 -57.15 2.84 28.34
CA ASN C 244 -56.22 1.97 27.59
C ASN C 244 -54.75 2.18 27.93
N LEU C 245 -54.47 2.99 28.94
CA LEU C 245 -53.10 3.21 29.38
C LEU C 245 -52.52 2.04 30.14
N ILE C 246 -51.35 1.56 29.68
CA ILE C 246 -50.57 0.62 30.46
C ILE C 246 -49.45 1.45 31.09
N ALA C 247 -49.61 1.73 32.37
CA ALA C 247 -48.79 2.74 33.01
C ALA C 247 -47.43 2.21 33.43
N PRO C 248 -46.41 3.10 33.45
CA PRO C 248 -45.12 2.80 34.07
C PRO C 248 -45.25 2.81 35.60
N ARG C 249 -44.35 2.08 36.27
CA ARG C 249 -44.30 2.09 37.72
C ARG C 249 -43.13 2.95 38.18
N GLY C 250 -42.35 3.43 37.22
CA GLY C 250 -41.10 4.10 37.50
C GLY C 250 -40.18 4.15 36.29
N TYR C 251 -38.89 4.33 36.50
CA TYR C 251 -38.00 4.51 35.37
C TYR C 251 -36.74 3.70 35.54
N PHE C 252 -36.11 3.42 34.41
CA PHE C 252 -34.78 2.82 34.36
C PHE C 252 -33.73 3.91 34.28
N LYS C 253 -32.66 3.75 35.05
CA LYS C 253 -31.55 4.72 35.02
C LYS C 253 -30.73 4.50 33.75
N MET C 254 -30.48 5.56 33.01
CA MET C 254 -29.73 5.42 31.76
C MET C 254 -28.26 5.74 31.91
N ARG C 255 -27.43 4.82 31.43
CA ARG C 255 -25.99 4.96 31.49
C ARG C 255 -25.50 4.99 30.06
N THR C 256 -24.29 5.49 29.87
CA THR C 256 -23.63 5.34 28.60
C THR C 256 -22.37 4.55 28.83
N GLY C 257 -21.91 3.85 27.81
CA GLY C 257 -20.71 3.05 27.95
C GLY C 257 -20.52 1.97 26.92
N LYS C 258 -19.80 0.92 27.30
CA LYS C 258 -19.32 -0.04 26.31
C LYS C 258 -20.22 -1.25 26.22
N SER C 259 -21.38 -1.17 26.84
CA SER C 259 -22.24 -2.35 26.93
C SER C 259 -22.90 -2.68 25.60
N SER C 260 -23.19 -3.94 25.38
CA SER C 260 -23.90 -4.36 24.18
C SER C 260 -24.66 -5.66 24.37
N ILE C 261 -25.15 -6.20 23.26
CA ILE C 261 -25.96 -7.42 23.25
C ILE C 261 -25.55 -8.28 22.06
N MET C 262 -25.69 -9.59 22.18
CA MET C 262 -25.31 -10.47 21.09
C MET C 262 -26.23 -11.68 21.03
N ARG C 263 -26.54 -12.14 19.82
CA ARG C 263 -27.30 -13.38 19.69
C ARG C 263 -26.34 -14.52 19.48
N SER C 264 -26.46 -15.52 20.34
CA SER C 264 -25.59 -16.69 20.29
C SER C 264 -26.17 -17.87 21.02
N ASP C 265 -25.87 -19.05 20.53
CA ASP C 265 -26.16 -20.22 21.33
C ASP C 265 -24.91 -20.84 21.93
N ALA C 266 -23.79 -20.13 21.87
CA ALA C 266 -22.57 -20.69 22.45
C ALA C 266 -22.69 -20.71 23.97
N PRO C 267 -22.26 -21.81 24.61
CA PRO C 267 -22.24 -21.91 26.07
C PRO C 267 -21.25 -20.93 26.66
N ILE C 268 -21.50 -20.44 27.87
CA ILE C 268 -20.51 -19.64 28.56
C ILE C 268 -19.53 -20.60 29.21
N ASP C 269 -18.34 -20.12 29.55
CA ASP C 269 -17.39 -20.90 30.29
C ASP C 269 -16.39 -20.01 31.05
N THR C 270 -15.55 -20.60 31.90
CA THR C 270 -14.66 -19.82 32.77
C THR C 270 -13.25 -19.76 32.19
N CYS C 271 -12.90 -18.60 31.65
CA CYS C 271 -11.68 -18.42 30.89
C CYS C 271 -11.62 -16.94 30.56
N ILE C 272 -10.54 -16.50 29.95
CA ILE C 272 -10.34 -15.08 29.74
C ILE C 272 -10.12 -14.83 28.25
N SER C 273 -10.92 -13.91 27.69
CA SER C 273 -10.72 -13.45 26.32
C SER C 273 -11.32 -12.09 26.05
N GLU C 274 -10.55 -11.19 25.43
CA GLU C 274 -11.07 -9.86 25.11
C GLU C 274 -12.07 -9.92 23.99
N CYS C 275 -11.92 -10.89 23.09
CA CYS C 275 -12.77 -10.86 21.92
C CYS C 275 -13.81 -11.98 21.93
N ILE C 276 -15.07 -11.58 21.79
CA ILE C 276 -16.21 -12.48 21.80
C ILE C 276 -17.01 -12.38 20.48
N THR C 277 -17.32 -13.54 19.89
CA THR C 277 -18.18 -13.60 18.71
C THR C 277 -19.37 -14.54 18.99
N PRO C 278 -20.43 -14.50 18.15
CA PRO C 278 -21.52 -15.44 18.41
C PRO C 278 -21.09 -16.90 18.31
N ASN C 279 -20.01 -17.18 17.57
CA ASN C 279 -19.53 -18.55 17.47
C ASN C 279 -18.80 -18.95 18.75
N GLY C 280 -18.50 -17.98 19.61
CA GLY C 280 -17.62 -18.20 20.74
C GLY C 280 -16.51 -17.17 20.82
N SER C 281 -15.76 -17.17 21.93
CA SER C 281 -14.63 -16.27 22.01
C SER C 281 -13.55 -16.67 21.02
N ILE C 282 -12.77 -15.69 20.58
CA ILE C 282 -11.59 -15.96 19.78
C ILE C 282 -10.41 -15.13 20.28
N PRO C 283 -9.19 -15.66 20.12
CA PRO C 283 -7.96 -14.90 20.37
C PRO C 283 -7.91 -13.65 19.51
N ASN C 284 -7.27 -12.62 20.02
CA ASN C 284 -7.12 -11.36 19.30
C ASN C 284 -5.68 -10.95 19.04
N ASP C 285 -4.81 -11.94 18.98
CA ASP C 285 -3.43 -11.71 18.62
C ASP C 285 -3.16 -11.39 17.15
N LYS C 286 -3.99 -11.89 16.26
CA LYS C 286 -3.86 -11.59 14.83
C LYS C 286 -4.66 -10.37 14.40
N PRO C 287 -4.20 -9.71 13.34
CA PRO C 287 -4.85 -8.48 12.92
C PRO C 287 -6.17 -8.74 12.20
N PHE C 288 -6.35 -9.93 11.65
CA PHE C 288 -7.57 -10.23 10.91
C PHE C 288 -8.19 -11.51 11.41
N GLN C 289 -9.47 -11.71 11.12
CA GLN C 289 -10.18 -12.91 11.51
C GLN C 289 -11.27 -13.22 10.50
N ASN C 290 -11.65 -14.48 10.39
CA ASN C 290 -12.69 -14.87 9.47
C ASN C 290 -13.80 -15.62 10.20
N VAL C 291 -13.93 -15.37 11.50
CA VAL C 291 -14.93 -16.10 12.27
C VAL C 291 -16.35 -15.51 12.14
N ASN C 292 -16.53 -14.21 12.37
CA ASN C 292 -17.86 -13.61 12.28
C ASN C 292 -17.77 -12.10 12.15
N LYS C 293 -18.59 -11.51 11.29
CA LYS C 293 -18.62 -10.05 11.21
C LYS C 293 -19.18 -9.45 12.50
N ILE C 294 -19.93 -10.24 13.25
CA ILE C 294 -20.43 -9.82 14.55
C ILE C 294 -19.34 -10.12 15.57
N THR C 295 -18.85 -9.08 16.25
CA THR C 295 -17.85 -9.25 17.28
C THR C 295 -18.05 -8.29 18.44
N TYR C 296 -17.43 -8.59 19.57
CA TYR C 296 -17.48 -7.73 20.75
C TYR C 296 -16.15 -7.72 21.47
N GLY C 297 -15.63 -6.53 21.72
CA GLY C 297 -14.43 -6.41 22.51
C GLY C 297 -13.25 -6.03 21.63
N ALA C 298 -12.04 -6.31 22.10
CA ALA C 298 -10.86 -6.01 21.32
C ALA C 298 -10.61 -7.11 20.31
N CYS C 299 -11.06 -6.90 19.08
CA CYS C 299 -11.19 -7.98 18.14
C CYS C 299 -10.45 -7.68 16.87
N PRO C 300 -9.88 -8.72 16.26
CA PRO C 300 -9.38 -8.54 14.91
C PRO C 300 -10.50 -8.11 13.99
N LYS C 301 -10.13 -7.48 12.89
CA LYS C 301 -11.10 -7.05 11.90
C LYS C 301 -11.52 -8.20 11.02
N TYR C 302 -12.81 -8.27 10.75
CA TYR C 302 -13.35 -9.35 9.94
C TYR C 302 -13.00 -9.16 8.49
N VAL C 303 -12.50 -10.22 7.88
CA VAL C 303 -12.23 -10.22 6.46
C VAL C 303 -12.81 -11.47 5.80
N LYS C 304 -12.89 -11.48 4.48
CA LYS C 304 -13.49 -12.59 3.78
C LYS C 304 -12.51 -13.73 3.66
N GLN C 305 -11.21 -13.42 3.62
CA GLN C 305 -10.20 -14.46 3.40
C GLN C 305 -10.15 -15.34 4.62
N ASN C 306 -9.93 -16.64 4.42
CA ASN C 306 -9.80 -17.57 5.55
C ASN C 306 -8.37 -17.85 5.99
N THR C 307 -7.42 -17.41 5.17
CA THR C 307 -6.02 -17.52 5.49
C THR C 307 -5.27 -16.42 4.74
N LEU C 308 -4.28 -15.85 5.41
CA LEU C 308 -3.37 -14.92 4.78
C LEU C 308 -2.02 -15.15 5.41
N LYS C 309 -1.04 -15.54 4.61
CA LYS C 309 0.23 -15.91 5.18
C LYS C 309 1.19 -14.73 5.03
N LEU C 310 1.76 -14.32 6.17
CA LEU C 310 2.81 -13.31 6.20
C LEU C 310 4.18 -13.96 6.21
N ALA C 311 4.99 -13.77 5.18
CA ALA C 311 6.33 -14.34 5.17
C ALA C 311 7.13 -13.88 6.39
N THR C 312 7.84 -14.81 7.02
CA THR C 312 8.73 -14.50 8.12
C THR C 312 10.10 -15.13 7.87
N GLY C 313 10.42 -15.31 6.61
CA GLY C 313 11.68 -15.90 6.23
C GLY C 313 11.97 -15.57 4.78
N MET C 314 13.16 -15.91 4.33
CA MET C 314 13.58 -15.63 2.97
C MET C 314 12.98 -16.62 2.00
N ARG C 315 13.17 -16.39 0.71
CA ARG C 315 12.81 -17.41 -0.28
C ARG C 315 13.41 -18.75 0.07
N ASN C 316 12.60 -19.78 -0.03
CA ASN C 316 13.06 -21.14 0.23
C ASN C 316 13.43 -21.84 -1.05
N VAL C 317 14.72 -22.11 -1.25
CA VAL C 317 15.15 -22.70 -2.51
C VAL C 317 15.98 -23.94 -2.14
N PRO C 318 15.28 -25.08 -1.97
CA PRO C 318 15.85 -26.32 -1.45
C PRO C 318 16.89 -26.94 -2.37
N GLU C 319 17.89 -27.58 -1.76
CA GLU C 319 18.98 -28.19 -2.49
C GLU C 319 18.51 -29.33 -3.42
N LYS C 320 19.40 -29.70 -4.35
CA LYS C 320 19.25 -30.78 -5.36
C LYS C 320 17.99 -31.68 -5.31
N GLY D 1 14.74 -12.28 -6.31
CA GLY D 1 14.67 -11.01 -5.60
C GLY D 1 15.36 -9.91 -6.37
N LEU D 2 15.24 -8.67 -5.88
CA LEU D 2 15.76 -7.51 -6.59
C LEU D 2 17.29 -7.52 -6.71
N PHE D 3 17.92 -8.19 -5.76
CA PHE D 3 19.37 -8.15 -5.64
C PHE D 3 20.03 -9.34 -6.33
N GLY D 4 19.26 -10.38 -6.60
CA GLY D 4 19.74 -11.47 -7.43
C GLY D 4 20.68 -12.40 -6.69
N ALA D 5 20.66 -12.35 -5.36
CA ALA D 5 21.52 -13.23 -4.59
C ALA D 5 20.75 -14.49 -4.23
N ILE D 6 19.72 -14.35 -3.42
CA ILE D 6 18.91 -15.50 -3.06
C ILE D 6 18.13 -15.85 -4.31
N ALA D 7 18.15 -17.13 -4.68
CA ALA D 7 17.57 -17.62 -5.93
C ALA D 7 18.19 -16.95 -7.16
N GLY D 8 19.49 -16.66 -7.08
CA GLY D 8 20.21 -15.98 -8.14
C GLY D 8 21.62 -16.52 -8.24
N PHE D 9 22.62 -15.67 -8.04
CA PHE D 9 24.01 -16.14 -8.09
C PHE D 9 24.36 -17.13 -6.98
N ILE D 10 23.63 -17.06 -5.87
CA ILE D 10 23.63 -18.15 -4.90
C ILE D 10 22.66 -19.19 -5.48
N GLU D 11 23.18 -20.34 -5.87
CA GLU D 11 22.41 -21.32 -6.64
C GLU D 11 21.28 -21.98 -5.86
N ASN D 12 21.51 -22.18 -4.58
CA ASN D 12 20.50 -22.75 -3.71
C ASN D 12 20.78 -22.44 -2.26
N GLY D 13 19.79 -22.71 -1.43
CA GLY D 13 19.95 -22.56 -0.01
C GLY D 13 20.64 -23.78 0.56
N TRP D 14 21.01 -23.66 1.81
CA TRP D 14 21.71 -24.70 2.49
C TRP D 14 20.76 -25.26 3.50
N GLU D 15 20.23 -26.45 3.26
CA GLU D 15 19.41 -27.10 4.26
C GLU D 15 20.17 -27.39 5.56
N GLY D 16 21.50 -27.50 5.45
CA GLY D 16 22.39 -27.82 6.55
C GLY D 16 22.86 -26.66 7.40
N MET D 17 22.48 -25.45 7.03
CA MET D 17 22.84 -24.30 7.82
C MET D 17 21.71 -24.07 8.84
N ILE D 18 21.79 -24.75 9.97
CA ILE D 18 20.65 -24.76 10.89
C ILE D 18 20.81 -23.86 12.12
N ASP D 19 21.92 -23.13 12.21
CA ASP D 19 22.13 -22.25 13.34
C ASP D 19 22.32 -20.79 12.95
N GLY D 20 21.81 -20.47 11.77
CA GLY D 20 21.86 -19.13 11.22
C GLY D 20 21.11 -19.08 9.91
N TRP D 21 20.88 -17.88 9.38
CA TRP D 21 20.19 -17.72 8.12
C TRP D 21 21.18 -17.58 7.00
N TYR D 22 22.31 -16.99 7.33
CA TYR D 22 23.36 -16.73 6.36
C TYR D 22 24.64 -17.22 6.99
N GLY D 23 25.61 -17.60 6.17
CA GLY D 23 26.86 -18.05 6.73
C GLY D 23 27.92 -18.42 5.71
N PHE D 24 28.92 -19.16 6.14
CA PHE D 24 30.07 -19.35 5.31
C PHE D 24 30.28 -20.81 5.24
N ARG D 25 30.67 -21.25 4.08
CA ARG D 25 31.18 -22.58 3.99
C ARG D 25 32.56 -22.49 3.38
N HIS D 26 33.48 -23.30 3.85
CA HIS D 26 34.85 -23.21 3.37
C HIS D 26 35.54 -24.54 3.11
N GLN D 27 36.56 -24.52 2.27
CA GLN D 27 37.50 -25.63 2.16
C GLN D 27 38.91 -25.07 2.17
N ASN D 28 39.78 -25.63 2.99
CA ASN D 28 41.17 -25.21 3.00
C ASN D 28 42.10 -26.37 3.32
N SER D 29 43.34 -26.08 3.66
CA SER D 29 44.29 -27.16 3.86
C SER D 29 44.00 -28.01 5.09
N GLU D 30 43.13 -27.54 5.99
CA GLU D 30 42.81 -28.30 7.19
C GLU D 30 41.47 -29.01 7.08
N GLY D 31 40.83 -28.87 5.93
CA GLY D 31 39.58 -29.55 5.66
C GLY D 31 38.53 -28.53 5.31
N THR D 32 37.30 -28.79 5.75
CA THR D 32 36.15 -27.93 5.48
C THR D 32 35.37 -27.69 6.76
N GLY D 33 34.51 -26.68 6.75
CA GLY D 33 33.67 -26.38 7.91
C GLY D 33 32.56 -25.40 7.62
N GLN D 34 31.74 -25.10 8.62
CA GLN D 34 30.63 -24.17 8.44
C GLN D 34 30.40 -23.28 9.64
N ALA D 35 30.00 -22.03 9.38
CA ALA D 35 29.62 -21.13 10.46
C ALA D 35 28.55 -20.13 10.02
N ALA D 36 27.54 -19.95 10.86
CA ALA D 36 26.56 -18.89 10.64
C ALA D 36 27.24 -17.54 10.79
N ASP D 37 26.82 -16.54 10.02
CA ASP D 37 27.21 -15.14 10.27
C ASP D 37 26.12 -14.47 11.10
N LEU D 38 26.48 -14.07 12.30
CA LEU D 38 25.48 -13.59 13.25
C LEU D 38 24.94 -12.21 12.89
N LYS D 39 25.79 -11.30 12.42
CA LYS D 39 25.32 -9.94 12.15
C LYS D 39 24.28 -9.90 11.04
N SER D 40 24.52 -10.61 9.95
CA SER D 40 23.54 -10.63 8.86
C SER D 40 22.30 -11.40 9.24
N THR D 41 22.49 -12.53 9.92
CA THR D 41 21.39 -13.34 10.41
C THR D 41 20.49 -12.50 11.29
N GLN D 42 21.13 -11.76 12.17
CA GLN D 42 20.41 -10.98 13.16
C GLN D 42 19.75 -9.80 12.46
N ALA D 43 20.37 -9.32 11.38
CA ALA D 43 19.81 -8.21 10.62
C ALA D 43 18.50 -8.55 9.97
N ALA D 44 18.44 -9.73 9.37
CA ALA D 44 17.19 -10.17 8.76
C ALA D 44 16.12 -10.40 9.81
N ILE D 45 16.51 -11.09 10.89
CA ILE D 45 15.58 -11.40 11.96
C ILE D 45 14.98 -10.15 12.61
N ASP D 46 15.81 -9.14 12.84
CA ASP D 46 15.30 -7.97 13.54
C ASP D 46 14.34 -7.21 12.66
N GLN D 47 14.64 -7.12 11.37
CA GLN D 47 13.72 -6.44 10.49
C GLN D 47 12.41 -7.17 10.37
N ILE D 48 12.47 -8.49 10.31
CA ILE D 48 11.23 -9.22 10.18
C ILE D 48 10.40 -9.18 11.45
N ASN D 49 11.06 -9.21 12.61
CA ASN D 49 10.29 -9.11 13.84
C ASN D 49 9.75 -7.72 14.07
N GLY D 50 10.51 -6.70 13.67
CA GLY D 50 10.03 -5.34 13.81
C GLY D 50 8.78 -5.23 12.97
N LYS D 51 8.91 -5.72 11.75
CA LYS D 51 7.82 -5.64 10.78
C LYS D 51 6.65 -6.45 11.33
N LEU D 52 6.92 -7.66 11.80
CA LEU D 52 5.87 -8.55 12.25
C LEU D 52 5.12 -7.88 13.39
N ASN D 53 5.87 -7.26 14.30
CA ASN D 53 5.27 -6.61 15.47
C ASN D 53 4.46 -5.40 15.10
N ARG D 54 4.85 -4.72 14.04
CA ARG D 54 4.06 -3.60 13.55
C ARG D 54 2.73 -4.11 13.03
N VAL D 55 2.76 -5.27 12.38
CA VAL D 55 1.56 -5.83 11.78
C VAL D 55 0.58 -6.38 12.80
N ILE D 56 1.08 -6.97 13.87
CA ILE D 56 0.18 -7.65 14.80
C ILE D 56 -0.14 -6.76 16.00
N GLU D 57 0.39 -5.54 15.96
CA GLU D 57 0.09 -4.53 16.97
C GLU D 57 -1.36 -4.06 16.98
N LYS D 58 -1.92 -3.88 18.18
CA LYS D 58 -3.09 -3.04 18.43
C LYS D 58 -4.27 -3.33 17.49
N THR D 59 -5.00 -4.41 17.69
CA THR D 59 -6.33 -4.47 17.09
C THR D 59 -7.17 -3.32 17.66
N ASN D 60 -8.12 -2.83 16.87
CA ASN D 60 -9.14 -1.90 17.35
C ASN D 60 -10.13 -2.54 18.32
N GLU D 61 -10.60 -1.76 19.30
CA GLU D 61 -11.63 -2.22 20.20
C GLU D 61 -12.94 -1.53 19.89
N LYS D 62 -13.96 -2.33 19.58
CA LYS D 62 -15.30 -1.82 19.31
C LYS D 62 -16.30 -2.54 20.20
N PHE D 63 -17.35 -1.81 20.54
CA PHE D 63 -18.36 -2.28 21.48
C PHE D 63 -19.72 -2.31 20.79
N HIS D 64 -20.61 -1.39 21.14
CA HIS D 64 -21.90 -1.41 20.46
C HIS D 64 -21.74 -0.87 19.04
N GLN D 65 -22.23 -1.66 18.09
CA GLN D 65 -22.12 -1.39 16.68
C GLN D 65 -23.51 -1.49 16.09
N ILE D 66 -23.61 -2.07 14.91
CA ILE D 66 -24.87 -2.32 14.25
C ILE D 66 -25.19 -3.79 14.17
N GLU D 67 -26.46 -4.09 13.97
CA GLU D 67 -26.87 -5.46 13.72
C GLU D 67 -26.32 -5.82 12.36
N LYS D 68 -25.96 -7.08 12.20
CA LYS D 68 -25.32 -7.52 10.98
C LYS D 68 -26.05 -8.74 10.45
N GLU D 69 -26.97 -9.27 11.25
CA GLU D 69 -27.88 -10.30 10.78
C GLU D 69 -29.32 -9.90 11.10
N PHE D 70 -30.24 -10.34 10.25
CA PHE D 70 -31.63 -9.89 10.34
C PHE D 70 -32.56 -11.06 10.08
N SER D 71 -33.63 -11.14 10.86
CA SER D 71 -34.56 -12.25 10.75
C SER D 71 -35.81 -11.92 9.93
N GLU D 72 -35.98 -10.66 9.57
CA GLU D 72 -37.12 -10.23 8.76
C GLU D 72 -36.64 -9.33 7.62
N VAL D 73 -37.30 -9.43 6.48
CA VAL D 73 -37.12 -8.48 5.40
C VAL D 73 -37.67 -7.13 5.86
N GLU D 74 -36.92 -6.05 5.66
CA GLU D 74 -37.38 -4.73 6.07
C GLU D 74 -37.18 -3.68 4.98
N GLY D 75 -36.32 -3.98 4.01
CA GLY D 75 -36.12 -3.03 2.94
C GLY D 75 -35.05 -2.00 3.23
N ARG D 76 -35.41 -0.75 2.98
CA ARG D 76 -34.47 0.34 2.79
C ARG D 76 -33.46 0.47 3.94
N ILE D 77 -33.91 0.43 5.20
CA ILE D 77 -32.98 0.63 6.30
C ILE D 77 -32.05 -0.57 6.46
N GLN D 78 -32.61 -1.76 6.32
CA GLN D 78 -31.78 -2.95 6.33
C GLN D 78 -30.79 -3.03 5.16
N ASP D 79 -31.23 -2.65 3.96
CA ASP D 79 -30.35 -2.63 2.79
C ASP D 79 -29.14 -1.78 3.13
N LEU D 80 -29.39 -0.62 3.71
CA LEU D 80 -28.30 0.27 4.05
C LEU D 80 -27.40 -0.35 5.13
N GLU D 81 -27.98 -0.94 6.18
CA GLU D 81 -27.14 -1.63 7.17
C GLU D 81 -26.33 -2.71 6.49
N LYS D 82 -26.93 -3.44 5.56
CA LYS D 82 -26.21 -4.54 4.93
C LYS D 82 -25.15 -4.02 3.95
N TYR D 83 -25.47 -2.94 3.25
CA TYR D 83 -24.52 -2.37 2.30
C TYR D 83 -23.30 -1.76 2.96
N VAL D 84 -23.52 -1.08 4.08
CA VAL D 84 -22.45 -0.47 4.84
C VAL D 84 -21.50 -1.52 5.34
N GLU D 85 -22.07 -2.58 5.89
CA GLU D 85 -21.28 -3.66 6.42
C GLU D 85 -20.55 -4.43 5.32
N ASP D 86 -21.26 -4.69 4.23
CA ASP D 86 -20.66 -5.42 3.13
C ASP D 86 -19.47 -4.66 2.55
N THR D 87 -19.64 -3.35 2.44
CA THR D 87 -18.62 -2.45 1.90
C THR D 87 -17.39 -2.42 2.80
N LYS D 88 -17.64 -2.32 4.10
CA LYS D 88 -16.58 -2.29 5.10
C LYS D 88 -15.74 -3.55 4.99
N ILE D 89 -16.38 -4.70 4.87
CA ILE D 89 -15.64 -5.95 4.87
C ILE D 89 -14.76 -6.03 3.62
N ASP D 90 -15.28 -5.60 2.48
CA ASP D 90 -14.51 -5.69 1.24
C ASP D 90 -13.31 -4.75 1.30
N LEU D 91 -13.51 -3.58 1.90
CA LEU D 91 -12.40 -2.66 2.10
C LEU D 91 -11.31 -3.21 3.00
N TRP D 92 -11.71 -3.79 4.12
CA TRP D 92 -10.73 -4.39 5.01
C TRP D 92 -10.05 -5.57 4.37
N SER D 93 -10.81 -6.31 3.59
CA SER D 93 -10.28 -7.48 2.92
C SER D 93 -9.25 -7.09 1.90
N TYR D 94 -9.52 -6.00 1.19
CA TYR D 94 -8.54 -5.49 0.25
C TYR D 94 -7.30 -5.06 1.00
N ASN D 95 -7.49 -4.36 2.12
CA ASN D 95 -6.38 -3.88 2.91
C ASN D 95 -5.56 -5.06 3.39
N ALA D 96 -6.24 -6.12 3.77
CA ALA D 96 -5.54 -7.27 4.30
C ALA D 96 -4.70 -7.89 3.21
N GLU D 97 -5.30 -8.07 2.04
CA GLU D 97 -4.62 -8.65 0.88
C GLU D 97 -3.40 -7.84 0.48
N LEU D 98 -3.60 -6.52 0.42
CA LEU D 98 -2.58 -5.59 0.00
C LEU D 98 -1.48 -5.55 1.01
N LEU D 99 -1.86 -5.61 2.27
CA LEU D 99 -0.89 -5.52 3.32
C LEU D 99 0.08 -6.68 3.17
N VAL D 100 -0.41 -7.90 3.02
CA VAL D 100 0.51 -9.02 2.91
C VAL D 100 1.31 -9.10 1.61
N ALA D 101 0.73 -8.73 0.47
CA ALA D 101 1.50 -8.70 -0.76
C ALA D 101 2.70 -7.78 -0.67
N LEU D 102 2.49 -6.58 -0.15
CA LEU D 102 3.59 -5.63 -0.05
C LEU D 102 4.57 -6.13 0.98
N GLU D 103 4.06 -6.58 2.13
CA GLU D 103 4.94 -7.06 3.18
C GLU D 103 5.77 -8.22 2.69
N ASN D 104 5.17 -9.17 2.01
CA ASN D 104 5.90 -10.36 1.62
C ASN D 104 6.94 -10.05 0.54
N GLN D 105 6.58 -9.19 -0.40
CA GLN D 105 7.54 -8.75 -1.40
C GLN D 105 8.71 -8.11 -0.67
N HIS D 106 8.37 -7.26 0.30
CA HIS D 106 9.40 -6.56 1.04
C HIS D 106 10.22 -7.48 1.92
N THR D 107 9.59 -8.51 2.48
CA THR D 107 10.34 -9.45 3.30
C THR D 107 11.35 -10.21 2.45
N ILE D 108 10.92 -10.61 1.25
CA ILE D 108 11.79 -11.29 0.30
C ILE D 108 12.96 -10.48 -0.24
N ASP D 109 12.70 -9.24 -0.60
CA ASP D 109 13.73 -8.36 -1.14
C ASP D 109 14.75 -7.97 -0.08
N LEU D 110 14.33 -7.84 1.17
CA LEU D 110 15.25 -7.42 2.23
C LEU D 110 16.17 -8.57 2.63
N THR D 111 15.67 -9.79 2.57
CA THR D 111 16.49 -10.97 2.83
C THR D 111 17.50 -11.25 1.73
N ASP D 112 17.08 -11.06 0.49
CA ASP D 112 17.98 -11.13 -0.64
C ASP D 112 19.09 -10.11 -0.49
N SER D 113 18.72 -8.89 -0.11
CA SER D 113 19.68 -7.83 0.14
C SER D 113 20.70 -8.22 1.20
N GLU D 114 20.23 -8.78 2.31
CA GLU D 114 21.15 -9.15 3.38
C GLU D 114 22.15 -10.16 2.87
N MET D 115 21.71 -11.08 2.03
CA MET D 115 22.62 -12.01 1.40
C MET D 115 23.66 -11.26 0.58
N ASN D 116 23.19 -10.33 -0.24
CA ASN D 116 24.07 -9.58 -1.11
C ASN D 116 25.03 -8.71 -0.32
N LYS D 117 24.54 -8.14 0.79
CA LYS D 117 25.35 -7.26 1.63
C LYS D 117 26.45 -8.03 2.32
N LEU D 118 26.14 -9.23 2.79
CA LEU D 118 27.16 -10.08 3.41
C LEU D 118 28.24 -10.44 2.38
N PHE D 119 27.80 -10.81 1.18
CA PHE D 119 28.71 -11.12 0.09
C PHE D 119 29.63 -9.94 -0.25
N GLU D 120 29.08 -8.75 -0.36
CA GLU D 120 29.88 -7.57 -0.72
C GLU D 120 30.88 -7.27 0.37
N LYS D 121 30.47 -7.49 1.62
CA LYS D 121 31.35 -7.19 2.74
C LYS D 121 32.52 -8.13 2.69
N THR D 122 32.25 -9.40 2.37
CA THR D 122 33.29 -10.41 2.28
C THR D 122 34.27 -10.04 1.18
N GLY D 123 33.75 -9.66 0.01
CA GLY D 123 34.58 -9.18 -1.08
C GLY D 123 35.52 -8.04 -0.70
N ARG D 124 34.98 -7.06 0.02
CA ARG D 124 35.75 -5.89 0.42
C ARG D 124 36.87 -6.17 1.40
N GLN D 125 36.64 -7.11 2.31
CA GLN D 125 37.70 -7.51 3.22
C GLN D 125 38.81 -8.13 2.42
N LEU D 126 38.44 -8.95 1.45
CA LEU D 126 39.42 -9.73 0.71
C LEU D 126 40.26 -8.89 -0.23
N ARG D 127 39.77 -7.71 -0.60
CA ARG D 127 40.55 -6.80 -1.43
C ARG D 127 41.03 -7.55 -2.67
N GLU D 128 42.35 -7.54 -2.88
CA GLU D 128 42.95 -8.17 -4.05
C GLU D 128 43.42 -9.61 -3.78
N ASN D 129 42.99 -10.20 -2.67
CA ASN D 129 43.51 -11.51 -2.29
C ASN D 129 42.64 -12.67 -2.72
N ALA D 130 41.51 -12.36 -3.34
CA ALA D 130 40.55 -13.39 -3.75
C ALA D 130 39.85 -12.97 -5.03
N GLU D 131 39.19 -13.92 -5.69
CA GLU D 131 38.33 -13.52 -6.80
C GLU D 131 36.96 -14.17 -6.60
N ASP D 132 35.92 -13.43 -6.98
CA ASP D 132 34.55 -13.90 -6.95
C ASP D 132 34.36 -14.92 -8.06
N MET D 133 34.04 -16.16 -7.70
CA MET D 133 33.86 -17.19 -8.71
C MET D 133 32.48 -17.12 -9.35
N GLY D 134 31.63 -16.24 -8.82
CA GLY D 134 30.34 -16.00 -9.46
C GLY D 134 29.18 -16.84 -8.96
N ASN D 135 29.45 -17.71 -7.99
CA ASN D 135 28.42 -18.59 -7.46
C ASN D 135 28.30 -18.43 -5.96
N GLY D 136 28.70 -17.26 -5.50
CA GLY D 136 28.68 -16.90 -4.10
C GLY D 136 29.90 -17.42 -3.39
N CYS D 137 30.87 -17.89 -4.15
CA CYS D 137 32.08 -18.40 -3.55
C CYS D 137 33.28 -17.55 -3.92
N PHE D 138 34.21 -17.40 -2.99
CA PHE D 138 35.48 -16.77 -3.30
C PHE D 138 36.58 -17.81 -3.36
N LYS D 139 37.37 -17.78 -4.43
CA LYS D 139 38.63 -18.49 -4.48
C LYS D 139 39.68 -17.59 -3.84
N ILE D 140 40.27 -18.04 -2.74
CA ILE D 140 41.26 -17.27 -2.01
C ILE D 140 42.64 -17.75 -2.41
N TYR D 141 43.47 -16.82 -2.88
CA TYR D 141 44.70 -17.18 -3.57
C TYR D 141 45.91 -17.19 -2.64
N HIS D 142 45.71 -17.67 -1.42
CA HIS D 142 46.83 -17.83 -0.49
C HIS D 142 46.53 -18.92 0.53
N LYS D 143 47.57 -19.46 1.16
CA LYS D 143 47.35 -20.40 2.25
C LYS D 143 46.53 -19.71 3.33
N CYS D 144 45.44 -20.34 3.75
CA CYS D 144 44.50 -19.69 4.64
C CYS D 144 43.91 -20.72 5.61
N ASP D 145 44.56 -20.92 6.74
CA ASP D 145 44.13 -21.94 7.69
C ASP D 145 42.87 -21.53 8.46
N ASN D 146 42.45 -22.37 9.41
CA ASN D 146 41.17 -22.18 10.09
C ASN D 146 41.12 -20.85 10.82
N ALA D 147 42.25 -20.45 11.40
CA ALA D 147 42.31 -19.18 12.09
C ALA D 147 42.21 -18.02 11.10
N CYS D 148 42.76 -18.21 9.90
CA CYS D 148 42.64 -17.23 8.83
C CYS D 148 41.21 -17.05 8.32
N ILE D 149 40.53 -18.17 8.06
CA ILE D 149 39.13 -18.16 7.69
C ILE D 149 38.29 -17.47 8.76
N GLU D 150 38.58 -17.81 10.00
CA GLU D 150 37.85 -17.26 11.12
C GLU D 150 38.15 -15.77 11.19
N SER D 151 39.37 -15.38 10.81
CA SER D 151 39.74 -13.98 10.76
C SER D 151 38.88 -13.25 9.73
N ILE D 152 38.55 -13.93 8.63
CA ILE D 152 37.61 -13.36 7.68
C ILE D 152 36.21 -13.26 8.29
N ARG D 153 35.76 -14.36 8.90
CA ARG D 153 34.42 -14.43 9.49
C ARG D 153 34.18 -13.44 10.62
N ASN D 154 35.20 -13.14 11.41
CA ASN D 154 34.98 -12.23 12.55
C ASN D 154 35.41 -10.81 12.23
N GLY D 155 35.85 -10.59 10.99
CA GLY D 155 36.04 -9.24 10.48
C GLY D 155 37.38 -8.60 10.81
N THR D 156 38.38 -9.43 11.10
CA THR D 156 39.68 -8.91 11.48
C THR D 156 40.75 -9.33 10.49
N TYR D 157 40.32 -9.93 9.38
CA TYR D 157 41.25 -10.35 8.34
C TYR D 157 42.11 -9.18 7.91
N ASP D 158 43.42 -9.40 7.85
CA ASP D 158 44.38 -8.36 7.49
C ASP D 158 44.91 -8.65 6.10
N HIS D 159 44.33 -8.01 5.10
CA HIS D 159 44.63 -8.35 3.72
C HIS D 159 46.11 -8.15 3.38
N ASP D 160 46.76 -7.19 4.05
CA ASP D 160 48.15 -6.89 3.72
C ASP D 160 49.09 -8.03 4.02
N VAL D 161 48.73 -8.81 5.03
CA VAL D 161 49.54 -9.94 5.46
C VAL D 161 49.67 -10.95 4.33
N TYR D 162 48.61 -11.08 3.54
CA TYR D 162 48.53 -12.16 2.57
C TYR D 162 48.70 -11.66 1.15
N ARG D 163 48.79 -10.35 0.98
CA ARG D 163 48.68 -9.73 -0.34
C ARG D 163 49.76 -10.17 -1.32
N ASP D 164 50.99 -10.21 -0.82
CA ASP D 164 52.10 -10.59 -1.65
C ASP D 164 51.91 -12.01 -2.15
N GLU D 165 51.59 -12.90 -1.22
CA GLU D 165 51.37 -14.29 -1.55
C GLU D 165 50.26 -14.45 -2.57
N ALA D 166 49.16 -13.74 -2.35
CA ALA D 166 47.98 -13.88 -3.19
C ALA D 166 48.17 -13.38 -4.61
N LEU D 167 48.77 -12.21 -4.76
CA LEU D 167 48.98 -11.64 -6.08
C LEU D 167 49.89 -12.49 -6.96
N ASN D 168 50.95 -13.06 -6.37
CA ASN D 168 51.86 -13.94 -7.09
C ASN D 168 51.10 -15.16 -7.63
N ASN D 169 50.23 -15.72 -6.78
CA ASN D 169 49.39 -16.87 -7.14
C ASN D 169 48.31 -16.50 -8.17
N ARG D 170 47.80 -15.28 -8.14
CA ARG D 170 46.72 -14.89 -9.04
C ARG D 170 47.29 -14.68 -10.44
N PHE D 171 48.47 -14.06 -10.48
CA PHE D 171 48.96 -13.44 -11.71
C PHE D 171 50.22 -14.13 -12.25
N PRO E 3 53.14 7.83 -1.91
CA PRO E 3 53.06 8.19 -3.33
C PRO E 3 51.65 8.13 -3.92
N GLY E 4 50.62 8.47 -3.15
CA GLY E 4 49.25 8.44 -3.68
C GLY E 4 48.22 9.27 -2.92
N ALA E 5 46.95 8.85 -2.94
CA ALA E 5 45.88 9.63 -2.29
C ALA E 5 44.70 8.78 -1.79
N THR E 6 43.81 9.40 -1.03
CA THR E 6 42.59 8.75 -0.55
C THR E 6 41.36 9.61 -0.83
N LEU E 7 40.28 8.96 -1.25
CA LEU E 7 39.02 9.64 -1.55
C LEU E 7 37.83 8.96 -0.89
N CYS E 8 37.17 9.64 0.05
CA CYS E 8 36.06 9.03 0.78
C CYS E 8 34.73 9.56 0.33
N LEU E 9 33.78 8.65 0.20
CA LEU E 9 32.40 8.99 -0.08
C LEU E 9 31.59 8.97 1.21
N GLY E 10 30.62 9.86 1.33
CA GLY E 10 29.79 9.90 2.52
C GLY E 10 28.49 10.62 2.29
N HIS E 11 27.73 10.78 3.36
CA HIS E 11 26.44 11.44 3.29
C HIS E 11 26.33 12.27 4.56
N HIS E 12 25.46 13.26 4.59
CA HIS E 12 25.38 14.10 5.78
C HIS E 12 24.62 13.43 6.92
N ALA E 13 24.70 14.08 8.06
CA ALA E 13 23.96 13.71 9.22
C ALA E 13 23.82 14.97 10.05
N VAL E 14 22.95 14.92 11.03
CA VAL E 14 22.78 16.04 11.93
C VAL E 14 22.85 15.59 13.38
N PRO E 15 23.14 16.53 14.28
CA PRO E 15 23.32 16.11 15.68
C PRO E 15 22.08 15.46 16.26
N ASN E 16 20.91 15.96 15.91
CA ASN E 16 19.69 15.24 16.21
C ASN E 16 18.61 15.44 15.16
N GLY E 17 18.05 14.32 14.70
CA GLY E 17 17.06 14.36 13.65
C GLY E 17 15.66 14.19 14.21
N THR E 18 14.87 13.38 13.52
CA THR E 18 13.49 13.17 13.91
C THR E 18 13.07 11.73 13.67
N LEU E 19 12.25 11.20 14.57
CA LEU E 19 11.88 9.79 14.55
C LEU E 19 10.67 9.65 13.63
N VAL E 20 10.72 8.67 12.76
CA VAL E 20 9.58 8.36 11.91
C VAL E 20 9.29 6.87 11.96
N LYS E 21 8.13 6.47 11.42
CA LYS E 21 7.75 5.07 11.40
C LYS E 21 7.94 4.50 10.01
N THR E 22 8.31 3.23 9.94
CA THR E 22 8.46 2.57 8.65
C THR E 22 7.70 1.25 8.64
N ILE E 23 7.92 0.44 7.59
CA ILE E 23 7.32 -0.89 7.56
C ILE E 23 7.94 -1.74 8.65
N THR E 24 9.23 -1.55 8.86
CA THR E 24 10.00 -2.41 9.75
C THR E 24 10.11 -1.78 11.15
N ASP E 25 10.24 -0.46 11.21
CA ASP E 25 10.63 0.16 12.47
C ASP E 25 9.54 1.11 12.96
N ASP E 26 9.19 0.98 14.23
CA ASP E 26 8.25 1.89 14.87
C ASP E 26 8.85 3.29 15.02
N GLN E 27 10.16 3.34 15.24
CA GLN E 27 10.87 4.60 15.45
C GLN E 27 12.29 4.47 14.90
N ILE E 28 12.62 5.31 13.93
CA ILE E 28 13.96 5.34 13.36
C ILE E 28 14.34 6.79 13.03
N GLU E 29 15.60 7.17 13.26
CA GLU E 29 15.97 8.57 13.13
C GLU E 29 16.38 8.87 11.70
N VAL E 30 15.74 9.87 11.11
CA VAL E 30 16.11 10.40 9.80
C VAL E 30 16.55 11.87 9.94
N THR E 31 17.12 12.45 8.90
CA THR E 31 17.67 13.80 8.97
C THR E 31 16.60 14.86 9.06
N ASN E 32 15.42 14.53 8.57
CA ASN E 32 14.34 15.48 8.46
C ASN E 32 13.04 14.76 8.26
N ALA E 33 11.95 15.37 8.69
CA ALA E 33 10.64 14.81 8.43
C ALA E 33 9.65 15.97 8.45
N THR E 34 8.43 15.71 8.02
CA THR E 34 7.41 16.75 8.04
C THR E 34 6.08 16.22 8.55
N GLU E 35 5.29 17.07 9.20
CA GLU E 35 4.08 16.61 9.87
C GLU E 35 2.99 16.49 8.82
N LEU E 36 2.26 15.36 8.82
CA LEU E 36 1.19 15.20 7.84
C LEU E 36 -0.18 15.34 8.45
N VAL E 37 -0.22 15.50 9.76
CA VAL E 37 -1.50 15.66 10.44
C VAL E 37 -1.66 17.09 10.95
N GLN E 38 -2.68 17.79 10.45
CA GLN E 38 -2.97 19.10 11.00
C GLN E 38 -3.64 18.86 12.33
N SER E 39 -2.99 19.33 13.38
CA SER E 39 -3.42 19.06 14.75
C SER E 39 -3.76 20.32 15.55
N SER E 40 -3.63 21.48 14.93
CA SER E 40 -3.95 22.74 15.60
C SER E 40 -4.94 23.58 14.79
N SER E 41 -5.66 24.48 15.48
CA SER E 41 -6.53 25.46 14.84
C SER E 41 -6.33 26.84 15.48
N THR E 42 -6.58 27.91 14.73
CA THR E 42 -6.61 29.25 15.34
C THR E 42 -7.72 29.43 16.38
N GLY E 43 -8.80 28.67 16.21
CA GLY E 43 -9.95 28.75 17.09
C GLY E 43 -11.00 29.71 16.57
N LYS E 44 -10.79 30.24 15.38
CA LYS E 44 -11.74 31.18 14.75
C LYS E 44 -12.14 30.73 13.36
N ILE E 45 -13.42 30.94 13.05
CA ILE E 45 -13.93 30.70 11.71
C ILE E 45 -13.69 31.92 10.83
N CYS E 46 -12.98 31.69 9.72
CA CYS E 46 -12.69 32.71 8.74
C CYS E 46 -13.90 33.05 7.88
N ASN E 47 -14.12 34.34 7.70
CA ASN E 47 -15.28 34.81 6.96
C ASN E 47 -15.09 34.81 5.45
N ASN E 48 -13.93 34.36 5.01
CA ASN E 48 -13.68 34.16 3.59
C ASN E 48 -13.01 32.80 3.35
N PRO E 49 -13.25 32.21 2.18
CA PRO E 49 -14.02 32.78 1.06
C PRO E 49 -15.50 32.48 1.17
N HIS E 50 -15.87 31.67 2.15
CA HIS E 50 -17.23 31.20 2.28
C HIS E 50 -18.11 32.22 2.99
N ARG E 51 -19.38 32.27 2.59
CA ARG E 51 -20.34 33.14 3.26
C ARG E 51 -20.81 32.47 4.55
N ILE E 52 -20.43 33.07 5.66
CA ILE E 52 -20.73 32.54 6.97
C ILE E 52 -21.91 33.29 7.51
N LEU E 53 -22.91 32.60 8.04
CA LEU E 53 -23.99 33.31 8.68
C LEU E 53 -24.03 32.90 10.15
N ASP E 54 -23.76 33.83 11.05
CA ASP E 54 -23.80 33.50 12.46
C ASP E 54 -25.26 33.57 12.89
N GLY E 55 -25.81 32.45 13.36
CA GLY E 55 -27.21 32.36 13.72
C GLY E 55 -27.51 33.06 15.03
N ILE E 56 -26.45 33.28 15.79
CA ILE E 56 -26.53 33.93 17.10
C ILE E 56 -27.59 33.32 18.03
N ASP E 57 -28.62 34.09 18.33
CA ASP E 57 -29.66 33.65 19.25
C ASP E 57 -30.71 32.80 18.57
N CYS E 58 -30.48 32.50 17.28
CA CYS E 58 -31.49 31.82 16.49
C CYS E 58 -30.95 30.50 15.95
N THR E 59 -31.78 29.47 15.99
CA THR E 59 -31.52 28.27 15.22
C THR E 59 -31.96 28.57 13.81
N LEU E 60 -31.50 27.77 12.86
CA LEU E 60 -31.91 27.96 11.49
C LEU E 60 -33.42 27.73 11.36
N ILE E 61 -33.93 26.75 12.09
CA ILE E 61 -35.36 26.44 12.09
C ILE E 61 -36.19 27.59 12.67
N ASP E 62 -35.71 28.21 13.74
CA ASP E 62 -36.39 29.39 14.30
C ASP E 62 -36.42 30.55 13.32
N ALA E 63 -35.35 30.68 12.56
CA ALA E 63 -35.27 31.69 11.51
C ALA E 63 -36.23 31.37 10.38
N LEU E 64 -36.27 30.09 10.01
CA LEU E 64 -37.15 29.60 8.96
C LEU E 64 -38.61 29.91 9.28
N LEU E 65 -39.06 29.50 10.46
CA LEU E 65 -40.45 29.66 10.87
C LEU E 65 -40.76 31.12 11.10
N GLY E 66 -39.76 31.86 11.56
CA GLY E 66 -39.93 33.29 11.80
C GLY E 66 -40.25 33.62 13.25
N ASP E 67 -39.66 32.90 14.20
CA ASP E 67 -39.62 33.32 15.61
C ASP E 67 -39.17 34.79 15.60
N PRO E 68 -39.93 35.68 16.26
CA PRO E 68 -39.74 37.13 16.19
C PRO E 68 -38.32 37.62 16.46
N HIS E 69 -37.62 37.07 17.45
CA HIS E 69 -36.28 37.55 17.76
C HIS E 69 -35.24 37.15 16.72
N CYS E 70 -35.68 36.30 15.80
CA CYS E 70 -34.94 35.84 14.63
C CYS E 70 -35.38 36.50 13.34
N ASP E 71 -36.33 37.42 13.43
CA ASP E 71 -36.90 37.99 12.22
C ASP E 71 -35.92 38.86 11.41
N VAL E 72 -34.80 39.25 12.02
CA VAL E 72 -33.66 39.87 11.34
C VAL E 72 -33.08 39.09 10.14
N PHE E 73 -33.19 37.77 10.21
CA PHE E 73 -32.64 36.83 9.22
C PHE E 73 -33.51 36.55 8.01
N GLN E 74 -34.62 37.26 7.89
CA GLN E 74 -35.53 37.10 6.77
C GLN E 74 -34.82 37.26 5.43
N ASN E 75 -35.06 36.29 4.53
CA ASN E 75 -34.51 36.29 3.17
C ASN E 75 -33.00 36.12 3.07
N GLU E 76 -32.38 35.66 4.15
CA GLU E 76 -30.93 35.52 4.19
C GLU E 76 -30.41 34.30 3.45
N THR E 77 -29.11 34.34 3.15
CA THR E 77 -28.40 33.25 2.49
C THR E 77 -27.08 32.93 3.17
N TRP E 78 -26.54 31.75 2.87
CA TRP E 78 -25.30 31.33 3.50
C TRP E 78 -24.65 30.21 2.69
N ASP E 79 -23.32 30.10 2.81
CA ASP E 79 -22.63 28.87 2.47
C ASP E 79 -22.60 27.96 3.70
N LEU E 80 -22.27 28.57 4.83
CA LEU E 80 -22.28 27.86 6.11
C LEU E 80 -23.08 28.63 7.15
N PHE E 81 -24.15 28.01 7.64
CA PHE E 81 -24.92 28.59 8.72
C PHE E 81 -24.33 28.08 10.03
N VAL E 82 -24.07 28.99 10.95
CA VAL E 82 -23.49 28.62 12.23
C VAL E 82 -24.47 28.76 13.39
N GLU E 83 -24.86 27.62 13.97
CA GLU E 83 -25.76 27.64 15.11
C GLU E 83 -24.96 27.72 16.40
N ARG E 84 -25.37 28.62 17.28
CA ARG E 84 -24.67 28.84 18.53
C ARG E 84 -25.40 28.08 19.61
N SER E 85 -24.64 27.60 20.59
CA SER E 85 -25.23 26.85 21.69
C SER E 85 -26.16 27.74 22.52
N LYS E 86 -25.97 29.06 22.44
CA LYS E 86 -26.81 29.98 23.20
C LYS E 86 -28.16 30.31 22.54
N ALA E 87 -28.44 29.73 21.38
CA ALA E 87 -29.68 30.00 20.67
C ALA E 87 -30.86 29.59 21.53
N PHE E 88 -31.99 30.27 21.37
CA PHE E 88 -33.17 29.87 22.14
C PHE E 88 -34.44 30.13 21.33
N SER E 89 -35.49 29.38 21.65
CA SER E 89 -36.79 29.62 21.07
C SER E 89 -37.56 30.55 22.00
N ASN E 90 -38.39 31.39 21.39
CA ASN E 90 -39.22 32.31 22.15
C ASN E 90 -40.58 32.52 21.52
N CYS E 91 -41.18 31.43 21.08
CA CYS E 91 -42.46 31.54 20.41
C CYS E 91 -43.35 30.40 20.91
N TYR E 92 -44.35 29.98 20.11
CA TYR E 92 -45.29 28.97 20.59
C TYR E 92 -44.50 27.68 20.75
N PRO E 93 -44.73 26.94 21.86
CA PRO E 93 -43.92 25.72 21.95
C PRO E 93 -44.35 24.70 20.92
N TYR E 94 -43.37 24.11 20.25
CA TYR E 94 -43.62 23.33 19.06
C TYR E 94 -42.67 22.15 18.97
N ASP E 95 -43.04 21.16 18.16
CA ASP E 95 -42.06 20.15 17.72
C ASP E 95 -42.19 19.92 16.21
N VAL E 96 -41.14 19.34 15.65
CA VAL E 96 -41.10 19.04 14.22
C VAL E 96 -40.76 17.58 14.08
N PRO E 97 -41.75 16.75 13.72
CA PRO E 97 -41.42 15.37 13.39
C PRO E 97 -40.35 15.33 12.28
N ASP E 98 -39.34 14.49 12.48
CA ASP E 98 -38.20 14.46 11.57
C ASP E 98 -37.53 15.83 11.45
N TYR E 99 -37.41 16.51 12.59
CA TYR E 99 -36.68 17.76 12.72
C TYR E 99 -35.32 17.76 12.03
N ALA E 100 -34.56 16.68 12.20
CA ALA E 100 -33.20 16.64 11.70
C ALA E 100 -33.16 16.77 10.18
N SER E 101 -34.13 16.17 9.50
CA SER E 101 -34.17 16.21 8.04
C SER E 101 -34.55 17.60 7.55
N LEU E 102 -35.51 18.22 8.22
CA LEU E 102 -35.95 19.57 7.86
C LEU E 102 -34.83 20.56 8.04
N ARG E 103 -34.14 20.46 9.17
CA ARG E 103 -33.02 21.33 9.40
C ARG E 103 -32.03 21.12 8.27
N SER E 104 -31.80 19.86 7.95
CA SER E 104 -30.86 19.48 6.90
C SER E 104 -31.25 20.00 5.50
N LEU E 105 -32.50 19.82 5.08
CA LEU E 105 -32.86 20.16 3.69
C LEU E 105 -32.92 21.67 3.51
N VAL E 106 -33.32 22.39 4.57
CA VAL E 106 -33.28 23.85 4.55
C VAL E 106 -31.83 24.35 4.57
N ALA E 107 -31.01 23.73 5.39
CA ALA E 107 -29.61 24.14 5.52
C ALA E 107 -28.90 23.95 4.19
N SER E 108 -29.24 22.84 3.56
CA SER E 108 -28.67 22.42 2.29
C SER E 108 -29.17 23.32 1.18
N SER E 109 -30.42 23.75 1.31
CA SER E 109 -31.00 24.69 0.36
C SER E 109 -30.24 26.01 0.37
N GLY E 110 -29.84 26.47 1.55
CA GLY E 110 -28.91 27.58 1.63
C GLY E 110 -29.48 28.99 1.51
N THR E 111 -30.80 29.15 1.65
CA THR E 111 -31.44 30.46 1.59
C THR E 111 -32.72 30.39 2.42
N LEU E 112 -33.10 31.53 2.99
CA LEU E 112 -34.39 31.65 3.63
C LEU E 112 -35.29 32.53 2.78
N GLU E 113 -34.93 32.67 1.52
CA GLU E 113 -35.77 33.48 0.64
C GLU E 113 -37.22 32.96 0.63
N PHE E 114 -38.16 33.85 0.90
CA PHE E 114 -39.54 33.43 1.06
C PHE E 114 -40.47 34.24 0.17
N ILE E 115 -41.46 33.57 -0.39
CA ILE E 115 -42.37 34.24 -1.30
C ILE E 115 -43.78 34.02 -0.81
N THR E 116 -44.41 35.12 -0.43
CA THR E 116 -45.77 35.08 0.05
C THR E 116 -46.67 34.81 -1.15
N GLU E 117 -47.69 33.98 -0.95
CA GLU E 117 -48.71 33.75 -1.96
C GLU E 117 -50.07 34.16 -1.41
N GLY E 118 -50.99 34.53 -2.28
CA GLY E 118 -52.27 35.05 -1.85
C GLY E 118 -53.26 33.94 -1.58
N PHE E 119 -52.98 33.14 -0.55
CA PHE E 119 -53.93 32.15 -0.10
C PHE E 119 -55.23 32.84 0.34
N THR E 120 -56.35 32.20 0.06
CA THR E 120 -57.66 32.65 0.53
C THR E 120 -58.21 31.67 1.55
N TRP E 121 -58.57 32.18 2.73
CA TRP E 121 -59.05 31.32 3.80
C TRP E 121 -60.47 31.73 4.14
N THR E 122 -61.43 31.15 3.42
CA THR E 122 -62.81 31.60 3.49
C THR E 122 -63.53 31.06 4.71
N GLY E 123 -64.10 31.97 5.47
CA GLY E 123 -65.00 31.65 6.56
C GLY E 123 -64.22 31.38 7.84
N VAL E 124 -62.95 31.79 7.86
CA VAL E 124 -62.15 31.73 9.08
C VAL E 124 -61.46 33.04 9.40
N THR E 125 -61.07 33.19 10.67
CA THR E 125 -60.27 34.31 11.13
C THR E 125 -58.79 33.97 10.97
N GLN E 126 -58.02 34.91 10.42
CA GLN E 126 -56.58 34.74 10.17
C GLN E 126 -55.70 35.42 11.22
N ASN E 127 -54.39 35.14 11.14
CA ASN E 127 -53.35 35.87 11.88
C ASN E 127 -53.41 35.69 13.39
N GLY E 128 -53.73 34.48 13.82
CA GLY E 128 -53.78 34.20 15.24
C GLY E 128 -52.42 34.39 15.89
N GLY E 129 -52.45 34.77 17.16
CA GLY E 129 -51.25 34.98 17.93
C GLY E 129 -51.41 34.52 19.36
N SER E 130 -50.35 34.67 20.13
CA SER E 130 -50.28 34.10 21.46
C SER E 130 -49.36 34.96 22.30
N ASN E 131 -49.66 35.05 23.59
CA ASN E 131 -48.78 35.75 24.51
C ASN E 131 -47.51 34.95 24.84
N ALA E 132 -47.43 33.74 24.31
CA ALA E 132 -46.20 32.96 24.37
C ALA E 132 -45.18 33.40 23.32
N CYS E 133 -45.64 34.18 22.33
CA CYS E 133 -44.74 34.56 21.24
C CYS E 133 -44.89 36.03 20.88
N LYS E 134 -44.53 36.88 21.83
CA LYS E 134 -44.66 38.31 21.65
C LYS E 134 -43.70 38.87 20.62
N ARG E 135 -44.19 39.83 19.87
CA ARG E 135 -43.43 40.56 18.88
C ARG E 135 -43.70 41.97 19.34
N GLY E 136 -42.69 42.56 19.97
CA GLY E 136 -42.88 43.79 20.71
C GLY E 136 -43.80 43.46 21.88
N PRO E 137 -44.67 44.40 22.28
CA PRO E 137 -45.46 44.15 23.50
C PRO E 137 -46.67 43.19 23.41
N GLY E 138 -47.27 43.07 22.23
CA GLY E 138 -48.47 42.26 22.10
C GLY E 138 -48.27 40.83 21.66
N SER E 139 -49.33 40.04 21.70
CA SER E 139 -49.33 38.71 21.13
C SER E 139 -48.94 38.79 19.66
N GLY E 140 -48.31 37.73 19.16
CA GLY E 140 -47.88 37.65 17.78
C GLY E 140 -47.67 36.19 17.46
N PHE E 141 -46.96 35.90 16.38
CA PHE E 141 -46.79 34.51 15.95
C PHE E 141 -45.58 34.45 15.01
N PHE E 142 -45.16 33.24 14.65
CA PHE E 142 -44.11 33.04 13.65
C PHE E 142 -44.53 33.85 12.42
N SER E 143 -43.58 34.52 11.79
CA SER E 143 -43.89 35.42 10.68
C SER E 143 -44.32 34.64 9.44
N ARG E 144 -43.89 33.38 9.33
CA ARG E 144 -44.13 32.61 8.11
C ARG E 144 -45.34 31.69 8.20
N LEU E 145 -46.03 31.70 9.34
CA LEU E 145 -47.15 30.81 9.56
C LEU E 145 -48.42 31.61 9.92
N ASN E 146 -49.59 30.99 9.71
CA ASN E 146 -50.86 31.70 9.81
C ASN E 146 -51.85 30.85 10.61
N TRP E 147 -52.08 31.24 11.86
CA TRP E 147 -52.93 30.46 12.77
C TRP E 147 -54.41 30.78 12.51
N LEU E 148 -55.15 29.84 11.91
CA LEU E 148 -56.55 30.02 11.55
C LEU E 148 -57.50 29.50 12.65
N THR E 149 -58.54 30.27 12.96
CA THR E 149 -59.58 29.83 13.89
C THR E 149 -60.99 30.11 13.33
N LYS E 150 -62.02 29.73 14.08
CA LYS E 150 -63.40 29.91 13.63
C LYS E 150 -63.72 31.38 13.38
N SER E 151 -64.71 31.65 12.52
CA SER E 151 -65.28 32.98 12.35
C SER E 151 -66.77 32.90 12.68
N GLY E 152 -67.23 33.76 13.59
CA GLY E 152 -68.56 33.62 14.17
C GLY E 152 -68.67 32.31 14.94
N SER E 153 -69.60 31.45 14.54
CA SER E 153 -69.81 30.21 15.28
C SER E 153 -69.44 28.98 14.43
N THR E 154 -68.67 29.21 13.36
CA THR E 154 -68.33 28.12 12.45
C THR E 154 -66.88 28.16 11.94
N TYR E 155 -66.40 26.99 11.54
CA TYR E 155 -65.13 26.80 10.88
C TYR E 155 -65.45 25.85 9.74
N PRO E 156 -65.47 26.37 8.50
CA PRO E 156 -65.88 25.55 7.36
C PRO E 156 -64.79 24.57 6.93
N VAL E 157 -65.12 23.69 5.98
CA VAL E 157 -64.12 22.81 5.40
C VAL E 157 -63.28 23.68 4.50
N LEU E 158 -62.02 23.85 4.86
CA LEU E 158 -61.08 24.54 3.99
C LEU E 158 -60.65 23.61 2.88
N ASN E 159 -60.56 24.15 1.68
CA ASN E 159 -60.20 23.35 0.52
C ASN E 159 -59.59 24.32 -0.47
N VAL E 160 -58.26 24.42 -0.44
CA VAL E 160 -57.58 25.41 -1.26
C VAL E 160 -56.45 24.79 -2.06
N THR E 161 -56.16 25.40 -3.20
CA THR E 161 -55.13 24.91 -4.07
C THR E 161 -54.20 26.03 -4.52
N MET E 162 -52.96 25.65 -4.82
CA MET E 162 -51.94 26.58 -5.26
C MET E 162 -51.06 25.88 -6.27
N PRO E 163 -51.22 26.24 -7.54
CA PRO E 163 -50.41 25.56 -8.56
C PRO E 163 -48.98 26.10 -8.55
N ASN E 164 -48.04 25.23 -8.88
CA ASN E 164 -46.66 25.64 -9.11
C ASN E 164 -46.47 25.84 -10.61
N ASN E 165 -46.50 27.09 -11.03
CA ASN E 165 -46.32 27.40 -12.44
C ASN E 165 -44.93 27.97 -12.66
N ASP E 166 -44.07 27.79 -11.66
CA ASP E 166 -42.68 28.20 -11.74
C ASP E 166 -41.84 27.01 -12.17
N ASN E 167 -40.55 27.25 -12.41
CA ASN E 167 -39.68 26.18 -12.83
C ASN E 167 -38.65 25.78 -11.77
N PHE E 168 -38.97 26.08 -10.50
CA PHE E 168 -38.21 25.58 -9.34
C PHE E 168 -39.13 24.93 -8.31
N ASP E 169 -38.55 24.19 -7.38
CA ASP E 169 -39.31 23.59 -6.29
C ASP E 169 -39.67 24.62 -5.23
N LYS E 170 -40.88 24.51 -4.70
CA LYS E 170 -41.37 25.39 -3.64
C LYS E 170 -41.38 24.59 -2.35
N LEU E 171 -40.90 25.18 -1.27
CA LEU E 171 -41.03 24.55 0.05
C LEU E 171 -42.11 25.28 0.83
N TYR E 172 -43.15 24.54 1.17
CA TYR E 172 -44.21 25.05 2.03
C TYR E 172 -44.06 24.58 3.47
N ILE E 173 -44.07 25.51 4.41
CA ILE E 173 -44.07 25.14 5.82
C ILE E 173 -45.45 25.43 6.43
N TRP E 174 -46.00 24.43 7.13
CA TRP E 174 -47.32 24.53 7.73
C TRP E 174 -47.30 23.74 9.03
N GLY E 175 -48.41 23.75 9.75
CA GLY E 175 -48.44 23.14 11.05
C GLY E 175 -49.79 22.64 11.50
N VAL E 176 -49.79 21.98 12.67
CA VAL E 176 -51.00 21.43 13.25
C VAL E 176 -50.96 21.77 14.73
N HIS E 177 -52.05 22.35 15.22
CA HIS E 177 -52.15 22.72 16.62
C HIS E 177 -52.70 21.55 17.42
N HIS E 178 -52.04 21.24 18.54
CA HIS E 178 -52.59 20.27 19.47
C HIS E 178 -53.06 20.99 20.75
N PRO E 179 -54.39 21.19 20.87
CA PRO E 179 -55.02 21.81 22.03
C PRO E 179 -54.95 20.95 23.28
N SER E 180 -54.98 21.59 24.45
CA SER E 180 -54.90 20.88 25.72
C SER E 180 -56.21 20.28 26.25
N THR E 181 -57.35 20.81 25.82
CA THR E 181 -58.66 20.31 26.29
C THR E 181 -59.67 20.21 25.16
N ASN E 182 -60.71 19.42 25.38
CA ASN E 182 -61.80 19.32 24.41
C ASN E 182 -62.47 20.70 24.31
N GLN E 183 -62.52 21.39 25.44
CA GLN E 183 -63.06 22.75 25.51
C GLN E 183 -62.31 23.73 24.61
N GLU E 184 -60.98 23.65 24.63
CA GLU E 184 -60.10 24.45 23.79
C GLU E 184 -60.31 24.15 22.30
N GLN E 185 -60.35 22.86 21.96
CA GLN E 185 -60.52 22.40 20.58
C GLN E 185 -61.77 22.99 19.93
N THR E 186 -62.88 22.96 20.65
CA THR E 186 -64.18 23.35 20.11
C THR E 186 -64.29 24.86 20.13
N SER E 187 -63.62 25.47 21.11
CA SER E 187 -63.62 26.92 21.25
C SER E 187 -62.96 27.52 20.03
N LEU E 188 -61.89 26.88 19.58
CA LEU E 188 -61.11 27.38 18.46
C LEU E 188 -61.69 26.98 17.11
N TYR E 189 -62.11 25.73 17.02
CA TYR E 189 -62.31 25.05 15.75
C TYR E 189 -63.72 24.49 15.56
N VAL E 190 -64.54 24.61 16.59
CA VAL E 190 -65.93 24.14 16.57
C VAL E 190 -66.01 22.61 16.48
N GLN E 191 -65.41 21.99 15.46
CA GLN E 191 -65.38 20.53 15.40
C GLN E 191 -64.68 19.95 16.63
N ALA E 192 -65.18 18.81 17.10
CA ALA E 192 -64.63 18.17 18.30
C ALA E 192 -63.28 17.53 18.00
N SER E 193 -63.08 17.17 16.74
CA SER E 193 -61.81 16.61 16.31
C SER E 193 -61.51 17.13 14.91
N GLY E 194 -60.30 17.63 14.71
CA GLY E 194 -59.92 18.19 13.43
C GLY E 194 -59.15 17.21 12.57
N ARG E 195 -58.65 17.71 11.45
CA ARG E 195 -57.84 16.93 10.53
C ARG E 195 -57.21 17.94 9.59
N VAL E 196 -55.95 17.71 9.24
CA VAL E 196 -55.29 18.52 8.23
C VAL E 196 -54.70 17.61 7.17
N THR E 197 -55.06 17.89 5.91
CA THR E 197 -54.52 17.11 4.81
C THR E 197 -53.92 18.04 3.77
N VAL E 198 -52.63 17.82 3.51
CA VAL E 198 -51.89 18.57 2.52
C VAL E 198 -51.33 17.53 1.58
N SER E 199 -51.50 17.75 0.29
CA SER E 199 -51.11 16.74 -0.67
C SER E 199 -50.58 17.33 -1.97
N THR E 200 -49.86 16.50 -2.71
CA THR E 200 -49.52 16.82 -4.09
C THR E 200 -50.12 15.74 -4.99
N ARG E 201 -49.73 15.70 -6.26
CA ARG E 201 -50.36 14.75 -7.19
C ARG E 201 -49.92 13.29 -6.99
N ARG E 202 -48.80 13.07 -6.30
CA ARG E 202 -48.31 11.73 -6.01
C ARG E 202 -47.88 11.53 -4.54
N SER E 203 -48.24 12.49 -3.69
CA SER E 203 -47.93 12.41 -2.27
C SER E 203 -49.08 12.97 -1.45
N GLN E 204 -49.18 12.56 -0.18
CA GLN E 204 -50.18 13.09 0.72
C GLN E 204 -49.75 12.94 2.16
N GLN E 205 -50.16 13.91 2.97
CA GLN E 205 -49.91 13.87 4.40
C GLN E 205 -51.24 14.25 5.02
N THR E 206 -51.74 13.39 5.89
CA THR E 206 -52.92 13.70 6.64
C THR E 206 -52.59 13.68 8.12
N ILE E 207 -52.93 14.75 8.83
CA ILE E 207 -52.64 14.84 10.25
C ILE E 207 -53.86 15.06 11.14
N ILE E 208 -53.97 14.22 12.17
CA ILE E 208 -55.03 14.34 13.17
C ILE E 208 -54.36 14.92 14.42
N PRO E 209 -54.88 16.07 14.91
CA PRO E 209 -54.37 16.76 16.11
C PRO E 209 -54.57 15.90 17.35
N ASN E 210 -53.78 16.14 18.39
CA ASN E 210 -53.92 15.36 19.61
C ASN E 210 -54.24 16.17 20.85
N ILE E 211 -55.43 15.95 21.40
CA ILE E 211 -55.91 16.70 22.55
C ILE E 211 -55.32 16.16 23.85
N GLY E 212 -54.89 17.06 24.74
CA GLY E 212 -54.47 16.69 26.09
C GLY E 212 -53.49 17.70 26.66
N SER E 213 -53.23 17.64 27.96
CA SER E 213 -52.29 18.59 28.53
C SER E 213 -50.87 18.12 28.24
N ARG E 214 -49.99 19.05 27.89
CA ARG E 214 -48.57 18.78 27.91
C ARG E 214 -47.90 19.65 28.98
N PRO E 215 -46.59 19.44 29.24
CA PRO E 215 -46.00 20.34 30.24
C PRO E 215 -46.04 21.80 29.81
N TRP E 216 -46.37 22.67 30.76
CA TRP E 216 -46.40 24.10 30.54
C TRP E 216 -45.07 24.66 30.02
N VAL E 217 -45.12 25.29 28.84
CA VAL E 217 -43.96 25.99 28.29
C VAL E 217 -44.48 27.35 27.85
N ARG E 218 -43.89 28.42 28.38
CA ARG E 218 -44.36 29.79 28.14
C ARG E 218 -45.88 29.92 28.21
N GLY E 219 -46.49 29.41 29.28
CA GLY E 219 -47.91 29.59 29.53
C GLY E 219 -48.86 28.62 28.86
N LEU E 220 -48.32 27.69 28.07
CA LEU E 220 -49.16 26.88 27.19
C LEU E 220 -48.97 25.39 27.38
N SER E 221 -50.07 24.66 27.37
CA SER E 221 -50.00 23.22 27.44
C SER E 221 -50.16 22.70 26.03
N SER E 222 -50.60 23.58 25.14
CA SER E 222 -50.72 23.24 23.74
C SER E 222 -49.33 23.27 23.09
N ARG E 223 -49.28 22.77 21.85
CA ARG E 223 -48.06 22.65 21.03
C ARG E 223 -48.43 22.88 19.59
N ILE E 224 -47.46 23.21 18.77
CA ILE E 224 -47.67 23.17 17.32
C ILE E 224 -46.75 22.11 16.72
N SER E 225 -47.25 21.28 15.81
CA SER E 225 -46.35 20.39 15.11
C SER E 225 -46.12 20.89 13.69
N ILE E 226 -44.86 20.94 13.27
CA ILE E 226 -44.51 21.49 11.97
C ILE E 226 -44.22 20.39 10.96
N TYR E 227 -44.79 20.54 9.77
CA TYR E 227 -44.59 19.59 8.69
C TYR E 227 -44.18 20.42 7.47
N TRP E 228 -43.65 19.78 6.44
CA TRP E 228 -43.26 20.54 5.26
C TRP E 228 -43.74 19.78 4.04
N THR E 229 -43.90 20.48 2.93
CA THR E 229 -44.31 19.82 1.71
C THR E 229 -43.62 20.55 0.58
N ILE E 230 -42.99 19.76 -0.27
CA ILE E 230 -42.35 20.24 -1.48
C ILE E 230 -43.21 19.98 -2.69
N VAL E 231 -43.30 20.98 -3.55
CA VAL E 231 -44.14 20.93 -4.72
C VAL E 231 -43.18 21.16 -5.89
N LYS E 232 -43.11 20.23 -6.84
CA LYS E 232 -42.20 20.35 -7.99
C LYS E 232 -42.87 21.17 -9.09
N PRO E 233 -42.08 21.69 -10.06
CA PRO E 233 -42.67 22.43 -11.19
C PRO E 233 -43.76 21.64 -11.90
N GLY E 234 -44.87 22.29 -12.22
CA GLY E 234 -45.98 21.61 -12.88
C GLY E 234 -46.91 20.85 -11.94
N ASP E 235 -46.53 20.74 -10.68
CA ASP E 235 -47.38 20.14 -9.66
C ASP E 235 -48.21 21.20 -8.96
N VAL E 236 -48.94 20.79 -7.93
CA VAL E 236 -49.92 21.66 -7.26
C VAL E 236 -50.09 21.25 -5.79
N LEU E 237 -50.36 22.24 -4.94
CA LEU E 237 -50.60 21.98 -3.52
C LEU E 237 -52.09 22.01 -3.28
N VAL E 238 -52.57 21.04 -2.50
CA VAL E 238 -53.92 21.11 -1.99
C VAL E 238 -53.91 20.97 -0.48
N ILE E 239 -54.65 21.85 0.19
CA ILE E 239 -54.78 21.83 1.63
C ILE E 239 -56.24 21.66 2.03
N ASN E 240 -56.53 20.64 2.83
CA ASN E 240 -57.90 20.36 3.22
C ASN E 240 -57.95 20.11 4.72
N SER E 241 -58.68 20.97 5.43
CA SER E 241 -58.78 20.86 6.88
C SER E 241 -60.14 21.35 7.37
N ASN E 242 -60.67 20.70 8.41
CA ASN E 242 -61.85 21.19 9.10
C ASN E 242 -61.50 21.51 10.54
N GLY E 243 -60.25 21.91 10.75
CA GLY E 243 -59.81 22.44 12.03
C GLY E 243 -58.35 22.17 12.34
N ASN E 244 -57.78 23.02 13.19
CA ASN E 244 -56.44 22.84 13.78
C ASN E 244 -55.27 23.13 12.83
N LEU E 245 -55.57 23.63 11.63
CA LEU E 245 -54.53 23.99 10.67
C LEU E 245 -53.75 25.26 11.02
N ILE E 246 -52.43 25.14 11.05
CA ILE E 246 -51.55 26.30 11.11
C ILE E 246 -51.01 26.50 9.70
N ALA E 247 -51.55 27.49 9.01
CA ALA E 247 -51.35 27.62 7.57
C ALA E 247 -50.05 28.30 7.16
N PRO E 248 -49.53 27.94 5.97
CA PRO E 248 -48.42 28.68 5.34
C PRO E 248 -48.90 30.01 4.80
N ARG E 249 -47.98 30.97 4.67
CA ARG E 249 -48.28 32.26 4.06
C ARG E 249 -47.73 32.35 2.64
N GLY E 250 -47.00 31.32 2.23
CA GLY E 250 -46.24 31.34 0.98
C GLY E 250 -45.18 30.26 1.00
N TYR E 251 -44.13 30.39 0.20
CA TYR E 251 -43.18 29.28 0.13
C TYR E 251 -41.75 29.83 0.18
N PHE E 252 -40.84 28.95 0.57
CA PHE E 252 -39.42 29.22 0.51
C PHE E 252 -38.92 28.69 -0.82
N LYS E 253 -38.08 29.45 -1.50
CA LYS E 253 -37.52 29.00 -2.75
C LYS E 253 -36.44 28.00 -2.44
N MET E 254 -36.50 26.86 -3.09
CA MET E 254 -35.53 25.81 -2.85
C MET E 254 -34.40 25.83 -3.86
N ARG E 255 -33.17 25.82 -3.34
CA ARG E 255 -31.99 25.85 -4.20
C ARG E 255 -31.22 24.56 -3.92
N THR E 256 -30.32 24.18 -4.81
CA THR E 256 -29.39 23.11 -4.50
C THR E 256 -27.99 23.66 -4.57
N GLY E 257 -27.06 23.06 -3.82
CA GLY E 257 -25.70 23.56 -3.82
C GLY E 257 -24.85 23.13 -2.66
N LYS E 258 -23.85 23.95 -2.33
CA LYS E 258 -22.80 23.54 -1.40
C LYS E 258 -23.08 24.03 0.00
N SER E 259 -24.29 24.53 0.22
CA SER E 259 -24.59 25.17 1.51
C SER E 259 -24.72 24.12 2.61
N SER E 260 -24.41 24.54 3.83
CA SER E 260 -24.58 23.67 4.99
C SER E 260 -24.77 24.45 6.28
N ILE E 261 -24.71 23.71 7.38
CA ILE E 261 -24.90 24.24 8.73
C ILE E 261 -23.90 23.51 9.65
N MET E 262 -23.47 24.18 10.72
CA MET E 262 -22.51 23.60 11.65
C MET E 262 -22.79 24.09 13.06
N ARG E 263 -22.59 23.23 14.06
CA ARG E 263 -22.69 23.69 15.43
C ARG E 263 -21.31 24.03 15.91
N SER E 264 -21.16 25.26 16.38
CA SER E 264 -19.87 25.76 16.85
C SER E 264 -20.09 26.95 17.72
N ASP E 265 -19.22 27.09 18.71
CA ASP E 265 -19.20 28.34 19.44
C ASP E 265 -17.98 29.20 19.10
N ALA E 266 -17.26 28.83 18.05
CA ALA E 266 -16.07 29.58 17.63
C ALA E 266 -16.49 30.94 17.07
N PRO E 267 -15.75 32.00 17.43
CA PRO E 267 -15.97 33.35 16.90
C PRO E 267 -15.68 33.40 15.42
N ILE E 268 -16.38 34.28 14.72
CA ILE E 268 -16.08 34.55 13.31
C ILE E 268 -14.89 35.51 13.35
N ASP E 269 -14.15 35.59 12.25
CA ASP E 269 -13.09 36.58 12.16
C ASP E 269 -12.75 36.94 10.72
N THR E 270 -11.89 37.93 10.51
CA THR E 270 -11.64 38.42 9.17
C THR E 270 -10.34 37.83 8.67
N CYS E 271 -10.47 36.86 7.77
CA CYS E 271 -9.33 36.09 7.33
C CYS E 271 -9.85 35.17 6.25
N ILE E 272 -8.95 34.44 5.63
CA ILE E 272 -9.34 33.63 4.49
C ILE E 272 -8.92 32.21 4.83
N SER E 273 -9.86 31.27 4.77
CA SER E 273 -9.54 29.84 4.91
C SER E 273 -10.60 28.92 4.28
N GLU E 274 -10.17 27.95 3.49
CA GLU E 274 -11.11 27.02 2.86
C GLU E 274 -11.74 26.02 3.81
N CYS E 275 -11.03 25.64 4.87
CA CYS E 275 -11.53 24.58 5.73
C CYS E 275 -11.99 25.07 7.09
N ILE E 276 -13.23 24.74 7.44
CA ILE E 276 -13.84 25.17 8.70
C ILE E 276 -14.25 23.97 9.54
N THR E 277 -13.89 23.97 10.83
CA THR E 277 -14.34 22.96 11.78
C THR E 277 -15.03 23.63 12.97
N PRO E 278 -15.76 22.87 13.81
CA PRO E 278 -16.38 23.52 14.97
C PRO E 278 -15.36 24.11 15.93
N ASN E 279 -14.15 23.60 15.91
CA ASN E 279 -13.10 24.14 16.75
C ASN E 279 -12.58 25.45 16.19
N GLY E 280 -12.96 25.77 14.96
CA GLY E 280 -12.34 26.87 14.24
C GLY E 280 -11.85 26.50 12.85
N SER E 281 -11.46 27.49 12.05
CA SER E 281 -10.87 27.18 10.76
C SER E 281 -9.54 26.50 10.95
N ILE E 282 -9.16 25.67 9.99
CA ILE E 282 -7.82 25.09 9.97
C ILE E 282 -7.21 25.16 8.58
N PRO E 283 -5.87 25.27 8.52
CA PRO E 283 -5.15 25.15 7.25
C PRO E 283 -5.45 23.81 6.60
N ASN E 284 -5.41 23.79 5.27
CA ASN E 284 -5.65 22.56 4.52
C ASN E 284 -4.48 22.16 3.64
N ASP E 285 -3.28 22.59 4.03
CA ASP E 285 -2.06 22.18 3.37
C ASP E 285 -1.61 20.74 3.61
N LYS E 286 -1.95 20.19 4.77
CA LYS E 286 -1.63 18.80 5.07
C LYS E 286 -2.74 17.87 4.63
N PRO E 287 -2.39 16.61 4.33
CA PRO E 287 -3.38 15.67 3.80
C PRO E 287 -4.31 15.16 4.88
N PHE E 288 -3.90 15.22 6.16
CA PHE E 288 -4.72 14.72 7.28
C PHE E 288 -4.86 15.76 8.38
N GLN E 289 -5.85 15.54 9.22
CA GLN E 289 -6.08 16.42 10.35
C GLN E 289 -6.69 15.62 11.48
N ASN E 290 -6.47 16.09 12.70
CA ASN E 290 -7.01 15.42 13.87
C ASN E 290 -7.82 16.40 14.69
N VAL E 291 -8.31 17.43 14.02
CA VAL E 291 -9.05 18.45 14.74
C VAL E 291 -10.50 18.03 15.00
N ASN E 292 -11.25 17.64 13.98
CA ASN E 292 -12.63 17.27 14.21
C ASN E 292 -13.16 16.47 13.03
N LYS E 293 -13.93 15.42 13.29
CA LYS E 293 -14.56 14.69 12.20
C LYS E 293 -15.62 15.57 11.49
N ILE E 294 -16.11 16.60 12.18
CA ILE E 294 -17.04 17.55 11.55
C ILE E 294 -16.25 18.62 10.81
N THR E 295 -16.43 18.71 9.49
CA THR E 295 -15.77 19.74 8.68
C THR E 295 -16.62 20.29 7.55
N TYR E 296 -16.22 21.43 7.02
CA TYR E 296 -16.91 22.03 5.89
C TYR E 296 -15.89 22.64 4.97
N GLY E 297 -15.97 22.29 3.69
CA GLY E 297 -15.10 22.92 2.70
C GLY E 297 -14.00 21.99 2.21
N ALA E 298 -12.92 22.57 1.69
CA ALA E 298 -11.83 21.75 1.22
C ALA E 298 -10.90 21.36 2.36
N CYS E 299 -11.09 20.18 2.91
CA CYS E 299 -10.52 19.85 4.21
C CYS E 299 -9.70 18.58 4.13
N PRO E 300 -8.62 18.53 4.90
CA PRO E 300 -7.91 17.27 5.08
C PRO E 300 -8.86 16.23 5.66
N LYS E 301 -8.51 14.97 5.45
CA LYS E 301 -9.29 13.85 5.95
C LYS E 301 -9.04 13.62 7.43
N TYR E 302 -10.10 13.35 8.17
CA TYR E 302 -9.95 13.15 9.61
C TYR E 302 -9.34 11.79 9.91
N VAL E 303 -8.32 11.78 10.76
CA VAL E 303 -7.73 10.54 11.23
C VAL E 303 -7.58 10.59 12.75
N LYS E 304 -7.32 9.44 13.37
CA LYS E 304 -7.22 9.37 14.82
C LYS E 304 -5.88 9.85 15.33
N GLN E 305 -4.83 9.68 14.53
CA GLN E 305 -3.47 9.99 14.97
C GLN E 305 -3.32 11.49 15.11
N ASN E 306 -2.54 11.94 16.09
CA ASN E 306 -2.33 13.37 16.24
C ASN E 306 -1.06 13.82 15.55
N THR E 307 -0.27 12.83 15.12
CA THR E 307 0.93 13.11 14.37
C THR E 307 1.31 11.92 13.49
N LEU E 308 1.77 12.23 12.29
CA LEU E 308 2.36 11.23 11.40
C LEU E 308 3.47 11.92 10.64
N LYS E 309 4.69 11.44 10.84
CA LYS E 309 5.84 12.11 10.27
C LYS E 309 6.29 11.42 9.00
N LEU E 310 6.38 12.21 7.93
CA LEU E 310 6.93 11.75 6.66
C LEU E 310 8.40 12.10 6.53
N ALA E 311 9.26 11.07 6.44
CA ALA E 311 10.69 11.33 6.27
C ALA E 311 10.88 12.16 5.01
N THR E 312 11.75 13.16 5.12
CA THR E 312 12.13 13.98 3.99
C THR E 312 13.64 14.05 3.92
N GLY E 313 14.27 13.01 4.43
CA GLY E 313 15.71 12.94 4.46
C GLY E 313 16.15 11.50 4.65
N MET E 314 17.45 11.27 4.53
CA MET E 314 18.00 9.94 4.66
C MET E 314 18.08 9.56 6.12
N ARG E 315 18.44 8.30 6.38
CA ARG E 315 18.77 7.87 7.73
C ARG E 315 19.81 8.79 8.38
N ASN E 316 19.56 9.16 9.63
CA ASN E 316 20.49 9.99 10.39
C ASN E 316 21.41 9.18 11.28
N VAL E 317 22.70 9.17 10.95
CA VAL E 317 23.64 8.33 11.68
C VAL E 317 24.75 9.29 12.09
N PRO E 318 24.60 9.94 13.27
CA PRO E 318 25.56 10.98 13.67
C PRO E 318 26.94 10.41 14.03
N GLU E 319 28.00 11.22 13.96
CA GLU E 319 29.36 10.72 14.18
C GLU E 319 29.58 10.07 15.55
N GLY F 1 19.29 0.28 5.37
CA GLY F 1 18.60 0.24 4.09
C GLY F 1 18.99 -0.96 3.26
N LEU F 2 18.29 -1.14 2.15
CA LEU F 2 18.45 -2.33 1.31
C LEU F 2 19.84 -2.46 0.66
N PHE F 3 20.49 -1.32 0.44
CA PHE F 3 21.74 -1.29 -0.32
C PHE F 3 22.99 -1.34 0.56
N GLY F 4 22.84 -1.07 1.85
CA GLY F 4 23.92 -1.30 2.78
C GLY F 4 25.01 -0.26 2.77
N ALA F 5 24.73 0.91 2.19
CA ALA F 5 25.71 1.97 2.16
C ALA F 5 25.51 2.88 3.37
N ILE F 6 24.37 3.57 3.39
CA ILE F 6 24.05 4.45 4.51
C ILE F 6 23.73 3.50 5.66
N ALA F 7 24.32 3.75 6.82
CA ALA F 7 24.19 2.84 7.96
C ALA F 7 24.72 1.44 7.62
N GLY F 8 25.76 1.40 6.77
CA GLY F 8 26.33 0.15 6.32
C GLY F 8 27.84 0.24 6.14
N PHE F 9 28.34 0.03 4.93
CA PHE F 9 29.77 0.14 4.66
C PHE F 9 30.35 1.54 4.85
N ILE F 10 29.50 2.55 4.66
CA ILE F 10 29.78 3.90 5.12
C ILE F 10 29.41 3.88 6.58
N GLU F 11 30.42 4.03 7.42
CA GLU F 11 30.27 3.80 8.85
C GLU F 11 29.39 4.80 9.55
N ASN F 12 29.41 6.04 9.10
CA ASN F 12 28.52 7.04 9.67
C ASN F 12 28.35 8.20 8.70
N GLY F 13 27.40 9.07 9.01
CA GLY F 13 27.20 10.27 8.24
C GLY F 13 28.15 11.36 8.66
N TRP F 14 28.17 12.43 7.88
CA TRP F 14 29.08 13.52 8.13
C TRP F 14 28.27 14.70 8.60
N GLU F 15 28.36 15.02 9.88
CA GLU F 15 27.70 16.23 10.37
C GLU F 15 28.23 17.51 9.72
N GLY F 16 29.47 17.45 9.22
CA GLY F 16 30.14 18.59 8.64
C GLY F 16 29.85 18.86 7.18
N MET F 17 29.06 17.99 6.57
CA MET F 17 28.68 18.18 5.17
C MET F 17 27.38 18.99 5.10
N ILE F 18 27.50 20.30 5.10
CA ILE F 18 26.32 21.15 5.24
C ILE F 18 25.88 21.79 3.93
N ASP F 19 26.55 21.49 2.82
CA ASP F 19 26.17 22.07 1.54
C ASP F 19 25.81 21.06 0.46
N GLY F 20 25.44 19.86 0.92
CA GLY F 20 25.04 18.79 0.03
C GLY F 20 24.60 17.62 0.90
N TRP F 21 23.99 16.62 0.29
CA TRP F 21 23.55 15.45 1.03
C TRP F 21 24.62 14.38 0.90
N TYR F 22 25.30 14.38 -0.23
CA TYR F 22 26.31 13.39 -0.50
C TYR F 22 27.53 14.15 -0.99
N GLY F 23 28.71 13.58 -0.80
CA GLY F 23 29.91 14.28 -1.26
C GLY F 23 31.20 13.51 -1.05
N PHE F 24 32.30 14.25 -1.10
CA PHE F 24 33.61 13.62 -1.16
C PHE F 24 34.46 14.23 -0.08
N ARG F 25 35.27 13.37 0.49
CA ARG F 25 36.33 13.86 1.32
C ARG F 25 37.62 13.28 0.75
N HIS F 26 38.70 14.05 0.74
CA HIS F 26 39.93 13.54 0.14
C HIS F 26 41.17 13.88 0.94
N GLN F 27 42.22 13.11 0.72
CA GLN F 27 43.56 13.46 1.18
C GLN F 27 44.54 13.24 0.04
N ASN F 28 45.37 14.22 -0.25
CA ASN F 28 46.39 14.05 -1.27
C ASN F 28 47.67 14.80 -0.95
N SER F 29 48.54 14.95 -1.93
CA SER F 29 49.82 15.57 -1.65
C SER F 29 49.70 17.06 -1.29
N GLU F 30 48.56 17.67 -1.60
CA GLU F 30 48.39 19.10 -1.31
C GLU F 30 47.53 19.33 -0.07
N GLY F 31 47.13 18.25 0.58
CA GLY F 31 46.40 18.31 1.83
C GLY F 31 45.08 17.57 1.72
N THR F 32 44.05 18.10 2.38
CA THR F 32 42.73 17.48 2.40
C THR F 32 41.65 18.52 2.11
N GLY F 33 40.45 18.06 1.77
CA GLY F 33 39.34 18.94 1.53
C GLY F 33 38.01 18.22 1.42
N GLN F 34 36.93 18.99 1.23
CA GLN F 34 35.59 18.41 1.11
C GLN F 34 34.77 19.16 0.05
N ALA F 35 33.93 18.41 -0.67
CA ALA F 35 33.00 19.02 -1.62
C ALA F 35 31.73 18.20 -1.75
N ALA F 36 30.58 18.86 -1.74
CA ALA F 36 29.31 18.21 -2.03
C ALA F 36 29.26 17.77 -3.49
N ASP F 37 28.60 16.64 -3.74
CA ASP F 37 28.23 16.21 -5.09
C ASP F 37 26.81 16.63 -5.43
N LEU F 38 26.66 17.50 -6.43
CA LEU F 38 25.37 18.10 -6.70
C LEU F 38 24.33 17.18 -7.35
N LYS F 39 24.78 16.32 -8.28
CA LYS F 39 23.86 15.47 -9.02
C LYS F 39 23.12 14.43 -8.18
N SER F 40 23.85 13.72 -7.33
CA SER F 40 23.23 12.72 -6.46
C SER F 40 22.37 13.35 -5.38
N THR F 41 22.87 14.43 -4.80
CA THR F 41 22.13 15.19 -3.81
C THR F 41 20.83 15.64 -4.42
N GLN F 42 20.91 16.14 -5.64
CA GLN F 42 19.76 16.71 -6.33
C GLN F 42 18.82 15.59 -6.74
N ALA F 43 19.38 14.41 -7.02
CA ALA F 43 18.56 13.27 -7.40
C ALA F 43 17.69 12.86 -6.23
N ALA F 44 18.28 12.83 -5.04
CA ALA F 44 17.53 12.47 -3.86
C ALA F 44 16.49 13.53 -3.54
N ILE F 45 16.91 14.79 -3.60
CA ILE F 45 16.02 15.90 -3.30
C ILE F 45 14.84 15.95 -4.26
N ASP F 46 15.07 15.67 -5.55
CA ASP F 46 13.97 15.80 -6.52
C ASP F 46 12.94 14.71 -6.27
N GLN F 47 13.41 13.50 -5.96
CA GLN F 47 12.47 12.43 -5.67
C GLN F 47 11.66 12.63 -4.40
N ILE F 48 12.32 13.16 -3.36
CA ILE F 48 11.62 13.36 -2.10
C ILE F 48 10.62 14.49 -2.17
N ASN F 49 10.94 15.53 -2.94
CA ASN F 49 9.98 16.59 -3.09
C ASN F 49 8.87 16.10 -3.98
N GLY F 50 9.19 15.23 -4.94
CA GLY F 50 8.16 14.69 -5.77
C GLY F 50 7.14 13.87 -5.00
N LYS F 51 7.60 12.96 -4.14
CA LYS F 51 6.70 12.09 -3.38
C LYS F 51 5.88 13.01 -2.49
N LEU F 52 6.56 13.93 -1.83
CA LEU F 52 5.94 14.79 -0.86
C LEU F 52 4.84 15.60 -1.57
N ASN F 53 5.14 16.10 -2.77
CA ASN F 53 4.16 16.91 -3.50
C ASN F 53 3.00 16.04 -3.93
N ARG F 54 3.28 14.76 -4.18
CA ARG F 54 2.21 13.82 -4.49
C ARG F 54 1.32 13.58 -3.27
N VAL F 55 1.93 13.53 -2.09
CA VAL F 55 1.18 13.25 -0.87
C VAL F 55 0.32 14.42 -0.46
N ILE F 56 0.78 15.64 -0.66
CA ILE F 56 0.05 16.78 -0.14
C ILE F 56 -0.79 17.41 -1.23
N GLU F 57 -0.77 16.80 -2.41
CA GLU F 57 -1.61 17.22 -3.51
C GLU F 57 -3.11 17.04 -3.21
N LYS F 58 -3.92 18.02 -3.61
CA LYS F 58 -5.36 17.87 -3.81
C LYS F 58 -6.08 17.23 -2.63
N THR F 59 -6.29 17.95 -1.54
CA THR F 59 -7.31 17.51 -0.59
C THR F 59 -8.69 17.47 -1.26
N ASN F 60 -9.55 16.56 -0.80
CA ASN F 60 -10.97 16.56 -1.16
C ASN F 60 -11.78 17.72 -0.61
N GLU F 61 -12.77 18.18 -1.38
CA GLU F 61 -13.69 19.21 -0.90
C GLU F 61 -15.04 18.59 -0.64
N LYS F 62 -15.52 18.69 0.60
CA LYS F 62 -16.84 18.19 0.95
C LYS F 62 -17.67 19.29 1.60
N PHE F 63 -18.97 19.23 1.38
CA PHE F 63 -19.91 20.24 1.83
C PHE F 63 -20.95 19.64 2.77
N HIS F 64 -22.19 19.51 2.31
CA HIS F 64 -23.18 18.90 3.18
C HIS F 64 -22.98 17.39 3.30
N GLN F 65 -22.92 16.95 4.55
CA GLN F 65 -22.65 15.56 4.89
C GLN F 65 -23.73 15.10 5.85
N ILE F 66 -23.32 14.32 6.83
CA ILE F 66 -24.21 13.85 7.88
C ILE F 66 -23.85 14.46 9.22
N GLU F 67 -24.79 14.44 10.15
CA GLU F 67 -24.47 14.85 11.51
C GLU F 67 -23.57 13.77 12.10
N LYS F 68 -22.65 14.17 12.97
CA LYS F 68 -21.66 13.26 13.51
C LYS F 68 -21.61 13.33 15.03
N GLU F 69 -22.33 14.31 15.59
CA GLU F 69 -22.53 14.35 17.03
C GLU F 69 -24.02 14.47 17.27
N PHE F 70 -24.48 13.93 18.39
CA PHE F 70 -25.90 13.82 18.66
C PHE F 70 -26.18 14.13 20.11
N SER F 71 -27.27 14.86 20.34
CA SER F 71 -27.62 15.31 21.68
C SER F 71 -28.70 14.45 22.31
N GLU F 72 -29.28 13.53 21.54
CA GLU F 72 -30.30 12.64 22.06
C GLU F 72 -30.02 11.19 21.64
N VAL F 73 -30.37 10.26 22.52
CA VAL F 73 -30.38 8.84 22.16
C VAL F 73 -31.50 8.65 21.15
N GLU F 74 -31.25 7.94 20.05
CA GLU F 74 -32.31 7.73 19.06
C GLU F 74 -32.38 6.28 18.63
N GLY F 75 -31.31 5.53 18.87
CA GLY F 75 -31.33 4.14 18.50
C GLY F 75 -30.87 3.88 17.08
N ARG F 76 -31.66 3.09 16.36
CA ARG F 76 -31.22 2.39 15.18
C ARG F 76 -30.56 3.28 14.10
N ILE F 77 -31.17 4.41 13.76
CA ILE F 77 -30.62 5.27 12.70
C ILE F 77 -29.34 5.96 13.12
N GLN F 78 -29.33 6.43 14.37
CA GLN F 78 -28.13 7.02 14.93
C GLN F 78 -26.98 6.03 15.04
N ASP F 79 -27.26 4.80 15.45
CA ASP F 79 -26.22 3.77 15.52
C ASP F 79 -25.55 3.68 14.16
N LEU F 80 -26.35 3.64 13.10
CA LEU F 80 -25.80 3.54 11.76
C LEU F 80 -24.98 4.77 11.35
N GLU F 81 -25.48 5.98 11.60
CA GLU F 81 -24.68 7.18 11.31
C GLU F 81 -23.36 7.13 12.03
N LYS F 82 -23.38 6.68 13.28
CA LYS F 82 -22.18 6.67 14.10
C LYS F 82 -21.28 5.53 13.61
N TYR F 83 -21.88 4.41 13.21
CA TYR F 83 -21.10 3.29 12.73
C TYR F 83 -20.43 3.57 11.39
N VAL F 84 -21.16 4.26 10.51
CA VAL F 84 -20.64 4.62 9.20
C VAL F 84 -19.45 5.55 9.36
N GLU F 85 -19.61 6.55 10.21
CA GLU F 85 -18.55 7.50 10.45
C GLU F 85 -17.37 6.89 11.16
N ASP F 86 -17.65 6.09 12.18
CA ASP F 86 -16.58 5.47 12.93
C ASP F 86 -15.75 4.58 12.02
N THR F 87 -16.44 3.87 11.16
CA THR F 87 -15.82 2.95 10.21
C THR F 87 -14.95 3.71 9.21
N LYS F 88 -15.49 4.80 8.70
CA LYS F 88 -14.81 5.66 7.73
C LYS F 88 -13.51 6.13 8.36
N ILE F 89 -13.58 6.58 9.61
CA ILE F 89 -12.40 7.14 10.24
C ILE F 89 -11.33 6.06 10.40
N ASP F 90 -11.72 4.85 10.77
CA ASP F 90 -10.73 3.80 10.96
C ASP F 90 -10.08 3.42 9.64
N LEU F 91 -10.87 3.39 8.57
CA LEU F 91 -10.25 3.14 7.28
C LEU F 91 -9.24 4.19 6.84
N TRP F 92 -9.60 5.46 6.98
CA TRP F 92 -8.66 6.51 6.63
C TRP F 92 -7.44 6.52 7.53
N SER F 93 -7.66 6.22 8.79
CA SER F 93 -6.60 6.21 9.77
C SER F 93 -5.63 5.11 9.40
N TYR F 94 -6.17 3.99 8.97
CA TYR F 94 -5.32 2.90 8.51
C TYR F 94 -4.53 3.31 7.28
N ASN F 95 -5.19 3.97 6.33
CA ASN F 95 -4.52 4.41 5.12
C ASN F 95 -3.39 5.37 5.45
N ALA F 96 -3.62 6.23 6.42
CA ALA F 96 -2.63 7.23 6.76
C ALA F 96 -1.42 6.52 7.33
N GLU F 97 -1.64 5.57 8.23
CA GLU F 97 -0.55 4.81 8.83
C GLU F 97 0.26 4.09 7.78
N LEU F 98 -0.44 3.42 6.88
CA LEU F 98 0.19 2.62 5.85
C LEU F 98 0.93 3.47 4.84
N LEU F 99 0.35 4.60 4.48
CA LEU F 99 0.95 5.44 3.48
C LEU F 99 2.31 5.91 3.98
N VAL F 100 2.38 6.40 5.21
CA VAL F 100 3.66 6.90 5.72
C VAL F 100 4.68 5.80 5.98
N ALA F 101 4.23 4.63 6.44
CA ALA F 101 5.14 3.50 6.62
C ALA F 101 5.81 3.10 5.31
N LEU F 102 5.04 3.00 4.23
CA LEU F 102 5.57 2.58 2.95
C LEU F 102 6.49 3.66 2.40
N GLU F 103 6.02 4.90 2.48
CA GLU F 103 6.78 6.03 1.97
C GLU F 103 8.10 6.17 2.72
N ASN F 104 8.06 6.04 4.04
CA ASN F 104 9.27 6.28 4.82
C ASN F 104 10.28 5.18 4.56
N GLN F 105 9.81 3.94 4.47
CA GLN F 105 10.70 2.84 4.11
C GLN F 105 11.32 3.13 2.77
N HIS F 106 10.48 3.57 1.83
CA HIS F 106 10.95 3.84 0.49
C HIS F 106 11.86 5.07 0.47
N THR F 107 11.57 6.05 1.31
CA THR F 107 12.44 7.24 1.39
C THR F 107 13.80 6.87 1.92
N ILE F 108 13.82 5.99 2.92
CA ILE F 108 15.07 5.48 3.47
C ILE F 108 15.87 4.65 2.48
N ASP F 109 15.17 3.79 1.76
CA ASP F 109 15.79 2.93 0.77
C ASP F 109 16.30 3.66 -0.46
N LEU F 110 15.63 4.73 -0.86
CA LEU F 110 16.06 5.42 -2.08
C LEU F 110 17.32 6.24 -1.80
N THR F 111 17.43 6.77 -0.60
CA THR F 111 18.63 7.51 -0.19
C THR F 111 19.86 6.63 -0.01
N ASP F 112 19.66 5.45 0.56
CA ASP F 112 20.71 4.44 0.64
C ASP F 112 21.16 4.14 -0.79
N SER F 113 20.19 3.97 -1.68
CA SER F 113 20.50 3.73 -3.08
C SER F 113 21.35 4.83 -3.74
N GLU F 114 21.00 6.10 -3.54
CA GLU F 114 21.75 7.18 -4.15
C GLU F 114 23.18 7.18 -3.67
N MET F 115 23.35 6.89 -2.38
CA MET F 115 24.66 6.74 -1.80
C MET F 115 25.42 5.65 -2.50
N ASN F 116 24.75 4.51 -2.65
CA ASN F 116 25.39 3.37 -3.25
C ASN F 116 25.72 3.66 -4.71
N LYS F 117 24.84 4.39 -5.40
CA LYS F 117 25.06 4.72 -6.82
C LYS F 117 26.22 5.67 -7.02
N LEU F 118 26.37 6.68 -6.15
CA LEU F 118 27.49 7.60 -6.24
C LEU F 118 28.81 6.86 -6.05
N PHE F 119 28.83 6.00 -5.05
CA PHE F 119 29.98 5.16 -4.75
C PHE F 119 30.37 4.28 -5.95
N GLU F 120 29.38 3.64 -6.57
CA GLU F 120 29.65 2.75 -7.69
C GLU F 120 30.20 3.51 -8.89
N LYS F 121 29.71 4.73 -9.10
CA LYS F 121 30.13 5.54 -10.23
C LYS F 121 31.59 5.93 -10.09
N THR F 122 31.97 6.28 -8.86
CA THR F 122 33.34 6.66 -8.56
C THR F 122 34.26 5.48 -8.82
N GLY F 123 33.89 4.30 -8.33
CA GLY F 123 34.65 3.10 -8.62
C GLY F 123 34.87 2.86 -10.10
N ARG F 124 33.82 3.04 -10.88
CA ARG F 124 33.89 2.83 -12.32
C ARG F 124 34.79 3.82 -13.06
N GLN F 125 34.81 5.08 -12.63
CA GLN F 125 35.70 6.03 -13.26
C GLN F 125 37.13 5.61 -13.00
N LEU F 126 37.38 5.19 -11.76
CA LEU F 126 38.74 4.90 -11.31
C LEU F 126 39.30 3.65 -11.93
N ARG F 127 38.44 2.77 -12.44
CA ARG F 127 38.89 1.57 -13.14
C ARG F 127 39.88 0.81 -12.26
N GLU F 128 41.07 0.58 -12.79
CA GLU F 128 42.10 -0.18 -12.10
C GLU F 128 43.04 0.73 -11.33
N ASN F 129 42.68 1.99 -11.16
CA ASN F 129 43.61 2.92 -10.56
C ASN F 129 43.43 3.10 -9.08
N ALA F 130 42.42 2.44 -8.52
CA ALA F 130 42.10 2.59 -7.10
C ALA F 130 41.55 1.28 -6.55
N GLU F 131 41.51 1.15 -5.23
CA GLU F 131 40.82 0.02 -4.65
C GLU F 131 39.85 0.51 -3.60
N ASP F 132 38.70 -0.15 -3.53
CA ASP F 132 37.67 0.11 -2.53
C ASP F 132 38.19 -0.40 -1.20
N MET F 133 38.34 0.49 -0.24
CA MET F 133 38.86 0.08 1.05
C MET F 133 37.77 -0.53 1.93
N GLY F 134 36.53 -0.49 1.47
CA GLY F 134 35.46 -1.18 2.16
C GLY F 134 34.72 -0.33 3.17
N ASN F 135 35.15 0.92 3.29
CA ASN F 135 34.55 1.84 4.26
C ASN F 135 34.06 3.11 3.61
N GLY F 136 33.79 3.00 2.31
CA GLY F 136 33.32 4.10 1.50
C GLY F 136 34.47 4.97 1.04
N CYS F 137 35.69 4.51 1.25
CA CYS F 137 36.84 5.27 0.80
C CYS F 137 37.60 4.52 -0.27
N PHE F 138 38.13 5.25 -1.23
CA PHE F 138 39.03 4.64 -2.20
C PHE F 138 40.48 5.03 -1.92
N LYS F 139 41.35 4.03 -1.91
CA LYS F 139 42.79 4.24 -1.96
C LYS F 139 43.20 4.37 -3.42
N ILE F 140 43.74 5.53 -3.77
CA ILE F 140 44.17 5.81 -5.14
C ILE F 140 45.66 5.59 -5.29
N TYR F 141 46.05 4.74 -6.22
CA TYR F 141 47.42 4.25 -6.24
C TYR F 141 48.32 5.05 -7.16
N HIS F 142 48.11 6.36 -7.19
CA HIS F 142 48.97 7.23 -7.96
C HIS F 142 48.96 8.62 -7.36
N LYS F 143 49.99 9.42 -7.66
CA LYS F 143 49.96 10.82 -7.24
C LYS F 143 48.73 11.46 -7.86
N CYS F 144 47.95 12.14 -7.02
CA CYS F 144 46.66 12.66 -7.45
C CYS F 144 46.36 13.97 -6.78
N ASP F 145 46.82 15.04 -7.40
CA ASP F 145 46.67 16.36 -6.82
C ASP F 145 45.23 16.87 -6.92
N ASN F 146 45.02 18.11 -6.49
CA ASN F 146 43.68 18.68 -6.35
C ASN F 146 42.95 18.71 -7.67
N ALA F 147 43.67 19.00 -8.75
CA ALA F 147 43.04 19.04 -10.06
C ALA F 147 42.63 17.63 -10.48
N CYS F 148 43.43 16.64 -10.08
CA CYS F 148 43.09 15.24 -10.32
C CYS F 148 41.85 14.78 -9.55
N ILE F 149 41.80 15.11 -8.26
CA ILE F 149 40.61 14.85 -7.45
C ILE F 149 39.40 15.53 -8.05
N GLU F 150 39.57 16.78 -8.45
CA GLU F 150 38.47 17.52 -9.01
C GLU F 150 38.05 16.89 -10.33
N SER F 151 39.01 16.34 -11.04
CA SER F 151 38.72 15.64 -12.28
C SER F 151 37.84 14.43 -11.98
N ILE F 152 38.07 13.78 -10.84
CA ILE F 152 37.20 12.69 -10.41
C ILE F 152 35.78 13.16 -10.07
N ARG F 153 35.72 14.22 -9.25
CA ARG F 153 34.44 14.75 -8.78
C ARG F 153 33.55 15.27 -9.92
N ASN F 154 34.17 15.82 -10.96
CA ASN F 154 33.42 16.39 -12.08
C ASN F 154 33.28 15.48 -13.31
N GLY F 155 33.80 14.26 -13.17
CA GLY F 155 33.54 13.18 -14.11
C GLY F 155 34.41 13.10 -15.34
N THR F 156 35.59 13.70 -15.27
CA THR F 156 36.50 13.74 -16.39
C THR F 156 37.83 13.06 -16.13
N TYR F 157 37.93 12.38 -14.99
CA TYR F 157 39.13 11.67 -14.64
C TYR F 157 39.43 10.73 -15.79
N ASP F 158 40.68 10.76 -16.23
CA ASP F 158 41.12 9.95 -17.35
C ASP F 158 41.99 8.83 -16.84
N HIS F 159 41.40 7.65 -16.66
CA HIS F 159 42.09 6.56 -15.98
C HIS F 159 43.37 6.16 -16.72
N ASP F 160 43.37 6.33 -18.04
CA ASP F 160 44.50 5.89 -18.86
C ASP F 160 45.77 6.67 -18.54
N VAL F 161 45.61 7.92 -18.12
CA VAL F 161 46.73 8.80 -17.81
C VAL F 161 47.58 8.25 -16.66
N TYR F 162 46.90 7.60 -15.72
CA TYR F 162 47.52 7.19 -14.46
C TYR F 162 47.74 5.69 -14.37
N ARG F 163 47.27 4.95 -15.36
CA ARG F 163 47.19 3.51 -15.25
C ARG F 163 48.55 2.87 -15.04
N ASP F 164 49.55 3.33 -15.80
CA ASP F 164 50.88 2.76 -15.67
C ASP F 164 51.40 3.00 -14.27
N GLU F 165 51.30 4.25 -13.82
CA GLU F 165 51.73 4.63 -12.49
C GLU F 165 51.02 3.85 -11.39
N ALA F 166 49.70 3.75 -11.53
CA ALA F 166 48.87 3.14 -10.50
C ALA F 166 49.11 1.65 -10.37
N LEU F 167 49.16 0.97 -11.51
CA LEU F 167 49.38 -0.46 -11.53
C LEU F 167 50.75 -0.81 -10.94
N ASN F 168 51.75 0.00 -11.24
CA ASN F 168 53.08 -0.21 -10.67
C ASN F 168 52.99 -0.16 -9.15
N ASN F 169 52.25 0.82 -8.65
CA ASN F 169 52.04 0.97 -7.22
C ASN F 169 51.18 -0.14 -6.59
N ARG F 170 50.20 -0.67 -7.33
CA ARG F 170 49.29 -1.66 -6.75
C ARG F 170 50.05 -2.98 -6.66
N PHE F 171 50.81 -3.26 -7.71
CA PHE F 171 51.30 -4.60 -7.98
C PHE F 171 52.82 -4.68 -7.87
N ASP G 1 19.46 -19.42 -49.77
CA ASP G 1 18.88 -18.67 -48.67
C ASP G 1 17.55 -19.27 -48.25
N ILE G 2 16.78 -18.51 -47.47
CA ILE G 2 15.45 -18.96 -47.08
C ILE G 2 14.44 -18.51 -48.11
N GLN G 3 13.91 -19.48 -48.84
CA GLN G 3 12.95 -19.22 -49.90
C GLN G 3 11.55 -19.01 -49.33
N MET G 4 10.92 -17.90 -49.71
CA MET G 4 9.55 -17.67 -49.31
C MET G 4 8.65 -17.94 -50.49
N THR G 5 7.59 -18.70 -50.25
CA THR G 5 6.74 -19.14 -51.33
C THR G 5 5.29 -19.00 -50.88
N GLN G 6 4.54 -18.15 -51.56
CA GLN G 6 3.15 -17.90 -51.19
C GLN G 6 2.16 -18.72 -52.02
N SER G 7 0.96 -18.89 -51.47
CA SER G 7 -0.08 -19.64 -52.15
C SER G 7 -1.44 -19.08 -51.71
N PRO G 8 -2.32 -18.80 -52.67
CA PRO G 8 -2.16 -18.98 -54.13
C PRO G 8 -1.51 -17.76 -54.75
N ASP G 9 -1.25 -17.81 -56.06
CA ASP G 9 -0.64 -16.67 -56.74
C ASP G 9 -1.65 -15.54 -56.90
N SER G 10 -2.89 -15.91 -57.18
CA SER G 10 -3.92 -14.90 -57.32
C SER G 10 -5.14 -15.41 -56.58
N LEU G 11 -5.90 -14.49 -56.03
CA LEU G 11 -7.02 -14.87 -55.19
C LEU G 11 -8.13 -13.87 -55.42
N ALA G 12 -9.32 -14.41 -55.68
CA ALA G 12 -10.49 -13.60 -55.96
C ALA G 12 -11.52 -13.84 -54.87
N VAL G 13 -11.92 -12.77 -54.17
CA VAL G 13 -12.92 -12.90 -53.12
C VAL G 13 -13.98 -11.81 -53.21
N SER G 14 -15.17 -12.14 -52.74
CA SER G 14 -16.30 -11.24 -52.81
C SER G 14 -16.18 -10.20 -51.72
N LEU G 15 -16.85 -9.06 -51.91
CA LEU G 15 -16.85 -8.01 -50.90
C LEU G 15 -17.43 -8.56 -49.62
N GLY G 16 -16.82 -8.20 -48.49
CA GLY G 16 -17.34 -8.66 -47.22
C GLY G 16 -16.94 -10.08 -46.88
N GLU G 17 -16.39 -10.79 -47.87
CA GLU G 17 -16.02 -12.18 -47.68
C GLU G 17 -14.62 -12.27 -47.14
N ARG G 18 -14.23 -13.50 -46.84
CA ARG G 18 -12.99 -13.78 -46.16
C ARG G 18 -11.86 -14.03 -47.13
N ALA G 19 -10.67 -13.52 -46.83
CA ALA G 19 -9.53 -13.75 -47.68
C ALA G 19 -8.39 -14.36 -46.87
N THR G 20 -7.79 -15.40 -47.42
CA THR G 20 -6.79 -16.19 -46.71
C THR G 20 -5.61 -16.47 -47.64
N ILE G 21 -4.42 -15.98 -47.26
CA ILE G 21 -3.20 -16.18 -48.05
C ILE G 21 -2.17 -16.99 -47.25
N ASN G 22 -1.49 -17.93 -47.91
CA ASN G 22 -0.58 -18.82 -47.20
C ASN G 22 0.88 -18.63 -47.57
N CYS G 23 1.74 -18.77 -46.57
CA CYS G 23 3.18 -18.65 -46.78
C CYS G 23 4.03 -19.78 -46.19
N LYS G 24 4.87 -20.41 -47.00
CA LYS G 24 5.87 -21.37 -46.51
C LYS G 24 7.29 -20.88 -46.82
N SER G 25 8.13 -20.99 -45.79
CA SER G 25 9.53 -20.60 -45.85
C SER G 25 10.36 -21.87 -45.99
N SER G 26 11.48 -21.77 -46.68
CA SER G 26 12.28 -22.94 -47.00
C SER G 26 12.93 -23.51 -45.76
N GLN G 27 13.07 -22.67 -44.76
CA GLN G 27 13.59 -23.11 -43.50
C GLN G 27 12.83 -22.42 -42.39
N SER G 28 12.88 -22.96 -41.17
CA SER G 28 12.11 -22.38 -40.09
C SER G 28 12.60 -20.98 -39.74
N VAL G 29 11.68 -20.09 -39.42
CA VAL G 29 12.04 -18.71 -39.12
C VAL G 29 11.62 -18.47 -37.69
N PHE G 30 11.56 -19.55 -36.93
CA PHE G 30 11.24 -19.48 -35.52
C PHE G 30 12.53 -19.57 -34.76
N SER G 31 12.68 -18.74 -33.75
CA SER G 31 13.84 -18.84 -32.90
C SER G 31 13.33 -19.36 -31.56
N SER G 32 13.79 -20.55 -31.20
CA SER G 32 13.44 -21.14 -29.92
C SER G 32 14.07 -20.25 -28.86
N SER G 33 15.13 -19.58 -29.30
CA SER G 33 15.85 -18.61 -28.49
C SER G 33 15.02 -17.39 -28.07
N THR G 34 14.21 -16.83 -28.95
CA THR G 34 13.50 -15.63 -28.57
C THR G 34 12.00 -15.90 -28.44
N ASN G 35 11.65 -17.13 -28.78
CA ASN G 35 10.28 -17.60 -28.90
C ASN G 35 9.37 -16.71 -29.73
N LYS G 36 9.91 -16.25 -30.86
CA LYS G 36 9.20 -15.43 -31.81
C LYS G 36 9.39 -15.96 -33.22
N ASN G 37 8.40 -15.73 -34.07
CA ASN G 37 8.54 -15.99 -35.48
C ASN G 37 8.92 -14.73 -36.23
N TYR G 38 10.06 -14.77 -36.90
CA TYR G 38 10.62 -13.60 -37.58
C TYR G 38 10.05 -13.43 -38.98
N LEU G 39 8.79 -13.02 -39.04
CA LEU G 39 7.99 -13.07 -40.26
C LEU G 39 7.16 -11.82 -40.31
N ALA G 40 7.08 -11.22 -41.49
CA ALA G 40 6.24 -10.05 -41.66
C ALA G 40 5.37 -10.12 -42.90
N TRP G 41 4.29 -9.32 -42.88
CA TRP G 41 3.38 -9.21 -44.00
C TRP G 41 3.26 -7.76 -44.45
N TYR G 42 3.32 -7.53 -45.75
CA TYR G 42 3.24 -6.17 -46.29
C TYR G 42 2.17 -6.04 -47.36
N GLN G 43 1.56 -4.87 -47.45
CA GLN G 43 0.63 -4.55 -48.51
C GLN G 43 1.32 -3.61 -49.49
N GLN G 44 1.03 -3.78 -50.77
CA GLN G 44 1.57 -2.88 -51.78
C GLN G 44 0.56 -2.58 -52.86
N LYS G 45 0.21 -1.30 -52.96
CA LYS G 45 -0.65 -0.83 -54.03
C LYS G 45 0.26 -0.25 -55.10
N PRO G 46 -0.16 -0.34 -56.36
CA PRO G 46 0.73 0.07 -57.46
C PRO G 46 1.23 1.51 -57.31
N GLY G 47 2.52 1.71 -57.55
CA GLY G 47 3.10 3.05 -57.41
C GLY G 47 3.63 3.26 -56.02
N GLN G 48 2.93 2.72 -55.03
CA GLN G 48 3.25 2.99 -53.64
C GLN G 48 4.26 1.95 -53.14
N PRO G 49 5.01 2.31 -52.09
CA PRO G 49 5.92 1.38 -51.42
C PRO G 49 5.12 0.40 -50.59
N PRO G 50 5.76 -0.69 -50.13
CA PRO G 50 5.12 -1.71 -49.29
C PRO G 50 4.73 -1.15 -47.92
N LYS G 51 3.67 -1.69 -47.31
CA LYS G 51 3.29 -1.27 -45.96
C LYS G 51 3.09 -2.47 -45.04
N VAL G 52 3.82 -2.51 -43.92
CA VAL G 52 3.64 -3.60 -42.97
C VAL G 52 2.19 -3.65 -42.48
N LEU G 53 1.62 -4.83 -42.45
CA LEU G 53 0.34 -5.01 -41.79
C LEU G 53 0.68 -5.70 -40.49
N ILE G 54 1.59 -6.68 -40.61
CA ILE G 54 1.89 -7.61 -39.53
C ILE G 54 3.37 -8.00 -39.41
N TYR G 55 3.85 -8.08 -38.17
CA TYR G 55 5.21 -8.51 -37.83
C TYR G 55 5.17 -9.47 -36.64
N TRP G 56 6.31 -10.11 -36.35
CA TRP G 56 6.36 -11.26 -35.44
C TRP G 56 5.31 -12.29 -35.81
N SER G 57 5.11 -12.43 -37.12
CA SER G 57 4.14 -13.34 -37.72
C SER G 57 2.69 -13.14 -37.32
N SER G 58 2.48 -12.56 -36.15
CA SER G 58 1.13 -12.43 -35.62
C SER G 58 0.82 -11.10 -34.95
N THR G 59 1.76 -10.17 -34.93
CA THR G 59 1.46 -8.86 -34.37
C THR G 59 1.13 -7.88 -35.46
N ARG G 60 0.04 -7.17 -35.26
CA ARG G 60 -0.47 -6.18 -36.19
C ARG G 60 0.18 -4.85 -35.98
N GLU G 61 0.65 -4.24 -37.06
CA GLU G 61 1.26 -2.93 -36.96
C GLU G 61 0.13 -1.99 -36.55
N SER G 62 0.46 -0.94 -35.80
CA SER G 62 -0.58 0.00 -35.36
C SER G 62 -1.20 0.80 -36.50
N GLY G 63 -2.49 1.10 -36.39
CA GLY G 63 -3.16 1.83 -37.45
C GLY G 63 -3.74 0.92 -38.51
N VAL G 64 -3.21 -0.30 -38.59
CA VAL G 64 -3.75 -1.32 -39.48
C VAL G 64 -5.06 -1.79 -38.86
N PRO G 65 -6.13 -1.81 -39.65
CA PRO G 65 -7.44 -2.25 -39.18
C PRO G 65 -7.46 -3.68 -38.70
N ASP G 66 -8.32 -3.95 -37.74
CA ASP G 66 -8.36 -5.25 -37.10
C ASP G 66 -8.90 -6.40 -37.95
N ARG G 67 -9.38 -6.09 -39.16
CA ARG G 67 -9.80 -7.14 -40.06
C ARG G 67 -8.62 -7.93 -40.61
N PHE G 68 -7.42 -7.37 -40.47
CA PHE G 68 -6.20 -8.12 -40.76
C PHE G 68 -5.69 -8.82 -39.52
N SER G 69 -5.29 -10.07 -39.73
CA SER G 69 -4.65 -10.87 -38.69
C SER G 69 -3.80 -11.93 -39.34
N ALA G 70 -2.76 -12.35 -38.65
CA ALA G 70 -1.91 -13.41 -39.16
C ALA G 70 -1.53 -14.35 -38.06
N SER G 71 -1.18 -15.56 -38.45
CA SER G 71 -0.88 -16.60 -37.49
C SER G 71 0.09 -17.56 -38.12
N GLY G 72 0.43 -18.59 -37.37
CA GLY G 72 1.33 -19.61 -37.85
C GLY G 72 2.62 -19.59 -37.09
N SER G 73 3.43 -20.62 -37.29
CA SER G 73 4.66 -20.75 -36.55
C SER G 73 5.66 -21.46 -37.45
N GLY G 74 6.92 -21.08 -37.31
CA GLY G 74 8.02 -21.83 -37.87
C GLY G 74 8.16 -21.75 -39.38
N THR G 75 7.41 -22.58 -40.10
CA THR G 75 7.44 -22.56 -41.56
C THR G 75 6.09 -22.34 -42.22
N ASP G 76 5.01 -22.45 -41.46
CA ASP G 76 3.68 -22.29 -42.01
C ASP G 76 3.04 -21.00 -41.50
N PHE G 77 2.62 -20.14 -42.41
CA PHE G 77 2.02 -18.86 -42.05
C PHE G 77 0.78 -18.54 -42.86
N THR G 78 -0.07 -17.69 -42.30
CA THR G 78 -1.35 -17.40 -42.91
C THR G 78 -1.80 -15.99 -42.59
N LEU G 79 -1.93 -15.18 -43.64
CA LEU G 79 -2.53 -13.87 -43.52
C LEU G 79 -4.02 -13.96 -43.81
N THR G 80 -4.83 -13.25 -43.03
CA THR G 80 -6.27 -13.29 -43.20
C THR G 80 -6.86 -11.89 -43.19
N ILE G 81 -7.68 -11.60 -44.18
CA ILE G 81 -8.47 -10.39 -44.19
C ILE G 81 -9.91 -10.87 -44.00
N SER G 82 -10.46 -10.66 -42.81
CA SER G 82 -11.70 -11.34 -42.43
C SER G 82 -12.89 -10.92 -43.28
N SER G 83 -12.98 -9.63 -43.58
CA SER G 83 -14.12 -9.12 -44.32
C SER G 83 -13.70 -8.08 -45.37
N LEU G 84 -13.39 -8.58 -46.56
CA LEU G 84 -12.69 -7.80 -47.59
C LEU G 84 -13.41 -6.51 -48.00
N GLN G 85 -12.71 -5.39 -47.92
CA GLN G 85 -13.26 -4.12 -48.36
C GLN G 85 -12.54 -3.78 -49.66
N ALA G 86 -13.07 -2.81 -50.39
CA ALA G 86 -12.50 -2.42 -51.68
C ALA G 86 -11.05 -1.93 -51.60
N ALA G 87 -10.70 -1.23 -50.53
CA ALA G 87 -9.35 -0.70 -50.41
C ALA G 87 -8.31 -1.79 -50.14
N ASP G 88 -8.77 -3.01 -49.89
CA ASP G 88 -7.86 -4.11 -49.57
C ASP G 88 -7.30 -4.79 -50.81
N VAL G 89 -7.78 -4.36 -51.96
CA VAL G 89 -7.32 -4.89 -53.23
C VAL G 89 -5.91 -4.42 -53.50
N ALA G 90 -4.96 -5.35 -53.48
CA ALA G 90 -3.55 -5.02 -53.50
C ALA G 90 -2.74 -6.30 -53.65
N VAL G 91 -1.43 -6.17 -53.63
CA VAL G 91 -0.54 -7.31 -53.55
C VAL G 91 -0.02 -7.46 -52.13
N TYR G 92 0.03 -8.69 -51.65
CA TYR G 92 0.49 -8.96 -50.29
C TYR G 92 1.77 -9.77 -50.31
N TYR G 93 2.72 -9.40 -49.45
CA TYR G 93 3.99 -10.10 -49.40
C TYR G 93 4.27 -10.62 -48.00
N CYS G 94 4.80 -11.83 -47.89
CA CYS G 94 5.35 -12.26 -46.61
C CYS G 94 6.84 -12.04 -46.64
N HIS G 95 7.47 -11.99 -45.48
CA HIS G 95 8.85 -11.54 -45.41
C HIS G 95 9.55 -12.14 -44.21
N GLN G 96 10.60 -12.91 -44.47
CA GLN G 96 11.36 -13.39 -43.34
C GLN G 96 12.54 -12.49 -43.09
N TYR G 97 12.77 -12.20 -41.83
CA TYR G 97 13.90 -11.41 -41.39
C TYR G 97 14.61 -12.14 -40.28
N TYR G 98 14.54 -13.47 -40.36
CA TYR G 98 15.19 -14.34 -39.41
C TYR G 98 16.68 -14.29 -39.61
N THR G 99 17.05 -14.25 -40.88
CA THR G 99 18.45 -14.20 -41.25
C THR G 99 18.62 -13.38 -42.52
N ALA G 100 19.77 -12.75 -42.65
CA ALA G 100 20.15 -12.16 -43.92
C ALA G 100 20.49 -13.33 -44.85
N PRO G 101 20.17 -13.20 -46.14
CA PRO G 101 19.47 -12.09 -46.79
C PRO G 101 18.00 -12.11 -46.43
N TRP G 102 17.41 -10.93 -46.27
CA TRP G 102 15.98 -10.77 -46.34
C TRP G 102 15.50 -11.41 -47.62
N THR G 103 14.44 -12.19 -47.52
CA THR G 103 13.79 -12.69 -48.72
C THR G 103 12.31 -12.41 -48.57
N PHE G 104 11.62 -12.32 -49.69
CA PHE G 104 10.18 -12.09 -49.69
C PHE G 104 9.53 -13.19 -50.50
N GLY G 105 8.23 -13.36 -50.31
CA GLY G 105 7.46 -14.23 -51.17
C GLY G 105 7.30 -13.62 -52.53
N GLN G 106 6.66 -14.36 -53.42
CA GLN G 106 6.57 -13.89 -54.79
C GLN G 106 5.43 -12.89 -54.91
N GLY G 107 4.55 -12.89 -53.91
CA GLY G 107 3.45 -11.94 -53.94
C GLY G 107 2.15 -12.61 -54.32
N THR G 108 1.07 -12.26 -53.60
CA THR G 108 -0.26 -12.76 -53.97
C THR G 108 -1.14 -11.57 -54.36
N LYS G 109 -1.55 -11.52 -55.62
CA LYS G 109 -2.44 -10.46 -56.07
C LYS G 109 -3.84 -10.85 -55.61
N VAL G 110 -4.51 -9.92 -54.94
CA VAL G 110 -5.85 -10.14 -54.40
C VAL G 110 -6.85 -9.21 -55.04
N GLU G 111 -7.92 -9.76 -55.56
CA GLU G 111 -8.91 -8.92 -56.21
C GLU G 111 -10.32 -9.19 -55.69
N ILE G 112 -11.21 -8.27 -56.02
CA ILE G 112 -12.63 -8.40 -55.73
C ILE G 112 -13.28 -9.33 -56.72
N LYS G 113 -13.93 -10.37 -56.23
CA LYS G 113 -14.66 -11.25 -57.12
C LYS G 113 -16.00 -10.59 -57.40
N ARG G 114 -16.46 -10.72 -58.64
CA ARG G 114 -17.73 -10.12 -59.05
C ARG G 114 -18.38 -11.04 -60.08
N THR G 115 -19.62 -10.74 -60.42
CA THR G 115 -20.31 -11.49 -61.46
C THR G 115 -19.50 -11.35 -62.73
N VAL G 116 -19.54 -12.37 -63.59
CA VAL G 116 -18.75 -12.31 -64.81
C VAL G 116 -19.36 -11.28 -65.77
N ALA G 117 -18.52 -10.43 -66.33
CA ALA G 117 -18.97 -9.40 -67.26
C ALA G 117 -18.16 -9.52 -68.54
N ALA G 118 -18.81 -9.38 -69.69
CA ALA G 118 -18.11 -9.53 -70.96
C ALA G 118 -17.46 -8.21 -71.39
N PRO G 119 -16.40 -8.30 -72.19
CA PRO G 119 -15.70 -7.09 -72.62
C PRO G 119 -16.41 -6.44 -73.80
N SER G 120 -16.45 -5.10 -73.83
CA SER G 120 -16.85 -4.42 -75.04
C SER G 120 -15.58 -4.33 -75.86
N VAL G 121 -15.64 -4.74 -77.12
CA VAL G 121 -14.44 -4.74 -77.94
C VAL G 121 -14.47 -3.63 -78.97
N PHE G 122 -13.32 -2.97 -79.13
CA PHE G 122 -13.17 -1.94 -80.15
C PHE G 122 -11.86 -2.17 -80.88
N ILE G 123 -11.81 -1.81 -82.15
CA ILE G 123 -10.58 -1.92 -82.93
C ILE G 123 -10.22 -0.53 -83.46
N PHE G 124 -8.92 -0.28 -83.60
CA PHE G 124 -8.44 1.01 -84.07
C PHE G 124 -7.35 0.81 -85.10
N PRO G 125 -7.56 1.37 -86.31
CA PRO G 125 -6.54 1.29 -87.36
C PRO G 125 -5.54 2.41 -87.15
N PRO G 126 -4.32 2.25 -87.69
CA PRO G 126 -3.31 3.31 -87.51
C PRO G 126 -3.78 4.63 -88.10
N SER G 127 -3.41 5.72 -87.45
CA SER G 127 -3.67 7.06 -87.96
C SER G 127 -2.85 7.29 -89.22
N ASP G 128 -3.27 8.23 -90.05
CA ASP G 128 -2.57 8.50 -91.29
C ASP G 128 -1.23 9.16 -91.03
N GLU G 129 -1.16 9.96 -89.96
CA GLU G 129 0.08 10.63 -89.59
C GLU G 129 1.17 9.68 -89.11
N GLN G 130 0.78 8.55 -88.51
CA GLN G 130 1.71 7.51 -88.10
C GLN G 130 2.20 6.68 -89.29
N LEU G 131 1.30 6.47 -90.26
CA LEU G 131 1.65 5.72 -91.47
C LEU G 131 2.74 6.41 -92.27
N LYS G 132 2.81 7.73 -92.17
CA LYS G 132 3.88 8.49 -92.78
C LYS G 132 5.24 8.07 -92.19
N SER G 133 5.25 7.75 -90.90
CA SER G 133 6.48 7.35 -90.21
C SER G 133 7.00 5.98 -90.64
N GLY G 134 6.23 5.27 -91.46
CA GLY G 134 6.65 3.98 -91.97
C GLY G 134 6.26 2.76 -91.12
N THR G 135 5.52 2.99 -90.05
CA THR G 135 5.08 1.90 -89.18
C THR G 135 3.59 1.97 -88.84
N ALA G 136 2.99 0.81 -88.63
CA ALA G 136 1.56 0.71 -88.41
C ALA G 136 1.22 0.03 -87.09
N SER G 137 0.33 0.63 -86.32
CA SER G 137 -0.07 0.10 -85.02
C SER G 137 -1.59 -0.05 -84.99
N VAL G 138 -2.06 -1.29 -85.03
CA VAL G 138 -3.46 -1.59 -84.79
C VAL G 138 -3.69 -1.94 -83.33
N VAL G 139 -4.72 -1.35 -82.75
CA VAL G 139 -5.01 -1.51 -81.33
C VAL G 139 -6.38 -2.14 -81.10
N CYS G 140 -6.41 -3.13 -80.21
CA CYS G 140 -7.68 -3.73 -79.81
C CYS G 140 -7.93 -3.35 -78.36
N LEU G 141 -9.13 -2.88 -78.07
CA LEU G 141 -9.50 -2.51 -76.70
C LEU G 141 -10.59 -3.43 -76.17
N LEU G 142 -10.35 -4.00 -75.01
CA LEU G 142 -11.32 -4.85 -74.31
C LEU G 142 -11.73 -4.13 -73.03
N ASN G 143 -12.96 -3.64 -72.99
CA ASN G 143 -13.38 -2.74 -71.93
C ASN G 143 -14.29 -3.34 -70.86
N ASN G 144 -13.89 -3.14 -69.61
CA ASN G 144 -14.69 -3.43 -68.43
C ASN G 144 -15.29 -4.84 -68.37
N PHE G 145 -14.41 -5.83 -68.25
CA PHE G 145 -14.82 -7.23 -68.22
C PHE G 145 -14.29 -7.90 -66.95
N TYR G 146 -14.77 -9.10 -66.67
CA TYR G 146 -14.29 -9.89 -65.53
C TYR G 146 -14.58 -11.34 -65.82
N PRO G 147 -13.66 -12.24 -65.45
CA PRO G 147 -12.39 -12.01 -64.75
C PRO G 147 -11.27 -11.52 -65.66
N ARG G 148 -10.04 -11.53 -65.14
CA ARG G 148 -8.91 -10.92 -65.83
C ARG G 148 -8.52 -11.68 -67.09
N GLU G 149 -8.80 -12.98 -67.10
CA GLU G 149 -8.33 -13.83 -68.19
C GLU G 149 -9.01 -13.56 -69.53
N ALA G 150 -8.20 -13.34 -70.55
CA ALA G 150 -8.70 -13.01 -71.89
C ALA G 150 -7.65 -13.30 -72.95
N LYS G 151 -8.07 -13.98 -74.02
CA LYS G 151 -7.17 -14.24 -75.14
C LYS G 151 -7.49 -13.28 -76.28
N VAL G 152 -6.47 -12.58 -76.74
CA VAL G 152 -6.62 -11.72 -77.89
C VAL G 152 -5.80 -12.28 -79.05
N GLN G 153 -6.47 -12.61 -80.14
CA GLN G 153 -5.79 -13.15 -81.30
C GLN G 153 -5.95 -12.22 -82.49
N TRP G 154 -4.81 -11.80 -83.04
CA TRP G 154 -4.82 -10.92 -84.19
C TRP G 154 -4.80 -11.77 -85.46
N LYS G 155 -5.72 -11.50 -86.37
CA LYS G 155 -5.75 -12.19 -87.65
C LYS G 155 -5.70 -11.19 -88.79
N VAL G 156 -4.74 -11.38 -89.68
CA VAL G 156 -4.59 -10.52 -90.84
C VAL G 156 -4.86 -11.35 -92.09
N ASP G 157 -5.98 -11.06 -92.75
CA ASP G 157 -6.50 -11.87 -93.86
C ASP G 157 -6.75 -13.32 -93.44
N ASN G 158 -7.11 -13.49 -92.17
CA ASN G 158 -7.38 -14.79 -91.52
C ASN G 158 -6.16 -15.67 -91.18
N ALA G 159 -4.96 -15.16 -91.45
CA ALA G 159 -3.74 -15.85 -91.02
C ALA G 159 -3.37 -15.34 -89.64
N LEU G 160 -3.74 -16.07 -88.59
CA LEU G 160 -3.51 -15.62 -87.21
C LEU G 160 -2.02 -15.34 -86.90
N GLN G 161 -1.78 -14.20 -86.26
CA GLN G 161 -0.43 -13.69 -86.05
C GLN G 161 0.20 -14.11 -84.72
N SER G 162 1.53 -14.04 -84.67
CA SER G 162 2.31 -14.41 -83.51
C SER G 162 3.65 -13.70 -83.49
N GLY G 163 4.00 -13.12 -82.35
CA GLY G 163 5.29 -12.47 -82.16
C GLY G 163 5.32 -10.99 -82.48
N ASN G 164 4.18 -10.41 -82.85
CA ASN G 164 4.15 -9.02 -83.26
C ASN G 164 3.06 -8.21 -82.56
N SER G 165 2.64 -8.68 -81.38
CA SER G 165 1.66 -7.94 -80.58
C SER G 165 2.15 -7.78 -79.15
N GLN G 166 1.56 -6.84 -78.43
CA GLN G 166 1.89 -6.62 -77.02
C GLN G 166 0.66 -6.19 -76.22
N GLU G 167 0.58 -6.66 -74.99
CA GLU G 167 -0.62 -6.50 -74.18
C GLU G 167 -0.36 -5.64 -72.95
N SER G 168 -1.44 -5.07 -72.43
CA SER G 168 -1.38 -4.27 -71.21
C SER G 168 -2.72 -4.23 -70.51
N VAL G 169 -2.74 -4.41 -69.19
CA VAL G 169 -4.00 -4.51 -68.48
C VAL G 169 -4.12 -3.49 -67.34
N THR G 170 -5.28 -2.85 -67.27
CA THR G 170 -5.57 -1.90 -66.20
C THR G 170 -5.56 -2.63 -64.86
N GLU G 171 -5.41 -1.91 -63.76
CA GLU G 171 -5.58 -2.50 -62.43
C GLU G 171 -7.07 -2.60 -62.16
N GLN G 172 -7.51 -3.52 -61.30
CA GLN G 172 -8.93 -3.69 -61.06
C GLN G 172 -9.58 -2.36 -60.74
N ASP G 173 -10.71 -2.09 -61.40
CA ASP G 173 -11.32 -0.79 -61.29
C ASP G 173 -11.98 -0.58 -59.93
N SER G 174 -11.62 0.52 -59.28
CA SER G 174 -12.10 0.84 -57.94
C SER G 174 -13.62 0.89 -57.85
N LYS G 175 -14.24 1.37 -58.93
CA LYS G 175 -15.68 1.59 -58.98
C LYS G 175 -16.49 0.30 -59.27
N ASP G 176 -16.23 -0.32 -60.41
CA ASP G 176 -17.01 -1.48 -60.82
C ASP G 176 -16.27 -2.83 -60.76
N SER G 177 -15.03 -2.82 -60.26
CA SER G 177 -14.22 -4.02 -60.09
C SER G 177 -13.92 -4.82 -61.37
N THR G 178 -13.93 -4.13 -62.51
CA THR G 178 -13.55 -4.77 -63.77
C THR G 178 -12.10 -4.50 -64.15
N TYR G 179 -11.68 -5.14 -65.23
CA TYR G 179 -10.37 -4.90 -65.84
C TYR G 179 -10.54 -4.39 -67.27
N SER G 180 -9.47 -3.84 -67.83
CA SER G 180 -9.45 -3.44 -69.23
C SER G 180 -8.09 -3.80 -69.84
N LEU G 181 -8.09 -4.18 -71.11
CA LEU G 181 -6.87 -4.63 -71.77
C LEU G 181 -6.65 -3.91 -73.09
N SER G 182 -5.41 -3.55 -73.35
CA SER G 182 -5.06 -2.94 -74.62
C SER G 182 -4.01 -3.78 -75.33
N SER G 183 -4.30 -4.12 -76.59
CA SER G 183 -3.41 -4.94 -77.38
C SER G 183 -2.98 -4.14 -78.60
N THR G 184 -1.70 -4.17 -78.91
CA THR G 184 -1.19 -3.41 -80.04
C THR G 184 -0.40 -4.28 -81.00
N LEU G 185 -0.94 -4.43 -82.21
CA LEU G 185 -0.24 -5.13 -83.27
C LEU G 185 0.60 -4.14 -84.07
N THR G 186 1.83 -4.53 -84.39
CA THR G 186 2.76 -3.64 -85.07
C THR G 186 3.35 -4.29 -86.31
N LEU G 187 3.25 -3.58 -87.44
CA LEU G 187 3.89 -3.99 -88.67
C LEU G 187 4.65 -2.81 -89.28
N SER G 188 5.47 -3.09 -90.29
CA SER G 188 6.05 -2.04 -91.11
C SER G 188 4.98 -1.53 -92.06
N LYS G 189 5.11 -0.29 -92.53
CA LYS G 189 4.17 0.25 -93.51
C LYS G 189 4.03 -0.71 -94.69
N ALA G 190 5.16 -1.28 -95.12
CA ALA G 190 5.21 -2.21 -96.24
C ALA G 190 4.24 -3.39 -96.10
N ASP G 191 4.36 -4.10 -94.98
CA ASP G 191 3.51 -5.27 -94.70
C ASP G 191 2.06 -4.87 -94.47
N TYR G 192 1.84 -3.71 -93.85
CA TYR G 192 0.49 -3.24 -93.55
C TYR G 192 -0.30 -3.01 -94.83
N GLU G 193 0.27 -2.23 -95.75
CA GLU G 193 -0.37 -1.99 -97.05
C GLU G 193 -0.05 -3.11 -98.05
N LYS G 194 -0.33 -4.34 -97.64
CA LYS G 194 -0.02 -5.53 -98.42
C LYS G 194 -1.16 -6.52 -98.19
N HIS G 195 -1.77 -6.44 -97.02
CA HIS G 195 -3.00 -7.17 -96.71
C HIS G 195 -4.19 -6.23 -96.52
N LYS G 196 -5.38 -6.80 -96.47
CA LYS G 196 -6.63 -6.04 -96.52
C LYS G 196 -7.43 -6.08 -95.21
N VAL G 197 -7.77 -7.29 -94.76
CA VAL G 197 -8.66 -7.46 -93.60
C VAL G 197 -7.88 -7.62 -92.30
N TYR G 198 -8.05 -6.66 -91.38
CA TYR G 198 -7.42 -6.72 -90.07
C TYR G 198 -8.46 -6.95 -88.98
N ALA G 199 -8.28 -8.03 -88.21
CA ALA G 199 -9.27 -8.41 -87.20
C ALA G 199 -8.67 -8.78 -85.84
N CYS G 200 -9.45 -8.55 -84.80
CA CYS G 200 -9.04 -8.85 -83.43
C CYS G 200 -10.05 -9.83 -82.87
N GLU G 201 -9.63 -11.06 -82.58
CA GLU G 201 -10.53 -12.02 -81.96
C GLU G 201 -10.32 -12.17 -80.46
N VAL G 202 -11.39 -11.92 -79.73
CA VAL G 202 -11.38 -11.96 -78.28
C VAL G 202 -12.16 -13.18 -77.77
N THR G 203 -11.57 -13.88 -76.81
CA THR G 203 -12.23 -15.00 -76.15
C THR G 203 -12.29 -14.71 -74.66
N HIS G 204 -13.49 -14.79 -74.10
CA HIS G 204 -13.71 -14.48 -72.69
C HIS G 204 -14.90 -15.24 -72.14
N GLN G 205 -14.85 -15.55 -70.85
CA GLN G 205 -15.92 -16.30 -70.18
C GLN G 205 -17.31 -15.67 -70.36
N GLY G 206 -17.38 -14.34 -70.41
CA GLY G 206 -18.66 -13.67 -70.51
C GLY G 206 -19.15 -13.58 -71.95
N LEU G 207 -18.35 -14.09 -72.87
CA LEU G 207 -18.70 -14.10 -74.29
C LEU G 207 -19.07 -15.54 -74.65
N SER G 208 -20.33 -15.77 -75.01
CA SER G 208 -20.77 -17.12 -75.35
C SER G 208 -20.04 -17.68 -76.59
N SER G 209 -19.84 -16.81 -77.57
CA SER G 209 -19.07 -17.13 -78.78
C SER G 209 -17.95 -16.11 -78.87
N PRO G 210 -16.75 -16.55 -79.30
CA PRO G 210 -15.67 -15.59 -79.57
C PRO G 210 -16.12 -14.44 -80.47
N VAL G 211 -15.90 -13.21 -80.00
CA VAL G 211 -16.25 -12.01 -80.76
C VAL G 211 -15.07 -11.53 -81.59
N THR G 212 -15.34 -11.15 -82.83
CA THR G 212 -14.32 -10.57 -83.69
C THR G 212 -14.74 -9.16 -84.09
N LYS G 213 -13.85 -8.18 -83.90
CA LYS G 213 -14.10 -6.85 -84.43
C LYS G 213 -13.05 -6.61 -85.50
N SER G 214 -13.40 -5.89 -86.56
CA SER G 214 -12.48 -5.73 -87.68
C SER G 214 -12.71 -4.52 -88.56
N PHE G 215 -11.70 -4.21 -89.37
CA PHE G 215 -11.80 -3.18 -90.38
C PHE G 215 -11.11 -3.62 -91.67
N ASN G 216 -11.50 -3.04 -92.80
CA ASN G 216 -10.75 -3.19 -94.04
C ASN G 216 -9.88 -1.96 -94.25
N ARG G 217 -8.59 -2.16 -94.51
CA ARG G 217 -7.67 -1.05 -94.78
C ARG G 217 -8.18 -0.15 -95.89
N GLN H 1 7.99 12.50 -36.81
CA GLN H 1 7.37 12.12 -38.07
C GLN H 1 8.40 11.46 -38.97
N VAL H 2 8.50 10.14 -38.87
CA VAL H 2 9.52 9.38 -39.59
C VAL H 2 9.40 9.54 -41.10
N GLN H 3 10.46 9.99 -41.76
CA GLN H 3 10.41 10.25 -43.19
C GLN H 3 11.67 9.74 -43.89
N LEU H 4 11.48 9.22 -45.09
CA LEU H 4 12.60 8.75 -45.90
C LEU H 4 12.48 9.35 -47.30
N VAL H 5 13.35 10.29 -47.58
CA VAL H 5 13.31 11.02 -48.83
C VAL H 5 14.41 10.50 -49.74
N GLN H 6 14.00 9.87 -50.84
CA GLN H 6 14.93 9.26 -51.78
C GLN H 6 15.21 10.17 -52.95
N SER H 7 16.40 10.03 -53.53
CA SER H 7 16.81 10.84 -54.66
C SER H 7 15.87 10.70 -55.84
N GLY H 8 16.01 11.57 -56.83
CA GLY H 8 15.04 11.61 -57.91
C GLY H 8 15.30 10.45 -58.86
N ALA H 9 14.43 10.29 -59.84
CA ALA H 9 14.54 9.19 -60.78
C ALA H 9 15.82 9.27 -61.59
N GLU H 10 16.33 8.13 -62.01
CA GLU H 10 17.64 8.08 -62.65
C GLU H 10 17.58 7.20 -63.89
N VAL H 11 18.25 7.65 -64.93
CA VAL H 11 18.36 6.89 -66.17
C VAL H 11 19.81 6.73 -66.56
N LYS H 12 20.27 5.50 -66.72
CA LYS H 12 21.68 5.27 -66.98
C LYS H 12 21.82 4.17 -68.03
N LYS H 13 22.95 4.17 -68.74
CA LYS H 13 23.17 3.17 -69.78
C LYS H 13 24.05 2.02 -69.27
N PRO H 14 23.98 0.84 -69.92
CA PRO H 14 24.72 -0.34 -69.48
C PRO H 14 26.22 -0.14 -69.27
N GLY H 15 26.71 -0.77 -68.20
CA GLY H 15 28.11 -0.70 -67.82
C GLY H 15 28.47 0.50 -66.96
N ALA H 16 27.56 1.47 -66.90
CA ALA H 16 27.76 2.66 -66.07
C ALA H 16 27.45 2.36 -64.61
N SER H 17 27.49 3.39 -63.78
CA SER H 17 27.24 3.23 -62.36
C SER H 17 26.18 4.24 -61.95
N VAL H 18 25.52 3.98 -60.83
CA VAL H 18 24.60 4.93 -60.25
C VAL H 18 24.74 4.95 -58.73
N LYS H 19 24.43 6.09 -58.12
CA LYS H 19 24.48 6.24 -56.67
C LYS H 19 23.23 6.96 -56.17
N LEU H 20 22.40 6.22 -55.43
CA LEU H 20 21.15 6.76 -54.92
C LEU H 20 21.36 7.15 -53.47
N SER H 21 20.54 8.09 -53.02
CA SER H 21 20.62 8.56 -51.65
C SER H 21 19.29 8.39 -50.95
N CYS H 22 19.36 8.33 -49.62
CA CYS H 22 18.17 8.23 -48.83
C CYS H 22 18.29 9.11 -47.60
N LYS H 23 17.48 10.15 -47.52
CA LYS H 23 17.59 11.11 -46.43
C LYS H 23 16.51 10.88 -45.38
N ALA H 24 16.94 10.58 -44.16
CA ALA H 24 16.01 10.26 -43.08
C ALA H 24 15.80 11.44 -42.14
N SER H 25 14.63 11.45 -41.50
CA SER H 25 14.35 12.41 -40.44
C SER H 25 13.24 11.88 -39.52
N GLY H 26 13.05 12.53 -38.38
CA GLY H 26 11.97 12.18 -37.47
C GLY H 26 12.23 11.02 -36.53
N TYR H 27 13.45 10.48 -36.55
CA TYR H 27 13.82 9.41 -35.62
C TYR H 27 15.33 9.46 -35.47
N THR H 28 15.86 8.91 -34.38
CA THR H 28 17.31 8.92 -34.23
C THR H 28 17.99 7.98 -35.22
N PHE H 29 18.79 8.54 -36.13
CA PHE H 29 19.30 7.78 -37.27
C PHE H 29 20.20 6.58 -36.97
N THR H 30 20.99 6.66 -35.91
CA THR H 30 22.01 5.64 -35.72
C THR H 30 21.50 4.49 -34.89
N ALA H 31 20.19 4.44 -34.69
CA ALA H 31 19.63 3.47 -33.77
C ALA H 31 18.85 2.42 -34.55
N TYR H 32 18.70 2.66 -35.86
CA TYR H 32 17.99 1.74 -36.74
C TYR H 32 18.77 1.41 -38.01
N SER H 33 18.74 0.15 -38.42
CA SER H 33 19.43 -0.28 -39.63
C SER H 33 18.82 0.35 -40.85
N MET H 34 19.59 0.38 -41.93
CA MET H 34 19.04 0.81 -43.20
C MET H 34 19.14 -0.32 -44.18
N HIS H 35 18.11 -0.47 -44.99
CA HIS H 35 18.04 -1.56 -45.95
C HIS H 35 17.78 -1.03 -47.35
N TRP H 36 18.32 -1.70 -48.35
CA TRP H 36 18.00 -1.36 -49.72
C TRP H 36 17.38 -2.56 -50.44
N VAL H 37 16.18 -2.36 -50.94
CA VAL H 37 15.39 -3.42 -51.56
C VAL H 37 14.88 -2.90 -52.88
N ARG H 38 15.06 -3.68 -53.94
CA ARG H 38 14.62 -3.27 -55.26
C ARG H 38 13.45 -4.11 -55.79
N GLN H 39 12.79 -3.57 -56.82
CA GLN H 39 11.66 -4.24 -57.44
C GLN H 39 11.62 -4.03 -58.95
N ALA H 40 11.94 -5.08 -59.70
CA ALA H 40 11.79 -5.03 -61.15
C ALA H 40 10.32 -4.85 -61.50
N PRO H 41 10.03 -4.31 -62.70
CA PRO H 41 8.61 -4.01 -62.94
C PRO H 41 7.71 -5.26 -62.94
N GLY H 42 6.58 -5.19 -62.24
CA GLY H 42 5.68 -6.33 -62.13
C GLY H 42 6.25 -7.53 -61.38
N GLN H 43 7.36 -7.32 -60.68
CA GLN H 43 8.08 -8.40 -60.00
C GLN H 43 8.02 -8.26 -58.49
N SER H 44 8.73 -9.18 -57.82
CA SER H 44 8.76 -9.20 -56.37
C SER H 44 9.87 -8.30 -55.83
N LEU H 45 9.86 -8.10 -54.52
CA LEU H 45 10.87 -7.29 -53.85
C LEU H 45 12.16 -8.07 -53.63
N GLU H 46 13.31 -7.43 -53.91
CA GLU H 46 14.59 -8.10 -53.80
C GLU H 46 15.52 -7.29 -52.94
N TRP H 47 15.96 -7.91 -51.85
CA TRP H 47 16.83 -7.26 -50.88
C TRP H 47 18.24 -7.21 -51.48
N LEU H 48 18.85 -6.04 -51.47
CA LEU H 48 20.20 -5.88 -51.98
C LEU H 48 21.24 -5.97 -50.88
N GLY H 49 20.92 -5.39 -49.73
CA GLY H 49 21.79 -5.46 -48.58
C GLY H 49 21.38 -4.50 -47.49
N TRP H 50 22.21 -4.38 -46.47
CA TRP H 50 21.90 -3.49 -45.37
C TRP H 50 23.14 -2.85 -44.77
N ILE H 51 22.92 -1.75 -44.06
CA ILE H 51 23.99 -1.06 -43.36
C ILE H 51 23.61 -0.76 -41.93
N ASN H 52 24.56 -1.06 -41.05
CA ASN H 52 24.50 -0.75 -39.65
C ASN H 52 24.81 0.73 -39.47
N THR H 53 23.81 1.52 -39.11
CA THR H 53 23.97 2.97 -39.16
C THR H 53 24.91 3.59 -38.15
N ALA H 54 25.20 2.88 -37.07
CA ALA H 54 26.08 3.44 -36.06
C ALA H 54 27.52 3.24 -36.49
N ILE H 55 27.82 1.98 -36.76
CA ILE H 55 29.16 1.55 -37.10
C ILE H 55 29.48 1.75 -38.57
N GLY H 56 28.57 1.32 -39.44
CA GLY H 56 28.74 1.52 -40.86
C GLY H 56 29.09 0.26 -41.63
N ASN H 57 29.15 -0.88 -40.94
CA ASN H 57 29.40 -2.13 -41.65
C ASN H 57 28.17 -2.61 -42.39
N THR H 58 28.39 -3.45 -43.38
CA THR H 58 27.33 -3.89 -44.27
C THR H 58 27.44 -5.38 -44.53
N GLN H 59 26.37 -5.94 -45.08
CA GLN H 59 26.48 -7.17 -45.84
C GLN H 59 25.45 -7.14 -46.96
N TYR H 60 25.81 -7.74 -48.09
CA TYR H 60 24.98 -7.64 -49.27
C TYR H 60 24.50 -9.03 -49.63
N SER H 61 23.51 -9.11 -50.52
CA SER H 61 23.05 -10.40 -51.01
C SER H 61 24.13 -10.87 -51.98
N GLN H 62 24.38 -12.17 -51.99
CA GLN H 62 25.48 -12.71 -52.79
C GLN H 62 25.33 -12.39 -54.27
N LYS H 63 24.10 -12.33 -54.77
CA LYS H 63 23.91 -11.98 -56.19
C LYS H 63 24.36 -10.55 -56.49
N PHE H 64 24.82 -9.83 -55.47
CA PHE H 64 25.13 -8.41 -55.63
C PHE H 64 26.43 -7.97 -54.93
N GLN H 65 27.09 -8.88 -54.22
CA GLN H 65 28.30 -8.51 -53.48
C GLN H 65 29.38 -7.88 -54.36
N ASP H 66 29.40 -8.33 -55.62
CA ASP H 66 30.31 -7.79 -56.63
C ASP H 66 30.09 -6.29 -56.86
N ARG H 67 28.83 -5.88 -57.04
CA ARG H 67 28.53 -4.57 -57.60
C ARG H 67 27.86 -3.54 -56.69
N VAL H 68 27.31 -3.95 -55.56
CA VAL H 68 26.59 -2.98 -54.74
C VAL H 68 27.45 -2.57 -53.55
N THR H 69 27.42 -1.28 -53.22
CA THR H 69 28.05 -0.76 -52.01
C THR H 69 27.10 0.21 -51.30
N ILE H 70 26.90 -0.01 -50.01
CA ILE H 70 26.02 0.80 -49.19
C ILE H 70 26.81 1.66 -48.20
N THR H 71 26.36 2.90 -48.01
CA THR H 71 27.13 3.92 -47.33
C THR H 71 26.20 4.67 -46.39
N ARG H 72 26.74 5.29 -45.35
CA ARG H 72 25.95 6.24 -44.58
C ARG H 72 26.79 7.43 -44.13
N ASP H 73 26.11 8.53 -43.89
CA ASP H 73 26.73 9.77 -43.48
C ASP H 73 25.97 10.18 -42.26
N THR H 74 26.60 9.99 -41.11
CA THR H 74 25.86 10.06 -39.86
C THR H 74 25.46 11.47 -39.48
N SER H 75 26.24 12.46 -39.90
CA SER H 75 25.88 13.84 -39.63
C SER H 75 24.78 14.27 -40.59
N ALA H 76 24.75 13.65 -41.76
CA ALA H 76 23.74 13.96 -42.78
C ALA H 76 22.42 13.24 -42.56
N ARG H 77 22.41 12.26 -41.66
CA ARG H 77 21.26 11.37 -41.51
C ARG H 77 20.89 10.74 -42.84
N THR H 78 21.88 10.29 -43.58
CA THR H 78 21.63 9.87 -44.96
C THR H 78 22.28 8.53 -45.36
N SER H 79 21.56 7.72 -46.13
CA SER H 79 22.12 6.48 -46.64
C SER H 79 22.37 6.60 -48.13
N TYR H 80 23.24 5.73 -48.66
CA TYR H 80 23.64 5.81 -50.05
C TYR H 80 23.84 4.41 -50.56
N MET H 81 23.28 4.13 -51.73
CA MET H 81 23.50 2.84 -52.36
C MET H 81 24.07 3.05 -53.76
N GLU H 82 25.21 2.41 -54.04
CA GLU H 82 25.87 2.61 -55.33
C GLU H 82 26.01 1.29 -56.06
N LEU H 83 25.39 1.22 -57.22
CA LEU H 83 25.44 0.03 -58.07
C LEU H 83 26.24 0.26 -59.35
N SER H 84 27.12 -0.69 -59.67
CA SER H 84 28.07 -0.53 -60.79
C SER H 84 27.84 -1.61 -61.82
N SER H 85 28.44 -1.41 -63.01
CA SER H 85 28.33 -2.36 -64.12
C SER H 85 26.86 -2.71 -64.38
N LEU H 86 26.04 -1.67 -64.53
CA LEU H 86 24.61 -1.82 -64.71
C LEU H 86 24.23 -2.61 -65.96
N ARG H 87 23.16 -3.39 -65.88
CA ARG H 87 22.65 -4.14 -67.02
C ARG H 87 21.18 -3.89 -67.10
N SER H 88 20.59 -4.24 -68.24
CA SER H 88 19.18 -3.96 -68.50
C SER H 88 18.32 -4.61 -67.41
N GLY H 89 18.77 -5.76 -66.91
CA GLY H 89 18.09 -6.49 -65.85
C GLY H 89 18.07 -5.81 -64.47
N ASP H 90 18.73 -4.65 -64.37
CA ASP H 90 18.76 -3.85 -63.14
C ASP H 90 17.70 -2.76 -63.18
N THR H 91 16.95 -2.71 -64.27
CA THR H 91 15.86 -1.75 -64.35
C THR H 91 14.82 -2.16 -63.31
N ALA H 92 14.58 -1.27 -62.36
CA ALA H 92 13.75 -1.59 -61.20
C ALA H 92 13.53 -0.34 -60.36
N VAL H 93 12.59 -0.43 -59.42
CA VAL H 93 12.45 0.61 -58.41
C VAL H 93 13.29 0.26 -57.21
N TYR H 94 14.06 1.23 -56.73
CA TYR H 94 14.97 0.98 -55.61
C TYR H 94 14.47 1.72 -54.40
N PHE H 95 14.03 0.93 -53.43
CA PHE H 95 13.55 1.45 -52.17
C PHE H 95 14.67 1.45 -51.16
N CYS H 96 14.74 2.49 -50.35
CA CYS H 96 15.47 2.37 -49.09
C CYS H 96 14.41 2.21 -48.02
N ALA H 97 14.74 1.44 -46.99
CA ALA H 97 13.77 1.16 -45.95
C ALA H 97 14.47 1.06 -44.60
N ARG H 98 13.85 1.63 -43.58
CA ARG H 98 14.44 1.59 -42.27
C ARG H 98 14.09 0.26 -41.64
N GLY H 99 15.07 -0.40 -41.02
CA GLY H 99 14.82 -1.65 -40.36
C GLY H 99 14.02 -1.36 -39.11
N ALA H 100 13.34 -2.36 -38.58
CA ALA H 100 12.64 -2.17 -37.31
C ALA H 100 13.68 -2.21 -36.22
N SER H 101 14.77 -2.93 -36.50
CA SER H 101 15.93 -2.98 -35.63
C SER H 101 17.17 -3.05 -36.46
N TRP H 102 18.26 -2.45 -35.97
CA TRP H 102 19.54 -2.63 -36.63
C TRP H 102 19.97 -4.05 -36.30
N ASP H 103 20.88 -4.59 -37.11
CA ASP H 103 21.34 -5.99 -37.17
C ASP H 103 20.52 -6.78 -38.18
N ALA H 104 19.48 -6.14 -38.69
CA ALA H 104 18.68 -6.64 -39.84
C ALA H 104 17.71 -7.75 -39.44
N ARG H 105 17.77 -8.19 -38.19
CA ARG H 105 16.82 -9.18 -37.72
C ARG H 105 15.61 -8.39 -37.25
N GLY H 106 14.85 -7.88 -38.21
CA GLY H 106 13.68 -7.06 -37.96
C GLY H 106 13.05 -6.69 -39.28
N TRP H 107 11.73 -6.50 -39.27
CA TRP H 107 10.96 -6.18 -40.46
C TRP H 107 11.22 -4.73 -40.85
N SER H 108 10.53 -4.26 -41.88
CA SER H 108 10.56 -2.83 -42.22
C SER H 108 9.26 -2.08 -42.01
N GLY H 109 9.28 -1.09 -41.12
CA GLY H 109 8.07 -0.37 -40.79
C GLY H 109 7.94 0.92 -41.55
N TYR H 110 9.03 1.31 -42.22
CA TYR H 110 9.04 2.55 -42.98
C TYR H 110 9.85 2.39 -44.25
N TRP H 111 9.19 2.63 -45.38
CA TRP H 111 9.85 2.50 -46.68
C TRP H 111 9.88 3.84 -47.39
N GLY H 112 10.95 4.11 -48.11
CA GLY H 112 10.98 5.31 -48.92
C GLY H 112 10.03 5.13 -50.10
N LYS H 113 9.60 6.24 -50.69
CA LYS H 113 8.61 6.21 -51.75
C LYS H 113 9.15 5.54 -53.02
N GLY H 114 10.46 5.31 -53.05
CA GLY H 114 11.09 4.62 -54.17
C GLY H 114 11.79 5.52 -55.18
N THR H 115 12.83 4.97 -55.79
CA THR H 115 13.55 5.66 -56.85
C THR H 115 13.62 4.76 -58.07
N LEU H 116 13.02 5.18 -59.17
CA LEU H 116 13.08 4.38 -60.38
C LEU H 116 14.41 4.58 -61.05
N VAL H 117 15.08 3.50 -61.39
CA VAL H 117 16.32 3.58 -62.15
C VAL H 117 16.18 2.70 -63.39
N THR H 118 16.31 3.32 -64.57
CA THR H 118 16.16 2.61 -65.85
C THR H 118 17.49 2.40 -66.55
N VAL H 119 17.80 1.14 -66.88
CA VAL H 119 19.03 0.83 -67.59
C VAL H 119 18.78 0.30 -69.00
N SER H 120 19.12 1.12 -70.00
CA SER H 120 19.00 0.76 -71.40
C SER H 120 20.00 1.57 -72.21
N SER H 121 20.31 1.11 -73.41
CA SER H 121 21.27 1.80 -74.25
C SER H 121 20.54 2.82 -75.12
N ALA H 122 19.22 2.84 -75.01
CA ALA H 122 18.44 3.89 -75.63
C ALA H 122 18.71 5.21 -74.93
N SER H 123 18.48 6.30 -75.62
CA SER H 123 18.70 7.63 -75.06
C SER H 123 17.35 8.33 -74.94
N THR H 124 17.36 9.45 -74.22
CA THR H 124 16.14 10.23 -74.00
C THR H 124 15.50 10.57 -75.33
N LYS H 125 14.21 10.26 -75.45
CA LYS H 125 13.43 10.60 -76.63
C LYS H 125 12.00 10.95 -76.24
N GLY H 126 11.47 12.01 -76.82
CA GLY H 126 10.08 12.36 -76.60
C GLY H 126 9.18 11.54 -77.50
N PRO H 127 7.94 11.33 -77.04
CA PRO H 127 6.97 10.46 -77.73
C PRO H 127 6.27 11.14 -78.89
N SER H 128 5.77 10.33 -79.82
CA SER H 128 4.82 10.79 -80.82
C SER H 128 3.43 10.41 -80.34
N VAL H 129 2.48 11.34 -80.46
CA VAL H 129 1.13 11.07 -80.00
C VAL H 129 0.18 10.96 -81.19
N PHE H 130 -0.34 9.75 -81.39
CA PHE H 130 -1.24 9.48 -82.51
C PHE H 130 -2.65 9.28 -81.98
N PRO H 131 -3.65 9.71 -82.76
CA PRO H 131 -5.04 9.54 -82.33
C PRO H 131 -5.49 8.09 -82.45
N LEU H 132 -6.27 7.62 -81.48
CA LEU H 132 -7.10 6.45 -81.68
C LEU H 132 -8.52 6.93 -82.01
N ALA H 133 -8.79 7.14 -83.29
CA ALA H 133 -10.02 7.79 -83.72
C ALA H 133 -11.26 6.92 -83.55
N PRO H 134 -12.33 7.49 -82.97
CA PRO H 134 -13.64 6.84 -82.80
C PRO H 134 -14.26 6.46 -84.13
N GLY H 141 -21.69 0.11 -78.14
CA GLY H 141 -23.12 -0.02 -78.27
C GLY H 141 -23.87 1.20 -77.76
N GLY H 142 -23.95 2.23 -78.61
CA GLY H 142 -24.51 3.51 -78.20
C GLY H 142 -23.45 4.40 -77.59
N THR H 143 -22.41 3.76 -77.07
CA THR H 143 -21.20 4.47 -76.64
C THR H 143 -20.06 4.07 -77.57
N ALA H 144 -19.13 4.99 -77.78
CA ALA H 144 -17.98 4.71 -78.63
C ALA H 144 -16.71 4.85 -77.81
N ALA H 145 -15.60 4.38 -78.36
CA ALA H 145 -14.33 4.48 -77.68
C ALA H 145 -13.33 5.23 -78.55
N LEU H 146 -12.65 6.18 -77.92
CA LEU H 146 -11.54 6.87 -78.57
C LEU H 146 -10.34 6.89 -77.63
N GLY H 147 -9.19 7.31 -78.15
CA GLY H 147 -7.99 7.29 -77.36
C GLY H 147 -6.79 8.00 -77.98
N CYS H 148 -5.64 7.83 -77.34
CA CYS H 148 -4.38 8.37 -77.83
C CYS H 148 -3.34 7.27 -77.74
N LEU H 149 -2.48 7.17 -78.75
CA LEU H 149 -1.38 6.23 -78.65
C LEU H 149 -0.09 7.03 -78.49
N VAL H 150 0.52 6.88 -77.32
CA VAL H 150 1.76 7.56 -77.00
C VAL H 150 2.87 6.57 -77.27
N LYS H 151 3.71 6.86 -78.27
CA LYS H 151 4.56 5.83 -78.85
C LYS H 151 6.03 6.24 -78.97
N ASP H 152 6.91 5.25 -78.78
CA ASP H 152 8.35 5.41 -78.99
C ASP H 152 8.99 6.51 -78.14
N TYR H 153 8.89 6.37 -76.83
CA TYR H 153 9.55 7.30 -75.93
C TYR H 153 10.49 6.57 -74.99
N PHE H 154 11.29 7.36 -74.28
CA PHE H 154 12.24 6.83 -73.32
C PHE H 154 12.77 8.01 -72.52
N PRO H 155 12.91 7.83 -71.19
CA PRO H 155 12.48 6.65 -70.45
C PRO H 155 11.08 6.86 -69.90
N GLU H 156 10.62 5.93 -69.06
CA GLU H 156 9.41 6.15 -68.29
C GLU H 156 9.66 7.32 -67.35
N PRO H 157 8.58 7.92 -66.82
CA PRO H 157 7.15 7.65 -66.95
C PRO H 157 6.50 8.64 -67.91
N VAL H 158 5.23 8.41 -68.20
CA VAL H 158 4.45 9.36 -68.97
C VAL H 158 3.13 9.59 -68.22
N THR H 159 2.60 10.80 -68.25
CA THR H 159 1.27 11.06 -67.70
C THR H 159 0.28 11.53 -68.77
N VAL H 160 -0.94 11.02 -68.68
CA VAL H 160 -2.03 11.40 -69.57
C VAL H 160 -3.32 11.80 -68.83
N SER H 161 -3.88 12.95 -69.20
CA SER H 161 -5.22 13.33 -68.73
C SER H 161 -6.06 13.67 -69.95
N TRP H 162 -7.36 13.88 -69.75
CA TRP H 162 -8.24 14.19 -70.87
C TRP H 162 -8.99 15.50 -70.64
N ASN H 163 -8.91 16.39 -71.63
CA ASN H 163 -9.51 17.72 -71.51
C ASN H 163 -9.03 18.39 -70.23
N SER H 164 -7.70 18.37 -70.07
CA SER H 164 -7.00 19.11 -69.01
C SER H 164 -7.43 18.70 -67.60
N GLY H 165 -8.00 17.50 -67.49
CA GLY H 165 -8.39 16.97 -66.21
C GLY H 165 -9.90 16.87 -66.03
N ALA H 166 -10.65 17.47 -66.94
CA ALA H 166 -12.10 17.58 -66.82
C ALA H 166 -12.83 16.27 -67.12
N LEU H 167 -12.26 15.44 -68.00
CA LEU H 167 -12.85 14.16 -68.33
C LEU H 167 -12.10 13.03 -67.62
N THR H 168 -12.73 12.43 -66.62
CA THR H 168 -12.06 11.36 -65.87
C THR H 168 -12.84 10.04 -65.84
N SER H 169 -14.17 10.10 -65.74
CA SER H 169 -14.99 8.89 -65.80
C SER H 169 -14.83 8.15 -67.13
N GLY H 170 -14.55 6.85 -67.05
CA GLY H 170 -14.49 6.01 -68.22
C GLY H 170 -13.11 5.96 -68.85
N VAL H 171 -12.22 6.83 -68.36
CA VAL H 171 -10.84 6.86 -68.83
C VAL H 171 -10.08 5.65 -68.32
N HIS H 172 -9.35 5.01 -69.22
CA HIS H 172 -8.40 3.97 -68.82
C HIS H 172 -7.07 4.21 -69.52
N THR H 173 -6.08 4.63 -68.74
CA THR H 173 -4.71 4.71 -69.21
C THR H 173 -3.97 3.45 -68.81
N PHE H 174 -3.36 2.80 -69.79
CA PHE H 174 -2.75 1.51 -69.58
C PHE H 174 -1.29 1.63 -69.18
N PRO H 175 -0.77 0.61 -68.50
CA PRO H 175 0.67 0.51 -68.22
C PRO H 175 1.42 0.49 -69.54
N ALA H 176 2.57 1.15 -69.60
CA ALA H 176 3.34 1.15 -70.82
C ALA H 176 3.90 -0.24 -71.09
N VAL H 177 4.27 -0.49 -72.34
CA VAL H 177 5.01 -1.71 -72.66
C VAL H 177 6.30 -1.34 -73.36
N LEU H 178 7.28 -2.23 -73.27
CA LEU H 178 8.61 -1.95 -73.80
C LEU H 178 8.81 -2.75 -75.07
N GLN H 179 9.02 -2.05 -76.18
CA GLN H 179 9.06 -2.69 -77.49
C GLN H 179 10.47 -3.16 -77.82
N SER H 180 10.62 -3.84 -78.95
CA SER H 180 11.90 -4.38 -79.38
C SER H 180 12.93 -3.27 -79.50
N SER H 181 12.46 -2.09 -79.86
CA SER H 181 13.33 -0.94 -80.10
C SER H 181 14.05 -0.47 -78.83
N GLY H 182 13.57 -0.90 -77.66
CA GLY H 182 14.10 -0.40 -76.41
C GLY H 182 13.29 0.79 -75.92
N LEU H 183 12.35 1.24 -76.76
CA LEU H 183 11.47 2.36 -76.48
C LEU H 183 10.13 1.88 -75.91
N TYR H 184 9.47 2.75 -75.14
CA TYR H 184 8.24 2.40 -74.44
C TYR H 184 7.04 2.86 -75.26
N SER H 185 5.89 2.23 -75.03
CA SER H 185 4.67 2.60 -75.72
C SER H 185 3.46 2.45 -74.81
N LEU H 186 2.57 3.43 -74.89
CA LEU H 186 1.42 3.50 -74.00
C LEU H 186 0.17 3.93 -74.75
N SER H 187 -0.99 3.50 -74.27
CA SER H 187 -2.24 4.00 -74.80
C SER H 187 -3.20 4.43 -73.69
N SER H 188 -4.01 5.45 -73.99
CA SER H 188 -5.00 5.97 -73.06
C SER H 188 -6.33 6.15 -73.77
N VAL H 189 -7.39 5.57 -73.22
CA VAL H 189 -8.68 5.55 -73.89
C VAL H 189 -9.79 6.00 -72.95
N VAL H 190 -10.93 6.38 -73.54
CA VAL H 190 -12.08 6.77 -72.75
C VAL H 190 -13.35 6.36 -73.48
N THR H 191 -14.32 5.87 -72.73
CA THR H 191 -15.63 5.60 -73.30
C THR H 191 -16.52 6.80 -73.12
N VAL H 192 -17.28 7.10 -74.16
CA VAL H 192 -18.00 8.34 -74.26
C VAL H 192 -19.25 8.01 -75.07
N PRO H 193 -20.31 8.81 -74.92
CA PRO H 193 -21.48 8.44 -75.72
C PRO H 193 -21.25 8.80 -77.19
N SER H 194 -21.66 7.92 -78.10
CA SER H 194 -21.55 8.15 -79.54
C SER H 194 -22.14 9.51 -79.89
N SER H 195 -23.24 9.83 -79.22
CA SER H 195 -23.94 11.08 -79.42
C SER H 195 -23.09 12.34 -79.19
N SER H 196 -22.00 12.19 -78.44
CA SER H 196 -21.17 13.33 -78.06
C SER H 196 -20.16 13.69 -79.14
N LEU H 197 -19.84 12.71 -79.98
CA LEU H 197 -18.67 12.73 -80.86
C LEU H 197 -18.41 14.03 -81.64
N GLY H 198 -19.36 14.43 -82.49
CA GLY H 198 -19.17 15.59 -83.34
C GLY H 198 -19.23 16.94 -82.65
N THR H 199 -19.80 16.98 -81.44
CA THR H 199 -19.98 18.26 -80.74
C THR H 199 -19.05 18.49 -79.56
N GLN H 200 -18.80 17.46 -78.77
CA GLN H 200 -17.82 17.56 -77.70
C GLN H 200 -16.41 17.38 -78.25
N THR H 201 -15.52 18.29 -77.87
CA THR H 201 -14.10 18.19 -78.23
C THR H 201 -13.37 17.30 -77.23
N TYR H 202 -12.54 16.39 -77.72
CA TYR H 202 -11.75 15.56 -76.81
C TYR H 202 -10.26 15.70 -77.09
N ILE H 203 -9.54 16.28 -76.13
CA ILE H 203 -8.10 16.46 -76.24
C ILE H 203 -7.41 15.69 -75.13
N CYS H 204 -6.34 14.96 -75.47
CA CYS H 204 -5.54 14.27 -74.46
C CYS H 204 -4.24 15.01 -74.18
N ASN H 205 -3.97 15.20 -72.90
CA ASN H 205 -2.79 15.92 -72.43
C ASN H 205 -1.74 14.91 -72.00
N VAL H 206 -0.66 14.85 -72.77
CA VAL H 206 0.42 13.93 -72.50
C VAL H 206 1.63 14.71 -72.01
N ASN H 207 2.26 14.18 -70.96
CA ASN H 207 3.44 14.80 -70.41
C ASN H 207 4.57 13.78 -70.31
N HIS H 208 5.70 14.08 -70.93
CA HIS H 208 6.88 13.24 -70.76
C HIS H 208 8.03 14.10 -70.26
N LYS H 209 8.05 14.31 -68.95
CA LYS H 209 9.02 15.18 -68.28
C LYS H 209 10.52 14.90 -68.56
N PRO H 210 10.94 13.62 -68.67
CA PRO H 210 12.36 13.39 -68.97
C PRO H 210 12.87 14.01 -70.27
N SER H 211 11.99 14.29 -71.22
CA SER H 211 12.42 14.89 -72.48
C SER H 211 11.83 16.29 -72.65
N ASN H 212 11.20 16.79 -71.58
CA ASN H 212 10.47 18.06 -71.62
C ASN H 212 9.46 18.14 -72.74
N THR H 213 8.67 17.09 -72.90
CA THR H 213 7.66 17.07 -73.94
C THR H 213 6.28 17.21 -73.32
N LYS H 214 5.57 18.24 -73.75
CA LYS H 214 4.20 18.46 -73.32
C LYS H 214 3.42 18.54 -74.62
N VAL H 215 2.35 17.76 -74.72
CA VAL H 215 1.65 17.62 -75.99
C VAL H 215 0.15 17.44 -75.80
N ASP H 216 -0.62 18.21 -76.54
CA ASP H 216 -2.07 18.06 -76.53
C ASP H 216 -2.50 17.65 -77.93
N LYS H 217 -3.30 16.60 -78.02
CA LYS H 217 -3.78 16.11 -79.30
C LYS H 217 -5.28 15.95 -79.31
N ARG H 218 -5.94 16.63 -80.24
CA ARG H 218 -7.38 16.55 -80.37
C ARG H 218 -7.71 15.28 -81.14
N VAL H 219 -8.70 14.55 -80.66
CA VAL H 219 -9.13 13.32 -81.31
C VAL H 219 -10.54 13.43 -81.89
N GLU H 220 -10.66 13.18 -83.19
CA GLU H 220 -11.94 13.27 -83.88
C GLU H 220 -12.08 12.06 -84.79
N PRO H 221 -13.32 11.77 -85.28
CA PRO H 221 -13.51 10.68 -86.25
C PRO H 221 -12.75 10.95 -87.56
N ASP I 1 36.07 -35.36 26.52
CA ASP I 1 34.96 -34.78 25.77
C ASP I 1 33.96 -34.15 26.72
N ILE I 2 32.77 -33.85 26.20
CA ILE I 2 31.70 -33.32 27.03
C ILE I 2 30.85 -34.44 27.62
N GLN I 3 30.95 -34.61 28.94
CA GLN I 3 30.22 -35.66 29.63
C GLN I 3 28.77 -35.25 29.84
N MET I 4 27.84 -36.09 29.43
CA MET I 4 26.43 -35.81 29.70
C MET I 4 25.95 -36.70 30.82
N THR I 5 25.27 -36.13 31.80
CA THR I 5 24.92 -36.90 32.97
C THR I 5 23.49 -36.61 33.38
N GLN I 6 22.64 -37.63 33.33
CA GLN I 6 21.24 -37.45 33.67
C GLN I 6 20.87 -37.82 35.09
N SER I 7 19.76 -37.26 35.54
CA SER I 7 19.23 -37.52 36.87
C SER I 7 17.73 -37.35 36.81
N PRO I 8 16.98 -38.34 37.31
CA PRO I 8 17.54 -39.54 37.95
C PRO I 8 17.83 -40.64 36.92
N ASP I 9 18.39 -41.77 37.36
CA ASP I 9 18.67 -42.89 36.45
C ASP I 9 17.34 -43.56 36.13
N SER I 10 16.47 -43.63 37.12
CA SER I 10 15.15 -44.23 36.94
C SER I 10 14.12 -43.35 37.61
N LEU I 11 12.93 -43.30 37.02
CA LEU I 11 11.92 -42.39 37.51
C LEU I 11 10.54 -43.03 37.39
N ALA I 12 9.80 -43.00 38.49
CA ALA I 12 8.49 -43.60 38.56
C ALA I 12 7.43 -42.53 38.82
N VAL I 13 6.47 -42.41 37.92
CA VAL I 13 5.41 -41.44 38.09
C VAL I 13 4.04 -42.05 37.80
N SER I 14 3.02 -41.50 38.44
CA SER I 14 1.67 -42.02 38.33
C SER I 14 1.11 -41.54 37.01
N LEU I 15 0.09 -42.24 36.52
CA LEU I 15 -0.57 -41.87 35.29
C LEU I 15 -1.11 -40.45 35.44
N GLY I 16 -0.96 -39.64 34.39
CA GLY I 16 -1.49 -38.29 34.44
C GLY I 16 -0.63 -37.30 35.20
N GLU I 17 0.38 -37.82 35.91
CA GLU I 17 1.22 -36.98 36.72
C GLU I 17 2.42 -36.47 35.92
N ARG I 18 3.19 -35.62 36.57
CA ARG I 18 4.26 -34.89 35.92
C ARG I 18 5.60 -35.62 36.03
N ALA I 19 6.37 -35.57 34.94
CA ALA I 19 7.69 -36.20 34.90
C ALA I 19 8.77 -35.22 34.49
N THR I 20 9.88 -35.25 35.23
CA THR I 20 10.96 -34.28 35.08
C THR I 20 12.31 -34.98 35.08
N ILE I 21 13.05 -34.87 33.99
CA ILE I 21 14.37 -35.49 33.88
C ILE I 21 15.42 -34.40 33.72
N ASN I 22 16.54 -34.55 34.41
CA ASN I 22 17.53 -33.50 34.42
C ASN I 22 18.82 -33.92 33.72
N CYS I 23 19.43 -32.97 33.03
CA CYS I 23 20.70 -33.21 32.36
C CYS I 23 21.79 -32.18 32.64
N LYS I 24 22.97 -32.63 33.04
CA LYS I 24 24.12 -31.74 33.16
C LYS I 24 25.23 -32.17 32.22
N SER I 25 25.77 -31.18 31.51
CA SER I 25 26.85 -31.36 30.56
C SER I 25 28.13 -30.87 31.23
N SER I 26 29.26 -31.49 30.87
CA SER I 26 30.54 -31.21 31.51
C SER I 26 31.09 -29.84 31.15
N GLN I 27 30.63 -29.31 30.02
CA GLN I 27 30.99 -27.97 29.60
C GLN I 27 29.77 -27.31 28.97
N SER I 28 29.76 -25.98 28.88
CA SER I 28 28.59 -25.30 28.36
C SER I 28 28.36 -25.63 26.88
N VAL I 29 27.08 -25.75 26.50
CA VAL I 29 26.73 -26.11 25.14
C VAL I 29 25.93 -24.97 24.56
N PHE I 30 26.18 -23.79 25.10
CA PHE I 30 25.58 -22.57 24.63
C PHE I 30 26.58 -21.87 23.75
N SER I 31 26.10 -21.36 22.62
CA SER I 31 26.96 -20.58 21.75
C SER I 31 26.51 -19.13 21.83
N SER I 32 27.38 -18.27 22.32
CA SER I 32 27.09 -16.84 22.39
C SER I 32 27.01 -16.32 20.96
N SER I 33 27.69 -17.05 20.08
CA SER I 33 27.69 -16.80 18.65
C SER I 33 26.33 -16.93 17.96
N THR I 34 25.58 -17.96 18.31
CA THR I 34 24.29 -18.24 17.66
C THR I 34 23.09 -18.04 18.58
N ASN I 35 23.37 -17.72 19.83
CA ASN I 35 22.41 -17.64 20.94
C ASN I 35 21.48 -18.84 21.07
N LYS I 36 22.05 -20.03 20.95
CA LYS I 36 21.33 -21.29 21.08
C LYS I 36 22.05 -22.28 21.98
N ASN I 37 21.27 -23.15 22.62
CA ASN I 37 21.83 -24.29 23.33
C ASN I 37 21.80 -25.52 22.45
N TYR I 38 22.96 -26.10 22.21
CA TYR I 38 23.10 -27.23 21.30
C TYR I 38 22.82 -28.56 21.98
N LEU I 39 21.55 -28.78 22.29
CA LEU I 39 21.13 -29.84 23.18
C LEU I 39 19.88 -30.44 22.61
N ALA I 40 19.81 -31.76 22.61
CA ALA I 40 18.63 -32.46 22.16
C ALA I 40 18.18 -33.55 23.11
N TRP I 41 16.91 -33.89 22.99
CA TRP I 41 16.31 -34.96 23.76
C TRP I 41 15.69 -36.00 22.85
N TYR I 42 15.93 -37.25 23.17
CA TYR I 42 15.46 -38.37 22.37
C TYR I 42 14.66 -39.38 23.20
N GLN I 43 13.69 -40.01 22.57
CA GLN I 43 12.97 -41.09 23.19
C GLN I 43 13.41 -42.39 22.57
N GLN I 44 13.50 -43.44 23.38
CA GLN I 44 13.84 -44.74 22.85
C GLN I 44 13.07 -45.84 23.57
N LYS I 45 12.24 -46.54 22.81
CA LYS I 45 11.52 -47.69 23.30
C LYS I 45 12.29 -48.93 22.86
N PRO I 46 12.22 -50.00 23.66
CA PRO I 46 13.04 -51.18 23.37
C PRO I 46 12.81 -51.71 21.96
N GLY I 47 13.91 -52.04 21.27
CA GLY I 47 13.82 -52.54 19.91
C GLY I 47 13.91 -51.40 18.92
N GLN I 48 13.30 -50.27 19.26
CA GLN I 48 13.19 -49.15 18.33
C GLN I 48 14.40 -48.23 18.45
N PRO I 49 14.69 -47.48 17.38
CA PRO I 49 15.72 -46.44 17.38
C PRO I 49 15.25 -45.22 18.17
N PRO I 50 16.17 -44.31 18.49
CA PRO I 50 15.84 -43.07 19.21
C PRO I 50 14.95 -42.13 18.38
N LYS I 51 14.11 -41.34 19.04
CA LYS I 51 13.29 -40.37 18.33
C LYS I 51 13.44 -39.00 18.98
N VAL I 52 13.86 -37.99 18.22
CA VAL I 52 13.97 -36.66 18.79
C VAL I 52 12.64 -36.20 19.32
N LEU I 53 12.63 -35.64 20.53
CA LEU I 53 11.45 -34.96 21.03
C LEU I 53 11.77 -33.50 20.91
N ILE I 54 13.00 -33.16 21.28
CA ILE I 54 13.40 -31.78 21.46
C ILE I 54 14.83 -31.48 21.00
N TYR I 55 15.00 -30.32 20.35
CA TYR I 55 16.30 -29.81 19.91
C TYR I 55 16.39 -28.32 20.22
N TRP I 56 17.59 -27.75 20.08
CA TRP I 56 17.91 -26.44 20.62
C TRP I 56 17.50 -26.36 22.08
N SER I 57 17.66 -27.48 22.76
CA SER I 57 17.32 -27.62 24.17
C SER I 57 15.86 -27.37 24.54
N SER I 58 15.16 -26.59 23.73
CA SER I 58 13.80 -26.19 24.07
C SER I 58 12.83 -26.21 22.90
N THR I 59 13.28 -26.61 21.71
CA THR I 59 12.35 -26.69 20.60
C THR I 59 11.82 -28.10 20.39
N ARG I 60 10.52 -28.20 20.25
CA ARG I 60 9.83 -29.47 20.08
C ARG I 60 9.80 -29.87 18.62
N GLU I 61 10.18 -31.12 18.36
CA GLU I 61 10.18 -31.68 17.02
C GLU I 61 8.71 -31.72 16.62
N SER I 62 8.40 -31.55 15.33
CA SER I 62 7.00 -31.57 14.93
C SER I 62 6.39 -32.97 15.08
N GLY I 63 5.11 -33.02 15.45
CA GLY I 63 4.46 -34.31 15.64
C GLY I 63 4.56 -34.86 17.04
N VAL I 64 5.56 -34.40 17.78
CA VAL I 64 5.69 -34.76 19.19
C VAL I 64 4.60 -33.99 19.89
N PRO I 65 3.81 -34.69 20.71
CA PRO I 65 2.71 -34.06 21.46
C PRO I 65 3.20 -32.99 22.42
N ASP I 66 2.34 -32.00 22.63
CA ASP I 66 2.69 -30.82 23.40
C ASP I 66 2.84 -31.05 24.91
N ARG I 67 2.57 -32.27 25.36
CA ARG I 67 2.84 -32.58 26.75
C ARG I 67 4.34 -32.68 27.06
N PHE I 68 5.15 -32.80 26.00
CA PHE I 68 6.61 -32.69 26.14
C PHE I 68 7.11 -31.26 25.96
N SER I 69 8.02 -30.85 26.83
CA SER I 69 8.69 -29.57 26.72
C SER I 69 10.01 -29.64 27.46
N ALA I 70 10.98 -28.85 27.04
CA ALA I 70 12.27 -28.81 27.70
C ALA I 70 12.78 -27.39 27.83
N SER I 71 13.66 -27.19 28.81
CA SER I 71 14.16 -25.86 29.07
C SER I 71 15.57 -25.97 29.66
N GLY I 72 16.13 -24.82 30.02
CA GLY I 72 17.44 -24.77 30.60
C GLY I 72 18.41 -24.07 29.67
N SER I 73 19.60 -23.76 30.18
CA SER I 73 20.55 -23.02 29.39
C SER I 73 21.95 -23.45 29.80
N GLY I 74 22.86 -23.46 28.82
CA GLY I 74 24.28 -23.58 29.11
C GLY I 74 24.71 -24.97 29.53
N THR I 75 24.57 -25.28 30.82
CA THR I 75 24.91 -26.60 31.32
C THR I 75 23.81 -27.37 32.05
N ASP I 76 22.72 -26.68 32.37
CA ASP I 76 21.63 -27.31 33.09
C ASP I 76 20.39 -27.49 32.22
N PHE I 77 19.91 -28.72 32.12
CA PHE I 77 18.74 -28.99 31.27
C PHE I 77 17.69 -29.88 31.91
N THR I 78 16.46 -29.74 31.41
CA THR I 78 15.33 -30.43 32.00
C THR I 78 14.24 -30.76 30.97
N LEU I 79 13.97 -32.05 30.79
CA LEU I 79 12.84 -32.50 29.98
C LEU I 79 11.61 -32.70 30.86
N THR I 80 10.44 -32.28 30.38
CA THR I 80 9.21 -32.40 31.15
C THR I 80 8.08 -32.99 30.34
N ILE I 81 7.43 -34.01 30.91
CA ILE I 81 6.20 -34.56 30.36
C ILE I 81 5.08 -34.18 31.31
N SER I 82 4.23 -33.25 30.89
CA SER I 82 3.32 -32.59 31.82
C SER I 82 2.32 -33.57 32.40
N SER I 83 1.80 -34.46 31.56
CA SER I 83 0.79 -35.39 32.00
C SER I 83 0.99 -36.79 31.43
N LEU I 84 1.78 -37.59 32.14
CA LEU I 84 2.32 -38.85 31.62
C LEU I 84 1.24 -39.84 31.15
N GLN I 85 1.35 -40.28 29.91
CA GLN I 85 0.41 -41.27 29.40
C GLN I 85 1.20 -42.57 29.31
N ALA I 86 0.49 -43.68 29.13
CA ALA I 86 1.14 -44.99 29.08
C ALA I 86 2.17 -45.16 27.97
N ALA I 87 1.95 -44.54 26.82
CA ALA I 87 2.88 -44.70 25.70
C ALA I 87 4.20 -43.94 25.95
N ASP I 88 4.24 -43.13 26.99
CA ASP I 88 5.43 -42.33 27.29
C ASP I 88 6.45 -43.13 28.09
N VAL I 89 6.07 -44.33 28.46
CA VAL I 89 6.97 -45.20 29.19
C VAL I 89 8.08 -45.67 28.28
N ALA I 90 9.31 -45.24 28.55
CA ALA I 90 10.42 -45.43 27.62
C ALA I 90 11.70 -44.96 28.29
N VAL I 91 12.80 -45.04 27.55
CA VAL I 91 14.05 -44.43 27.99
C VAL I 91 14.30 -43.12 27.27
N TYR I 92 14.76 -42.14 28.03
CA TYR I 92 15.01 -40.81 27.50
C TYR I 92 16.49 -40.45 27.58
N TYR I 93 17.01 -39.85 26.52
CA TYR I 93 18.40 -39.45 26.45
C TYR I 93 18.54 -37.97 26.17
N CYS I 94 19.49 -37.31 26.83
CA CYS I 94 19.86 -35.96 26.42
C CYS I 94 21.10 -36.05 25.55
N HIS I 95 21.36 -35.01 24.77
CA HIS I 95 22.37 -35.11 23.74
C HIS I 95 22.98 -33.77 23.38
N GLN I 96 24.29 -33.62 23.57
CA GLN I 96 24.90 -32.37 23.13
C GLN I 96 25.48 -32.52 21.74
N TYR I 97 25.26 -31.51 20.92
CA TYR I 97 25.82 -31.46 19.59
C TYR I 97 26.53 -30.14 19.37
N TYR I 98 27.05 -29.60 20.48
CA TYR I 98 27.78 -28.34 20.48
C TYR I 98 29.13 -28.53 19.79
N THR I 99 29.74 -29.67 20.06
CA THR I 99 31.03 -30.01 19.48
C THR I 99 31.10 -31.52 19.26
N ALA I 100 31.87 -31.92 18.25
CA ALA I 100 32.23 -33.32 18.12
C ALA I 100 33.23 -33.63 19.23
N PRO I 101 33.17 -34.85 19.79
CA PRO I 101 32.22 -35.94 19.56
C PRO I 101 30.85 -35.65 20.15
N TRP I 102 29.79 -36.05 19.47
CA TRP I 102 28.49 -36.22 20.09
C TRP I 102 28.60 -37.06 21.34
N THR I 103 27.96 -36.60 22.41
CA THR I 103 27.85 -37.45 23.58
C THR I 103 26.40 -37.48 24.05
N PHE I 104 26.06 -38.54 24.75
CA PHE I 104 24.72 -38.69 25.29
C PHE I 104 24.83 -38.94 26.79
N GLY I 105 23.73 -38.71 27.49
CA GLY I 105 23.61 -39.09 28.87
C GLY I 105 23.51 -40.59 29.02
N GLN I 106 23.44 -41.06 30.26
CA GLN I 106 23.47 -42.48 30.47
C GLN I 106 22.07 -43.01 30.23
N GLY I 107 21.08 -42.13 30.24
CA GLY I 107 19.72 -42.54 29.98
C GLY I 107 18.86 -42.60 31.24
N THR I 108 17.64 -42.11 31.15
CA THR I 108 16.71 -42.23 32.27
C THR I 108 15.51 -43.08 31.89
N LYS I 109 15.37 -44.23 32.53
CA LYS I 109 14.22 -45.08 32.28
C LYS I 109 13.05 -44.50 33.08
N VAL I 110 11.92 -44.29 32.40
CA VAL I 110 10.73 -43.71 33.01
C VAL I 110 9.57 -44.68 32.99
N GLU I 111 8.97 -44.93 34.16
CA GLU I 111 7.88 -45.89 34.21
C GLU I 111 6.63 -45.35 34.90
N ILE I 112 5.55 -46.09 34.70
CA ILE I 112 4.28 -45.82 35.36
C ILE I 112 4.34 -46.34 36.78
N LYS I 113 4.08 -45.45 37.75
CA LYS I 113 4.02 -45.88 39.15
C LYS I 113 2.64 -46.45 39.45
N ARG I 114 2.59 -47.51 40.25
CA ARG I 114 1.33 -48.13 40.61
C ARG I 114 1.43 -48.64 42.03
N THR I 115 0.30 -49.05 42.60
CA THR I 115 0.29 -49.66 43.92
C THR I 115 1.17 -50.89 43.91
N VAL I 116 1.77 -51.23 45.04
CA VAL I 116 2.64 -52.39 45.08
C VAL I 116 1.82 -53.68 45.01
N ALA I 117 2.27 -54.60 44.16
CA ALA I 117 1.61 -55.88 43.96
C ALA I 117 2.66 -56.95 44.15
N ALA I 118 2.32 -58.05 44.83
CA ALA I 118 3.31 -59.08 45.10
C ALA I 118 3.42 -60.05 43.93
N PRO I 119 4.59 -60.70 43.78
CA PRO I 119 4.81 -61.62 42.67
C PRO I 119 4.20 -62.97 42.95
N SER I 120 3.63 -63.60 41.92
CA SER I 120 3.29 -65.01 42.03
C SER I 120 4.54 -65.80 41.69
N VAL I 121 4.91 -66.73 42.55
CA VAL I 121 6.13 -67.48 42.33
C VAL I 121 5.85 -68.90 41.87
N PHE I 122 6.61 -69.35 40.88
CA PHE I 122 6.53 -70.72 40.41
C PHE I 122 7.96 -71.22 40.26
N ILE I 123 8.16 -72.51 40.46
CA ILE I 123 9.47 -73.11 40.28
C ILE I 123 9.32 -74.20 39.23
N PHE I 124 10.37 -74.44 38.45
CA PHE I 124 10.32 -75.43 37.38
C PHE I 124 11.56 -76.29 37.42
N PRO I 125 11.37 -77.61 37.55
CA PRO I 125 12.53 -78.51 37.52
C PRO I 125 12.90 -78.81 36.08
N PRO I 126 14.15 -79.20 35.84
CA PRO I 126 14.59 -79.53 34.48
C PRO I 126 13.76 -80.67 33.91
N SER I 127 13.49 -80.60 32.61
CA SER I 127 12.83 -81.66 31.88
C SER I 127 13.75 -82.88 31.83
N ASP I 128 13.16 -84.05 31.62
CA ASP I 128 13.95 -85.27 31.57
C ASP I 128 14.79 -85.32 30.31
N GLU I 129 14.27 -84.74 29.24
CA GLU I 129 14.99 -84.68 27.96
C GLU I 129 16.22 -83.78 28.04
N GLN I 130 16.19 -82.79 28.91
CA GLN I 130 17.35 -81.94 29.15
C GLN I 130 18.39 -82.63 30.03
N LEU I 131 17.93 -83.43 30.99
CA LEU I 131 18.82 -84.18 31.87
C LEU I 131 19.70 -85.20 31.15
N LYS I 132 19.20 -85.74 30.04
CA LYS I 132 19.98 -86.61 29.18
C LYS I 132 21.22 -85.90 28.64
N SER I 133 21.06 -84.60 28.34
CA SER I 133 22.13 -83.77 27.78
C SER I 133 23.26 -83.48 28.77
N GLY I 134 23.09 -83.90 30.02
CA GLY I 134 24.13 -83.71 31.03
C GLY I 134 24.08 -82.41 31.81
N THR I 135 23.07 -81.59 31.57
CA THR I 135 22.95 -80.32 32.29
C THR I 135 21.54 -80.08 32.85
N ALA I 136 21.48 -79.37 33.97
CA ALA I 136 20.22 -79.15 34.67
C ALA I 136 19.93 -77.65 34.85
N SER I 137 18.70 -77.26 34.51
CA SER I 137 18.29 -75.87 34.63
C SER I 137 17.03 -75.78 35.48
N VAL I 138 17.16 -75.26 36.69
CA VAL I 138 16.00 -74.95 37.51
C VAL I 138 15.62 -73.49 37.30
N VAL I 139 14.33 -73.25 37.08
CA VAL I 139 13.83 -71.91 36.76
C VAL I 139 12.84 -71.41 37.81
N CYS I 140 13.03 -70.17 38.24
CA CYS I 140 12.08 -69.53 39.14
C CYS I 140 11.39 -68.40 38.39
N LEU I 141 10.07 -68.37 38.48
CA LEU I 141 9.30 -67.31 37.82
C LEU I 141 8.60 -66.43 38.86
N LEU I 142 8.80 -65.13 38.74
CA LEU I 142 8.15 -64.13 39.59
C LEU I 142 7.20 -63.32 38.71
N ASN I 143 5.91 -63.52 38.91
CA ASN I 143 4.92 -62.98 37.99
C ASN I 143 4.15 -61.76 38.47
N ASN I 144 4.16 -60.74 37.61
CA ASN I 144 3.31 -59.54 37.75
C ASN I 144 3.37 -58.84 39.10
N PHE I 145 4.54 -58.29 39.42
CA PHE I 145 4.77 -57.62 40.68
C PHE I 145 5.23 -56.18 40.45
N TYR I 146 5.26 -55.38 41.51
CA TYR I 146 5.77 -54.02 41.44
C TYR I 146 6.18 -53.57 42.83
N PRO I 147 7.29 -52.81 42.95
CA PRO I 147 8.16 -52.28 41.89
C PRO I 147 9.16 -53.31 41.37
N ARG I 148 10.14 -52.86 40.60
CA ARG I 148 11.03 -53.76 39.88
C ARG I 148 11.94 -54.55 40.80
N GLU I 149 12.25 -53.97 41.95
CA GLU I 149 13.24 -54.56 42.84
C GLU I 149 12.76 -55.87 43.48
N ALA I 150 13.58 -56.91 43.34
CA ALA I 150 13.25 -58.23 43.85
C ALA I 150 14.53 -59.04 44.02
N LYS I 151 14.68 -59.70 45.16
CA LYS I 151 15.84 -60.56 45.36
C LYS I 151 15.40 -62.00 45.19
N VAL I 152 16.11 -62.72 44.34
CA VAL I 152 15.88 -64.14 44.17
C VAL I 152 17.09 -64.91 44.67
N GLN I 153 16.87 -65.73 45.69
CA GLN I 153 17.97 -66.52 46.25
C GLN I 153 17.71 -68.01 46.07
N TRP I 154 18.66 -68.68 45.44
CA TRP I 154 18.56 -70.11 45.21
C TRP I 154 19.22 -70.86 46.36
N LYS I 155 18.50 -71.82 46.93
CA LYS I 155 19.05 -72.65 48.00
C LYS I 155 18.95 -74.13 47.62
N VAL I 156 20.09 -74.81 47.68
CA VAL I 156 20.16 -76.23 47.38
C VAL I 156 20.56 -76.98 48.66
N ASP I 157 19.61 -77.74 49.19
CA ASP I 157 19.73 -78.38 50.51
C ASP I 157 19.96 -77.33 51.60
N ASN I 158 19.41 -76.13 51.38
CA ASN I 158 19.54 -74.97 52.28
C ASN I 158 20.90 -74.27 52.24
N ALA I 159 21.78 -74.75 51.36
CA ALA I 159 23.05 -74.08 51.11
C ALA I 159 22.82 -73.07 49.99
N LEU I 160 22.61 -71.82 50.37
CA LEU I 160 22.31 -70.78 49.38
C LEU I 160 23.39 -70.65 48.32
N GLN I 161 22.98 -70.55 47.06
CA GLN I 161 23.90 -70.62 45.93
C GLN I 161 24.41 -69.27 45.48
N SER I 162 25.52 -69.28 44.77
CA SER I 162 26.13 -68.05 44.27
C SER I 162 27.00 -68.36 43.06
N GLY I 163 26.84 -67.56 41.99
CA GLY I 163 27.64 -67.67 40.78
C GLY I 163 27.09 -68.59 39.72
N ASN I 164 25.93 -69.19 39.96
CA ASN I 164 25.38 -70.17 39.03
C ASN I 164 23.93 -69.90 38.64
N SER I 165 23.49 -68.65 38.76
CA SER I 165 22.14 -68.28 38.34
C SER I 165 22.19 -67.06 37.43
N GLN I 166 21.12 -66.84 36.69
CA GLN I 166 21.02 -65.66 35.83
C GLN I 166 19.60 -65.14 35.75
N GLU I 167 19.47 -63.83 35.68
CA GLU I 167 18.16 -63.17 35.78
C GLU I 167 17.85 -62.44 34.48
N SER I 168 16.57 -62.22 34.25
CA SER I 168 16.11 -61.47 33.08
C SER I 168 14.75 -60.89 33.40
N VAL I 169 14.54 -59.62 33.06
CA VAL I 169 13.31 -58.96 33.46
C VAL I 169 12.52 -58.38 32.30
N THR I 170 11.22 -58.64 32.30
CA THR I 170 10.30 -58.12 31.32
C THR I 170 10.27 -56.59 31.39
N GLU I 171 9.82 -55.92 30.33
CA GLU I 171 9.57 -54.49 30.37
C GLU I 171 8.22 -54.23 31.05
N GLN I 172 8.05 -53.04 31.62
CA GLN I 172 6.82 -52.74 32.35
C GLN I 172 5.61 -53.08 31.52
N ASP I 173 4.65 -53.78 32.11
CA ASP I 173 3.53 -54.31 31.36
C ASP I 173 2.57 -53.19 30.94
N SER I 174 2.28 -53.13 29.64
CA SER I 174 1.43 -52.08 29.09
C SER I 174 0.05 -52.05 29.75
N LYS I 175 -0.46 -53.23 30.10
CA LYS I 175 -1.79 -53.39 30.66
C LYS I 175 -1.89 -53.09 32.16
N ASP I 176 -1.13 -53.82 32.98
CA ASP I 176 -1.23 -53.68 34.43
C ASP I 176 -0.03 -53.01 35.11
N SER I 177 0.91 -52.51 34.31
CA SER I 177 2.09 -51.80 34.80
C SER I 177 2.97 -52.63 35.74
N THR I 178 2.92 -53.96 35.59
CA THR I 178 3.79 -54.82 36.36
C THR I 178 5.04 -55.25 35.60
N TYR I 179 5.91 -55.94 36.33
CA TYR I 179 7.10 -56.58 35.78
C TYR I 179 7.06 -58.08 35.99
N SER I 180 7.90 -58.80 35.26
CA SER I 180 8.07 -60.21 35.50
C SER I 180 9.55 -60.53 35.40
N LEU I 181 10.01 -61.47 36.21
CA LEU I 181 11.42 -61.81 36.27
C LEU I 181 11.59 -63.32 36.14
N SER I 182 12.60 -63.73 35.39
CA SER I 182 12.92 -65.14 35.26
C SER I 182 14.34 -65.42 35.74
N SER I 183 14.47 -66.40 36.63
CA SER I 183 15.78 -66.74 37.18
C SER I 183 16.08 -68.19 36.82
N THR I 184 17.30 -68.41 36.34
CA THR I 184 17.72 -69.75 35.94
C THR I 184 19.01 -70.20 36.62
N LEU I 185 18.89 -71.22 37.46
CA LEU I 185 20.04 -71.86 38.08
C LEU I 185 20.55 -73.01 37.22
N THR I 186 21.87 -73.10 37.07
CA THR I 186 22.46 -74.11 36.19
C THR I 186 23.51 -74.96 36.89
N LEU I 187 23.34 -76.28 36.81
CA LEU I 187 24.34 -77.23 37.32
C LEU I 187 24.64 -78.30 36.28
N SER I 188 25.68 -79.09 36.54
CA SER I 188 25.92 -80.30 35.77
C SER I 188 24.96 -81.37 36.27
N LYS I 189 24.65 -82.34 35.41
CA LYS I 189 23.80 -83.46 35.82
C LYS I 189 24.32 -84.08 37.11
N ALA I 190 25.65 -84.20 37.18
CA ALA I 190 26.35 -84.77 38.31
C ALA I 190 25.97 -84.09 39.63
N ASP I 191 26.13 -82.78 39.69
CA ASP I 191 25.84 -81.99 40.88
C ASP I 191 24.35 -81.99 41.21
N TYR I 192 23.51 -81.99 40.18
CA TYR I 192 22.06 -81.96 40.35
C TYR I 192 21.55 -83.20 41.08
N GLU I 193 21.91 -84.37 40.58
CA GLU I 193 21.51 -85.63 41.21
C GLU I 193 22.48 -86.02 42.34
N LYS I 194 22.65 -85.09 43.27
CA LYS I 194 23.59 -85.23 44.39
C LYS I 194 22.95 -84.57 45.60
N HIS I 195 22.13 -83.56 45.34
CA HIS I 195 21.30 -82.93 46.38
C HIS I 195 19.81 -83.20 46.14
N LYS I 196 19.00 -82.90 47.15
CA LYS I 196 17.60 -83.30 47.14
C LYS I 196 16.62 -82.13 47.02
N VAL I 197 16.71 -81.19 47.97
CA VAL I 197 15.76 -80.09 48.06
C VAL I 197 16.25 -78.86 47.31
N TYR I 198 15.52 -78.47 46.27
CA TYR I 198 15.85 -77.29 45.49
C TYR I 198 14.80 -76.21 45.73
N ALA I 199 15.23 -75.05 46.20
CA ALA I 199 14.29 -73.99 46.56
C ALA I 199 14.65 -72.59 46.04
N CYS I 200 13.62 -71.79 45.82
CA CYS I 200 13.76 -70.43 45.34
C CYS I 200 13.14 -69.52 46.37
N GLU I 201 13.96 -68.69 47.02
CA GLU I 201 13.45 -67.72 47.97
C GLU I 201 13.37 -66.33 47.38
N VAL I 202 12.16 -65.77 47.41
CA VAL I 202 11.91 -64.46 46.84
C VAL I 202 11.65 -63.43 47.94
N THR I 203 12.27 -62.27 47.81
CA THR I 203 12.03 -61.15 48.72
C THR I 203 11.56 -59.96 47.89
N HIS I 204 10.42 -59.40 48.29
CA HIS I 204 9.80 -58.29 47.58
C HIS I 204 8.95 -57.46 48.54
N GLN I 205 8.82 -56.16 48.27
CA GLN I 205 8.04 -55.27 49.13
C GLN I 205 6.61 -55.75 49.35
N GLY I 206 6.01 -56.40 48.35
CA GLY I 206 4.63 -56.82 48.50
C GLY I 206 4.49 -58.14 49.23
N LEU I 207 5.62 -58.73 49.60
CA LEU I 207 5.63 -59.98 50.35
C LEU I 207 6.00 -59.63 51.79
N SER I 208 5.08 -59.85 52.72
CA SER I 208 5.33 -59.53 54.13
C SER I 208 6.48 -60.38 54.68
N SER I 209 6.50 -61.64 54.26
CA SER I 209 7.56 -62.60 54.58
C SER I 209 8.11 -63.11 53.26
N PRO I 210 9.43 -63.31 53.18
CA PRO I 210 10.04 -63.95 52.01
C PRO I 210 9.34 -65.25 51.64
N VAL I 211 8.90 -65.38 50.39
CA VAL I 211 8.24 -66.61 49.95
C VAL I 211 9.26 -67.57 49.37
N THR I 212 9.13 -68.84 49.72
CA THR I 212 9.98 -69.87 49.14
C THR I 212 9.09 -70.87 48.42
N LYS I 213 9.41 -71.18 47.17
CA LYS I 213 8.76 -72.27 46.48
C LYS I 213 9.84 -73.32 46.23
N SER I 214 9.47 -74.59 46.28
CA SER I 214 10.47 -75.64 46.18
C SER I 214 9.95 -76.98 45.69
N PHE I 215 10.88 -77.84 45.31
CA PHE I 215 10.58 -79.22 44.95
C PHE I 215 11.64 -80.19 45.47
N ASN I 216 11.27 -81.45 45.65
CA ASN I 216 12.24 -82.50 45.90
C ASN I 216 12.52 -83.26 44.60
N ARG I 217 13.79 -83.43 44.26
CA ARG I 217 14.17 -84.18 43.06
C ARG I 217 13.56 -85.57 43.06
N GLN J 1 9.76 -38.40 1.68
CA GLN J 1 9.56 -39.34 2.78
C GLN J 1 10.91 -39.91 3.19
N VAL J 2 11.54 -39.25 4.15
CA VAL J 2 12.90 -39.56 4.59
C VAL J 2 13.05 -40.97 5.15
N GLN J 3 13.97 -41.74 4.57
CA GLN J 3 14.15 -43.12 4.98
C GLN J 3 15.62 -43.53 5.08
N LEU J 4 15.93 -44.36 6.08
CA LEU J 4 17.28 -44.90 6.25
C LEU J 4 17.22 -46.41 6.43
N VAL J 5 17.66 -47.11 5.40
CA VAL J 5 17.61 -48.55 5.39
C VAL J 5 19.00 -49.09 5.64
N GLN J 6 19.18 -49.76 6.78
CA GLN J 6 20.48 -50.27 7.16
C GLN J 6 20.58 -51.74 6.80
N SER J 7 21.80 -52.19 6.55
CA SER J 7 22.06 -53.58 6.18
C SER J 7 21.55 -54.58 7.21
N GLY J 8 21.52 -55.86 6.83
CA GLY J 8 20.90 -56.86 7.69
C GLY J 8 21.77 -57.23 8.86
N ALA J 9 21.24 -58.06 9.76
CA ALA J 9 21.99 -58.40 10.95
C ALA J 9 23.26 -59.18 10.61
N GLU J 10 24.28 -59.03 11.45
CA GLU J 10 25.59 -59.58 11.14
C GLU J 10 26.24 -60.28 12.32
N VAL J 11 26.88 -61.41 12.02
CA VAL J 11 27.63 -62.16 13.01
C VAL J 11 29.05 -62.43 12.57
N LYS J 12 30.02 -62.01 13.38
CA LYS J 12 31.41 -62.12 12.99
C LYS J 12 32.20 -62.54 14.24
N LYS J 13 33.35 -63.17 14.04
CA LYS J 13 34.16 -63.62 15.17
C LYS J 13 35.28 -62.62 15.46
N PRO J 14 35.81 -62.63 16.70
CA PRO J 14 36.86 -61.68 17.15
C PRO J 14 38.08 -61.57 16.24
N GLY J 15 38.53 -60.33 16.08
CA GLY J 15 39.67 -59.98 15.26
C GLY J 15 39.34 -59.75 13.79
N ALA J 16 38.13 -60.14 13.39
CA ALA J 16 37.63 -59.94 12.03
C ALA J 16 37.11 -58.52 11.82
N SER J 17 36.54 -58.27 10.65
CA SER J 17 36.02 -56.96 10.31
C SER J 17 34.58 -57.06 9.82
N VAL J 18 33.86 -55.94 9.88
CA VAL J 18 32.53 -55.82 9.33
C VAL J 18 32.35 -54.46 8.64
N LYS J 19 31.50 -54.43 7.62
CA LYS J 19 31.18 -53.21 6.90
C LYS J 19 29.67 -53.09 6.71
N LEU J 20 29.10 -52.09 7.36
CA LEU J 20 27.66 -51.87 7.31
C LEU J 20 27.33 -50.80 6.31
N SER J 21 26.11 -50.85 5.80
CA SER J 21 25.68 -49.86 4.84
C SER J 21 24.41 -49.18 5.34
N CYS J 22 24.20 -47.97 4.83
CA CYS J 22 23.03 -47.19 5.15
C CYS J 22 22.50 -46.51 3.90
N LYS J 23 21.33 -46.91 3.44
CA LYS J 23 20.81 -46.38 2.19
C LYS J 23 19.73 -45.35 2.47
N ALA J 24 19.99 -44.12 2.03
CA ALA J 24 19.09 -43.03 2.30
C ALA J 24 18.20 -42.73 1.10
N SER J 25 17.03 -42.16 1.38
CA SER J 25 16.16 -41.66 0.34
C SER J 25 15.21 -40.64 0.92
N GLY J 26 14.50 -39.92 0.04
CA GLY J 26 13.49 -38.97 0.48
C GLY J 26 14.00 -37.62 0.90
N TYR J 27 15.29 -37.40 0.73
CA TYR J 27 15.88 -36.09 1.01
C TYR J 27 17.15 -36.02 0.18
N THR J 28 17.62 -34.81 -0.13
CA THR J 28 18.85 -34.72 -0.90
C THR J 28 20.05 -35.14 -0.06
N PHE J 29 20.70 -36.22 -0.48
CA PHE J 29 21.69 -36.89 0.33
C PHE J 29 22.92 -36.06 0.70
N THR J 30 23.31 -35.14 -0.19
CA THR J 30 24.59 -34.47 -0.01
C THR J 30 24.41 -33.21 0.80
N ALA J 31 23.25 -33.08 1.42
CA ALA J 31 22.92 -31.85 2.08
C ALA J 31 22.90 -32.04 3.58
N TYR J 32 23.02 -33.29 4.01
CA TYR J 32 23.03 -33.61 5.43
C TYR J 32 24.18 -34.54 5.85
N SER J 33 24.78 -34.26 6.99
CA SER J 33 25.87 -35.09 7.48
C SER J 33 25.29 -36.46 7.80
N MET J 34 26.15 -37.47 7.84
CA MET J 34 25.72 -38.77 8.28
C MET J 34 26.47 -39.15 9.52
N HIS J 35 25.78 -39.81 10.44
CA HIS J 35 26.38 -40.17 11.71
C HIS J 35 26.25 -41.66 11.99
N TRP J 36 27.26 -42.22 12.66
CA TRP J 36 27.16 -43.59 13.08
C TRP J 36 27.28 -43.65 14.61
N VAL J 37 26.25 -44.19 15.24
CA VAL J 37 26.14 -44.23 16.69
C VAL J 37 25.78 -45.65 17.07
N ARG J 38 26.50 -46.21 18.03
CA ARG J 38 26.22 -47.58 18.45
C ARG J 38 25.64 -47.66 19.86
N GLN J 39 25.04 -48.81 20.16
CA GLN J 39 24.44 -49.06 21.46
C GLN J 39 24.63 -50.50 21.90
N ALA J 40 25.50 -50.73 22.88
CA ALA J 40 25.63 -52.06 23.46
C ALA J 40 24.32 -52.45 24.14
N PRO J 41 24.04 -53.76 24.30
CA PRO J 41 22.72 -54.13 24.83
C PRO J 41 22.50 -53.59 26.26
N GLY J 42 21.33 -52.99 26.49
CA GLY J 42 21.03 -52.39 27.78
C GLY J 42 21.88 -51.18 28.12
N GLN J 43 22.60 -50.67 27.13
CA GLN J 43 23.54 -49.57 27.36
C GLN J 43 23.12 -48.27 26.68
N SER J 44 23.97 -47.27 26.79
CA SER J 44 23.71 -45.96 26.21
C SER J 44 24.20 -45.89 24.77
N LEU J 45 23.85 -44.80 24.08
CA LEU J 45 24.27 -44.57 22.71
C LEU J 45 25.70 -44.01 22.63
N GLU J 46 26.51 -44.54 21.71
CA GLU J 46 27.90 -44.12 21.62
C GLU J 46 28.23 -43.71 20.20
N TRP J 47 28.63 -42.45 20.05
CA TRP J 47 28.95 -41.89 18.75
C TRP J 47 30.28 -42.44 18.29
N LEU J 48 30.32 -42.95 17.06
CA LEU J 48 31.55 -43.48 16.50
C LEU J 48 32.26 -42.46 15.64
N GLY J 49 31.49 -41.70 14.87
CA GLY J 49 32.07 -40.64 14.08
C GLY J 49 31.07 -40.12 13.08
N TRP J 50 31.54 -39.28 12.16
CA TRP J 50 30.65 -38.71 11.17
C TRP J 50 31.35 -38.47 9.83
N ILE J 51 30.54 -38.34 8.79
CA ILE J 51 31.02 -38.04 7.45
C ILE J 51 30.23 -36.91 6.82
N ASN J 52 30.98 -35.98 6.23
CA ASN J 52 30.42 -34.90 5.45
C ASN J 52 30.04 -35.49 4.09
N THR J 53 28.75 -35.60 3.83
CA THR J 53 28.29 -36.39 2.68
C THR J 53 28.57 -35.80 1.32
N ALA J 54 28.84 -34.51 1.27
CA ALA J 54 29.11 -33.86 0.00
C ALA J 54 30.56 -34.10 -0.34
N ILE J 55 31.40 -33.73 0.60
CA ILE J 55 32.84 -33.78 0.45
C ILE J 55 33.47 -35.15 0.71
N GLY J 56 33.12 -35.75 1.83
CA GLY J 56 33.61 -37.08 2.15
C GLY J 56 34.64 -37.11 3.25
N ASN J 57 34.97 -35.96 3.83
CA ASN J 57 35.90 -35.96 4.96
C ASN J 57 35.21 -36.46 6.21
N THR J 58 35.99 -36.93 7.17
CA THR J 58 35.42 -37.56 8.34
C THR J 58 36.14 -37.12 9.61
N GLN J 59 35.51 -37.38 10.75
CA GLN J 59 36.23 -37.49 12.01
C GLN J 59 35.57 -38.51 12.93
N TYR J 60 36.38 -39.21 13.73
CA TYR J 60 35.87 -40.31 14.54
C TYR J 60 36.07 -39.97 16.00
N SER J 61 35.43 -40.73 16.88
CA SER J 61 35.64 -40.57 18.32
C SER J 61 36.99 -41.20 18.61
N GLN J 62 37.75 -40.60 19.53
CA GLN J 62 39.11 -41.07 19.78
C GLN J 62 39.17 -42.52 20.22
N LYS J 63 38.18 -43.00 20.95
CA LYS J 63 38.16 -44.41 21.37
C LYS J 63 38.01 -45.35 20.16
N PHE J 64 37.90 -44.79 18.96
CA PHE J 64 37.62 -45.58 17.77
C PHE J 64 38.44 -45.14 16.56
N GLN J 65 39.24 -44.08 16.71
CA GLN J 65 40.00 -43.55 15.58
C GLN J 65 40.90 -44.62 14.96
N ASP J 66 41.35 -45.53 15.80
CA ASP J 66 42.14 -46.66 15.37
C ASP J 66 41.43 -47.57 14.35
N ARG J 67 40.19 -47.94 14.62
CA ARG J 67 39.54 -49.05 13.93
C ARG J 67 38.35 -48.74 13.02
N VAL J 68 37.77 -47.54 13.13
CA VAL J 68 36.58 -47.25 12.34
C VAL J 68 36.91 -46.40 11.13
N THR J 69 36.27 -46.71 10.00
CA THR J 69 36.32 -45.86 8.80
C THR J 69 34.91 -45.71 8.22
N ILE J 70 34.55 -44.46 7.97
CA ILE J 70 33.25 -44.10 7.44
C ILE J 70 33.37 -43.62 6.00
N THR J 71 32.40 -44.00 5.17
CA THR J 71 32.50 -43.89 3.73
C THR J 71 31.15 -43.37 3.22
N ARG J 72 31.14 -42.74 2.06
CA ARG J 72 29.86 -42.51 1.41
C ARG J 72 30.00 -42.68 -0.09
N ASP J 73 28.89 -42.98 -0.74
CA ASP J 73 28.85 -43.22 -2.16
C ASP J 73 27.76 -42.30 -2.62
N THR J 74 28.16 -41.20 -3.22
CA THR J 74 27.23 -40.12 -3.43
C THR J 74 26.20 -40.40 -4.51
N SER J 75 26.56 -41.22 -5.50
CA SER J 75 25.59 -41.58 -6.53
C SER J 75 24.64 -42.65 -5.99
N ALA J 76 25.13 -43.42 -5.02
CA ALA J 76 24.33 -44.47 -4.39
C ALA J 76 23.42 -43.91 -3.30
N ARG J 77 23.65 -42.67 -2.89
CA ARG J 77 22.98 -42.10 -1.73
C ARG J 77 23.18 -43.00 -0.51
N THR J 78 24.41 -43.45 -0.33
CA THR J 78 24.66 -44.49 0.67
C THR J 78 25.88 -44.25 1.57
N SER J 79 25.75 -44.59 2.84
CA SER J 79 26.86 -44.51 3.77
C SER J 79 27.35 -45.90 4.12
N TYR J 80 28.58 -45.98 4.61
CA TYR J 80 29.21 -47.27 4.89
C TYR J 80 30.05 -47.08 6.12
N MET J 81 29.91 -48.00 7.07
CA MET J 81 30.74 -47.95 8.25
C MET J 81 31.49 -49.26 8.45
N GLU J 82 32.81 -49.15 8.59
CA GLU J 82 33.64 -50.35 8.70
C GLU J 82 34.43 -50.36 10.00
N LEU J 83 34.16 -51.37 10.81
CA LEU J 83 34.86 -51.53 12.07
C LEU J 83 35.76 -52.77 11.98
N SER J 84 37.01 -52.63 12.40
CA SER J 84 38.00 -53.68 12.22
C SER J 84 38.52 -54.14 13.57
N SER J 85 39.23 -55.28 13.58
CA SER J 85 39.77 -55.83 14.82
C SER J 85 38.68 -55.92 15.88
N LEU J 86 37.56 -56.55 15.50
CA LEU J 86 36.39 -56.66 16.36
C LEU J 86 36.66 -57.43 17.65
N ARG J 87 36.02 -57.00 18.74
CA ARG J 87 36.14 -57.67 20.01
C ARG J 87 34.75 -57.88 20.57
N SER J 88 34.63 -58.74 21.57
CA SER J 88 33.32 -59.05 22.12
C SER J 88 32.68 -57.77 22.62
N GLY J 89 33.50 -56.83 23.11
CA GLY J 89 32.99 -55.55 23.57
C GLY J 89 32.42 -54.65 22.48
N ASP J 90 32.49 -55.10 21.23
CA ASP J 90 31.93 -54.38 20.10
C ASP J 90 30.54 -54.91 19.74
N THR J 91 30.07 -55.91 20.47
CA THR J 91 28.73 -56.42 20.26
C THR J 91 27.75 -55.33 20.65
N ALA J 92 26.95 -54.91 19.67
CA ALA J 92 26.07 -53.76 19.82
C ALA J 92 25.20 -53.62 18.58
N VAL J 93 24.18 -52.76 18.68
CA VAL J 93 23.41 -52.35 17.51
C VAL J 93 24.04 -51.10 16.94
N TYR J 94 24.23 -51.07 15.63
CA TYR J 94 24.89 -49.94 14.99
C TYR J 94 23.88 -49.21 14.16
N PHE J 95 23.60 -47.99 14.61
CA PHE J 95 22.67 -47.09 13.96
C PHE J 95 23.42 -46.16 13.01
N CYS J 96 22.83 -45.91 11.85
CA CYS J 96 23.21 -44.73 11.10
C CYS J 96 22.11 -43.72 11.34
N ALA J 97 22.47 -42.45 11.37
CA ALA J 97 21.49 -41.41 11.66
C ALA J 97 21.84 -40.17 10.83
N ARG J 98 20.82 -39.52 10.28
CA ARG J 98 21.05 -38.35 9.45
C ARG J 98 21.18 -37.14 10.39
N GLY J 99 22.18 -36.31 10.15
CA GLY J 99 22.37 -35.13 10.96
C GLY J 99 21.32 -34.08 10.67
N ALA J 100 21.15 -33.16 11.60
CA ALA J 100 20.24 -32.07 11.36
C ALA J 100 20.95 -31.09 10.45
N SER J 101 22.27 -31.08 10.59
CA SER J 101 23.11 -30.25 9.76
C SER J 101 24.40 -30.94 9.41
N TRP J 102 24.89 -30.71 8.19
CA TRP J 102 26.19 -31.23 7.90
C TRP J 102 27.13 -30.31 8.69
N ASP J 103 28.33 -30.78 8.98
CA ASP J 103 29.34 -30.18 9.90
C ASP J 103 29.11 -30.73 11.30
N ALA J 104 28.02 -31.48 11.46
CA ALA J 104 27.75 -32.30 12.66
C ALA J 104 27.27 -31.50 13.87
N ARG J 105 27.25 -30.18 13.75
CA ARG J 105 26.71 -29.35 14.82
C ARG J 105 25.23 -29.30 14.59
N GLY J 106 24.58 -30.40 14.91
CA GLY J 106 23.15 -30.55 14.70
C GLY J 106 22.73 -31.88 15.26
N TRP J 107 21.48 -31.96 15.71
CA TRP J 107 20.95 -33.18 16.31
C TRP J 107 20.67 -34.21 15.21
N SER J 108 20.10 -35.34 15.60
CA SER J 108 19.66 -36.31 14.60
C SER J 108 18.15 -36.43 14.54
N GLY J 109 17.58 -36.13 13.38
CA GLY J 109 16.14 -36.14 13.24
C GLY J 109 15.67 -37.44 12.65
N TYR J 110 16.61 -38.24 12.18
CA TYR J 110 16.28 -39.52 11.57
C TYR J 110 17.34 -40.57 11.85
N TRP J 111 16.92 -41.69 12.44
CA TRP J 111 17.84 -42.77 12.76
C TRP J 111 17.40 -43.98 11.96
N GLY J 112 18.35 -44.78 11.49
CA GLY J 112 18.03 -46.02 10.83
C GLY J 112 17.53 -47.03 11.84
N LYS J 113 16.84 -48.08 11.39
CA LYS J 113 16.24 -49.03 12.33
C LYS J 113 17.28 -49.76 13.15
N GLY J 114 18.54 -49.62 12.76
CA GLY J 114 19.63 -50.22 13.49
C GLY J 114 20.06 -51.49 12.82
N THR J 115 21.34 -51.80 12.98
CA THR J 115 21.88 -53.04 12.49
C THR J 115 22.57 -53.70 13.66
N LEU J 116 22.09 -54.88 14.05
CA LEU J 116 22.71 -55.60 15.16
C LEU J 116 23.94 -56.29 14.63
N VAL J 117 25.05 -56.14 15.35
CA VAL J 117 26.26 -56.88 15.04
C VAL J 117 26.69 -57.63 16.30
N THR J 118 26.78 -58.95 16.20
CA THR J 118 27.16 -59.77 17.35
C THR J 118 28.58 -60.30 17.16
N VAL J 119 29.44 -60.02 18.12
CA VAL J 119 30.83 -60.47 18.05
C VAL J 119 31.13 -61.54 19.11
N SER J 120 31.33 -62.78 18.65
CA SER J 120 31.67 -63.89 19.54
C SER J 120 32.44 -65.00 18.83
N SER J 121 33.10 -65.82 19.63
CA SER J 121 33.89 -66.90 19.12
C SER J 121 33.02 -68.15 18.96
N ALA J 122 31.79 -68.04 19.42
CA ALA J 122 30.79 -69.07 19.17
C ALA J 122 30.39 -69.05 17.70
N SER J 123 29.87 -70.18 17.22
CA SER J 123 29.44 -70.29 15.83
C SER J 123 27.93 -70.46 15.84
N THR J 124 27.32 -70.34 14.67
CA THR J 124 25.87 -70.48 14.56
C THR J 124 25.41 -71.80 15.15
N LYS J 125 24.43 -71.74 16.04
CA LYS J 125 23.87 -72.94 16.64
C LYS J 125 22.38 -72.74 16.89
N GLY J 126 21.59 -73.76 16.55
CA GLY J 126 20.16 -73.75 16.84
C GLY J 126 19.91 -74.18 18.27
N PRO J 127 18.80 -73.71 18.84
CA PRO J 127 18.50 -73.95 20.26
C PRO J 127 17.89 -75.32 20.51
N SER J 128 18.03 -75.79 21.74
CA SER J 128 17.25 -76.93 22.20
C SER J 128 16.06 -76.38 22.99
N VAL J 129 14.87 -76.92 22.75
CA VAL J 129 13.68 -76.43 23.44
C VAL J 129 13.14 -77.45 24.44
N PHE J 130 13.23 -77.09 25.71
CA PHE J 130 12.79 -77.96 26.80
C PHE J 130 11.51 -77.40 27.41
N PRO J 131 10.60 -78.28 27.85
CA PRO J 131 9.36 -77.80 28.46
C PRO J 131 9.61 -77.22 29.85
N LEU J 132 8.90 -76.15 30.17
CA LEU J 132 8.70 -75.74 31.56
C LEU J 132 7.34 -76.20 32.08
N THR J 143 -4.75 -70.46 39.10
CA THR J 143 -3.98 -70.44 37.86
C THR J 143 -2.61 -71.08 38.04
N ALA J 144 -2.11 -71.69 36.97
CA ALA J 144 -0.79 -72.31 36.97
C ALA J 144 0.07 -71.62 35.92
N ALA J 145 1.36 -71.89 35.96
CA ALA J 145 2.28 -71.31 34.97
C ALA J 145 3.03 -72.43 34.26
N LEU J 146 3.08 -72.32 32.94
CA LEU J 146 3.90 -73.21 32.13
C LEU J 146 4.73 -72.38 31.18
N GLY J 147 5.69 -73.01 30.51
CA GLY J 147 6.57 -72.29 29.63
C GLY J 147 7.46 -73.15 28.75
N CYS J 148 8.39 -72.49 28.08
CA CYS J 148 9.38 -73.17 27.25
C CYS J 148 10.73 -72.57 27.60
N LEU J 149 11.76 -73.41 27.67
CA LEU J 149 13.10 -72.90 27.85
C LEU J 149 13.88 -73.12 26.56
N VAL J 150 14.23 -72.02 25.90
CA VAL J 150 14.98 -72.06 24.65
C VAL J 150 16.43 -71.84 25.03
N LYS J 151 17.25 -72.86 24.82
CA LYS J 151 18.57 -72.88 25.45
C LYS J 151 19.71 -73.19 24.48
N ASP J 152 20.86 -72.56 24.72
CA ASP J 152 22.09 -72.84 24.00
C ASP J 152 21.99 -72.60 22.50
N TYR J 153 21.68 -71.36 22.13
CA TYR J 153 21.67 -70.97 20.73
C TYR J 153 22.60 -69.80 20.50
N PHE J 154 22.84 -69.49 19.23
CA PHE J 154 23.68 -68.39 18.84
C PHE J 154 23.51 -68.13 17.35
N PRO J 155 23.43 -66.85 16.97
CA PRO J 155 23.37 -65.68 17.84
C PRO J 155 21.91 -65.29 18.08
N GLU J 156 21.68 -64.15 18.72
CA GLU J 156 20.34 -63.58 18.76
C GLU J 156 19.93 -63.21 17.33
N PRO J 157 18.62 -63.05 17.09
CA PRO J 157 17.50 -63.13 18.02
C PRO J 157 16.72 -64.43 17.89
N VAL J 158 15.76 -64.63 18.80
CA VAL J 158 14.83 -65.75 18.72
C VAL J 158 13.42 -65.19 18.91
N THR J 159 12.44 -65.78 18.23
CA THR J 159 11.05 -65.42 18.46
C THR J 159 10.24 -66.58 19.00
N VAL J 160 9.38 -66.26 19.96
CA VAL J 160 8.48 -67.23 20.55
C VAL J 160 7.03 -66.76 20.55
N SER J 161 6.13 -67.61 20.06
CA SER J 161 4.70 -67.37 20.20
C SER J 161 4.06 -68.60 20.83
N TRP J 162 2.78 -68.50 21.19
CA TRP J 162 2.09 -69.63 21.81
C TRP J 162 0.81 -69.97 21.06
N ASN J 163 0.68 -71.25 20.71
CA ASN J 163 -0.43 -71.74 19.91
C ASN J 163 -0.57 -70.92 18.63
N SER J 164 0.55 -70.76 17.94
CA SER J 164 0.61 -70.18 16.61
C SER J 164 0.07 -68.75 16.56
N GLY J 165 0.05 -68.09 17.72
CA GLY J 165 -0.39 -66.71 17.82
C GLY J 165 -1.71 -66.53 18.55
N ALA J 166 -2.41 -67.63 18.80
CA ALA J 166 -3.76 -67.61 19.36
C ALA J 166 -3.76 -67.30 20.86
N LEU J 167 -2.69 -67.70 21.55
CA LEU J 167 -2.55 -67.42 22.98
C LEU J 167 -1.58 -66.27 23.18
N THR J 168 -2.09 -65.11 23.58
CA THR J 168 -1.25 -63.94 23.78
C THR J 168 -1.38 -63.34 25.18
N SER J 169 -2.59 -63.36 25.74
CA SER J 169 -2.80 -62.92 27.11
C SER J 169 -2.01 -63.76 28.11
N GLY J 170 -1.24 -63.10 28.97
CA GLY J 170 -0.53 -63.78 30.03
C GLY J 170 0.85 -64.24 29.62
N VAL J 171 1.15 -64.12 28.33
CA VAL J 171 2.47 -64.49 27.82
C VAL J 171 3.51 -63.46 28.24
N HIS J 172 4.64 -63.95 28.72
CA HIS J 172 5.83 -63.14 28.96
C HIS J 172 7.04 -63.83 28.39
N THR J 173 7.57 -63.29 27.29
CA THR J 173 8.83 -63.77 26.79
C THR J 173 9.92 -62.85 27.33
N PHE J 174 10.93 -63.47 27.95
CA PHE J 174 11.96 -62.70 28.64
C PHE J 174 13.11 -62.39 27.72
N PRO J 175 13.85 -61.33 28.05
CA PRO J 175 15.10 -61.05 27.35
C PRO J 175 16.04 -62.23 27.51
N ALA J 176 16.78 -62.57 26.47
CA ALA J 176 17.71 -63.68 26.55
C ALA J 176 18.85 -63.28 27.49
N VAL J 177 19.57 -64.26 28.01
CA VAL J 177 20.79 -63.97 28.74
C VAL J 177 21.96 -64.72 28.14
N LEU J 178 23.16 -64.21 28.36
CA LEU J 178 24.34 -64.80 27.73
C LEU J 178 25.11 -65.57 28.79
N GLN J 179 25.26 -66.87 28.59
CA GLN J 179 25.83 -67.78 29.58
C GLN J 179 27.34 -67.85 29.43
N SER J 180 28.00 -68.58 30.33
CA SER J 180 29.46 -68.68 30.30
C SER J 180 29.90 -69.26 28.96
N SER J 181 29.08 -70.12 28.38
CA SER J 181 29.40 -70.82 27.14
C SER J 181 29.57 -69.93 25.91
N GLY J 182 29.06 -68.69 25.99
CA GLY J 182 29.05 -67.83 24.81
C GLY J 182 27.74 -67.99 24.07
N LEU J 183 26.95 -68.95 24.53
CA LEU J 183 25.64 -69.24 23.96
C LEU J 183 24.55 -68.53 24.74
N TYR J 184 23.42 -68.26 24.07
CA TYR J 184 22.34 -67.49 24.66
C TYR J 184 21.27 -68.42 25.22
N SER J 185 20.50 -67.93 26.19
CA SER J 185 19.41 -68.71 26.76
C SER J 185 18.27 -67.79 27.10
N LEU J 186 17.06 -68.25 26.79
CA LEU J 186 15.84 -67.46 26.92
C LEU J 186 14.72 -68.33 27.46
N SER J 187 13.77 -67.73 28.16
CA SER J 187 12.58 -68.47 28.54
C SER J 187 11.31 -67.68 28.21
N SER J 188 10.25 -68.41 27.90
CA SER J 188 8.94 -67.84 27.60
C SER J 188 7.85 -68.60 28.34
N VAL J 189 7.04 -67.88 29.10
CA VAL J 189 6.05 -68.50 29.97
C VAL J 189 4.68 -67.86 29.80
N VAL J 190 3.64 -68.56 30.25
CA VAL J 190 2.29 -68.01 30.18
C VAL J 190 1.47 -68.51 31.37
N THR J 191 0.67 -67.61 31.93
CA THR J 191 -0.27 -68.00 32.97
C THR J 191 -1.62 -68.36 32.39
N VAL J 192 -2.20 -69.41 32.94
CA VAL J 192 -3.36 -70.04 32.36
C VAL J 192 -4.13 -70.61 33.54
N PRO J 193 -5.45 -70.84 33.39
CA PRO J 193 -6.16 -71.39 34.54
C PRO J 193 -5.83 -72.87 34.73
N SER J 194 -5.65 -73.28 35.98
CA SER J 194 -5.36 -74.68 36.32
C SER J 194 -6.33 -75.63 35.66
N SER J 195 -7.60 -75.23 35.62
CA SER J 195 -8.66 -76.03 35.02
C SER J 195 -8.42 -76.41 33.55
N SER J 196 -7.58 -75.65 32.86
CA SER J 196 -7.36 -75.83 31.42
C SER J 196 -6.36 -76.93 31.07
N LEU J 197 -5.47 -77.25 32.01
CA LEU J 197 -4.24 -78.02 31.76
C LEU J 197 -4.38 -79.28 30.88
N GLY J 198 -5.19 -80.23 31.32
CA GLY J 198 -5.32 -81.50 30.62
C GLY J 198 -6.10 -81.49 29.32
N THR J 199 -6.89 -80.44 29.08
CA THR J 199 -7.73 -80.40 27.87
C THR J 199 -7.25 -79.44 26.79
N GLN J 200 -6.77 -78.26 27.20
CA GLN J 200 -6.17 -77.35 26.25
C GLN J 200 -4.72 -77.72 25.97
N THR J 201 -4.39 -77.77 24.68
CA THR J 201 -3.02 -78.02 24.25
C THR J 201 -2.23 -76.71 24.23
N TYR J 202 -1.02 -76.74 24.77
CA TYR J 202 -0.18 -75.56 24.72
C TYR J 202 1.13 -75.88 24.02
N ILE J 203 1.31 -75.28 22.85
CA ILE J 203 2.52 -75.47 22.05
C ILE J 203 3.23 -74.13 21.90
N CYS J 204 4.54 -74.14 22.08
CA CYS J 204 5.33 -72.93 21.86
C CYS J 204 6.07 -73.01 20.53
N ASN J 205 5.95 -71.96 19.75
CA ASN J 205 6.56 -71.88 18.44
C ASN J 205 7.82 -71.05 18.55
N VAL J 206 8.95 -71.73 18.39
CA VAL J 206 10.25 -71.07 18.49
C VAL J 206 10.88 -70.95 17.10
N ASN J 207 11.42 -69.76 16.82
CA ASN J 207 12.09 -69.48 15.56
C ASN J 207 13.47 -68.89 15.80
N HIS J 208 14.48 -69.53 15.24
CA HIS J 208 15.83 -68.97 15.26
C HIS J 208 16.34 -68.88 13.83
N LYS J 209 15.96 -67.81 13.13
CA LYS J 209 16.31 -67.65 11.71
C LYS J 209 17.80 -67.76 11.35
N PRO J 210 18.72 -67.25 12.22
CA PRO J 210 20.13 -67.42 11.86
C PRO J 210 20.59 -68.88 11.68
N SER J 211 19.89 -69.85 12.28
CA SER J 211 20.29 -71.23 12.12
C SER J 211 19.23 -72.01 11.38
N ASN J 212 18.23 -71.29 10.86
CA ASN J 212 17.06 -71.91 10.22
C ASN J 212 16.41 -72.99 11.09
N THR J 213 16.19 -72.67 12.36
CA THR J 213 15.55 -73.61 13.26
C THR J 213 14.13 -73.16 13.57
N LYS J 214 13.18 -74.03 13.26
CA LYS J 214 11.78 -73.79 13.56
C LYS J 214 11.35 -74.97 14.39
N VAL J 215 10.76 -74.68 15.55
CA VAL J 215 10.46 -75.71 16.51
C VAL J 215 9.17 -75.42 17.25
N ASP J 216 8.32 -76.43 17.32
CA ASP J 216 7.09 -76.35 18.07
C ASP J 216 7.20 -77.40 19.16
N LYS J 217 6.93 -77.00 20.41
CA LYS J 217 7.04 -77.93 21.52
C LYS J 217 5.76 -77.89 22.35
N ARG J 218 5.13 -79.05 22.48
CA ARG J 218 3.91 -79.16 23.26
C ARG J 218 4.30 -79.29 24.72
N VAL J 219 3.59 -78.55 25.58
CA VAL J 219 3.86 -78.59 27.01
C VAL J 219 2.68 -79.18 27.78
N GLU J 220 2.96 -80.23 28.55
CA GLU J 220 1.93 -80.92 29.33
C GLU J 220 2.51 -81.20 30.73
N PRO J 221 1.65 -81.54 31.71
CA PRO J 221 2.16 -81.94 33.02
C PRO J 221 3.01 -83.20 32.95
N ASP K 1 40.99 39.62 -0.61
CA ASP K 1 39.92 38.70 -0.27
C ASP K 1 38.57 39.24 -0.71
N ILE K 2 37.51 38.63 -0.20
CA ILE K 2 36.16 39.11 -0.47
C ILE K 2 35.76 40.14 0.57
N GLN K 3 35.64 41.38 0.13
CA GLN K 3 35.30 42.49 1.00
C GLN K 3 33.80 42.54 1.28
N MET K 4 33.43 42.60 2.55
CA MET K 4 32.02 42.76 2.87
C MET K 4 31.77 44.19 3.33
N THR K 5 30.73 44.82 2.78
CA THR K 5 30.49 46.23 3.04
C THR K 5 29.01 46.48 3.28
N GLN K 6 28.68 46.92 4.49
CA GLN K 6 27.29 47.14 4.86
C GLN K 6 26.79 48.57 4.73
N SER K 7 25.47 48.69 4.64
CA SER K 7 24.83 49.99 4.53
C SER K 7 23.44 49.87 5.15
N PRO K 8 23.09 50.80 6.04
CA PRO K 8 23.97 51.91 6.43
C PRO K 8 24.89 51.50 7.57
N ASP K 9 25.78 52.40 7.97
CA ASP K 9 26.70 52.14 9.06
C ASP K 9 25.93 52.19 10.36
N SER K 10 24.98 53.12 10.46
CA SER K 10 24.16 53.27 11.65
C SER K 10 22.73 53.45 11.19
N LEU K 11 21.79 52.93 11.98
CA LEU K 11 20.39 52.95 11.59
C LEU K 11 19.51 53.17 12.79
N ALA K 12 18.60 54.14 12.67
CA ALA K 12 17.71 54.49 13.75
C ALA K 12 16.28 54.21 13.30
N VAL K 13 15.58 53.35 14.02
CA VAL K 13 14.20 53.02 13.68
C VAL K 13 13.29 53.02 14.92
N SER K 14 12.02 53.32 14.70
CA SER K 14 11.06 53.44 15.79
C SER K 14 10.63 52.06 16.24
N LEU K 15 10.14 51.97 17.48
CA LEU K 15 9.65 50.71 18.00
C LEU K 15 8.52 50.23 17.10
N GLY K 16 8.51 48.93 16.80
CA GLY K 16 7.45 48.36 15.98
C GLY K 16 7.65 48.62 14.49
N GLU K 17 8.62 49.47 14.17
CA GLU K 17 8.86 49.82 12.78
C GLU K 17 9.85 48.87 12.17
N ARG K 18 10.06 49.05 10.88
CA ARG K 18 10.85 48.13 10.09
C ARG K 18 12.30 48.53 10.01
N ALA K 19 13.18 47.55 10.07
CA ALA K 19 14.61 47.78 9.98
C ALA K 19 15.20 46.93 8.85
N THR K 20 16.04 47.57 8.05
CA THR K 20 16.58 46.97 6.84
C THR K 20 18.07 47.27 6.74
N ILE K 21 18.88 46.21 6.74
CA ILE K 21 20.32 46.36 6.63
C ILE K 21 20.78 45.71 5.35
N ASN K 22 21.70 46.37 4.66
CA ASN K 22 22.11 45.90 3.35
C ASN K 22 23.55 45.46 3.37
N CYS K 23 23.84 44.41 2.63
CA CYS K 23 25.20 43.93 2.54
C CYS K 23 25.68 43.71 1.11
N LYS K 24 26.83 44.28 0.74
CA LYS K 24 27.44 43.96 -0.55
C LYS K 24 28.82 43.32 -0.40
N SER K 25 29.03 42.25 -1.17
CA SER K 25 30.30 41.53 -1.17
C SER K 25 31.05 41.92 -2.44
N SER K 26 32.38 41.96 -2.35
CA SER K 26 33.20 42.44 -3.46
C SER K 26 33.18 41.45 -4.61
N GLN K 27 32.87 40.21 -4.30
CA GLN K 27 32.73 39.18 -5.31
C GLN K 27 31.56 38.28 -4.94
N SER K 28 31.03 37.54 -5.92
CA SER K 28 29.86 36.72 -5.64
C SER K 28 30.14 35.58 -4.66
N VAL K 29 29.16 35.30 -3.80
CA VAL K 29 29.32 34.26 -2.81
C VAL K 29 28.24 33.24 -3.07
N PHE K 30 27.80 33.17 -4.32
CA PHE K 30 26.82 32.20 -4.75
C PHE K 30 27.57 31.07 -5.41
N SER K 31 27.19 29.84 -5.09
CA SER K 31 27.80 28.71 -5.77
C SER K 31 26.79 28.06 -6.69
N SER K 32 27.07 28.10 -7.98
CA SER K 32 26.21 27.45 -8.98
C SER K 32 26.30 25.94 -8.77
N SER K 33 27.41 25.52 -8.18
CA SER K 33 27.69 24.14 -7.80
C SER K 33 26.75 23.52 -6.77
N THR K 34 26.42 24.31 -5.74
CA THR K 34 25.58 23.83 -4.64
C THR K 34 24.22 24.53 -4.63
N ASN K 35 24.09 25.49 -5.54
CA ASN K 35 22.96 26.42 -5.64
C ASN K 35 22.55 27.11 -4.33
N LYS K 36 23.56 27.58 -3.59
CA LYS K 36 23.39 28.30 -2.33
C LYS K 36 24.22 29.57 -2.26
N ASN K 37 23.75 30.54 -1.49
CA ASN K 37 24.56 31.71 -1.17
C ASN K 37 25.24 31.54 0.18
N TYR K 38 26.57 31.60 0.19
CA TYR K 38 27.37 31.33 1.38
C TYR K 38 27.53 32.57 2.26
N LEU K 39 26.44 32.98 2.90
CA LEU K 39 26.33 34.29 3.54
C LEU K 39 25.57 34.09 4.84
N ALA K 40 26.06 34.74 5.88
CA ALA K 40 25.37 34.70 7.17
C ALA K 40 25.23 36.08 7.80
N TRP K 41 24.25 36.18 8.70
CA TRP K 41 24.01 37.40 9.47
C TRP K 41 24.08 37.10 10.96
N TYR K 42 24.79 37.95 11.71
CA TYR K 42 24.97 37.76 13.14
C TYR K 42 24.56 38.98 13.96
N GLN K 43 24.09 38.73 15.17
CA GLN K 43 23.80 39.80 16.11
C GLN K 43 24.88 39.81 17.18
N GLN K 44 25.25 41.00 17.63
CA GLN K 44 26.21 41.14 18.70
C GLN K 44 25.84 42.29 19.62
N LYS K 45 25.57 41.93 20.87
CA LYS K 45 25.30 42.89 21.93
C LYS K 45 26.60 43.07 22.68
N PRO K 46 26.82 44.27 23.23
CA PRO K 46 28.11 44.55 23.86
C PRO K 46 28.47 43.54 24.94
N GLY K 47 29.72 43.09 24.94
CA GLY K 47 30.17 42.10 25.91
C GLY K 47 30.00 40.70 25.38
N GLN K 48 28.91 40.46 24.65
CA GLN K 48 28.58 39.11 24.21
C GLN K 48 29.23 38.78 22.87
N PRO K 49 29.42 37.48 22.60
CA PRO K 49 29.89 36.98 21.31
C PRO K 49 28.79 37.07 20.27
N PRO K 50 29.13 36.91 18.99
CA PRO K 50 28.13 36.95 17.91
C PRO K 50 27.13 35.79 17.97
N LYS K 51 25.91 36.01 17.50
CA LYS K 51 24.90 34.96 17.43
C LYS K 51 24.28 34.92 16.03
N VAL K 52 24.36 33.78 15.34
CA VAL K 52 23.74 33.68 14.02
C VAL K 52 22.25 33.98 14.08
N LEU K 53 21.78 34.79 13.15
CA LEU K 53 20.35 34.95 12.99
C LEU K 53 20.01 34.15 11.77
N ILE K 54 20.85 34.30 10.75
CA ILE K 54 20.55 33.78 9.43
C ILE K 54 21.78 33.21 8.73
N TYR K 55 21.60 32.08 8.05
CA TYR K 55 22.64 31.45 7.23
C TYR K 55 22.04 30.98 5.90
N TRP K 56 22.90 30.58 4.96
CA TRP K 56 22.51 30.39 3.55
C TRP K 56 21.74 31.60 3.04
N SER K 57 22.17 32.76 3.52
CA SER K 57 21.59 34.06 3.19
C SER K 57 20.12 34.27 3.54
N SER K 58 19.35 33.19 3.63
CA SER K 58 17.91 33.34 3.83
C SER K 58 17.34 32.34 4.82
N THR K 59 18.17 31.48 5.39
CA THR K 59 17.64 30.55 6.39
C THR K 59 17.85 31.06 7.79
N ARG K 60 16.78 31.02 8.55
CA ARG K 60 16.77 31.48 9.93
C ARG K 60 17.22 30.39 10.87
N GLU K 61 18.16 30.73 11.73
CA GLU K 61 18.67 29.79 12.72
C GLU K 61 17.48 29.52 13.64
N SER K 62 17.39 28.32 14.20
CA SER K 62 16.25 28.01 15.07
C SER K 62 16.25 28.79 16.39
N GLY K 63 15.05 29.13 16.86
CA GLY K 63 14.93 29.91 18.08
C GLY K 63 14.92 31.41 17.86
N VAL K 64 15.47 31.84 16.72
CA VAL K 64 15.40 33.24 16.34
C VAL K 64 13.98 33.54 15.92
N PRO K 65 13.39 34.60 16.47
CA PRO K 65 12.01 34.99 16.15
C PRO K 65 11.82 35.32 14.68
N ASP K 66 10.61 35.07 14.18
CA ASP K 66 10.32 35.20 12.76
C ASP K 66 10.29 36.63 12.23
N ARG K 67 10.45 37.61 13.10
CA ARG K 67 10.55 38.99 12.63
C ARG K 67 11.88 39.25 11.92
N PHE K 68 12.85 38.37 12.10
CA PHE K 68 14.07 38.42 11.30
C PHE K 68 13.91 37.59 10.04
N SER K 69 14.37 38.16 8.94
CA SER K 69 14.42 37.46 7.69
C SER K 69 15.47 38.09 6.83
N ALA K 70 16.05 37.29 5.94
CA ALA K 70 17.06 37.79 5.03
C ALA K 70 16.86 37.23 3.64
N SER K 71 17.40 37.95 2.66
CA SER K 71 17.22 37.57 1.29
C SER K 71 18.41 38.06 0.49
N GLY K 72 18.34 37.82 -0.82
CA GLY K 72 19.39 38.24 -1.73
C GLY K 72 20.15 37.12 -2.38
N SER K 73 20.94 37.48 -3.38
CA SER K 73 21.68 36.51 -4.15
C SER K 73 22.98 37.12 -4.62
N GLY K 74 24.01 36.28 -4.69
CA GLY K 74 25.25 36.62 -5.36
C GLY K 74 26.12 37.62 -4.62
N THR K 75 25.84 38.90 -4.83
CA THR K 75 26.56 39.97 -4.15
C THR K 75 25.71 40.94 -3.35
N ASP K 76 24.40 40.87 -3.54
CA ASP K 76 23.48 41.77 -2.85
C ASP K 76 22.64 41.05 -1.81
N PHE K 77 22.71 41.52 -0.58
CA PHE K 77 21.97 40.90 0.52
C PHE K 77 21.28 41.91 1.40
N THR K 78 20.24 41.45 2.10
CA THR K 78 19.43 42.34 2.90
C THR K 78 18.84 41.61 4.09
N LEU K 79 19.22 42.04 5.28
CA LEU K 79 18.61 41.57 6.51
C LEU K 79 17.47 42.50 6.86
N THR K 80 16.36 41.93 7.30
CA THR K 80 15.17 42.71 7.64
C THR K 80 14.62 42.28 9.00
N ILE K 81 14.38 43.26 9.86
CA ILE K 81 13.68 43.03 11.11
C ILE K 81 12.33 43.71 10.96
N SER K 82 11.27 42.91 10.81
CA SER K 82 9.97 43.42 10.36
C SER K 82 9.36 44.37 11.38
N SER K 83 9.47 44.04 12.66
CA SER K 83 8.87 44.88 13.68
C SER K 83 9.77 45.02 14.91
N LEU K 84 10.63 46.04 14.87
CA LEU K 84 11.76 46.17 15.79
C LEU K 84 11.32 46.21 17.25
N GLN K 85 11.88 45.33 18.08
CA GLN K 85 11.56 45.34 19.49
C GLN K 85 12.80 45.89 20.19
N ALA K 86 12.67 46.27 21.46
CA ALA K 86 13.79 46.85 22.19
C ALA K 86 15.02 45.95 22.33
N ALA K 87 14.80 44.64 22.46
CA ALA K 87 15.92 43.73 22.63
C ALA K 87 16.71 43.56 21.33
N ASP K 88 16.19 44.08 20.23
CA ASP K 88 16.83 43.92 18.93
C ASP K 88 17.89 45.00 18.69
N VAL K 89 17.98 45.93 19.62
CA VAL K 89 18.97 47.00 19.54
C VAL K 89 20.37 46.43 19.79
N ALA K 90 21.21 46.43 18.76
CA ALA K 90 22.48 45.73 18.80
C ALA K 90 23.25 46.07 17.54
N VAL K 91 24.42 45.46 17.38
CA VAL K 91 25.18 45.54 16.14
C VAL K 91 25.00 44.27 15.31
N TYR K 92 24.83 44.46 14.01
CA TYR K 92 24.62 43.36 13.10
C TYR K 92 25.76 43.20 12.08
N TYR K 93 26.17 41.97 11.85
CA TYR K 93 27.24 41.69 10.91
C TYR K 93 26.81 40.72 9.83
N CYS K 94 27.24 40.97 8.59
CA CYS K 94 27.11 39.96 7.53
C CYS K 94 28.44 39.23 7.38
N HIS K 95 28.41 38.05 6.77
CA HIS K 95 29.58 37.19 6.82
C HIS K 95 29.64 36.26 5.63
N GLN K 96 30.68 36.35 4.82
CA GLN K 96 30.80 35.38 3.76
C GLN K 96 31.70 34.23 4.20
N TYR K 97 31.25 33.03 3.87
CA TYR K 97 32.02 31.84 4.13
C TYR K 97 32.11 31.04 2.83
N TYR K 98 32.08 31.78 1.73
CA TYR K 98 32.18 31.20 0.39
C TYR K 98 33.59 30.70 0.17
N THR K 99 34.54 31.49 0.67
CA THR K 99 35.95 31.16 0.55
C THR K 99 36.70 31.64 1.79
N ALA K 100 37.77 30.93 2.13
CA ALA K 100 38.72 31.45 3.10
C ALA K 100 39.47 32.59 2.42
N PRO K 101 39.80 33.64 3.18
CA PRO K 101 39.51 33.89 4.58
C PRO K 101 38.05 34.25 4.76
N TRP K 102 37.45 33.80 5.84
CA TRP K 102 36.21 34.40 6.31
C TRP K 102 36.38 35.90 6.38
N THR K 103 35.42 36.64 5.88
CA THR K 103 35.43 38.08 6.10
C THR K 103 34.06 38.48 6.60
N PHE K 104 34.01 39.61 7.31
CA PHE K 104 32.75 40.13 7.85
C PHE K 104 32.58 41.56 7.37
N GLY K 105 31.35 42.06 7.45
CA GLY K 105 31.08 43.46 7.21
C GLY K 105 31.61 44.31 8.34
N GLN K 106 31.48 45.62 8.22
CA GLN K 106 32.07 46.50 9.22
C GLN K 106 31.13 46.58 10.41
N GLY K 107 29.88 46.17 10.20
CA GLY K 107 28.92 46.19 11.28
C GLY K 107 27.94 47.32 11.15
N THR K 108 26.67 47.05 11.38
CA THR K 108 25.67 48.11 11.40
C THR K 108 25.05 48.23 12.78
N LYS K 109 25.28 49.36 13.45
CA LYS K 109 24.68 49.58 14.75
C LYS K 109 23.22 50.04 14.50
N VAL K 110 22.29 49.37 15.16
CA VAL K 110 20.86 49.65 15.02
C VAL K 110 20.27 50.13 16.33
N GLU K 111 19.59 51.27 16.31
CA GLU K 111 19.02 51.75 17.55
C GLU K 111 17.55 52.10 17.43
N ILE K 112 16.94 52.27 18.60
CA ILE K 112 15.56 52.71 18.72
C ILE K 112 15.50 54.21 18.48
N LYS K 113 14.68 54.63 17.53
CA LYS K 113 14.48 56.05 17.29
C LYS K 113 13.45 56.61 18.26
N ARG K 114 13.67 57.83 18.74
CA ARG K 114 12.77 58.46 19.68
C ARG K 114 12.73 59.95 19.41
N THR K 115 11.81 60.65 20.08
CA THR K 115 11.76 62.09 19.99
C THR K 115 13.08 62.66 20.50
N VAL K 116 13.50 63.80 19.99
CA VAL K 116 14.76 64.38 20.43
C VAL K 116 14.65 64.94 21.85
N ALA K 117 15.62 64.62 22.70
CA ALA K 117 15.64 65.09 24.09
C ALA K 117 16.99 65.75 24.31
N ALA K 118 17.01 66.88 25.01
CA ALA K 118 18.28 67.59 25.21
C ALA K 118 19.05 67.07 26.43
N PRO K 119 20.38 67.23 26.41
CA PRO K 119 21.19 66.72 27.52
C PRO K 119 21.17 67.68 28.70
N SER K 120 21.15 67.15 29.91
CA SER K 120 21.42 67.96 31.08
C SER K 120 22.93 67.97 31.20
N VAL K 121 23.52 69.14 31.32
CA VAL K 121 24.97 69.24 31.37
C VAL K 121 25.45 69.54 32.78
N PHE K 122 26.51 68.85 33.18
CA PHE K 122 27.13 69.11 34.47
C PHE K 122 28.64 69.21 34.27
N ILE K 123 29.28 70.02 35.10
CA ILE K 123 30.72 70.13 35.07
C ILE K 123 31.27 69.77 36.45
N PHE K 124 32.46 69.20 36.49
CA PHE K 124 33.09 68.77 37.72
C PHE K 124 34.53 69.22 37.74
N PRO K 125 34.92 69.99 38.76
CA PRO K 125 36.32 70.39 38.86
C PRO K 125 37.10 69.27 39.51
N PRO K 126 38.42 69.23 39.28
CA PRO K 126 39.22 68.17 39.90
C PRO K 126 39.11 68.24 41.41
N SER K 127 39.11 67.06 42.03
CA SER K 127 39.14 66.95 43.49
C SER K 127 40.47 67.48 44.00
N ASP K 128 40.49 67.88 45.26
CA ASP K 128 41.70 68.40 45.86
C ASP K 128 42.73 67.30 46.06
N GLU K 129 42.26 66.09 46.31
CA GLU K 129 43.15 64.94 46.49
C GLU K 129 43.87 64.54 45.20
N GLN K 130 43.24 64.79 44.06
CA GLN K 130 43.87 64.56 42.77
C GLN K 130 44.87 65.66 42.41
N LEU K 131 44.57 66.89 42.84
CA LEU K 131 45.46 68.03 42.60
C LEU K 131 46.81 67.88 43.31
N LYS K 132 46.82 67.17 44.43
CA LYS K 132 48.07 66.84 45.11
C LYS K 132 48.96 66.00 44.18
N SER K 133 48.34 65.13 43.40
CA SER K 133 49.04 64.23 42.49
C SER K 133 49.71 64.91 41.29
N GLY K 134 49.49 66.21 41.12
CA GLY K 134 50.12 66.94 40.05
C GLY K 134 49.37 66.98 38.74
N THR K 135 48.17 66.41 38.71
CA THR K 135 47.37 66.42 37.49
C THR K 135 45.93 66.84 37.74
N ALA K 136 45.32 67.47 36.74
CA ALA K 136 43.98 68.01 36.89
C ALA K 136 43.05 67.44 35.84
N SER K 137 41.89 66.99 36.28
CA SER K 137 40.90 66.41 35.38
C SER K 137 39.57 67.13 35.56
N VAL K 138 39.20 67.93 34.56
CA VAL K 138 37.86 68.49 34.53
C VAL K 138 36.96 67.60 33.69
N VAL K 139 35.77 67.31 34.22
CA VAL K 139 34.86 66.38 33.55
C VAL K 139 33.55 67.08 33.20
N CYS K 140 33.08 66.87 31.96
CA CYS K 140 31.78 67.37 31.55
C CYS K 140 30.86 66.17 31.32
N LEU K 141 29.67 66.24 31.89
CA LEU K 141 28.68 65.16 31.73
C LEU K 141 27.47 65.65 30.94
N LEU K 142 27.12 64.89 29.90
CA LEU K 142 25.94 65.15 29.10
C LEU K 142 24.96 64.01 29.32
N ASN K 143 23.87 64.31 30.01
CA ASN K 143 22.98 63.27 30.50
C ASN K 143 21.67 63.11 29.74
N ASN K 144 21.41 61.87 29.35
CA ASN K 144 20.14 61.43 28.81
C ASN K 144 19.60 62.26 27.63
N PHE K 145 20.32 62.21 26.52
CA PHE K 145 19.95 62.98 25.34
C PHE K 145 19.79 62.08 24.12
N TYR K 146 19.23 62.65 23.05
CA TYR K 146 19.08 61.94 21.78
C TYR K 146 18.96 62.98 20.65
N PRO K 147 19.57 62.70 19.50
CA PRO K 147 20.33 61.51 19.11
C PRO K 147 21.75 61.52 19.66
N ARG K 148 22.59 60.62 19.17
CA ARG K 148 23.90 60.41 19.76
C ARG K 148 24.82 61.60 19.50
N GLU K 149 24.57 62.32 18.41
CA GLU K 149 25.50 63.38 18.00
C GLU K 149 25.46 64.59 18.94
N ALA K 150 26.65 64.97 19.41
CA ALA K 150 26.83 66.07 20.36
C ALA K 150 28.26 66.58 20.29
N LYS K 151 28.43 67.89 20.21
CA LYS K 151 29.79 68.44 20.22
C LYS K 151 30.09 69.00 21.61
N VAL K 152 31.20 68.56 22.19
CA VAL K 152 31.67 69.09 23.45
C VAL K 152 32.97 69.84 23.25
N GLN K 153 32.95 71.14 23.55
CA GLN K 153 34.14 71.98 23.40
C GLN K 153 34.60 72.54 24.73
N TRP K 154 35.85 72.28 25.07
CA TRP K 154 36.42 72.78 26.31
C TRP K 154 37.07 74.14 26.04
N LYS K 155 36.73 75.12 26.84
CA LYS K 155 37.32 76.44 26.73
C LYS K 155 37.95 76.85 28.05
N VAL K 156 39.22 77.22 28.01
CA VAL K 156 39.93 77.66 29.20
C VAL K 156 40.31 79.13 29.05
N ASP K 157 39.65 79.98 29.84
CA ASP K 157 39.74 81.43 29.73
C ASP K 157 39.29 81.89 28.33
N ASN K 158 38.35 81.12 27.76
CA ASN K 158 37.79 81.34 26.41
C ASN K 158 38.69 80.94 25.25
N ALA K 159 39.87 80.40 25.55
CA ALA K 159 40.74 79.85 24.53
C ALA K 159 40.38 78.39 24.36
N LEU K 160 39.55 78.10 23.35
CA LEU K 160 39.06 76.73 23.14
C LEU K 160 40.20 75.72 22.96
N GLN K 161 40.07 74.58 23.64
CA GLN K 161 41.14 73.59 23.73
C GLN K 161 41.03 72.52 22.66
N SER K 162 42.16 71.86 22.40
CA SER K 162 42.23 70.82 21.40
C SER K 162 43.39 69.86 21.71
N GLY K 163 43.11 68.57 21.68
CA GLY K 163 44.12 67.55 21.87
C GLY K 163 44.30 67.10 23.32
N ASN K 164 43.49 67.65 24.22
CA ASN K 164 43.67 67.35 25.65
C ASN K 164 42.38 66.91 26.33
N SER K 165 41.43 66.42 25.55
CA SER K 165 40.18 65.90 26.09
C SER K 165 39.91 64.52 25.50
N GLN K 166 39.04 63.76 26.16
CA GLN K 166 38.65 62.45 25.66
C GLN K 166 37.19 62.17 25.99
N GLU K 167 36.51 61.50 25.08
CA GLU K 167 35.07 61.32 25.19
C GLU K 167 34.74 59.86 25.34
N SER K 168 33.57 59.59 25.90
CA SER K 168 33.10 58.22 26.06
C SER K 168 31.59 58.22 26.15
N VAL K 169 30.94 57.31 25.44
CA VAL K 169 29.49 57.34 25.37
C VAL K 169 28.83 56.03 25.81
N THR K 170 27.80 56.17 26.64
CA THR K 170 27.00 55.05 27.12
C THR K 170 26.29 54.36 25.93
N GLU K 171 25.86 53.11 26.11
CA GLU K 171 25.02 52.45 25.12
C GLU K 171 23.59 52.94 25.26
N GLN K 172 22.80 52.88 24.18
CA GLN K 172 21.44 53.39 24.23
C GLN K 172 20.72 52.82 25.44
N ASP K 173 20.05 53.70 26.19
CA ASP K 173 19.48 53.31 27.46
C ASP K 173 18.24 52.43 27.24
N SER K 174 18.23 51.27 27.87
CA SER K 174 17.16 50.29 27.71
C SER K 174 15.79 50.87 28.07
N LYS K 175 15.78 51.75 29.06
CA LYS K 175 14.57 52.34 29.61
C LYS K 175 13.99 53.52 28.80
N ASP K 176 14.78 54.56 28.61
CA ASP K 176 14.30 55.77 27.93
C ASP K 176 14.91 56.00 26.53
N SER K 177 15.71 55.04 26.06
CA SER K 177 16.32 55.07 24.73
C SER K 177 17.24 56.28 24.49
N THR K 178 17.79 56.83 25.58
CA THR K 178 18.76 57.92 25.47
C THR K 178 20.22 57.49 25.53
N TYR K 179 21.09 58.47 25.33
CA TYR K 179 22.53 58.29 25.48
C TYR K 179 23.06 59.23 26.56
N SER K 180 24.28 58.95 27.03
CA SER K 180 24.98 59.84 27.95
C SER K 180 26.44 59.89 27.54
N LEU K 181 27.07 61.05 27.71
CA LEU K 181 28.44 61.22 27.26
C LEU K 181 29.30 61.80 28.38
N SER K 182 30.53 61.30 28.51
CA SER K 182 31.47 61.84 29.48
C SER K 182 32.72 62.32 28.77
N SER K 183 33.09 63.57 29.06
CA SER K 183 34.25 64.19 28.45
C SER K 183 35.23 64.55 29.55
N THR K 184 36.50 64.24 29.35
CA THR K 184 37.50 64.53 30.37
C THR K 184 38.66 65.35 29.80
N LEU K 185 38.78 66.58 30.28
CA LEU K 185 39.92 67.44 29.93
C LEU K 185 41.02 67.23 30.95
N THR K 186 42.26 67.13 30.48
CA THR K 186 43.39 66.83 31.37
C THR K 186 44.50 67.86 31.20
N LEU K 187 44.93 68.45 32.31
CA LEU K 187 46.09 69.34 32.30
C LEU K 187 47.05 68.97 33.44
N SER K 188 48.24 69.54 33.43
CA SER K 188 49.13 69.45 34.60
C SER K 188 48.65 70.43 35.66
N LYS K 189 48.97 70.16 36.92
CA LYS K 189 48.63 71.07 38.00
C LYS K 189 49.11 72.48 37.67
N ALA K 190 50.32 72.56 37.11
CA ALA K 190 50.95 73.83 36.73
C ALA K 190 50.05 74.68 35.83
N ASP K 191 49.62 74.08 34.72
CA ASP K 191 48.75 74.74 33.75
C ASP K 191 47.37 75.02 34.32
N TYR K 192 46.88 74.11 35.17
CA TYR K 192 45.57 74.26 35.77
C TYR K 192 45.47 75.50 36.65
N GLU K 193 46.41 75.63 37.57
CA GLU K 193 46.46 76.81 38.44
C GLU K 193 47.21 77.96 37.77
N LYS K 194 46.76 78.30 36.56
CA LYS K 194 47.40 79.31 35.72
C LYS K 194 46.29 80.05 34.99
N HIS K 195 45.18 79.35 34.73
CA HIS K 195 43.97 79.97 34.21
C HIS K 195 42.83 79.93 35.23
N LYS K 196 41.78 80.69 34.97
CA LYS K 196 40.71 80.91 35.95
C LYS K 196 39.37 80.28 35.57
N VAL K 197 38.84 80.65 34.41
CA VAL K 197 37.51 80.24 33.99
C VAL K 197 37.57 78.97 33.15
N TYR K 198 36.98 77.90 33.67
CA TYR K 198 36.92 76.63 32.95
C TYR K 198 35.49 76.35 32.52
N ALA K 199 35.29 76.18 31.22
CA ALA K 199 33.94 76.00 30.68
C ALA K 199 33.79 74.86 29.67
N CYS K 200 32.59 74.29 29.63
CA CYS K 200 32.26 73.20 28.73
C CYS K 200 31.10 73.66 27.85
N GLU K 201 31.35 73.79 26.56
CA GLU K 201 30.27 74.16 25.66
C GLU K 201 29.72 72.95 24.90
N VAL K 202 28.43 72.74 25.06
CA VAL K 202 27.75 71.62 24.45
C VAL K 202 26.85 72.12 23.34
N THR K 203 26.91 71.43 22.20
CA THR K 203 26.03 71.70 21.08
C THR K 203 25.26 70.43 20.75
N HIS K 204 23.94 70.55 20.69
CA HIS K 204 23.05 69.42 20.45
C HIS K 204 21.74 69.88 19.79
N GLN K 205 21.14 69.03 18.97
CA GLN K 205 19.89 69.36 18.29
C GLN K 205 18.78 69.83 19.22
N GLY K 206 18.73 69.26 20.42
CA GLY K 206 17.66 69.60 21.33
C GLY K 206 17.98 70.88 22.09
N LEU K 207 19.16 71.44 21.83
CA LEU K 207 19.56 72.69 22.46
C LEU K 207 19.43 73.76 21.37
N SER K 208 18.53 74.71 21.55
CA SER K 208 18.34 75.77 20.56
C SER K 208 19.59 76.63 20.39
N SER K 209 20.24 76.91 21.52
CA SER K 209 21.51 77.62 21.59
C SER K 209 22.47 76.69 22.32
N PRO K 210 23.75 76.68 21.89
CA PRO K 210 24.80 75.95 22.60
C PRO K 210 24.83 76.29 24.09
N VAL K 211 24.77 75.26 24.94
CA VAL K 211 24.80 75.48 26.38
C VAL K 211 26.22 75.42 26.90
N THR K 212 26.55 76.34 27.80
CA THR K 212 27.84 76.34 28.46
C THR K 212 27.61 76.21 29.96
N LYS K 213 28.30 75.25 30.59
CA LYS K 213 28.33 75.16 32.04
C LYS K 213 29.77 75.45 32.46
N SER K 214 29.97 76.09 33.60
CA SER K 214 31.32 76.49 33.98
C SER K 214 31.56 76.71 35.46
N PHE K 215 32.83 76.77 35.83
CA PHE K 215 33.24 77.11 37.18
C PHE K 215 34.46 78.02 37.14
N ASN K 216 34.65 78.78 38.22
CA ASN K 216 35.89 79.51 38.43
C ASN K 216 36.75 78.70 39.41
N ARG K 217 38.01 78.47 39.05
CA ARG K 217 38.94 77.76 39.92
C ARG K 217 38.99 78.39 41.31
N GLN L 1 24.45 19.49 24.62
CA GLN L 1 24.51 20.90 24.96
C GLN L 1 25.86 21.47 24.54
N VAL L 2 25.93 21.99 23.31
CA VAL L 2 27.17 22.47 22.71
C VAL L 2 27.79 23.62 23.49
N GLN L 3 29.04 23.47 23.92
CA GLN L 3 29.67 24.49 24.74
C GLN L 3 31.10 24.79 24.29
N LEU L 4 31.49 26.05 24.35
CA LEU L 4 32.86 26.45 24.02
C LEU L 4 33.40 27.33 25.14
N VAL L 5 34.32 26.76 25.90
CA VAL L 5 34.86 27.43 27.06
C VAL L 5 36.25 27.92 26.69
N GLN L 6 36.41 29.23 26.67
CA GLN L 6 37.70 29.80 26.27
C GLN L 6 38.46 30.16 27.53
N SER L 7 39.78 30.12 27.43
CA SER L 7 40.66 30.42 28.54
C SER L 7 40.44 31.81 29.13
N GLY L 8 41.03 32.05 30.29
CA GLY L 8 40.75 33.27 31.02
C GLY L 8 41.49 34.44 30.41
N ALA L 9 41.23 35.63 30.95
CA ALA L 9 41.82 36.82 30.40
C ALA L 9 43.34 36.83 30.55
N GLU L 10 44.01 37.50 29.62
CA GLU L 10 45.47 37.47 29.53
C GLU L 10 46.02 38.87 29.32
N VAL L 11 47.13 39.15 30.00
CA VAL L 11 47.84 40.41 29.85
C VAL L 11 49.31 40.16 29.54
N LYS L 12 49.80 40.72 28.42
CA LYS L 12 51.16 40.42 27.99
C LYS L 12 51.81 41.70 27.47
N LYS L 13 53.13 41.77 27.50
CA LYS L 13 53.83 42.96 27.03
C LYS L 13 54.34 42.76 25.60
N PRO L 14 54.58 43.87 24.88
CA PRO L 14 55.00 43.77 23.47
C PRO L 14 56.18 42.85 23.18
N GLY L 15 56.05 42.12 22.08
CA GLY L 15 57.06 41.17 21.63
C GLY L 15 56.98 39.78 22.24
N ALA L 16 56.18 39.63 23.29
CA ALA L 16 55.98 38.34 23.94
C ALA L 16 54.99 37.49 23.16
N SER L 17 54.63 36.35 23.71
CA SER L 17 53.71 35.46 23.04
C SER L 17 52.59 35.08 24.00
N VAL L 18 51.48 34.64 23.43
CA VAL L 18 50.37 34.12 24.21
C VAL L 18 49.78 32.90 23.50
N LYS L 19 49.20 32.00 24.30
CA LYS L 19 48.54 30.81 23.79
C LYS L 19 47.20 30.62 24.48
N LEU L 20 46.12 30.77 23.72
CA LEU L 20 44.77 30.65 24.25
C LEU L 20 44.23 29.26 23.95
N SER L 21 43.28 28.84 24.77
CA SER L 21 42.66 27.54 24.60
C SER L 21 41.15 27.65 24.48
N CYS L 22 40.56 26.64 23.86
CA CYS L 22 39.12 26.53 23.69
C CYS L 22 38.69 25.10 23.92
N LYS L 23 37.94 24.86 25.00
CA LYS L 23 37.55 23.50 25.36
C LYS L 23 36.09 23.27 24.97
N ALA L 24 35.87 22.30 24.08
CA ALA L 24 34.52 22.04 23.56
C ALA L 24 33.83 20.85 24.23
N SER L 25 32.50 20.89 24.21
CA SER L 25 31.68 19.75 24.66
C SER L 25 30.28 19.77 24.07
N GLY L 26 29.56 18.66 24.22
CA GLY L 26 28.17 18.60 23.79
C GLY L 26 27.98 18.29 22.31
N TYR L 27 29.07 18.02 21.60
CA TYR L 27 28.98 17.62 20.20
C TYR L 27 30.23 16.83 19.86
N THR L 28 30.17 15.98 18.84
CA THR L 28 31.36 15.23 18.48
C THR L 28 32.44 16.14 17.87
N PHE L 29 33.57 16.25 18.56
CA PHE L 29 34.58 17.26 18.25
C PHE L 29 35.25 17.20 16.90
N THR L 30 35.40 16.00 16.35
CA THR L 30 36.22 15.86 15.16
C THR L 30 35.38 16.04 13.92
N ALA L 31 34.18 16.55 14.12
CA ALA L 31 33.23 16.62 13.04
C ALA L 31 32.99 18.06 12.62
N TYR L 32 33.55 19.00 13.38
CA TYR L 32 33.39 20.40 13.05
C TYR L 32 34.68 21.20 13.07
N SER L 33 34.85 22.10 12.10
CA SER L 33 36.05 22.94 12.05
C SER L 33 36.03 23.84 13.27
N MET L 34 37.21 24.36 13.61
CA MET L 34 37.32 25.38 14.64
C MET L 34 37.88 26.62 14.00
N HIS L 35 37.36 27.76 14.44
CA HIS L 35 37.75 29.05 13.89
C HIS L 35 38.20 29.98 14.99
N TRP L 36 39.16 30.84 14.67
CA TRP L 36 39.54 31.85 15.62
C TRP L 36 39.33 33.20 14.98
N VAL L 37 38.51 34.00 15.64
CA VAL L 37 38.10 35.28 15.11
C VAL L 37 38.30 36.27 16.24
N ARG L 38 38.97 37.37 15.95
CA ARG L 38 39.22 38.39 16.96
C ARG L 38 38.46 39.67 16.67
N GLN L 39 38.34 40.51 17.69
CA GLN L 39 37.65 41.78 17.58
C GLN L 39 38.37 42.82 18.38
N ALA L 40 39.05 43.76 17.72
CA ALA L 40 39.64 44.86 18.46
C ALA L 40 38.51 45.66 19.11
N PRO L 41 38.81 46.40 20.19
CA PRO L 41 37.70 47.06 20.90
C PRO L 41 36.98 48.07 20.02
N GLY L 42 35.65 48.04 20.02
CA GLY L 42 34.84 48.90 19.19
C GLY L 42 34.98 48.65 17.71
N GLN L 43 35.58 47.51 17.36
CA GLN L 43 35.86 47.22 15.96
C GLN L 43 35.03 46.05 15.46
N SER L 44 35.29 45.69 14.21
CA SER L 44 34.60 44.59 13.54
C SER L 44 35.35 43.28 13.81
N LEU L 45 34.73 42.16 13.42
CA LEU L 45 35.31 40.83 13.57
C LEU L 45 36.35 40.50 12.49
N GLU L 46 37.47 39.92 12.90
CA GLU L 46 38.56 39.61 11.96
C GLU L 46 38.94 38.16 12.08
N TRP L 47 38.81 37.42 10.98
CA TRP L 47 39.12 36.01 10.97
C TRP L 47 40.64 35.84 10.97
N LEU L 48 41.17 35.02 11.89
CA LEU L 48 42.61 34.78 11.94
C LEU L 48 42.99 33.51 11.19
N GLY L 49 42.16 32.48 11.34
CA GLY L 49 42.37 31.24 10.63
C GLY L 49 41.50 30.12 11.16
N TRP L 50 41.75 28.91 10.68
CA TRP L 50 40.98 27.75 11.09
C TRP L 50 41.78 26.46 11.12
N ILE L 51 41.26 25.48 11.86
CA ILE L 51 41.87 24.17 11.96
C ILE L 51 40.84 23.07 11.71
N ASN L 52 41.24 22.13 10.88
CA ASN L 52 40.47 20.93 10.62
C ASN L 52 40.67 19.97 11.78
N THR L 53 39.64 19.78 12.59
CA THR L 53 39.83 19.10 13.86
C THR L 53 40.12 17.61 13.81
N ALA L 54 39.80 16.96 12.68
CA ALA L 54 40.02 15.53 12.54
C ALA L 54 41.47 15.29 12.17
N ILE L 55 41.87 15.96 11.11
CA ILE L 55 43.18 15.81 10.52
C ILE L 55 44.21 16.67 11.25
N GLY L 56 43.88 17.94 11.45
CA GLY L 56 44.73 18.84 12.18
C GLY L 56 45.42 19.88 11.32
N ASN L 57 45.13 19.87 10.03
CA ASN L 57 45.69 20.90 9.15
C ASN L 57 44.97 22.23 9.31
N THR L 58 45.64 23.30 8.92
CA THR L 58 45.16 24.66 9.15
C THR L 58 45.35 25.52 7.92
N GLN L 59 44.68 26.65 7.91
CA GLN L 59 45.13 27.77 7.09
C GLN L 59 44.81 29.09 7.78
N TYR L 60 45.68 30.08 7.59
CA TYR L 60 45.55 31.32 8.33
C TYR L 60 45.30 32.47 7.36
N SER L 61 44.89 33.61 7.89
CA SER L 61 44.73 34.81 7.08
C SER L 61 46.15 35.33 6.83
N GLN L 62 46.39 35.85 5.64
CA GLN L 62 47.72 36.26 5.25
C GLN L 62 48.31 37.35 6.16
N LYS L 63 47.47 38.22 6.69
CA LYS L 63 47.93 39.26 7.60
C LYS L 63 48.45 38.65 8.91
N PHE L 64 48.39 37.33 9.02
CA PHE L 64 48.73 36.66 10.26
C PHE L 64 49.55 35.37 10.08
N GLN L 65 49.80 34.96 8.82
CA GLN L 65 50.51 33.71 8.56
C GLN L 65 51.88 33.65 9.24
N ASP L 66 52.50 34.81 9.37
CA ASP L 66 53.76 34.95 10.07
C ASP L 66 53.69 34.49 11.53
N ARG L 67 52.68 34.96 12.24
CA ARG L 67 52.65 34.91 13.70
C ARG L 67 51.60 34.01 14.36
N VAL L 68 50.58 33.57 13.63
CA VAL L 68 49.54 32.78 14.29
C VAL L 68 49.71 31.29 14.00
N THR L 69 49.51 30.47 15.01
CA THR L 69 49.45 29.03 14.84
C THR L 69 48.27 28.46 15.63
N ILE L 70 47.46 27.65 14.97
CA ILE L 70 46.28 27.06 15.58
C ILE L 70 46.49 25.56 15.79
N THR L 71 46.02 25.05 16.92
CA THR L 71 46.38 23.73 17.39
C THR L 71 45.11 23.08 17.89
N ARG L 72 45.07 21.75 17.91
CA ARG L 72 44.01 21.05 18.64
C ARG L 72 44.52 19.78 19.30
N ASP L 73 43.80 19.36 20.33
CA ASP L 73 44.16 18.19 21.10
C ASP L 73 42.87 17.41 21.07
N THR L 74 42.86 16.38 20.24
CA THR L 74 41.62 15.73 19.89
C THR L 74 41.03 14.88 21.00
N SER L 75 41.88 14.36 21.88
CA SER L 75 41.40 13.58 23.01
C SER L 75 40.88 14.56 24.07
N ALA L 76 41.44 15.76 24.05
CA ALA L 76 41.04 16.82 24.98
C ALA L 76 39.78 17.56 24.53
N ARG L 77 39.37 17.37 23.28
CA ARG L 77 38.31 18.17 22.67
C ARG L 77 38.63 19.66 22.79
N THR L 78 39.87 20.02 22.49
CA THR L 78 40.32 21.38 22.77
C THR L 78 41.12 22.02 21.65
N SER L 79 40.89 23.31 21.41
CA SER L 79 41.67 24.04 20.43
C SER L 79 42.63 24.99 21.11
N TYR L 80 43.65 25.42 20.39
CA TYR L 80 44.70 26.25 20.97
C TYR L 80 45.12 27.21 19.88
N MET L 81 45.21 28.47 20.23
CA MET L 81 45.69 29.47 19.31
C MET L 81 46.87 30.23 19.91
N GLU L 82 47.98 30.28 19.17
CA GLU L 82 49.19 30.90 19.70
C GLU L 82 49.61 32.03 18.79
N LEU L 83 49.64 33.23 19.35
CA LEU L 83 50.05 34.41 18.62
C LEU L 83 51.37 34.93 19.16
N SER L 84 52.30 35.23 18.26
CA SER L 84 53.66 35.58 18.62
C SER L 84 53.98 36.99 18.14
N SER L 85 55.09 37.55 18.62
CA SER L 85 55.50 38.90 18.24
C SER L 85 54.34 39.87 18.43
N LEU L 86 53.76 39.83 19.63
CA LEU L 86 52.60 40.63 19.95
C LEU L 86 52.90 42.14 19.85
N ARG L 87 51.92 42.90 19.41
CA ARG L 87 52.03 44.36 19.33
C ARG L 87 50.78 44.96 19.94
N SER L 88 50.81 46.25 20.24
CA SER L 88 49.69 46.91 20.92
C SER L 88 48.44 46.75 20.08
N GLY L 89 48.63 46.72 18.76
CA GLY L 89 47.53 46.52 17.82
C GLY L 89 46.88 45.15 17.85
N ASP L 90 47.39 44.27 18.69
CA ASP L 90 46.81 42.95 18.85
C ASP L 90 45.87 42.91 20.04
N THR L 91 45.73 44.04 20.72
CA THR L 91 44.79 44.14 21.83
C THR L 91 43.40 44.00 21.22
N ALA L 92 42.70 42.96 21.66
CA ALA L 92 41.43 42.56 21.08
C ALA L 92 40.84 41.43 21.88
N VAL L 93 39.57 41.14 21.61
CA VAL L 93 38.96 39.95 22.15
C VAL L 93 39.15 38.80 21.17
N TYR L 94 39.57 37.65 21.67
CA TYR L 94 39.83 36.53 20.78
C TYR L 94 38.79 35.45 21.03
N PHE L 95 37.94 35.27 20.03
CA PHE L 95 36.89 34.26 20.06
C PHE L 95 37.34 32.98 19.38
N CYS L 96 36.97 31.84 19.93
CA CYS L 96 36.97 30.63 19.14
C CYS L 96 35.49 30.39 18.84
N ALA L 97 35.21 29.82 17.66
CA ALA L 97 33.84 29.61 17.24
C ALA L 97 33.76 28.32 16.44
N ARG L 98 32.72 27.52 16.66
CA ARG L 98 32.61 26.27 15.93
C ARG L 98 31.99 26.51 14.57
N GLY L 99 32.58 25.93 13.54
CA GLY L 99 32.05 26.06 12.20
C GLY L 99 30.80 25.26 12.07
N ALA L 100 29.98 25.59 11.08
CA ALA L 100 28.80 24.82 10.79
C ALA L 100 29.27 23.59 10.03
N SER L 101 30.39 23.74 9.33
CA SER L 101 31.04 22.62 8.64
C SER L 101 32.54 22.70 8.78
N TRP L 102 33.20 21.54 8.89
CA TRP L 102 34.65 21.59 8.82
C TRP L 102 34.93 21.84 7.35
N ASP L 103 36.11 22.39 7.06
CA ASP L 103 36.59 22.92 5.76
C ASP L 103 36.33 24.41 5.64
N ALA L 104 35.62 24.96 6.63
CA ALA L 104 35.45 26.40 6.81
C ALA L 104 34.43 26.95 5.82
N ARG L 105 33.94 26.11 4.90
CA ARG L 105 32.87 26.54 4.01
C ARG L 105 31.56 26.32 4.73
N GLY L 106 31.33 27.16 5.73
CA GLY L 106 30.13 27.09 6.54
C GLY L 106 30.20 28.22 7.53
N TRP L 107 29.05 28.72 7.96
CA TRP L 107 29.00 29.83 8.90
C TRP L 107 29.44 29.34 10.27
N SER L 108 29.35 30.21 11.27
CA SER L 108 29.58 29.78 12.66
C SER L 108 28.33 29.88 13.53
N GLY L 109 27.89 28.75 14.07
CA GLY L 109 26.67 28.71 14.85
C GLY L 109 26.89 28.75 16.35
N TYR L 110 28.14 28.59 16.76
CA TYR L 110 28.47 28.56 18.19
C TYR L 110 29.81 29.24 18.46
N TRP L 111 29.79 30.28 19.30
CA TRP L 111 30.98 31.03 19.63
C TRP L 111 31.31 30.91 21.11
N GLY L 112 32.59 30.87 21.44
CA GLY L 112 32.99 30.91 22.83
C GLY L 112 32.76 32.31 23.35
N LYS L 113 32.67 32.46 24.67
CA LYS L 113 32.34 33.75 25.25
C LYS L 113 33.40 34.81 24.97
N GLY L 114 34.55 34.37 24.47
CA GLY L 114 35.61 35.29 24.11
C GLY L 114 36.66 35.39 25.19
N THR L 115 37.90 35.64 24.76
CA THR L 115 38.99 35.82 25.69
C THR L 115 39.68 37.12 25.38
N LEU L 116 39.70 38.03 26.35
CA LEU L 116 40.37 39.30 26.16
C LEU L 116 41.87 39.13 26.34
N VAL L 117 42.66 39.64 25.39
CA VAL L 117 44.10 39.69 25.54
C VAL L 117 44.55 41.13 25.31
N THR L 118 45.20 41.72 26.32
CA THR L 118 45.63 43.10 26.24
C THR L 118 47.15 43.17 26.08
N VAL L 119 47.62 43.86 25.05
CA VAL L 119 49.05 44.00 24.81
C VAL L 119 49.55 45.43 24.98
N SER L 120 50.32 45.68 26.05
CA SER L 120 50.88 47.00 26.31
C SER L 120 52.15 46.89 27.14
N SER L 121 52.95 47.94 27.09
CA SER L 121 54.20 47.96 27.82
C SER L 121 53.97 48.50 29.23
N ALA L 122 52.74 48.92 29.48
CA ALA L 122 52.33 49.26 30.83
C ALA L 122 52.27 48.00 31.65
N SER L 123 52.39 48.14 32.97
CA SER L 123 52.33 46.99 33.85
C SER L 123 51.07 47.12 34.69
N THR L 124 50.72 46.04 35.38
CA THR L 124 49.53 46.01 36.23
C THR L 124 49.60 47.18 37.22
N LYS L 125 48.53 47.97 37.27
CA LYS L 125 48.44 49.06 38.24
C LYS L 125 47.00 49.22 38.69
N GLY L 126 46.82 49.40 39.99
CA GLY L 126 45.50 49.69 40.53
C GLY L 126 45.17 51.15 40.38
N PRO L 127 43.87 51.46 40.30
CA PRO L 127 43.39 52.81 40.02
C PRO L 127 43.37 53.72 41.25
N SER L 128 43.40 55.03 40.99
CA SER L 128 43.08 56.02 42.01
C SER L 128 41.64 56.45 41.80
N VAL L 129 40.87 56.55 42.88
CA VAL L 129 39.48 56.92 42.77
C VAL L 129 39.22 58.30 43.36
N PHE L 130 38.87 59.24 42.48
CA PHE L 130 38.63 60.61 42.88
C PHE L 130 37.14 60.90 42.80
N PRO L 131 36.62 61.74 43.72
CA PRO L 131 35.20 62.09 43.72
C PRO L 131 34.86 63.04 42.58
N LEU L 132 33.70 62.86 41.97
CA LEU L 132 33.08 63.92 41.20
C LEU L 132 32.00 64.57 42.08
N ALA L 133 32.38 65.57 42.86
CA ALA L 133 31.49 66.13 43.87
C ALA L 133 30.33 66.95 43.30
N PRO L 134 29.11 66.68 43.79
CA PRO L 134 27.89 67.42 43.42
C PRO L 134 27.99 68.89 43.80
N THR L 143 17.31 68.02 40.36
CA THR L 143 18.28 66.94 40.50
C THR L 143 19.71 67.43 40.24
N ALA L 144 20.65 66.79 40.92
CA ALA L 144 22.06 67.09 40.76
C ALA L 144 22.77 65.84 40.27
N ALA L 145 24.01 66.00 39.83
CA ALA L 145 24.79 64.86 39.37
C ALA L 145 26.08 64.78 40.17
N LEU L 146 26.38 63.56 40.61
CA LEU L 146 27.65 63.25 41.25
C LEU L 146 28.22 62.00 40.60
N GLY L 147 29.48 61.69 40.91
CA GLY L 147 30.14 60.56 40.27
C GLY L 147 31.47 60.18 40.88
N CYS L 148 32.15 59.25 40.20
CA CYS L 148 33.48 58.83 40.61
C CYS L 148 34.37 58.84 39.39
N LEU L 149 35.62 59.29 39.56
CA LEU L 149 36.56 59.18 38.45
C LEU L 149 37.60 58.13 38.82
N VAL L 150 37.59 57.03 38.08
CA VAL L 150 38.52 55.93 38.30
C VAL L 150 39.64 56.13 37.29
N LYS L 151 40.83 56.41 37.77
CA LYS L 151 41.86 56.97 36.90
C LYS L 151 43.20 56.24 36.99
N ASP L 152 43.89 56.16 35.84
CA ASP L 152 45.24 55.63 35.76
C ASP L 152 45.39 54.20 36.26
N TYR L 153 44.67 53.27 35.61
CA TYR L 153 44.81 51.86 35.93
C TYR L 153 45.18 51.03 34.72
N PHE L 154 45.55 49.78 34.98
CA PHE L 154 45.92 48.85 33.94
C PHE L 154 46.00 47.44 34.55
N PRO L 155 45.49 46.43 33.82
CA PRO L 155 44.76 46.59 32.56
C PRO L 155 43.27 46.65 32.83
N GLU L 156 42.45 46.62 31.79
CA GLU L 156 41.02 46.44 31.96
C GLU L 156 40.77 45.05 32.53
N PRO L 157 39.58 44.82 33.11
CA PRO L 157 38.40 45.69 33.27
C PRO L 157 38.26 46.26 34.67
N VAL L 158 37.29 47.16 34.83
CA VAL L 158 36.95 47.68 36.16
C VAL L 158 35.44 47.57 36.31
N THR L 159 34.98 47.29 37.53
CA THR L 159 33.55 47.32 37.86
C THR L 159 33.22 48.37 38.90
N VAL L 160 32.10 49.06 38.69
CA VAL L 160 31.60 50.06 39.61
C VAL L 160 30.13 49.84 39.98
N SER L 161 29.82 49.84 41.27
CA SER L 161 28.42 49.87 41.72
C SER L 161 28.27 51.04 42.70
N TRP L 162 27.04 51.34 43.08
CA TRP L 162 26.79 52.45 44.01
C TRP L 162 25.99 52.00 45.23
N ASN L 163 26.50 52.31 46.41
CA ASN L 163 25.88 51.87 47.66
C ASN L 163 25.68 50.36 47.63
N SER L 164 26.76 49.66 47.27
CA SER L 164 26.85 48.20 47.35
C SER L 164 25.81 47.48 46.48
N GLY L 165 25.28 48.17 45.48
CA GLY L 165 24.35 47.55 44.56
C GLY L 165 22.94 48.09 44.71
N ALA L 166 22.71 48.84 45.79
CA ALA L 166 21.38 49.32 46.14
C ALA L 166 20.89 50.48 45.26
N LEU L 167 21.83 51.28 44.77
CA LEU L 167 21.49 52.40 43.89
C LEU L 167 21.84 52.03 42.46
N THR L 168 20.80 51.80 41.66
CA THR L 168 20.98 51.41 40.27
C THR L 168 20.28 52.33 39.27
N SER L 169 19.10 52.83 39.63
CA SER L 169 18.41 53.81 38.78
C SER L 169 19.22 55.09 38.62
N GLY L 170 19.42 55.51 37.37
CA GLY L 170 20.08 56.77 37.08
C GLY L 170 21.58 56.64 36.94
N VAL L 171 22.10 55.46 37.25
CA VAL L 171 23.53 55.19 37.11
C VAL L 171 23.91 55.04 35.63
N HIS L 172 25.00 55.70 35.26
CA HIS L 172 25.64 55.51 33.96
C HIS L 172 27.12 55.34 34.19
N THR L 173 27.60 54.11 33.99
CA THR L 173 29.02 53.84 33.99
C THR L 173 29.50 53.88 32.55
N PHE L 174 30.53 54.68 32.31
CA PHE L 174 30.98 54.92 30.95
C PHE L 174 32.06 53.93 30.54
N PRO L 175 32.20 53.70 29.22
CA PRO L 175 33.32 52.93 28.70
C PRO L 175 34.62 53.58 29.08
N ALA L 176 35.64 52.80 29.43
CA ALA L 176 36.93 53.38 29.79
C ALA L 176 37.56 54.01 28.55
N VAL L 177 38.50 54.90 28.75
CA VAL L 177 39.32 55.40 27.65
C VAL L 177 40.79 55.22 27.96
N LEU L 178 41.60 55.15 26.91
CA LEU L 178 43.01 54.86 27.08
C LEU L 178 43.81 56.14 26.84
N GLN L 179 44.53 56.59 27.86
CA GLN L 179 45.21 57.89 27.84
C GLN L 179 46.62 57.76 27.25
N SER L 180 47.30 58.89 27.09
CA SER L 180 48.64 58.89 26.49
C SER L 180 49.59 57.99 27.29
N SER L 181 49.36 57.92 28.60
CA SER L 181 50.24 57.18 29.51
C SER L 181 50.23 55.67 29.23
N GLY L 182 49.24 55.17 28.51
CA GLY L 182 49.07 53.75 28.33
C GLY L 182 48.15 53.18 29.39
N LEU L 183 47.78 54.03 30.33
CA LEU L 183 46.88 53.68 31.42
C LEU L 183 45.44 54.06 31.08
N TYR L 184 44.48 53.37 31.69
CA TYR L 184 43.07 53.55 31.38
C TYR L 184 42.41 54.49 32.38
N SER L 185 41.31 55.11 31.96
CA SER L 185 40.55 55.99 32.83
C SER L 185 39.07 55.86 32.54
N LEU L 186 38.28 55.84 33.60
CA LEU L 186 36.84 55.60 33.52
C LEU L 186 36.10 56.50 34.49
N SER L 187 34.86 56.84 34.16
CA SER L 187 34.01 57.54 35.12
C SER L 187 32.64 56.87 35.25
N SER L 188 32.06 56.96 36.44
CA SER L 188 30.74 56.40 36.73
C SER L 188 29.92 57.44 37.49
N VAL L 189 28.73 57.74 36.99
CA VAL L 189 27.94 58.83 37.55
C VAL L 189 26.51 58.42 37.83
N VAL L 190 25.83 59.20 38.67
CA VAL L 190 24.43 58.94 38.97
C VAL L 190 23.72 60.27 39.21
N THR L 191 22.49 60.37 38.69
CA THR L 191 21.65 61.50 38.95
C THR L 191 20.78 61.22 40.15
N VAL L 192 20.62 62.23 40.99
CA VAL L 192 20.03 62.04 42.29
C VAL L 192 19.33 63.35 42.59
N PRO L 193 18.32 63.32 43.47
CA PRO L 193 17.66 64.60 43.76
C PRO L 193 18.55 65.48 44.63
N SER L 194 18.60 66.77 44.33
CA SER L 194 19.37 67.74 45.12
C SER L 194 19.03 67.58 46.59
N SER L 195 17.75 67.36 46.85
CA SER L 195 17.25 67.19 48.20
C SER L 195 17.90 66.07 49.03
N SER L 196 18.51 65.10 48.35
CA SER L 196 19.07 63.92 49.03
C SER L 196 20.49 64.16 49.57
N LEU L 197 21.17 65.14 48.98
CA LEU L 197 22.63 65.31 49.11
C LEU L 197 23.23 65.22 50.51
N GLY L 198 22.81 66.10 51.41
CA GLY L 198 23.38 66.15 52.75
C GLY L 198 22.97 65.01 53.68
N THR L 199 21.90 64.31 53.36
CA THR L 199 21.38 63.27 54.24
C THR L 199 21.62 61.83 53.76
N GLN L 200 21.45 61.60 52.46
CA GLN L 200 21.78 60.30 51.89
C GLN L 200 23.27 60.16 51.61
N THR L 201 23.85 59.05 52.05
CA THR L 201 25.25 58.74 51.77
C THR L 201 25.39 58.07 50.41
N TYR L 202 26.37 58.51 49.62
CA TYR L 202 26.62 57.88 48.34
C TYR L 202 28.06 57.38 48.24
N ILE L 203 28.21 56.07 48.20
CA ILE L 203 29.50 55.43 48.08
C ILE L 203 29.58 54.63 46.79
N CYS L 204 30.68 54.76 46.06
CA CYS L 204 30.89 53.95 44.86
C CYS L 204 31.88 52.83 45.14
N ASN L 205 31.48 51.62 44.75
CA ASN L 205 32.27 50.44 44.97
C ASN L 205 33.00 50.09 43.68
N VAL L 206 34.32 50.26 43.71
CA VAL L 206 35.16 49.99 42.55
C VAL L 206 35.97 48.73 42.78
N ASN L 207 36.03 47.88 41.76
CA ASN L 207 36.80 46.66 41.82
C ASN L 207 37.73 46.56 40.63
N HIS L 208 39.03 46.41 40.89
CA HIS L 208 39.97 46.16 39.81
C HIS L 208 40.72 44.88 40.14
N LYS L 209 40.10 43.76 39.83
CA LYS L 209 40.64 42.44 40.13
C LYS L 209 42.08 42.16 39.66
N PRO L 210 42.48 42.64 38.46
CA PRO L 210 43.86 42.39 38.05
C PRO L 210 44.92 42.92 38.99
N SER L 211 44.60 43.91 39.82
CA SER L 211 45.59 44.44 40.74
C SER L 211 45.14 44.15 42.17
N ASN L 212 44.09 43.34 42.28
CA ASN L 212 43.45 43.07 43.57
C ASN L 212 43.10 44.35 44.31
N THR L 213 42.51 45.30 43.59
CA THR L 213 42.14 46.56 44.21
C THR L 213 40.62 46.64 44.38
N LYS L 214 40.21 46.82 45.63
CA LYS L 214 38.80 47.00 45.96
C LYS L 214 38.75 48.31 46.70
N VAL L 215 37.88 49.21 46.27
CA VAL L 215 37.89 50.55 46.83
C VAL L 215 36.49 51.14 46.91
N ASP L 216 36.16 51.68 48.07
CA ASP L 216 34.91 52.37 48.26
C ASP L 216 35.24 53.82 48.59
N LYS L 217 34.60 54.74 47.89
CA LYS L 217 34.83 56.17 48.10
C LYS L 217 33.51 56.90 48.31
N ARG L 218 33.42 57.57 49.45
CA ARG L 218 32.23 58.32 49.76
C ARG L 218 32.33 59.65 49.04
N VAL L 219 31.22 60.06 48.42
CA VAL L 219 31.17 61.32 47.70
C VAL L 219 30.22 62.32 48.35
N GLU L 220 30.73 63.50 48.70
CA GLU L 220 29.94 64.54 49.34
C GLU L 220 30.26 65.89 48.70
N PRO L 221 29.41 66.91 48.93
CA PRO L 221 29.73 68.25 48.41
C PRO L 221 31.01 68.81 49.02
C1 NAG M . 1.70 -3.68 -23.49
C2 NAG M . 1.59 -4.42 -24.82
C3 NAG M . 0.37 -5.33 -24.95
C4 NAG M . 0.06 -6.10 -23.67
C5 NAG M . 0.15 -5.18 -22.46
C6 NAG M . -0.09 -5.91 -21.13
C7 NAG M . 2.45 -3.55 -26.88
C8 NAG M . 2.18 -2.81 -28.15
N2 NAG M . 1.56 -3.46 -25.91
O3 NAG M . 0.59 -6.20 -26.04
O4 NAG M . -1.23 -6.68 -23.76
O5 NAG M . 1.41 -4.54 -22.41
O6 NAG M . 0.87 -6.93 -20.99
O7 NAG M . 3.47 -4.23 -26.74
C1 NAG M . -1.16 -8.09 -24.05
C2 NAG M . -2.29 -8.77 -23.29
C3 NAG M . -2.42 -10.26 -23.55
C4 NAG M . -2.35 -10.53 -25.05
C5 NAG M . -1.18 -9.80 -25.67
C6 NAG M . -1.13 -10.04 -27.18
C7 NAG M . -3.14 -7.99 -21.19
C8 NAG M . -3.24 -8.35 -19.72
N2 NAG M . -2.15 -8.53 -21.87
O3 NAG M . -3.68 -10.67 -23.05
O4 NAG M . -2.19 -11.92 -25.25
O5 NAG M . -1.30 -8.41 -25.41
O6 NAG M . -2.34 -9.63 -27.79
O7 NAG M . -3.91 -7.24 -21.78
C1 NAG N . -61.79 -13.01 13.88
C2 NAG N . -62.32 -13.29 15.29
C3 NAG N . -61.39 -14.21 16.08
C4 NAG N . -60.90 -15.40 15.25
C5 NAG N . -60.38 -14.92 13.91
C6 NAG N . -59.95 -16.08 13.02
C7 NAG N . -63.75 -11.70 16.46
C8 NAG N . -63.86 -10.55 17.44
N2 NAG N . -62.55 -12.05 16.02
O3 NAG N . -62.05 -14.70 17.22
O4 NAG N . -59.88 -16.04 15.96
O5 NAG N . -61.42 -14.22 13.25
O6 NAG N . -61.02 -16.99 12.93
O7 NAG N . -64.77 -12.28 16.09
C1 NAG N . -60.36 -17.28 16.49
C2 NAG N . -59.23 -18.31 16.41
C3 NAG N . -59.52 -19.58 17.22
C4 NAG N . -60.25 -19.30 18.53
C5 NAG N . -61.42 -18.38 18.24
C6 NAG N . -62.27 -18.16 19.46
C7 NAG N . -57.85 -18.47 14.42
C8 NAG N . -57.73 -19.01 13.02
N2 NAG N . -59.01 -18.70 15.04
O3 NAG N . -58.32 -20.25 17.50
O4 NAG N . -60.68 -20.55 19.03
O5 NAG N . -60.87 -17.15 17.81
O6 NAG N . -61.43 -17.96 20.57
O7 NAG N . -56.93 -17.85 14.94
C1 NAG O . -23.78 7.41 -17.51
C2 NAG O . -22.62 8.36 -17.79
C3 NAG O . -22.55 9.53 -16.81
C4 NAG O . -23.90 10.20 -16.63
C5 NAG O . -24.98 9.15 -16.36
C6 NAG O . -26.41 9.73 -16.24
C7 NAG O . -20.54 7.54 -18.77
C8 NAG O . -19.10 7.36 -18.40
N2 NAG O . -21.38 7.62 -17.74
O3 NAG O . -21.61 10.49 -17.25
O4 NAG O . -23.77 11.16 -15.59
O5 NAG O . -24.99 8.14 -17.35
O6 NAG O . -26.84 10.36 -17.43
O7 NAG O . -20.90 7.59 -19.94
C1 NAG O . -23.75 12.49 -16.15
C2 NAG O . -24.65 13.43 -15.32
C3 NAG O . -24.47 14.91 -15.68
C4 NAG O . -23.02 15.27 -15.96
C5 NAG O . -22.39 14.26 -16.92
C6 NAG O . -20.96 14.62 -17.32
C7 NAG O . -26.79 12.60 -14.40
C8 NAG O . -28.26 12.42 -14.63
N2 NAG O . -26.04 13.04 -15.43
O3 NAG O . -24.95 15.73 -14.65
O4 NAG O . -22.95 16.59 -16.48
O5 NAG O . -22.44 12.98 -16.33
O6 NAG O . -20.12 14.59 -16.20
O7 NAG O . -26.32 12.35 -13.29
C1 NAG P . -33.05 -1.71 41.83
C2 NAG P . -33.85 -2.23 43.03
C3 NAG P . -34.54 -1.15 43.85
C4 NAG P . -33.71 0.12 43.98
C5 NAG P . -33.06 0.51 42.64
C6 NAG P . -32.12 1.72 42.74
C7 NAG P . -34.93 -4.40 43.12
C8 NAG P . -36.19 -5.16 42.86
N2 NAG P . -34.85 -3.18 42.58
O3 NAG P . -34.85 -1.68 45.11
O4 NAG P . -34.54 1.16 44.46
O5 NAG P . -32.31 -0.56 42.14
O6 NAG P . -31.05 1.44 43.62
O7 NAG P . -34.04 -4.87 43.81
C1 NAG P . -34.25 1.40 45.85
C2 NAG P . -34.24 2.92 46.08
C3 NAG P . -34.22 3.29 47.57
C4 NAG P . -35.12 2.39 48.41
C5 NAG P . -34.89 0.92 48.07
C6 NAG P . -35.81 0.03 48.92
C7 NAG P . -33.25 4.44 44.47
C8 NAG P . -32.00 5.14 44.01
N2 NAG P . -33.10 3.51 45.41
O3 NAG P . -34.66 4.62 47.72
O4 NAG P . -34.84 2.61 49.78
O5 NAG P . -35.15 0.72 46.71
O6 NAG P . -37.16 0.38 48.69
O7 NAG P . -34.34 4.72 43.97
C1 NAG Q . -20.11 -18.82 12.95
C2 NAG Q . -19.39 -19.46 11.75
C3 NAG Q . -20.10 -19.12 10.43
C4 NAG Q . -21.61 -19.36 10.51
C5 NAG Q . -22.18 -18.76 11.80
C6 NAG Q . -23.66 -19.07 12.02
C7 NAG Q . -16.99 -19.86 11.63
C8 NAG Q . -15.80 -19.41 10.83
N2 NAG Q . -18.02 -19.01 11.70
O3 NAG Q . -19.54 -19.85 9.35
O4 NAG Q . -22.21 -18.82 9.35
O5 NAG Q . -21.46 -19.21 12.93
O6 NAG Q . -23.87 -20.48 12.13
O7 NAG Q . -17.01 -20.95 12.19
C1 NAG Q . -22.57 -19.88 8.43
C2 NAG Q . -23.95 -19.61 7.81
C3 NAG Q . -24.29 -20.56 6.66
C4 NAG Q . -23.09 -20.88 5.77
C5 NAG Q . -21.85 -21.21 6.59
C6 NAG Q . -20.63 -21.52 5.72
C7 NAG Q . -25.76 -18.70 9.22
C8 NAG Q . -26.86 -19.01 10.20
N2 NAG Q . -24.99 -19.73 8.84
O3 NAG Q . -25.31 -20.01 5.85
O4 NAG Q . -23.43 -21.96 4.92
O5 NAG Q . -21.56 -20.12 7.45
O6 NAG Q . -20.26 -20.40 4.95
O7 NAG Q . -25.60 -17.56 8.81
C1 NAG R . -12.50 20.16 18.98
C2 NAG R . -11.34 19.42 19.63
C3 NAG R . -11.77 18.09 20.26
C4 NAG R . -13.03 18.24 21.12
C5 NAG R . -14.09 19.03 20.35
C6 NAG R . -15.37 19.29 21.16
C7 NAG R . -9.06 19.54 18.83
C8 NAG R . -7.99 18.59 18.33
N2 NAG R . -10.31 19.17 18.64
O3 NAG R . -10.70 17.54 21.01
O4 NAG R . -13.49 16.94 21.46
O5 NAG R . -13.55 20.27 19.92
O6 NAG R . -15.11 19.99 22.36
O7 NAG R . -8.77 20.60 19.37
C1 NAG R . -13.15 16.62 22.83
C2 NAG R . -14.33 15.88 23.48
C3 NAG R . -13.98 15.32 24.86
C4 NAG R . -12.59 14.69 24.90
C5 NAG R . -11.55 15.62 24.27
C6 NAG R . -10.14 15.03 24.28
C7 NAG R . -16.61 16.62 22.93
C8 NAG R . -17.74 17.54 23.29
N2 NAG R . -15.46 16.79 23.60
O3 NAG R . -14.93 14.34 25.25
O4 NAG R . -12.27 14.41 26.24
O5 NAG R . -11.94 15.90 22.94
O6 NAG R . -10.06 13.85 23.51
O7 NAG R . -16.77 15.76 22.08
C1 NAG S . 27.25 -21.52 -26.62
C2 NAG S . 26.77 -22.99 -26.64
C3 NAG S . 27.54 -23.87 -27.63
C4 NAG S . 27.72 -23.22 -28.98
C5 NAG S . 28.30 -21.83 -28.79
C6 NAG S . 28.47 -21.16 -30.14
C7 NAG S . 25.82 -24.29 -24.82
C8 NAG S . 26.16 -25.43 -23.89
N2 NAG S . 26.84 -23.58 -25.32
O3 NAG S . 26.88 -25.10 -27.80
O4 NAG S . 28.61 -23.98 -29.77
O5 NAG S . 27.47 -21.06 -27.95
O6 NAG S . 27.22 -21.09 -30.78
O7 NAG S . 24.66 -24.06 -25.10
C1 NAG T . 8.23 -19.18 11.96
C2 NAG T . 9.10 -19.92 12.96
C3 NAG T . 8.55 -19.93 14.38
C4 NAG T . 8.05 -18.55 14.78
C5 NAG T . 7.10 -18.01 13.72
C6 NAG T . 6.57 -16.64 14.10
C7 NAG T . 10.50 -21.80 12.36
C8 NAG T . 10.61 -23.29 12.27
N2 NAG T . 9.29 -21.30 12.53
O3 NAG T . 9.57 -20.36 15.26
O4 NAG T . 7.41 -18.60 16.04
O5 NAG T . 7.77 -17.94 12.48
O6 NAG T . 7.66 -15.77 14.33
O7 NAG T . 11.50 -21.07 12.29
C1 NAG U . -52.34 18.02 34.13
C2 NAG U . -52.95 19.42 34.12
C3 NAG U . -51.91 20.52 33.91
C4 NAG U . -50.67 20.29 34.77
C5 NAG U . -50.16 18.88 34.58
C6 NAG U . -48.93 18.66 35.46
C7 NAG U . -55.25 19.73 33.41
C8 NAG U . -56.15 20.20 32.30
N2 NAG U . -53.98 19.51 33.09
O3 NAG U . -52.45 21.79 34.23
O4 NAG U . -49.67 21.20 34.38
O5 NAG U . -51.18 17.95 34.94
O6 NAG U . -49.25 19.02 36.79
O7 NAG U . -55.67 19.55 34.54
C1 NAG V . 39.01 -13.84 14.88
C2 NAG V . 39.59 -13.22 16.17
C3 NAG V . 41.02 -13.67 16.45
C4 NAG V . 41.16 -15.16 16.33
C5 NAG V . 40.69 -15.59 14.97
C6 NAG V . 40.97 -17.09 14.86
C7 NAG V . 39.05 -11.05 17.10
C8 NAG V . 39.66 -9.69 17.34
N2 NAG V . 39.56 -11.77 16.10
O3 NAG V . 41.38 -13.33 17.77
O4 NAG V . 42.51 -15.53 16.43
O5 NAG V . 39.31 -15.23 14.80
O6 NAG V . 40.11 -17.80 15.74
O7 NAG V . 38.14 -11.45 17.82
C1 NAG W . 12.69 19.36 6.08
C2 NAG W . 13.45 20.66 5.81
C3 NAG W . 12.54 21.80 5.32
C4 NAG W . 11.57 21.34 4.26
C5 NAG W . 10.81 20.11 4.77
C6 NAG W . 9.84 19.62 3.71
C7 NAG W . 15.44 21.38 6.95
C8 NAG W . 16.03 22.12 8.12
N2 NAG W . 14.14 21.13 6.99
O3 NAG W . 13.37 22.83 4.81
O4 NAG W . 10.66 22.37 3.92
O5 NAG W . 11.72 19.07 5.09
O6 NAG W . 10.53 19.43 2.50
O7 NAG W . 16.14 21.03 6.00
C1 NAG X . -37.75 38.12 0.05
C2 NAG X . -38.59 39.33 0.50
C3 NAG X . -39.77 39.65 -0.42
C4 NAG X . -39.38 39.60 -1.89
C5 NAG X . -38.71 38.26 -2.18
C6 NAG X . -38.28 38.15 -3.64
C7 NAG X . -38.94 40.03 2.81
C8 NAG X . -39.85 39.91 3.99
N2 NAG X . -39.09 39.13 1.85
O3 NAG X . -40.26 40.92 -0.09
O4 NAG X . -40.52 39.75 -2.71
O5 NAG X . -37.58 38.05 -1.35
O6 NAG X . -37.39 39.18 -3.99
O7 NAG X . -38.11 40.94 2.75
C1 NAG Y . -61.10 21.34 -3.51
C2 NAG Y . -62.25 20.63 -4.21
C3 NAG Y . -61.86 20.16 -5.61
C4 NAG Y . -61.17 21.26 -6.41
C5 NAG Y . -60.01 21.83 -5.60
C6 NAG Y . -59.34 22.97 -6.36
C7 NAG Y . -64.04 19.46 -3.02
C8 NAG Y . -64.58 18.14 -2.52
N2 NAG Y . -62.77 19.50 -3.43
O3 NAG Y . -62.98 19.68 -6.33
O4 NAG Y . -60.69 20.76 -7.62
O5 NAG Y . -60.47 22.30 -4.35
O6 NAG Y . -60.30 23.94 -6.67
O7 NAG Y . -64.77 20.45 -3.05
C1 NAG Z . 37.07 19.17 -13.89
C2 NAG Z . 36.75 19.84 -15.23
C3 NAG Z . 38.01 20.31 -15.95
C4 NAG Z . 38.93 21.11 -15.04
C5 NAG Z . 39.23 20.27 -13.81
C6 NAG Z . 40.13 21.04 -12.84
C7 NAG Z . 34.82 19.53 -16.67
C8 NAG Z . 34.52 19.22 -18.12
N2 NAG Z . 35.94 19.02 -16.13
O3 NAG Z . 37.66 21.10 -17.06
O4 NAG Z . 40.12 21.43 -15.73
O5 NAG Z . 38.04 19.91 -13.15
O6 NAG Z . 39.52 22.27 -12.52
O7 NAG Z . 34.07 20.25 -16.01
#